data_9MFX
#
_entry.id   9MFX
#
_cell.length_a   1.00
_cell.length_b   1.00
_cell.length_c   1.00
_cell.angle_alpha   90.00
_cell.angle_beta   90.00
_cell.angle_gamma   90.00
#
_symmetry.space_group_name_H-M   'P 1'
#
loop_
_entity.id
_entity.type
_entity.pdbx_description
1 polymer 'Dynein heavy chain, cytoplasmic'
2 non-polymer "ADENOSINE-5'-TRIPHOSPHATE"
3 non-polymer "ADENOSINE-5'-DIPHOSPHATE"
4 non-polymer 'MAGNESIUM ION'
#
_entity_poly.entity_id   1
_entity_poly.type   'polypeptide(L)'
_entity_poly.pdbx_seq_one_letter_code
;MCKNEARLANELIEFVAATVTGIKNSPKENEQAFIDYLHCQYLERFQFFLGLLDGREFDTLFVFLFEELDRTIVTIDIGE
EAIYDANLANKKYSTLLIIKSRSVIVDAEPIATQISAIYLPGPVNAGNLASIITHGVSSVFGQLIKSDTKTYSVETIDKT
RRKLDDISKQFQQLHTSIETPDLLAMVPSIIKLAVSKGATSHDYANYLPSNDLESMRFLNILQSIANKWFLVLKQTLAID
RDIKNGSFLDEVEFWSNFYEVLKSLIEQTQSQEFQVCLSVLTNAKRFHNLTNLLNEGSLSDKFKLADKYNQFLSSIPIDE
VRQASNLEDLQELFPVLASSLKKFRYSGYPVQRFVVLMDKISQEVMDAILSNLSDLFQLEYGSFLGLYEKSAGMIEEWDD
IVQDVNLLIREDLRKRAPQELLIQKLTFTSASVKATLDEILSTRKRFFSLAETIKSISPSTYHEEIQRLYHPFEQIHDIS
VNFRLKLEQAESEFSKNMLDLEKKLQNTLASFMDSDHCPTEKLSYLVKFKPLMELCPRIKVKVLENQQILLLEIKKDIRQ
LETGLELLPKILHVEALNNIPPISARISYFLNVQSRIDNIVQYLEALFGSNWNDTLEGRSISTSIVQLRKETNPHDVFLH
WLGNFPEKATANLLTTPILKLIRNNEDDYELKVNFDFALAAAYSELRSLTYMAFQVPSHIVRIARTYMYLYPRAINLVEL
IQTFFSLSKSLSYTFYTNIFLKRNVQTVWLLLQQILITPWESLQEESSEMSCSVHSLARLEKSIDGILSDYQILKNSEPQ
FAKEFSGLKSFDGTADDLHEVEEIISNIQAIFENLFTKGLTNVSDHISTFNNLIISIILEKVRLNLKKMHFPKHVLKLSF
NEGRITSSPSLAAMKRSLLKDIEALLNKVVLINFLHDPDHPLSTTLTFNSLVIKLKDDIQNCIEQVQNLHCKINSYVKEW
QKMEFLWQITEEAFLEVVDNSTQRCFGILKGLLDSQSKFDLIISRNNFSKNLVLHTEDAQRHIRSKMDSWILYVSKHLLT
IYERDARKLHEDMNRDREAVEDMDINFTSLKNITVIIEAVNVNKRHLTERDIQIKLLGSVMRALTKLKVRFPSHFVYIDQ
LDNDFSSLRQSLSYVEQELQKHRVVIAKSLEEGVENINNLSQSLNESWSVRKPISPTLTPPEALKILEFFNESITKLKKK
MHSVAAAAKMLLIPVVLNDQLTHVVEEVKTYDLVWRSIKNLWEDVQRTFETPWCRVDVLLLQSDLANFLRRADELPRAVK
QFEMYKSLFSQVNMLTSVNKILVELKDGALKPRHWNMIFRDIGKRQIQKNLLDKLEFSLKDVMVLNLTLNEILLTKIIER
AQKEFVIEKSLNRIKKFWKEAQYEVIEHSSGLKLVREWDVLEQACKEDLEELVSMKASNYYKIFEQDCLDLESKLTKLSE
IQVNWVEVQFYWLDLYGILGENLDIQNFLPLETSKFKSLTSEYKMITTRAFQLDTTIEVIHIPNFDTTLKLTIDSLKMIK
SSLSTFLERQRRQFPRFYFLGNDDLLKIIGSGKHHDQVSKFMKKMFGSIESIIFLEDFITGVRSVEGEVLNLNEKIELKD
SIQAQEWLNILDTEIKLSVFTQFRDCLGQLKDGTDIEVVVSKYIFQAILLSAQVMWTELVEKCLQTNQFSKYWKEVDMKI
KGLLDKLNKSSDNVKKKIEALLVEYLHFNNVIGQLKNCSTKEEARLLWAKVQKFYQKNDTLDDLNSVFISQSGYLLQYKF
EYIGIPERLIYTPLLLIGFATLTDSLHQKYGGCFFGPAGTGKTETVKAFGQNLGRVVVVFNCDDSFDYQVLSRLLVGITQ
IGAWGCFDEFNRLDEKVLSAVSANIQQIQNGLQVGKSHITLLEEETPLSPHTAVFITLNPGYNGRSELPENLKKSFREFS
MKSPQSGTIAEMILQIMGFEDSKSLASKIVHFLELLSSKCSSMNHYHFGLRTLKGVLRNCSPLISEFGEGEKTVVESLKR
VILPSLGDTDELVFKDELSKIFDSAGTPLNSKAIVQCLKDAGQRSGFSMSEEFLKKCMQFYYMQKTQQALILVGKAGCGK
TATWKTVIDAMAIFDGHANVVYVIDTKVLTKESLYGSMLKATLEWRDGLFTSILRRVNDDITGTFKNSRIWVVFDSDLDP
EYVEAMNSVLDDNKILTLPNGERLPIPPNFRILFETDNLDHTTPATITRCGLLWFSTDVCSISSKIDHLLNKSYEALDNK
LSMFELDKLKDLISDSFDMASLTNIFTCSNDLVHILGVRTFNKLETAVQLAVHLISSYRQWFQNLDDKSLKDVITLLIKR
SLLYALAGDSTGESQRAFIQTINTYFGHDSQELSDYSTIVIANDKLSFSSFCSEIPSVSLEAHEVMRPDIVIPTIDTIKH
EKIFYDLLNSKRGIILCGPPGSGKTMIMNNALRNSSLYDVVGINFSKDTTTEHILSALHRHTNYVTTSKGLTLLPKSDIK
NLVLFCDEINLPKLDKYGSQNVVLFLRQLMEKQGFWKTPENKWVTIERIHIVGACNPPTDPGRIPMSERFTRHAAILYLG
YPSGKSLSQIYEIYYKAIFKLVPEFRSYTEPFARASVHLYNECKARYSTGLQSHYLFSPRELTRLVRGVYTAINTGPRQT
LRSLIRLWAYEAWRIFADRLVGVKEKNSFEQLLYETVDKYLPNQDLGNISSTSLLFSGLLSLDFKEVNKTDLVNFIEERF
KTFCDEELEVPMVIHESMVDHILRIDRALKQVQGHMMLIGASRTGKTILTRFVAWLNGLKIVQPKIHRHSNLSDFDMILK
KAISDCSLKESRTCLIIDESNILETAFLERMNTLLANADIPDLFQGEEYDKLLNNLRNKTRSLGLLLDTEQELYDWFVGE
IAKNLHVVFTICDPTNNKSSAMISSPALFNRCIINWMGDWDTKTMSQVANNMVDVIPMEFTDFIVPEVNKELVFTEPIQT
IRDAVVNILIHFDRNFYQKMKVGVNPRSPGYFIDGLRALVKLVTAKYQDLQENQRFVNVGLEKLNESVLKVNELNKTLSK
KSTELTEKEKEARSTLDKMLMEQNESERKQEATEEIKKILKVQEEDIRKRKEVVMKSIQDIEPTILEAQRGVKNIKKQQL
TEIRSMVNPPSGVKIVMEAVCAILGYQFSNWRDIQQFIRKDDFIHNIVHYDTTLHMKPQIRKYMEEEFLSDPNFTYETIN
RASKACGPLYQWVNAQINFSKVLENVDPLRQEMKRIEFESLKTKANLLAAEEMTQDLEASIEVSKRKYSLLIRDVEAIKT
EMSNVQANLDRSISLVKSLTFEKERWLNTTKQFSKTSQELIGNCIISSIYETYFGHLNERERADMLVILKRLLGKFAVKY
DVNYRFIDYLVTLDEKMKWLECGLDKNDYFLENMSIVMNSQDAVPFLLDPSSHMITVISNYYGNKTVLLSFLEEGFVKRL
ENAIRFGSVVIIQDGEFFDPIISRLISREFNHAGNRVTVEIGDHEVDVSGDFKLFIHSCDPSGDIPIFLRSRVRLVHFVT
NKESIETRIFDITLTEENAEMQRKREDLIKLNTEYKLKLKNLEKRLLEELNNSQGNMLENDELMVTLNNLKKEAMNIEKK
LSESEEFFPQFDNLVEEYSIIGKHSVKIFSMLEKFGQFHWFYGISIGQFLSCFKRVFIKKSRETRAARTRVDEILWLLYQ
EVYCQFSTALDKKFKMIMAMTMFCLYKFDIESEQYKEAVLTMIGVLSESSDGVPKLTVDTNNDLRYLWDYVTTKSYISAL
NWFKNEFFVDEWNIADVVANSENNYFTMASERDVDGTFKLIELAKASKESLKIIPLGSIENLNYAQEEISKSKIEGGWIL
LQNIQMSLSWVKTYLHKHVEETKAAEEHEKFKMFMTCHLTGDKLPAPLLQRTDRFVYEDIPGILDTVKDLWGSQFFTGKI
SGVWSVYCTFLLSWFHALITARTRLVPHGFSKKYYFNDCDFQFASVYLENVLATNSTNNIPWAQVRDHIATIVYGGKIDE
EKDLEVVAKLCAHVFCGSDNLQIVPGVRIPQPLLQQSEEEERARLTAILSNTIEPADSLSSWLQLPRESILNYERLQAKE
VASSTEQLLQEM
;
_entity_poly.pdbx_strand_id   A
#
loop_
_chem_comp.id
_chem_comp.type
_chem_comp.name
_chem_comp.formula
ADP non-polymer ADENOSINE-5'-DIPHOSPHATE 'C10 H15 N5 O10 P2'
ATP non-polymer ADENOSINE-5'-TRIPHOSPHATE 'C10 H16 N5 O13 P3'
MG non-polymer 'MAGNESIUM ION' 'Mg 2'
#
# COMPACT_ATOMS: atom_id res chain seq x y z
N LEU A 1241 -40.05 25.30 -66.28
CA LEU A 1241 -39.19 25.46 -65.11
C LEU A 1241 -39.86 26.34 -64.06
N TRP A 1242 -40.67 27.29 -64.52
CA TRP A 1242 -41.36 28.20 -63.61
C TRP A 1242 -42.31 27.45 -62.69
N GLU A 1243 -43.05 26.48 -63.24
CA GLU A 1243 -43.96 25.69 -62.42
C GLU A 1243 -43.19 24.87 -61.38
N ASP A 1244 -42.06 24.28 -61.79
CA ASP A 1244 -41.27 23.48 -60.86
C ASP A 1244 -40.73 24.31 -59.72
N VAL A 1245 -40.16 25.48 -60.03
CA VAL A 1245 -39.60 26.32 -58.98
C VAL A 1245 -40.69 26.89 -58.09
N GLN A 1246 -41.87 27.19 -58.66
CA GLN A 1246 -42.98 27.64 -57.82
C GLN A 1246 -43.45 26.53 -56.89
N ARG A 1247 -43.50 25.28 -57.38
CA ARG A 1247 -43.87 24.16 -56.52
C ARG A 1247 -42.86 23.96 -55.40
N THR A 1248 -41.57 24.03 -55.72
CA THR A 1248 -40.54 23.83 -54.70
C THR A 1248 -40.49 24.98 -53.70
N PHE A 1249 -41.01 26.15 -54.06
CA PHE A 1249 -41.08 27.24 -53.10
C PHE A 1249 -42.22 27.08 -52.12
N GLU A 1250 -43.23 26.28 -52.44
CA GLU A 1250 -44.43 26.13 -51.63
C GLU A 1250 -44.38 24.94 -50.68
N THR A 1251 -43.31 24.16 -50.69
CA THR A 1251 -43.24 22.99 -49.82
C THR A 1251 -43.14 23.42 -48.35
N PRO A 1252 -43.84 22.72 -47.45
CA PRO A 1252 -43.76 23.08 -46.03
C PRO A 1252 -42.34 22.92 -45.50
N TRP A 1253 -41.95 23.84 -44.60
CA TRP A 1253 -40.60 23.82 -44.05
C TRP A 1253 -40.34 22.55 -43.25
N CYS A 1254 -41.38 21.96 -42.68
CA CYS A 1254 -41.22 20.71 -41.95
C CYS A 1254 -40.85 19.55 -42.85
N ARG A 1255 -40.99 19.70 -44.17
CA ARG A 1255 -40.67 18.64 -45.12
C ARG A 1255 -39.51 19.00 -46.05
N VAL A 1256 -38.98 20.22 -45.97
CA VAL A 1256 -37.86 20.59 -46.82
C VAL A 1256 -36.61 19.84 -46.37
N ASP A 1257 -35.88 19.30 -47.34
CA ASP A 1257 -34.60 18.65 -47.09
C ASP A 1257 -33.51 19.38 -47.88
N VAL A 1258 -32.45 19.79 -47.19
CA VAL A 1258 -31.41 20.58 -47.83
C VAL A 1258 -30.60 19.75 -48.81
N LEU A 1259 -30.47 18.44 -48.57
CA LEU A 1259 -29.66 17.60 -49.44
C LEU A 1259 -30.24 17.55 -50.85
N LEU A 1260 -31.55 17.38 -50.97
CA LEU A 1260 -32.18 17.47 -52.28
C LEU A 1260 -32.29 18.92 -52.75
N LEU A 1261 -32.31 19.88 -51.81
CA LEU A 1261 -32.41 21.28 -52.18
C LEU A 1261 -31.17 21.73 -52.94
N GLN A 1262 -29.99 21.23 -52.55
CA GLN A 1262 -28.77 21.58 -53.26
C GLN A 1262 -28.82 21.13 -54.71
N SER A 1263 -29.24 19.89 -54.94
CA SER A 1263 -29.37 19.38 -56.30
C SER A 1263 -30.43 20.13 -57.09
N ASP A 1264 -31.54 20.47 -56.44
CA ASP A 1264 -32.60 21.22 -57.11
C ASP A 1264 -32.13 22.61 -57.51
N LEU A 1265 -31.37 23.26 -56.63
CA LEU A 1265 -30.81 24.58 -56.97
C LEU A 1265 -29.78 24.46 -58.09
N ALA A 1266 -28.99 23.39 -58.10
CA ALA A 1266 -28.06 23.17 -59.19
C ALA A 1266 -28.80 23.01 -60.52
N ASN A 1267 -29.89 22.24 -60.51
CA ASN A 1267 -30.70 22.08 -61.72
C ASN A 1267 -31.33 23.41 -62.14
N PHE A 1268 -31.79 24.20 -61.18
CA PHE A 1268 -32.37 25.50 -61.50
C PHE A 1268 -31.33 26.41 -62.14
N LEU A 1269 -30.11 26.43 -61.60
CA LEU A 1269 -29.04 27.23 -62.20
C LEU A 1269 -28.70 26.73 -63.59
N ARG A 1270 -28.67 25.41 -63.78
CA ARG A 1270 -28.37 24.85 -65.10
C ARG A 1270 -29.44 25.25 -66.12
N ARG A 1271 -30.71 25.18 -65.73
CA ARG A 1271 -31.81 25.38 -66.66
C ARG A 1271 -32.26 26.84 -66.76
N ALA A 1272 -31.69 27.75 -65.96
CA ALA A 1272 -32.03 29.15 -66.11
C ALA A 1272 -31.60 29.70 -67.45
N ASP A 1273 -30.40 29.36 -67.92
CA ASP A 1273 -29.87 29.95 -69.13
C ASP A 1273 -30.52 29.40 -70.40
N GLU A 1274 -30.95 28.13 -70.38
CA GLU A 1274 -31.52 27.52 -71.58
C GLU A 1274 -32.90 28.07 -71.93
N LEU A 1275 -33.51 28.86 -71.06
CA LEU A 1275 -34.80 29.46 -71.38
C LEU A 1275 -34.65 30.43 -72.54
N PRO A 1276 -35.62 30.52 -73.44
CA PRO A 1276 -35.51 31.42 -74.58
C PRO A 1276 -35.55 32.89 -74.16
N ARG A 1277 -35.17 33.75 -75.10
CA ARG A 1277 -35.14 35.18 -74.83
C ARG A 1277 -36.51 35.76 -74.53
N ALA A 1278 -37.59 35.09 -74.94
CA ALA A 1278 -38.93 35.55 -74.59
C ALA A 1278 -39.12 35.53 -73.08
N VAL A 1279 -38.65 34.46 -72.42
CA VAL A 1279 -38.70 34.41 -70.96
C VAL A 1279 -37.70 35.41 -70.37
N LYS A 1280 -36.53 35.54 -70.99
CA LYS A 1280 -35.48 36.40 -70.45
C LYS A 1280 -35.93 37.86 -70.40
N GLN A 1281 -36.59 38.34 -71.46
CA GLN A 1281 -37.02 39.73 -71.50
C GLN A 1281 -38.12 40.00 -70.48
N PHE A 1282 -38.98 39.03 -70.21
CA PHE A 1282 -40.05 39.20 -69.24
C PHE A 1282 -39.48 39.14 -67.82
N GLU A 1283 -40.32 39.52 -66.86
CA GLU A 1283 -39.94 39.48 -65.46
C GLU A 1283 -39.85 38.06 -64.91
N MET A 1284 -40.34 37.06 -65.66
CA MET A 1284 -40.36 35.69 -65.17
C MET A 1284 -38.94 35.17 -64.94
N TYR A 1285 -38.08 35.28 -65.95
CA TYR A 1285 -36.72 34.75 -65.82
C TYR A 1285 -35.92 35.55 -64.80
N LYS A 1286 -36.09 36.88 -64.79
CA LYS A 1286 -35.36 37.71 -63.84
C LYS A 1286 -35.74 37.36 -62.41
N SER A 1287 -37.04 37.24 -62.14
CA SER A 1287 -37.49 36.87 -60.81
C SER A 1287 -37.02 35.47 -60.43
N LEU A 1288 -37.08 34.54 -61.37
CA LEU A 1288 -36.64 33.17 -61.11
C LEU A 1288 -35.17 33.13 -60.72
N PHE A 1289 -34.33 33.81 -61.51
CA PHE A 1289 -32.90 33.81 -61.22
C PHE A 1289 -32.60 34.54 -59.93
N SER A 1290 -33.31 35.64 -59.64
CA SER A 1290 -33.10 36.35 -58.39
C SER A 1290 -33.43 35.47 -57.19
N GLN A 1291 -34.54 34.73 -57.27
CA GLN A 1291 -34.92 33.87 -56.15
C GLN A 1291 -33.97 32.69 -56.02
N VAL A 1292 -33.49 32.13 -57.13
CA VAL A 1292 -32.53 31.05 -57.06
C VAL A 1292 -31.22 31.54 -56.44
N ASN A 1293 -30.77 32.74 -56.83
CA ASN A 1293 -29.57 33.31 -56.22
C ASN A 1293 -29.78 33.64 -54.75
N MET A 1294 -31.00 34.04 -54.36
CA MET A 1294 -31.29 34.23 -52.95
C MET A 1294 -31.17 32.92 -52.18
N LEU A 1295 -31.71 31.84 -52.74
CA LEU A 1295 -31.59 30.54 -52.07
C LEU A 1295 -30.14 30.09 -51.99
N THR A 1296 -29.37 30.25 -53.07
CA THR A 1296 -27.99 29.79 -53.08
C THR A 1296 -27.05 30.69 -52.28
N SER A 1297 -27.45 31.94 -52.03
CA SER A 1297 -26.59 32.87 -51.30
C SER A 1297 -26.38 32.41 -49.87
N VAL A 1298 -27.45 31.94 -49.22
CA VAL A 1298 -27.39 31.45 -47.85
C VAL A 1298 -27.73 29.97 -47.86
N ASN A 1299 -26.79 29.14 -47.43
CA ASN A 1299 -27.00 27.71 -47.26
C ASN A 1299 -26.68 27.22 -45.86
N LYS A 1300 -25.74 27.87 -45.17
CA LYS A 1300 -25.53 27.57 -43.75
C LYS A 1300 -26.75 27.93 -42.92
N ILE A 1301 -27.43 29.02 -43.26
CA ILE A 1301 -28.60 29.43 -42.52
C ILE A 1301 -29.70 28.37 -42.61
N LEU A 1302 -29.90 27.84 -43.81
CA LEU A 1302 -30.95 26.85 -44.01
C LEU A 1302 -30.69 25.59 -43.18
N VAL A 1303 -29.45 25.10 -43.18
CA VAL A 1303 -29.15 23.90 -42.42
C VAL A 1303 -29.18 24.18 -40.92
N GLU A 1304 -28.79 25.38 -40.49
CA GLU A 1304 -28.86 25.72 -39.08
C GLU A 1304 -30.31 25.77 -38.60
N LEU A 1305 -31.20 26.39 -39.37
CA LEU A 1305 -32.62 26.40 -39.02
C LEU A 1305 -33.31 25.08 -39.30
N LYS A 1306 -32.64 24.15 -39.99
CA LYS A 1306 -33.14 22.78 -40.13
C LYS A 1306 -32.84 21.92 -38.91
N ASP A 1307 -32.04 22.42 -37.98
CA ASP A 1307 -31.69 21.65 -36.79
C ASP A 1307 -32.91 21.44 -35.90
N GLY A 1308 -32.88 20.34 -35.13
CA GLY A 1308 -33.98 20.02 -34.25
C GLY A 1308 -34.15 20.98 -33.10
N ALA A 1309 -33.16 21.82 -32.84
CA ALA A 1309 -33.26 22.77 -31.73
C ALA A 1309 -34.33 23.82 -31.98
N LEU A 1310 -34.64 24.11 -33.24
CA LEU A 1310 -35.64 25.10 -33.56
C LEU A 1310 -37.03 24.63 -33.15
N LYS A 1311 -37.83 25.54 -32.61
CA LYS A 1311 -39.16 25.26 -32.10
C LYS A 1311 -40.14 26.32 -32.57
N PRO A 1312 -41.45 26.03 -32.53
CA PRO A 1312 -42.44 27.03 -32.97
C PRO A 1312 -42.32 28.36 -32.26
N ARG A 1313 -41.91 28.37 -30.99
CA ARG A 1313 -41.71 29.64 -30.30
C ARG A 1313 -40.61 30.47 -30.97
N HIS A 1314 -39.51 29.81 -31.34
CA HIS A 1314 -38.42 30.51 -32.01
C HIS A 1314 -38.85 31.02 -33.38
N TRP A 1315 -39.64 30.23 -34.12
CA TRP A 1315 -40.15 30.68 -35.40
C TRP A 1315 -41.06 31.89 -35.23
N ASN A 1316 -41.92 31.87 -34.21
CA ASN A 1316 -42.77 33.02 -33.93
C ASN A 1316 -41.94 34.25 -33.64
N MET A 1317 -40.91 34.11 -32.81
CA MET A 1317 -40.06 35.25 -32.47
C MET A 1317 -39.34 35.77 -33.72
N ILE A 1318 -38.85 34.87 -34.57
CA ILE A 1318 -38.17 35.28 -35.79
C ILE A 1318 -39.11 36.04 -36.71
N PHE A 1319 -40.32 35.52 -36.91
CA PHE A 1319 -41.29 36.17 -37.78
C PHE A 1319 -41.68 37.54 -37.22
N ARG A 1320 -41.88 37.65 -35.92
CA ARG A 1320 -42.36 38.91 -35.34
C ARG A 1320 -41.25 39.96 -35.34
N ASP A 1321 -40.02 39.57 -34.99
CA ASP A 1321 -38.96 40.55 -34.82
C ASP A 1321 -38.15 40.81 -36.09
N ILE A 1322 -38.21 39.92 -37.07
CA ILE A 1322 -37.48 40.09 -38.32
C ILE A 1322 -38.44 40.25 -39.51
N GLY A 1323 -39.40 39.35 -39.65
CA GLY A 1323 -40.38 39.47 -40.71
C GLY A 1323 -41.47 40.49 -40.48
N LYS A 1324 -41.60 40.97 -39.24
CA LYS A 1324 -42.59 41.99 -38.88
C LYS A 1324 -44.00 41.57 -39.28
N ARG A 1325 -44.33 40.30 -39.04
CA ARG A 1325 -45.66 39.80 -39.36
C ARG A 1325 -45.97 38.60 -38.47
N GLN A 1326 -47.26 38.29 -38.37
CA GLN A 1326 -47.74 37.17 -37.56
C GLN A 1326 -48.11 36.01 -38.47
N ILE A 1327 -47.73 34.80 -38.06
CA ILE A 1327 -48.00 33.59 -38.82
C ILE A 1327 -49.18 32.87 -38.19
N GLN A 1328 -50.05 32.31 -39.03
CA GLN A 1328 -51.18 31.54 -38.54
C GLN A 1328 -50.68 30.39 -37.66
N LYS A 1329 -51.37 30.18 -36.53
CA LYS A 1329 -50.88 29.24 -35.54
C LYS A 1329 -50.82 27.82 -36.10
N ASN A 1330 -51.84 27.42 -36.87
CA ASN A 1330 -51.79 26.11 -37.52
C ASN A 1330 -50.63 26.03 -38.50
N LEU A 1331 -50.32 27.13 -39.18
CA LEU A 1331 -49.18 27.15 -40.08
C LEU A 1331 -47.85 27.15 -39.32
N LEU A 1332 -47.86 27.63 -38.08
CA LEU A 1332 -46.62 27.82 -37.33
C LEU A 1332 -46.31 26.64 -36.41
N ASP A 1333 -47.29 26.14 -35.67
CA ASP A 1333 -47.02 25.11 -34.68
C ASP A 1333 -46.51 23.83 -35.33
N LYS A 1334 -46.96 23.54 -36.55
CA LYS A 1334 -46.50 22.36 -37.28
C LYS A 1334 -45.32 22.64 -38.18
N LEU A 1335 -44.80 23.87 -38.17
CA LEU A 1335 -43.64 24.25 -38.99
C LEU A 1335 -43.89 23.99 -40.48
N GLU A 1336 -45.13 24.20 -40.93
CA GLU A 1336 -45.52 23.88 -42.30
C GLU A 1336 -45.48 25.09 -43.22
N PHE A 1337 -44.87 26.20 -42.80
CA PHE A 1337 -44.75 27.37 -43.65
C PHE A 1337 -43.84 27.08 -44.83
N SER A 1338 -44.13 27.75 -45.95
CA SER A 1338 -43.40 27.51 -47.19
C SER A 1338 -42.06 28.22 -47.19
N LEU A 1339 -41.21 27.86 -48.14
CA LEU A 1339 -39.89 28.46 -48.27
C LEU A 1339 -39.95 29.94 -48.65
N LYS A 1340 -41.06 30.38 -49.24
CA LYS A 1340 -41.19 31.79 -49.57
C LYS A 1340 -41.11 32.65 -48.32
N ASP A 1341 -41.64 32.16 -47.20
CA ASP A 1341 -41.49 32.89 -45.93
C ASP A 1341 -40.03 32.98 -45.54
N VAL A 1342 -39.28 31.88 -45.68
CA VAL A 1342 -37.85 31.89 -45.36
C VAL A 1342 -37.12 32.90 -46.24
N MET A 1343 -37.53 33.03 -47.50
CA MET A 1343 -37.02 34.10 -48.34
C MET A 1343 -37.38 35.46 -47.77
N VAL A 1344 -38.61 35.63 -47.29
CA VAL A 1344 -39.09 36.91 -46.80
C VAL A 1344 -38.26 37.37 -45.60
N LEU A 1345 -37.85 36.43 -44.74
CA LEU A 1345 -37.07 36.80 -43.57
C LEU A 1345 -35.71 37.41 -43.92
N ASN A 1346 -35.25 37.28 -45.16
CA ASN A 1346 -34.02 37.93 -45.62
C ASN A 1346 -32.83 37.50 -44.77
N LEU A 1347 -32.50 36.22 -44.88
CA LEU A 1347 -31.45 35.62 -44.07
C LEU A 1347 -30.08 36.26 -44.34
N THR A 1348 -29.91 36.89 -45.49
CA THR A 1348 -28.62 37.47 -45.84
C THR A 1348 -28.24 38.60 -44.90
N LEU A 1349 -29.19 39.46 -44.55
CA LEU A 1349 -28.90 40.66 -43.77
C LEU A 1349 -29.08 40.42 -42.28
N ASN A 1350 -30.17 39.76 -41.90
CA ASN A 1350 -30.52 39.62 -40.50
C ASN A 1350 -29.84 38.41 -39.87
N GLU A 1351 -28.75 37.95 -40.46
CA GLU A 1351 -28.09 36.74 -39.98
C GLU A 1351 -27.52 36.92 -38.58
N ILE A 1352 -27.18 38.14 -38.19
CA ILE A 1352 -26.65 38.36 -36.84
C ILE A 1352 -27.72 38.08 -35.80
N LEU A 1353 -28.91 38.66 -35.96
CA LEU A 1353 -30.01 38.37 -35.04
C LEU A 1353 -30.49 36.93 -35.20
N LEU A 1354 -30.38 36.38 -36.42
CA LEU A 1354 -30.72 34.98 -36.61
C LEU A 1354 -29.84 34.08 -35.75
N THR A 1355 -28.52 34.25 -35.83
CA THR A 1355 -27.62 33.45 -34.99
C THR A 1355 -27.84 33.74 -33.52
N LYS A 1356 -28.18 34.99 -33.18
CA LYS A 1356 -28.45 35.32 -31.78
C LYS A 1356 -29.63 34.51 -31.24
N ILE A 1357 -30.68 34.35 -32.06
CA ILE A 1357 -31.83 33.57 -31.59
C ILE A 1357 -31.53 32.07 -31.66
N ILE A 1358 -30.71 31.64 -32.62
CA ILE A 1358 -30.40 30.22 -32.74
C ILE A 1358 -29.57 29.74 -31.56
N GLU A 1359 -28.67 30.59 -31.04
CA GLU A 1359 -27.89 30.21 -29.87
C GLU A 1359 -28.82 29.90 -28.68
N ARG A 1360 -29.78 30.79 -28.44
CA ARG A 1360 -30.82 30.51 -27.45
C ARG A 1360 -31.56 29.23 -27.76
N ALA A 1361 -31.81 28.97 -29.05
CA ALA A 1361 -32.51 27.74 -29.43
C ALA A 1361 -31.72 26.51 -29.01
N GLN A 1362 -30.42 26.47 -29.29
CA GLN A 1362 -29.66 25.30 -28.87
C GLN A 1362 -29.58 25.16 -27.36
N LYS A 1363 -29.47 26.26 -26.60
CA LYS A 1363 -29.41 26.07 -25.15
C LYS A 1363 -30.74 25.57 -24.58
N GLU A 1364 -31.85 26.14 -25.06
CA GLU A 1364 -33.15 25.64 -24.64
C GLU A 1364 -33.32 24.18 -25.04
N PHE A 1365 -32.76 23.78 -26.18
CA PHE A 1365 -32.80 22.37 -26.56
C PHE A 1365 -31.88 21.52 -25.70
N VAL A 1366 -30.80 22.09 -25.17
CA VAL A 1366 -29.98 21.36 -24.21
C VAL A 1366 -30.81 21.00 -22.99
N ILE A 1367 -31.59 21.96 -22.50
CA ILE A 1367 -32.48 21.66 -21.37
C ILE A 1367 -33.54 20.64 -21.77
N GLU A 1368 -34.17 20.86 -22.92
CA GLU A 1368 -35.28 19.99 -23.33
C GLU A 1368 -34.82 18.56 -23.61
N LYS A 1369 -33.58 18.38 -24.07
CA LYS A 1369 -33.08 17.04 -24.32
C LYS A 1369 -32.97 16.24 -23.04
N SER A 1370 -32.47 16.87 -21.97
CA SER A 1370 -32.41 16.19 -20.69
C SER A 1370 -33.81 15.88 -20.17
N LEU A 1371 -34.75 16.84 -20.29
CA LEU A 1371 -36.11 16.55 -19.85
C LEU A 1371 -36.71 15.37 -20.63
N ASN A 1372 -36.52 15.35 -21.94
CA ASN A 1372 -37.09 14.28 -22.76
C ASN A 1372 -36.43 12.95 -22.44
N ARG A 1373 -35.12 12.94 -22.19
CA ARG A 1373 -34.44 11.70 -21.82
C ARG A 1373 -34.99 11.16 -20.51
N ILE A 1374 -35.18 12.04 -19.52
CA ILE A 1374 -35.71 11.59 -18.23
C ILE A 1374 -37.13 11.04 -18.40
N LYS A 1375 -37.97 11.75 -19.14
CA LYS A 1375 -39.33 11.29 -19.35
C LYS A 1375 -39.37 9.95 -20.09
N LYS A 1376 -38.55 9.79 -21.11
CA LYS A 1376 -38.52 8.54 -21.86
C LYS A 1376 -38.01 7.40 -20.98
N PHE A 1377 -36.99 7.64 -20.16
CA PHE A 1377 -36.50 6.60 -19.28
C PHE A 1377 -37.58 6.17 -18.29
N TRP A 1378 -38.33 7.13 -17.75
CA TRP A 1378 -39.31 6.79 -16.73
C TRP A 1378 -40.67 6.41 -17.30
N LYS A 1379 -40.83 6.44 -18.62
CA LYS A 1379 -42.03 5.89 -19.23
C LYS A 1379 -41.86 4.44 -19.66
N GLU A 1380 -40.65 3.89 -19.51
CA GLU A 1380 -40.39 2.50 -19.88
C GLU A 1380 -39.76 1.67 -18.77
N ALA A 1381 -39.55 2.23 -17.59
CA ALA A 1381 -38.88 1.53 -16.51
C ALA A 1381 -39.86 0.60 -15.79
N GLN A 1382 -39.40 -0.59 -15.45
CA GLN A 1382 -40.22 -1.58 -14.78
C GLN A 1382 -39.32 -2.47 -13.91
N TYR A 1383 -39.89 -2.94 -12.81
CA TYR A 1383 -39.18 -3.83 -11.90
C TYR A 1383 -39.00 -5.23 -12.52
N GLU A 1384 -38.16 -6.01 -11.86
CA GLU A 1384 -37.89 -7.39 -12.24
C GLU A 1384 -38.50 -8.30 -11.18
N VAL A 1385 -39.37 -9.22 -11.61
CA VAL A 1385 -40.24 -9.96 -10.71
C VAL A 1385 -39.77 -11.40 -10.63
N ILE A 1386 -39.74 -11.94 -9.41
CA ILE A 1386 -39.56 -13.37 -9.19
C ILE A 1386 -40.63 -13.82 -8.21
N GLU A 1387 -40.86 -15.14 -8.16
CA GLU A 1387 -41.81 -15.72 -7.22
C GLU A 1387 -41.11 -16.76 -6.38
N HIS A 1388 -41.17 -16.58 -5.05
CA HIS A 1388 -40.61 -17.56 -4.13
C HIS A 1388 -41.69 -18.59 -3.79
N SER A 1389 -41.47 -19.37 -2.72
CA SER A 1389 -42.39 -20.46 -2.40
C SER A 1389 -43.83 -19.97 -2.26
N SER A 1390 -44.02 -18.87 -1.54
CA SER A 1390 -45.37 -18.34 -1.36
C SER A 1390 -45.86 -17.65 -2.62
N GLY A 1391 -47.13 -17.25 -2.60
CA GLY A 1391 -47.73 -16.59 -3.75
C GLY A 1391 -47.26 -15.16 -3.95
N LEU A 1392 -46.47 -14.63 -3.02
CA LEU A 1392 -45.97 -13.27 -3.11
C LEU A 1392 -45.04 -13.10 -4.30
N LYS A 1393 -45.04 -11.89 -4.86
CA LYS A 1393 -44.09 -11.51 -5.90
C LYS A 1393 -43.01 -10.63 -5.30
N LEU A 1394 -41.75 -10.94 -5.63
CA LEU A 1394 -40.60 -10.26 -5.09
C LEU A 1394 -39.89 -9.46 -6.17
N VAL A 1395 -39.40 -8.29 -5.79
CA VAL A 1395 -38.62 -7.44 -6.67
C VAL A 1395 -37.16 -7.82 -6.54
N ARG A 1396 -36.45 -7.79 -7.66
CA ARG A 1396 -35.01 -7.95 -7.64
C ARG A 1396 -34.37 -6.75 -8.35
N GLU A 1397 -33.11 -6.50 -8.02
CA GLU A 1397 -32.34 -5.39 -8.58
C GLU A 1397 -33.02 -4.05 -8.29
N TRP A 1398 -33.07 -3.71 -7.01
CA TRP A 1398 -33.59 -2.40 -6.62
C TRP A 1398 -32.69 -1.28 -7.10
N ASP A 1399 -31.38 -1.52 -7.13
CA ASP A 1399 -30.41 -0.45 -7.35
C ASP A 1399 -30.54 0.14 -8.75
N VAL A 1400 -30.76 -0.71 -9.75
CA VAL A 1400 -30.72 -0.29 -11.15
C VAL A 1400 -31.74 0.81 -11.41
N LEU A 1401 -32.80 0.87 -10.60
CA LEU A 1401 -33.79 1.92 -10.70
C LEU A 1401 -33.72 2.96 -9.59
N GLU A 1402 -33.31 2.57 -8.39
CA GLU A 1402 -33.13 3.56 -7.32
C GLU A 1402 -32.06 4.57 -7.66
N GLN A 1403 -30.92 4.10 -8.17
CA GLN A 1403 -29.85 5.00 -8.56
C GLN A 1403 -30.28 5.88 -9.73
N ALA A 1404 -31.04 5.32 -10.67
CA ALA A 1404 -31.54 6.12 -11.78
C ALA A 1404 -32.47 7.22 -11.30
N CYS A 1405 -33.37 6.90 -10.36
CA CYS A 1405 -34.26 7.92 -9.82
C CYS A 1405 -33.49 8.99 -9.06
N LYS A 1406 -32.50 8.59 -8.26
CA LYS A 1406 -31.72 9.57 -7.51
C LYS A 1406 -30.93 10.48 -8.46
N GLU A 1407 -30.33 9.90 -9.49
CA GLU A 1407 -29.59 10.70 -10.46
C GLU A 1407 -30.50 11.64 -11.23
N ASP A 1408 -31.70 11.17 -11.59
CA ASP A 1408 -32.64 12.04 -12.30
C ASP A 1408 -33.12 13.16 -11.41
N LEU A 1409 -33.34 12.90 -10.13
CA LEU A 1409 -33.71 13.96 -9.20
C LEU A 1409 -32.59 14.99 -9.06
N GLU A 1410 -31.35 14.51 -8.95
CA GLU A 1410 -30.22 15.44 -8.89
C GLU A 1410 -30.14 16.28 -10.17
N GLU A 1411 -30.37 15.65 -11.33
CA GLU A 1411 -30.36 16.38 -12.59
C GLU A 1411 -31.44 17.44 -12.62
N LEU A 1412 -32.66 17.09 -12.18
CA LEU A 1412 -33.76 18.05 -12.18
C LEU A 1412 -33.50 19.20 -11.22
N VAL A 1413 -32.84 18.92 -10.09
CA VAL A 1413 -32.44 20.00 -9.20
C VAL A 1413 -31.41 20.91 -9.86
N SER A 1414 -30.43 20.31 -10.54
CA SER A 1414 -29.34 21.10 -11.12
C SER A 1414 -29.80 21.91 -12.33
N MET A 1415 -30.95 21.58 -12.90
CA MET A 1415 -31.44 22.33 -14.05
C MET A 1415 -31.86 23.74 -13.66
N LYS A 1416 -32.16 23.97 -12.37
CA LYS A 1416 -32.61 25.28 -11.94
C LYS A 1416 -31.51 26.32 -12.04
N ALA A 1417 -30.25 25.88 -12.13
CA ALA A 1417 -29.15 26.84 -12.22
C ALA A 1417 -29.08 27.47 -13.61
N SER A 1418 -29.57 26.77 -14.62
CA SER A 1418 -29.51 27.30 -15.98
C SER A 1418 -30.39 28.54 -16.11
N ASN A 1419 -29.92 29.51 -16.89
CA ASN A 1419 -30.67 30.74 -17.09
C ASN A 1419 -31.94 30.49 -17.90
N TYR A 1420 -31.91 29.50 -18.79
CA TYR A 1420 -33.01 29.27 -19.70
C TYR A 1420 -33.99 28.26 -19.13
N TYR A 1421 -34.02 28.15 -17.81
CA TYR A 1421 -34.89 27.22 -17.11
C TYR A 1421 -36.32 27.72 -16.95
N LYS A 1422 -36.56 29.01 -17.13
CA LYS A 1422 -37.87 29.57 -16.80
C LYS A 1422 -38.96 29.01 -17.69
N ILE A 1423 -38.69 28.84 -18.99
CA ILE A 1423 -39.71 28.34 -19.90
C ILE A 1423 -40.00 26.86 -19.64
N PHE A 1424 -39.00 26.11 -19.15
CA PHE A 1424 -39.17 24.70 -18.86
C PHE A 1424 -39.51 24.42 -17.40
N GLU A 1425 -39.75 25.45 -16.61
CA GLU A 1425 -40.02 25.25 -15.19
C GLU A 1425 -41.31 24.48 -14.96
N GLN A 1426 -42.36 24.81 -15.72
CA GLN A 1426 -43.68 24.24 -15.45
C GLN A 1426 -43.72 22.73 -15.65
N ASP A 1427 -42.85 22.20 -16.50
CA ASP A 1427 -42.78 20.77 -16.72
C ASP A 1427 -41.77 20.09 -15.79
N CYS A 1428 -40.63 20.74 -15.58
CA CYS A 1428 -39.61 20.18 -14.70
C CYS A 1428 -40.12 20.06 -13.27
N LEU A 1429 -40.92 21.03 -12.82
CA LEU A 1429 -41.46 20.95 -11.46
C LEU A 1429 -42.36 19.75 -11.28
N ASP A 1430 -43.26 19.50 -12.23
CA ASP A 1430 -44.15 18.35 -12.14
C ASP A 1430 -43.36 17.05 -12.21
N LEU A 1431 -42.38 16.98 -13.11
CA LEU A 1431 -41.56 15.77 -13.19
C LEU A 1431 -40.81 15.52 -11.90
N GLU A 1432 -40.28 16.57 -11.29
CA GLU A 1432 -39.58 16.43 -10.02
C GLU A 1432 -40.52 15.99 -8.91
N SER A 1433 -41.76 16.49 -8.91
CA SER A 1433 -42.74 16.05 -7.92
C SER A 1433 -43.03 14.56 -8.06
N LYS A 1434 -43.27 14.12 -9.30
CA LYS A 1434 -43.56 12.71 -9.52
C LYS A 1434 -42.37 11.84 -9.12
N LEU A 1435 -41.15 12.28 -9.46
CA LEU A 1435 -39.98 11.49 -9.09
C LEU A 1435 -39.74 11.47 -7.59
N THR A 1436 -40.05 12.56 -6.89
CA THR A 1436 -39.92 12.55 -5.43
C THR A 1436 -40.91 11.58 -4.80
N LYS A 1437 -42.16 11.57 -5.28
CA LYS A 1437 -43.12 10.59 -4.77
C LYS A 1437 -42.66 9.16 -5.05
N LEU A 1438 -42.15 8.92 -6.26
CA LEU A 1438 -41.65 7.60 -6.59
C LEU A 1438 -40.47 7.21 -5.72
N SER A 1439 -39.60 8.16 -5.41
CA SER A 1439 -38.44 7.86 -4.56
C SER A 1439 -38.87 7.51 -3.15
N GLU A 1440 -39.86 8.24 -2.60
CA GLU A 1440 -40.37 7.90 -1.28
C GLU A 1440 -41.00 6.51 -1.26
N ILE A 1441 -41.78 6.19 -2.30
CA ILE A 1441 -42.40 4.87 -2.38
C ILE A 1441 -41.32 3.80 -2.48
N GLN A 1442 -40.27 4.05 -3.26
CA GLN A 1442 -39.18 3.08 -3.39
C GLN A 1442 -38.49 2.86 -2.06
N VAL A 1443 -38.23 3.95 -1.32
CA VAL A 1443 -37.55 3.83 -0.03
C VAL A 1443 -38.37 2.99 0.94
N ASN A 1444 -39.69 3.22 0.99
CA ASN A 1444 -40.51 2.39 1.86
C ASN A 1444 -40.59 0.96 1.35
N TRP A 1445 -40.65 0.78 0.03
CA TRP A 1445 -40.90 -0.54 -0.55
C TRP A 1445 -39.72 -1.48 -0.33
N VAL A 1446 -38.49 -0.98 -0.49
CA VAL A 1446 -37.34 -1.86 -0.31
C VAL A 1446 -37.29 -2.38 1.13
N GLU A 1447 -37.53 -1.49 2.10
CA GLU A 1447 -37.55 -1.91 3.49
C GLU A 1447 -38.68 -2.89 3.77
N VAL A 1448 -39.87 -2.64 3.21
CA VAL A 1448 -41.00 -3.55 3.43
C VAL A 1448 -40.67 -4.94 2.91
N GLN A 1449 -40.14 -5.01 1.69
CA GLN A 1449 -39.83 -6.30 1.08
C GLN A 1449 -38.75 -7.03 1.86
N PHE A 1450 -37.71 -6.30 2.28
CA PHE A 1450 -36.63 -6.92 3.05
C PHE A 1450 -37.13 -7.45 4.38
N TYR A 1451 -37.93 -6.65 5.11
CA TYR A 1451 -38.43 -7.10 6.40
C TYR A 1451 -39.38 -8.27 6.26
N TRP A 1452 -40.21 -8.27 5.22
CA TRP A 1452 -41.11 -9.41 5.02
C TRP A 1452 -40.33 -10.67 4.73
N LEU A 1453 -39.29 -10.59 3.90
CA LEU A 1453 -38.46 -11.78 3.67
C LEU A 1453 -37.80 -12.23 4.96
N ASP A 1454 -37.29 -11.30 5.76
CA ASP A 1454 -36.63 -11.69 7.00
C ASP A 1454 -37.60 -12.38 7.95
N LEU A 1455 -38.83 -11.89 8.04
CA LEU A 1455 -39.80 -12.46 8.98
C LEU A 1455 -40.45 -13.72 8.46
N TYR A 1456 -40.48 -13.94 7.14
CA TYR A 1456 -41.11 -15.15 6.62
C TYR A 1456 -40.34 -16.39 7.02
N GLY A 1457 -39.02 -16.28 7.19
CA GLY A 1457 -38.25 -17.40 7.68
C GLY A 1457 -38.60 -17.76 9.11
N ILE A 1458 -38.90 -16.75 9.93
CA ILE A 1458 -39.17 -16.96 11.35
C ILE A 1458 -40.63 -17.37 11.54
N LEU A 1459 -41.55 -16.51 11.13
CA LEU A 1459 -42.98 -16.78 11.27
C LEU A 1459 -43.57 -17.20 9.94
N GLY A 1460 -44.73 -17.85 10.01
CA GLY A 1460 -45.45 -18.27 8.83
C GLY A 1460 -45.00 -19.60 8.25
N GLU A 1461 -43.89 -20.15 8.74
CA GLU A 1461 -43.40 -21.43 8.25
C GLU A 1461 -43.40 -22.47 9.36
N ASN A 1462 -42.78 -22.14 10.49
CA ASN A 1462 -42.71 -23.06 11.61
C ASN A 1462 -43.95 -22.90 12.49
N LEU A 1463 -44.72 -23.97 12.63
CA LEU A 1463 -45.97 -23.90 13.38
C LEU A 1463 -45.72 -23.71 14.86
N ASP A 1464 -44.63 -24.29 15.38
CA ASP A 1464 -44.33 -24.20 16.80
C ASP A 1464 -44.13 -22.75 17.24
N ILE A 1465 -43.29 -22.01 16.51
CA ILE A 1465 -43.00 -20.63 16.88
C ILE A 1465 -44.25 -19.77 16.79
N GLN A 1466 -45.05 -19.98 15.74
CA GLN A 1466 -46.32 -19.27 15.64
C GLN A 1466 -47.23 -19.60 16.81
N ASN A 1467 -47.15 -20.84 17.31
CA ASN A 1467 -47.94 -21.20 18.48
C ASN A 1467 -47.44 -20.47 19.73
N PHE A 1468 -46.12 -20.33 19.88
CA PHE A 1468 -45.61 -19.55 21.00
C PHE A 1468 -45.96 -18.08 20.89
N LEU A 1469 -46.11 -17.56 19.68
CA LEU A 1469 -46.42 -16.15 19.44
C LEU A 1469 -47.63 -16.05 18.51
N PRO A 1470 -48.83 -16.28 19.05
CA PRO A 1470 -50.00 -16.29 18.18
C PRO A 1470 -50.38 -14.90 17.66
N LEU A 1471 -50.26 -13.87 18.50
CA LEU A 1471 -50.62 -12.52 18.07
C LEU A 1471 -49.72 -12.06 16.93
N GLU A 1472 -48.41 -12.33 17.04
CA GLU A 1472 -47.46 -11.87 16.03
C GLU A 1472 -47.77 -12.50 14.68
N THR A 1473 -47.99 -13.82 14.66
CA THR A 1473 -48.26 -14.49 13.39
C THR A 1473 -49.64 -14.15 12.85
N SER A 1474 -50.61 -13.89 13.73
CA SER A 1474 -51.92 -13.46 13.27
C SER A 1474 -51.82 -12.10 12.57
N LYS A 1475 -51.04 -11.17 13.13
CA LYS A 1475 -50.81 -9.91 12.44
C LYS A 1475 -50.03 -10.11 11.15
N PHE A 1476 -49.05 -11.02 11.18
CA PHE A 1476 -48.19 -11.23 10.02
C PHE A 1476 -48.97 -11.77 8.83
N LYS A 1477 -49.95 -12.64 9.08
CA LYS A 1477 -50.74 -13.17 7.97
C LYS A 1477 -51.56 -12.07 7.29
N SER A 1478 -52.18 -11.19 8.08
CA SER A 1478 -52.93 -10.09 7.49
C SER A 1478 -52.00 -9.14 6.74
N LEU A 1479 -50.81 -8.89 7.30
CA LEU A 1479 -49.84 -8.05 6.60
C LEU A 1479 -49.46 -8.67 5.26
N THR A 1480 -49.23 -9.98 5.23
CA THR A 1480 -48.87 -10.63 3.98
C THR A 1480 -50.01 -10.56 2.99
N SER A 1481 -51.25 -10.72 3.44
CA SER A 1481 -52.39 -10.63 2.53
C SER A 1481 -52.50 -9.24 1.92
N GLU A 1482 -52.42 -8.20 2.76
CA GLU A 1482 -52.51 -6.83 2.23
C GLU A 1482 -51.34 -6.52 1.31
N TYR A 1483 -50.14 -6.95 1.67
CA TYR A 1483 -48.98 -6.72 0.83
C TYR A 1483 -49.12 -7.45 -0.50
N LYS A 1484 -49.70 -8.64 -0.49
CA LYS A 1484 -49.91 -9.40 -1.72
C LYS A 1484 -50.89 -8.67 -2.64
N MET A 1485 -51.99 -8.18 -2.09
CA MET A 1485 -52.94 -7.43 -2.91
C MET A 1485 -52.29 -6.17 -3.47
N ILE A 1486 -51.55 -5.45 -2.63
CA ILE A 1486 -50.88 -4.23 -3.06
C ILE A 1486 -49.89 -4.50 -4.17
N THR A 1487 -49.08 -5.55 -4.01
CA THR A 1487 -48.04 -5.83 -5.00
C THR A 1487 -48.65 -6.33 -6.31
N THR A 1488 -49.73 -7.12 -6.24
CA THR A 1488 -50.38 -7.54 -7.47
C THR A 1488 -50.94 -6.34 -8.22
N ARG A 1489 -51.64 -5.46 -7.52
CA ARG A 1489 -52.19 -4.28 -8.19
C ARG A 1489 -51.08 -3.36 -8.69
N ALA A 1490 -49.93 -3.37 -8.02
CA ALA A 1490 -48.82 -2.52 -8.42
C ALA A 1490 -48.16 -3.02 -9.69
N PHE A 1491 -47.90 -4.32 -9.79
CA PHE A 1491 -47.29 -4.87 -10.98
C PHE A 1491 -48.29 -5.17 -12.09
N GLN A 1492 -49.58 -4.95 -11.86
CA GLN A 1492 -50.54 -4.91 -12.96
C GLN A 1492 -50.49 -3.60 -13.74
N LEU A 1493 -49.45 -2.79 -13.56
CA LEU A 1493 -49.37 -1.48 -14.19
C LEU A 1493 -48.31 -1.40 -15.29
N ASP A 1494 -47.36 -2.32 -15.33
CA ASP A 1494 -46.34 -2.46 -16.37
C ASP A 1494 -45.34 -1.30 -16.35
N THR A 1495 -45.54 -0.30 -15.49
CA THR A 1495 -44.60 0.82 -15.37
C THR A 1495 -44.36 1.08 -13.89
N THR A 1496 -43.09 1.29 -13.53
CA THR A 1496 -42.75 1.53 -12.13
C THR A 1496 -43.35 2.83 -11.62
N ILE A 1497 -43.33 3.89 -12.42
CA ILE A 1497 -43.69 5.22 -11.93
C ILE A 1497 -45.17 5.29 -11.58
N GLU A 1498 -46.04 4.62 -12.34
CA GLU A 1498 -47.47 4.77 -12.17
C GLU A 1498 -47.95 4.32 -10.79
N VAL A 1499 -47.10 3.67 -9.99
CA VAL A 1499 -47.48 3.30 -8.64
C VAL A 1499 -47.78 4.53 -7.81
N ILE A 1500 -47.27 5.70 -8.20
CA ILE A 1500 -47.58 6.92 -7.48
C ILE A 1500 -49.07 7.27 -7.61
N HIS A 1501 -49.75 6.76 -8.62
CA HIS A 1501 -51.17 7.02 -8.80
C HIS A 1501 -52.06 5.97 -8.13
N ILE A 1502 -51.48 4.93 -7.55
CA ILE A 1502 -52.30 3.93 -6.86
C ILE A 1502 -52.89 4.54 -5.58
N PRO A 1503 -54.19 4.43 -5.36
CA PRO A 1503 -54.78 5.01 -4.15
C PRO A 1503 -54.29 4.31 -2.90
N ASN A 1504 -53.79 5.09 -1.94
CA ASN A 1504 -53.32 4.59 -0.65
C ASN A 1504 -52.25 3.52 -0.84
N PHE A 1505 -51.12 3.94 -1.42
CA PHE A 1505 -49.97 3.08 -1.60
C PHE A 1505 -48.83 3.40 -0.65
N ASP A 1506 -48.36 4.65 -0.63
CA ASP A 1506 -47.24 5.01 0.23
C ASP A 1506 -47.62 4.86 1.70
N THR A 1507 -48.81 5.33 2.08
CA THR A 1507 -49.24 5.17 3.47
C THR A 1507 -49.43 3.71 3.82
N THR A 1508 -49.90 2.89 2.87
CA THR A 1508 -50.03 1.47 3.12
C THR A 1508 -48.66 0.83 3.38
N LEU A 1509 -47.65 1.21 2.60
CA LEU A 1509 -46.32 0.67 2.83
C LEU A 1509 -45.74 1.15 4.15
N LYS A 1510 -46.02 2.40 4.53
CA LYS A 1510 -45.57 2.89 5.82
C LYS A 1510 -46.18 2.09 6.96
N LEU A 1511 -47.50 1.83 6.88
CA LEU A 1511 -48.15 1.02 7.89
C LEU A 1511 -47.59 -0.39 7.92
N THR A 1512 -47.34 -0.97 6.74
CA THR A 1512 -46.81 -2.32 6.67
C THR A 1512 -45.42 -2.40 7.31
N ILE A 1513 -44.55 -1.43 7.00
CA ILE A 1513 -43.21 -1.46 7.57
C ILE A 1513 -43.26 -1.21 9.07
N ASP A 1514 -44.17 -0.34 9.54
CA ASP A 1514 -44.30 -0.12 10.97
C ASP A 1514 -44.75 -1.39 11.69
N SER A 1515 -45.74 -2.09 11.12
CA SER A 1515 -46.21 -3.31 11.75
C SER A 1515 -45.14 -4.41 11.72
N LEU A 1516 -44.38 -4.49 10.63
CA LEU A 1516 -43.29 -5.46 10.56
C LEU A 1516 -42.21 -5.14 11.59
N LYS A 1517 -41.92 -3.85 11.78
CA LYS A 1517 -40.93 -3.48 12.79
C LYS A 1517 -41.43 -3.82 14.19
N MET A 1518 -42.72 -3.61 14.46
CA MET A 1518 -43.25 -4.00 15.77
C MET A 1518 -43.19 -5.51 15.96
N ILE A 1519 -43.46 -6.29 14.91
CA ILE A 1519 -43.35 -7.74 15.03
C ILE A 1519 -41.91 -8.15 15.27
N LYS A 1520 -40.97 -7.51 14.60
CA LYS A 1520 -39.55 -7.80 14.84
C LYS A 1520 -39.14 -7.47 16.26
N SER A 1521 -39.63 -6.34 16.79
CA SER A 1521 -39.35 -5.99 18.17
C SER A 1521 -39.96 -7.01 19.13
N SER A 1522 -41.16 -7.51 18.81
CA SER A 1522 -41.77 -8.54 19.63
C SER A 1522 -40.93 -9.82 19.62
N LEU A 1523 -40.41 -10.20 18.46
CA LEU A 1523 -39.50 -11.34 18.41
C LEU A 1523 -38.26 -11.10 19.25
N SER A 1524 -37.69 -9.90 19.18
CA SER A 1524 -36.49 -9.61 19.97
C SER A 1524 -36.78 -9.73 21.46
N THR A 1525 -37.92 -9.18 21.90
CA THR A 1525 -38.27 -9.26 23.32
C THR A 1525 -38.53 -10.72 23.73
N PHE A 1526 -39.18 -11.49 22.87
CA PHE A 1526 -39.42 -12.89 23.19
C PHE A 1526 -38.11 -13.67 23.30
N LEU A 1527 -37.19 -13.43 22.37
CA LEU A 1527 -35.90 -14.13 22.43
C LEU A 1527 -35.12 -13.74 23.67
N GLU A 1528 -35.14 -12.46 24.04
CA GLU A 1528 -34.44 -12.03 25.24
C GLU A 1528 -35.09 -12.61 26.48
N ARG A 1529 -36.42 -12.72 26.49
CA ARG A 1529 -37.11 -13.32 27.62
C ARG A 1529 -36.79 -14.80 27.73
N GLN A 1530 -36.62 -15.48 26.59
CA GLN A 1530 -36.19 -16.88 26.62
C GLN A 1530 -34.75 -17.01 27.09
N ARG A 1531 -33.88 -16.06 26.74
CA ARG A 1531 -32.48 -16.16 27.11
C ARG A 1531 -32.26 -15.84 28.58
N ARG A 1532 -33.08 -14.98 29.16
CA ARG A 1532 -32.91 -14.65 30.57
C ARG A 1532 -33.42 -15.75 31.50
N GLN A 1533 -34.08 -16.77 30.96
CA GLN A 1533 -34.52 -17.90 31.77
C GLN A 1533 -33.47 -19.01 31.82
N PHE A 1534 -32.78 -19.26 30.70
CA PHE A 1534 -31.65 -20.18 30.65
C PHE A 1534 -30.51 -19.43 29.97
N PRO A 1535 -29.67 -18.76 30.76
CA PRO A 1535 -28.71 -17.81 30.16
C PRO A 1535 -27.70 -18.45 29.22
N ARG A 1536 -27.52 -19.77 29.25
CA ARG A 1536 -26.60 -20.38 28.30
C ARG A 1536 -27.03 -20.18 26.86
N PHE A 1537 -28.31 -19.89 26.62
CA PHE A 1537 -28.76 -19.52 25.28
C PHE A 1537 -28.03 -18.32 24.72
N TYR A 1538 -27.34 -17.54 25.55
CA TYR A 1538 -26.53 -16.45 25.03
C TYR A 1538 -25.34 -16.94 24.21
N PHE A 1539 -25.03 -18.22 24.26
CA PHE A 1539 -23.94 -18.79 23.46
C PHE A 1539 -24.41 -19.38 22.15
N LEU A 1540 -25.66 -19.12 21.76
CA LEU A 1540 -26.25 -19.75 20.58
C LEU A 1540 -26.62 -18.77 19.48
N GLY A 1541 -27.25 -17.65 19.81
CA GLY A 1541 -27.70 -16.72 18.79
C GLY A 1541 -29.21 -16.69 18.67
N ASN A 1542 -29.70 -16.49 17.45
CA ASN A 1542 -31.13 -16.43 17.20
C ASN A 1542 -31.64 -17.61 16.40
N ASP A 1543 -31.01 -17.93 15.27
CA ASP A 1543 -31.46 -19.03 14.44
C ASP A 1543 -31.35 -20.36 15.16
N ASP A 1544 -30.23 -20.59 15.86
CA ASP A 1544 -30.08 -21.79 16.67
C ASP A 1544 -31.10 -21.83 17.80
N LEU A 1545 -31.29 -20.69 18.47
CA LEU A 1545 -32.25 -20.64 19.57
C LEU A 1545 -33.66 -20.88 19.06
N LEU A 1546 -33.99 -20.33 17.89
CA LEU A 1546 -35.30 -20.58 17.30
C LEU A 1546 -35.46 -22.04 16.91
N LYS A 1547 -34.39 -22.67 16.43
CA LYS A 1547 -34.45 -24.11 16.16
C LYS A 1547 -34.76 -24.88 17.43
N ILE A 1548 -34.13 -24.49 18.55
CA ILE A 1548 -34.43 -25.14 19.83
C ILE A 1548 -35.87 -24.89 20.23
N ILE A 1549 -36.36 -23.66 20.06
CA ILE A 1549 -37.73 -23.32 20.43
C ILE A 1549 -38.72 -24.17 19.63
N GLY A 1550 -38.47 -24.33 18.34
CA GLY A 1550 -39.29 -25.21 17.53
C GLY A 1550 -39.03 -26.68 17.77
N SER A 1551 -37.99 -27.02 18.53
CA SER A 1551 -37.67 -28.39 18.88
C SER A 1551 -38.19 -28.75 20.27
N GLY A 1552 -39.33 -28.18 20.67
CA GLY A 1552 -39.92 -28.46 21.95
C GLY A 1552 -40.73 -29.74 22.02
N LYS A 1553 -40.84 -30.46 20.91
CA LYS A 1553 -41.57 -31.73 20.86
C LYS A 1553 -40.66 -32.94 20.77
N HIS A 1554 -39.68 -32.93 19.87
CA HIS A 1554 -38.74 -34.04 19.76
C HIS A 1554 -37.72 -34.04 20.89
N HIS A 1555 -37.25 -32.86 21.30
CA HIS A 1555 -36.24 -32.67 22.33
C HIS A 1555 -34.89 -33.29 21.98
N ASP A 1556 -34.72 -33.74 20.73
CA ASP A 1556 -33.46 -34.36 20.32
C ASP A 1556 -32.58 -33.44 19.48
N GLN A 1557 -33.07 -32.27 19.10
CA GLN A 1557 -32.28 -31.32 18.34
C GLN A 1557 -31.41 -30.43 19.21
N VAL A 1558 -31.62 -30.44 20.53
CA VAL A 1558 -30.79 -29.64 21.41
C VAL A 1558 -29.38 -30.21 21.52
N SER A 1559 -29.22 -31.52 21.39
CA SER A 1559 -27.93 -32.15 21.55
C SER A 1559 -26.90 -31.63 20.55
N LYS A 1560 -27.35 -31.11 19.41
CA LYS A 1560 -26.42 -30.51 18.46
C LYS A 1560 -25.82 -29.23 19.04
N PHE A 1561 -26.62 -28.44 19.74
CA PHE A 1561 -26.17 -27.18 20.32
C PHE A 1561 -25.67 -27.31 21.75
N MET A 1562 -25.72 -28.51 22.32
CA MET A 1562 -25.20 -28.71 23.67
C MET A 1562 -23.71 -28.42 23.73
N LYS A 1563 -22.99 -28.76 22.66
CA LYS A 1563 -21.57 -28.42 22.60
C LYS A 1563 -21.36 -26.92 22.65
N LYS A 1564 -22.22 -26.15 21.98
CA LYS A 1564 -22.05 -24.71 21.94
C LYS A 1564 -22.45 -24.05 23.26
N MET A 1565 -23.55 -24.49 23.87
CA MET A 1565 -24.06 -23.83 25.06
C MET A 1565 -23.48 -24.39 26.36
N PHE A 1566 -22.67 -25.45 26.30
CA PHE A 1566 -22.08 -26.01 27.50
C PHE A 1566 -20.57 -26.09 27.38
N GLY A 1567 -20.06 -26.12 26.16
CA GLY A 1567 -18.63 -26.06 25.90
C GLY A 1567 -17.86 -27.32 26.21
N SER A 1568 -18.37 -28.20 27.05
CA SER A 1568 -17.64 -29.40 27.44
C SER A 1568 -18.35 -30.68 27.04
N ILE A 1569 -19.68 -30.71 27.07
CA ILE A 1569 -20.44 -31.91 26.73
C ILE A 1569 -20.94 -31.78 25.30
N GLU A 1570 -20.76 -32.85 24.53
CA GLU A 1570 -21.12 -32.85 23.12
C GLU A 1570 -22.51 -33.39 22.85
N SER A 1571 -23.04 -34.25 23.71
CA SER A 1571 -24.35 -34.83 23.46
C SER A 1571 -25.04 -35.14 24.78
N ILE A 1572 -26.36 -35.29 24.69
CA ILE A 1572 -27.18 -35.71 25.83
C ILE A 1572 -27.68 -37.12 25.55
N ILE A 1573 -27.29 -38.06 26.40
CA ILE A 1573 -27.64 -39.46 26.22
C ILE A 1573 -29.05 -39.65 26.74
N PHE A 1574 -29.96 -40.05 25.85
CA PHE A 1574 -31.38 -40.14 26.09
C PHE A 1574 -31.79 -41.56 26.46
N LEU A 1575 -32.96 -41.68 27.07
CA LEU A 1575 -33.64 -42.94 27.30
C LEU A 1575 -35.00 -42.82 26.59
N GLU A 1576 -35.85 -43.84 26.72
CA GLU A 1576 -37.02 -43.89 25.84
C GLU A 1576 -37.92 -42.68 26.07
N ASP A 1577 -38.00 -42.20 27.30
CA ASP A 1577 -38.69 -40.94 27.59
C ASP A 1577 -37.95 -40.11 28.64
N PHE A 1578 -36.78 -40.56 29.10
CA PHE A 1578 -36.03 -39.90 30.16
C PHE A 1578 -34.66 -39.47 29.63
N ILE A 1579 -33.99 -38.64 30.42
CA ILE A 1579 -32.62 -38.22 30.15
C ILE A 1579 -31.71 -39.08 31.03
N THR A 1580 -30.97 -39.99 30.41
CA THR A 1580 -30.15 -40.93 31.16
C THR A 1580 -28.70 -40.49 31.31
N GLY A 1581 -28.32 -39.36 30.74
CA GLY A 1581 -27.00 -38.81 31.05
C GLY A 1581 -26.55 -37.82 30.00
N VAL A 1582 -25.26 -37.50 30.07
CA VAL A 1582 -24.62 -36.65 29.08
C VAL A 1582 -23.29 -37.28 28.68
N ARG A 1583 -22.73 -36.80 27.57
CA ARG A 1583 -21.43 -37.27 27.12
C ARG A 1583 -20.64 -36.10 26.53
N SER A 1584 -19.36 -36.06 26.86
CA SER A 1584 -18.49 -34.95 26.52
C SER A 1584 -17.85 -35.16 25.16
N VAL A 1585 -17.03 -34.19 24.74
CA VAL A 1585 -16.42 -34.26 23.42
C VAL A 1585 -15.41 -35.39 23.34
N GLU A 1586 -14.66 -35.64 24.42
CA GLU A 1586 -13.69 -36.73 24.42
C GLU A 1586 -14.38 -38.09 24.43
N GLY A 1587 -15.62 -38.15 24.89
CA GLY A 1587 -16.38 -39.38 24.94
C GLY A 1587 -16.35 -39.95 26.34
N GLU A 1588 -17.41 -39.67 27.12
CA GLU A 1588 -17.46 -40.11 28.50
C GLU A 1588 -18.87 -39.96 29.04
N VAL A 1589 -19.46 -41.03 29.54
CA VAL A 1589 -20.85 -41.02 29.97
C VAL A 1589 -20.90 -40.53 31.41
N LEU A 1590 -21.41 -39.32 31.60
CA LEU A 1590 -21.75 -38.83 32.93
C LEU A 1590 -23.21 -39.17 33.19
N ASN A 1591 -23.45 -40.03 34.17
CA ASN A 1591 -24.79 -40.52 34.45
C ASN A 1591 -25.43 -39.68 35.55
N LEU A 1592 -26.57 -39.08 35.23
CA LEU A 1592 -27.30 -38.31 36.23
C LEU A 1592 -27.96 -39.25 37.23
N ASN A 1593 -27.81 -38.92 38.52
CA ASN A 1593 -28.42 -39.76 39.56
C ASN A 1593 -29.94 -39.78 39.43
N GLU A 1594 -30.53 -38.62 39.16
CA GLU A 1594 -31.97 -38.49 39.05
C GLU A 1594 -32.33 -38.26 37.58
N LYS A 1595 -33.04 -39.22 36.99
CA LYS A 1595 -33.47 -39.09 35.61
C LYS A 1595 -34.48 -37.96 35.48
N ILE A 1596 -34.46 -37.29 34.33
CA ILE A 1596 -35.32 -36.14 34.08
C ILE A 1596 -36.46 -36.59 33.16
N GLU A 1597 -37.70 -36.42 33.62
CA GLU A 1597 -38.85 -36.71 32.79
C GLU A 1597 -39.03 -35.63 31.74
N LEU A 1598 -39.44 -36.03 30.54
CA LEU A 1598 -39.66 -35.10 29.43
C LEU A 1598 -41.05 -35.31 28.86
N LYS A 1599 -42.02 -34.56 29.36
CA LYS A 1599 -43.33 -34.51 28.73
C LYS A 1599 -43.26 -33.67 27.47
N ASP A 1600 -44.27 -33.80 26.61
CA ASP A 1600 -44.26 -33.06 25.36
C ASP A 1600 -44.52 -31.58 25.58
N SER A 1601 -45.28 -31.24 26.62
CA SER A 1601 -45.66 -29.84 26.83
C SER A 1601 -44.53 -29.01 27.44
N ILE A 1602 -43.52 -29.66 28.03
CA ILE A 1602 -42.49 -28.91 28.74
C ILE A 1602 -41.63 -28.16 27.73
N GLN A 1603 -41.28 -26.92 28.08
CA GLN A 1603 -40.42 -26.10 27.23
C GLN A 1603 -38.98 -26.59 27.34
N ALA A 1604 -38.22 -26.38 26.26
CA ALA A 1604 -36.80 -26.74 26.29
C ALA A 1604 -36.07 -25.98 27.38
N GLN A 1605 -36.49 -24.74 27.64
CA GLN A 1605 -35.83 -23.92 28.66
C GLN A 1605 -35.92 -24.56 30.03
N GLU A 1606 -37.10 -25.07 30.40
CA GLU A 1606 -37.29 -25.57 31.75
C GLU A 1606 -36.43 -26.81 32.02
N TRP A 1607 -36.50 -27.81 31.13
CA TRP A 1607 -35.74 -29.02 31.40
C TRP A 1607 -34.26 -28.83 31.16
N LEU A 1608 -33.86 -27.91 30.27
CA LEU A 1608 -32.46 -27.56 30.17
C LEU A 1608 -31.97 -26.91 31.47
N ASN A 1609 -32.82 -26.06 32.06
CA ASN A 1609 -32.46 -25.43 33.32
C ASN A 1609 -32.28 -26.46 34.43
N ILE A 1610 -33.18 -27.44 34.50
CA ILE A 1610 -33.05 -28.45 35.55
C ILE A 1610 -31.83 -29.34 35.29
N LEU A 1611 -31.56 -29.63 34.02
CA LEU A 1611 -30.38 -30.45 33.69
C LEU A 1611 -29.08 -29.72 34.02
N ASP A 1612 -29.06 -28.39 33.90
CA ASP A 1612 -27.84 -27.65 34.20
C ASP A 1612 -27.42 -27.85 35.65
N THR A 1613 -28.38 -27.84 36.58
CA THR A 1613 -28.06 -28.13 37.97
C THR A 1613 -27.86 -29.62 38.21
N GLU A 1614 -28.57 -30.46 37.46
CA GLU A 1614 -28.47 -31.90 37.67
C GLU A 1614 -27.08 -32.42 37.32
N ILE A 1615 -26.46 -31.89 36.26
CA ILE A 1615 -25.14 -32.37 35.89
C ILE A 1615 -24.11 -32.00 36.97
N LYS A 1616 -24.21 -30.79 37.52
CA LYS A 1616 -23.28 -30.39 38.58
C LYS A 1616 -23.50 -31.23 39.84
N LEU A 1617 -24.76 -31.49 40.19
CA LEU A 1617 -25.04 -32.33 41.35
C LEU A 1617 -24.53 -33.75 41.13
N SER A 1618 -24.65 -34.27 39.91
CA SER A 1618 -24.13 -35.60 39.62
C SER A 1618 -22.61 -35.62 39.72
N VAL A 1619 -21.94 -34.57 39.24
CA VAL A 1619 -20.49 -34.51 39.36
C VAL A 1619 -20.06 -34.50 40.83
N PHE A 1620 -20.77 -33.72 41.65
CA PHE A 1620 -20.45 -33.72 43.07
C PHE A 1620 -20.71 -35.08 43.70
N THR A 1621 -21.78 -35.75 43.29
CA THR A 1621 -22.06 -37.09 43.83
C THR A 1621 -20.96 -38.07 43.47
N GLN A 1622 -20.50 -38.04 42.22
CA GLN A 1622 -19.39 -38.90 41.81
C GLN A 1622 -18.14 -38.57 42.63
N PHE A 1623 -17.86 -37.28 42.82
CA PHE A 1623 -16.69 -36.89 43.62
C PHE A 1623 -16.79 -37.40 45.04
N ARG A 1624 -17.94 -37.23 45.67
CA ARG A 1624 -18.10 -37.65 47.06
C ARG A 1624 -17.99 -39.16 47.19
N ASP A 1625 -18.61 -39.91 46.28
CA ASP A 1625 -18.51 -41.36 46.30
C ASP A 1625 -17.07 -41.81 46.12
N CYS A 1626 -16.38 -41.19 45.15
CA CYS A 1626 -14.98 -41.58 44.84
C CYS A 1626 -14.06 -41.24 46.02
N LEU A 1627 -14.19 -40.04 46.59
CA LEU A 1627 -13.28 -39.61 47.68
C LEU A 1627 -13.38 -40.62 48.84
N GLY A 1628 -14.61 -40.95 49.24
CA GLY A 1628 -14.80 -41.92 50.34
C GLY A 1628 -14.17 -43.26 50.01
N GLN A 1629 -14.37 -43.74 48.78
CA GLN A 1629 -13.80 -45.04 48.35
C GLN A 1629 -12.27 -44.96 48.39
N LEU A 1630 -11.70 -43.86 47.90
CA LEU A 1630 -10.22 -43.68 47.93
C LEU A 1630 -9.76 -43.62 49.40
N LYS A 1631 -10.47 -42.85 50.24
CA LYS A 1631 -10.10 -42.72 51.68
C LYS A 1631 -10.16 -44.12 52.32
N ASP A 1632 -11.12 -44.95 51.90
CA ASP A 1632 -11.24 -46.33 52.45
C ASP A 1632 -9.92 -47.07 52.18
N GLY A 1633 -9.31 -46.82 51.01
CA GLY A 1633 -8.04 -47.50 50.66
C GLY A 1633 -8.20 -48.33 49.40
N THR A 1634 -9.20 -48.01 48.58
CA THR A 1634 -9.44 -48.75 47.33
C THR A 1634 -8.30 -48.47 46.37
N ASP A 1635 -7.98 -49.44 45.51
CA ASP A 1635 -6.89 -49.24 44.51
C ASP A 1635 -7.31 -48.15 43.51
N ILE A 1636 -6.39 -47.26 43.14
CA ILE A 1636 -6.73 -46.25 42.10
C ILE A 1636 -7.19 -46.99 40.84
N GLU A 1637 -6.65 -48.21 40.61
CA GLU A 1637 -6.99 -48.94 39.40
C GLU A 1637 -8.44 -49.40 39.41
N VAL A 1638 -8.94 -49.83 40.57
CA VAL A 1638 -10.31 -50.31 40.64
C VAL A 1638 -11.33 -49.17 40.63
N VAL A 1639 -10.87 -47.96 40.96
CA VAL A 1639 -11.80 -46.80 41.05
C VAL A 1639 -11.80 -46.01 39.73
N VAL A 1640 -10.74 -46.13 38.92
CA VAL A 1640 -10.72 -45.44 37.63
C VAL A 1640 -11.92 -45.86 36.78
N SER A 1641 -12.24 -47.15 36.78
CA SER A 1641 -13.30 -47.65 35.90
C SER A 1641 -14.69 -47.20 36.32
N LYS A 1642 -14.86 -46.71 37.55
CA LYS A 1642 -16.19 -46.35 38.04
C LYS A 1642 -16.56 -44.91 37.72
N TYR A 1643 -15.75 -43.96 38.17
CA TYR A 1643 -16.13 -42.55 38.17
C TYR A 1643 -15.47 -41.79 37.02
N ILE A 1644 -16.07 -40.66 36.68
CA ILE A 1644 -15.59 -39.80 35.61
C ILE A 1644 -14.24 -39.22 35.98
N PHE A 1645 -13.53 -38.66 35.00
CA PHE A 1645 -12.17 -38.21 35.24
C PHE A 1645 -12.13 -37.08 36.26
N GLN A 1646 -13.06 -36.12 36.16
CA GLN A 1646 -13.02 -34.97 37.06
C GLN A 1646 -13.23 -35.39 38.50
N ALA A 1647 -14.17 -36.31 38.75
CA ALA A 1647 -14.46 -36.71 40.12
C ALA A 1647 -13.28 -37.44 40.76
N ILE A 1648 -12.70 -38.40 40.03
CA ILE A 1648 -11.54 -39.11 40.56
C ILE A 1648 -10.35 -38.18 40.71
N LEU A 1649 -10.21 -37.22 39.80
CA LEU A 1649 -9.14 -36.24 39.90
C LEU A 1649 -9.27 -35.41 41.18
N LEU A 1650 -10.46 -34.87 41.44
CA LEU A 1650 -10.65 -34.04 42.61
C LEU A 1650 -10.52 -34.85 43.89
N SER A 1651 -11.06 -36.08 43.88
CA SER A 1651 -10.94 -36.96 45.06
C SER A 1651 -9.45 -37.19 45.34
N ALA A 1652 -8.68 -37.54 44.32
CA ALA A 1652 -7.23 -37.77 44.48
C ALA A 1652 -6.57 -36.51 45.05
N GLN A 1653 -6.84 -35.35 44.44
CA GLN A 1653 -6.20 -34.12 44.89
C GLN A 1653 -6.52 -33.83 46.35
N VAL A 1654 -7.78 -34.00 46.75
CA VAL A 1654 -8.16 -33.73 48.14
C VAL A 1654 -7.48 -34.71 49.09
N MET A 1655 -7.49 -36.00 48.71
CA MET A 1655 -6.84 -37.02 49.56
C MET A 1655 -5.34 -36.70 49.68
N TRP A 1656 -4.69 -36.38 48.56
CA TRP A 1656 -3.26 -36.07 48.58
C TRP A 1656 -2.98 -34.90 49.49
N THR A 1657 -3.78 -33.83 49.40
CA THR A 1657 -3.57 -32.69 50.27
C THR A 1657 -3.73 -33.09 51.73
N GLU A 1658 -4.78 -33.86 52.04
CA GLU A 1658 -5.03 -34.25 53.43
C GLU A 1658 -3.88 -35.08 53.98
N LEU A 1659 -3.40 -36.06 53.19
CA LEU A 1659 -2.30 -36.90 53.66
C LEU A 1659 -1.01 -36.10 53.81
N VAL A 1660 -0.70 -35.25 52.84
CA VAL A 1660 0.56 -34.53 52.88
C VAL A 1660 0.55 -33.43 53.95
N GLU A 1661 -0.62 -32.96 54.38
CA GLU A 1661 -0.64 -32.02 55.51
C GLU A 1661 -0.11 -32.68 56.77
N LYS A 1662 -0.64 -33.86 57.11
CA LYS A 1662 -0.14 -34.57 58.28
C LYS A 1662 1.28 -35.06 58.07
N CYS A 1663 1.64 -35.40 56.83
CA CYS A 1663 3.01 -35.81 56.55
C CYS A 1663 3.98 -34.66 56.79
N LEU A 1664 3.61 -33.45 56.37
CA LEU A 1664 4.41 -32.27 56.63
C LEU A 1664 4.45 -31.94 58.12
N GLN A 1665 3.36 -32.20 58.82
CA GLN A 1665 3.35 -32.01 60.27
C GLN A 1665 4.37 -32.94 60.94
N THR A 1666 4.43 -34.20 60.51
CA THR A 1666 5.34 -35.17 61.11
C THR A 1666 6.68 -35.28 60.39
N ASN A 1667 6.84 -34.63 59.24
CA ASN A 1667 8.11 -34.61 58.49
C ASN A 1667 8.62 -36.01 58.18
N GLN A 1668 7.73 -36.89 57.72
CA GLN A 1668 8.09 -38.23 57.27
C GLN A 1668 7.60 -38.42 55.85
N PHE A 1669 8.39 -37.97 54.88
CA PHE A 1669 7.95 -37.92 53.48
C PHE A 1669 8.30 -39.19 52.71
N SER A 1670 9.24 -40.00 53.18
CA SER A 1670 9.70 -41.14 52.39
C SER A 1670 8.57 -42.16 52.18
N LYS A 1671 7.80 -42.43 53.23
CA LYS A 1671 6.77 -43.46 53.15
C LYS A 1671 5.69 -43.08 52.15
N TYR A 1672 5.17 -41.86 52.26
CA TYR A 1672 4.14 -41.43 51.32
C TYR A 1672 4.70 -41.25 49.92
N TRP A 1673 5.96 -40.83 49.80
CA TRP A 1673 6.57 -40.76 48.48
C TRP A 1673 6.60 -42.13 47.81
N LYS A 1674 7.00 -43.15 48.56
CA LYS A 1674 7.03 -44.51 48.00
C LYS A 1674 5.62 -44.98 47.66
N GLU A 1675 4.64 -44.65 48.51
CA GLU A 1675 3.26 -45.03 48.24
C GLU A 1675 2.76 -44.40 46.93
N VAL A 1676 3.04 -43.11 46.74
CA VAL A 1676 2.62 -42.44 45.52
C VAL A 1676 3.36 -42.99 44.32
N ASP A 1677 4.63 -43.33 44.48
CA ASP A 1677 5.38 -43.93 43.39
C ASP A 1677 4.80 -45.27 42.98
N MET A 1678 4.40 -46.08 43.95
CA MET A 1678 3.74 -47.34 43.64
C MET A 1678 2.41 -47.12 42.93
N LYS A 1679 1.65 -46.11 43.38
CA LYS A 1679 0.40 -45.78 42.69
C LYS A 1679 0.65 -45.38 41.24
N ILE A 1680 1.69 -44.58 41.01
CA ILE A 1680 2.02 -44.13 39.65
C ILE A 1680 2.43 -45.32 38.79
N LYS A 1681 3.24 -46.22 39.34
CA LYS A 1681 3.64 -47.40 38.58
C LYS A 1681 2.44 -48.28 38.25
N GLY A 1682 1.51 -48.43 39.20
CA GLY A 1682 0.30 -49.18 38.91
C GLY A 1682 -0.53 -48.54 37.80
N LEU A 1683 -0.67 -47.22 37.84
CA LEU A 1683 -1.38 -46.52 36.77
C LEU A 1683 -0.66 -46.71 35.45
N LEU A 1684 0.68 -46.67 35.47
CA LEU A 1684 1.45 -46.82 34.25
C LEU A 1684 1.25 -48.20 33.63
N ASP A 1685 1.25 -49.25 34.44
CA ASP A 1685 1.06 -50.58 33.88
C ASP A 1685 -0.38 -50.83 33.47
N LYS A 1686 -1.34 -50.20 34.14
CA LYS A 1686 -2.73 -50.29 33.72
C LYS A 1686 -2.99 -49.50 32.44
N LEU A 1687 -2.16 -48.50 32.14
CA LEU A 1687 -2.32 -47.73 30.91
C LEU A 1687 -2.15 -48.63 29.68
N ASN A 1688 -1.23 -49.60 29.75
CA ASN A 1688 -1.00 -50.48 28.61
C ASN A 1688 -2.23 -51.32 28.30
N LYS A 1689 -2.95 -51.75 29.33
CA LYS A 1689 -4.14 -52.58 29.20
C LYS A 1689 -5.42 -51.77 29.26
N SER A 1690 -5.40 -50.56 28.71
CA SER A 1690 -6.53 -49.65 28.77
C SER A 1690 -7.23 -49.58 27.41
N SER A 1691 -8.52 -49.28 27.44
CA SER A 1691 -9.33 -49.19 26.24
C SER A 1691 -9.12 -47.83 25.57
N ASP A 1692 -9.94 -47.51 24.57
CA ASP A 1692 -9.79 -46.26 23.85
C ASP A 1692 -10.25 -45.07 24.68
N ASN A 1693 -11.21 -45.26 25.56
CA ASN A 1693 -11.73 -44.17 26.39
C ASN A 1693 -10.93 -44.02 27.68
N VAL A 1694 -10.61 -45.13 28.34
CA VAL A 1694 -9.95 -45.07 29.64
C VAL A 1694 -8.50 -44.62 29.50
N LYS A 1695 -7.89 -44.72 28.32
CA LYS A 1695 -6.49 -44.35 28.18
C LYS A 1695 -6.27 -42.86 28.41
N LYS A 1696 -7.17 -42.01 27.91
CA LYS A 1696 -7.04 -40.57 28.15
C LYS A 1696 -7.16 -40.26 29.65
N LYS A 1697 -8.13 -40.89 30.31
CA LYS A 1697 -8.31 -40.67 31.74
C LYS A 1697 -7.07 -41.11 32.51
N ILE A 1698 -6.49 -42.26 32.14
CA ILE A 1698 -5.29 -42.75 32.82
C ILE A 1698 -4.13 -41.81 32.59
N GLU A 1699 -3.99 -41.29 31.36
CA GLU A 1699 -2.90 -40.35 31.09
C GLU A 1699 -3.03 -39.07 31.90
N ALA A 1700 -4.25 -38.53 32.00
CA ALA A 1700 -4.46 -37.33 32.80
C ALA A 1700 -4.17 -37.58 34.27
N LEU A 1701 -4.63 -38.71 34.79
CA LEU A 1701 -4.33 -39.06 36.17
C LEU A 1701 -2.84 -39.26 36.38
N LEU A 1702 -2.13 -39.79 35.39
CA LEU A 1702 -0.68 -39.88 35.48
C LEU A 1702 -0.04 -38.50 35.57
N VAL A 1703 -0.53 -37.55 34.77
CA VAL A 1703 0.01 -36.19 34.84
C VAL A 1703 -0.15 -35.65 36.26
N GLU A 1704 -1.35 -35.76 36.82
CA GLU A 1704 -1.58 -35.20 38.14
C GLU A 1704 -0.82 -35.96 39.22
N TYR A 1705 -0.71 -37.28 39.09
CA TYR A 1705 0.00 -38.05 40.10
C TYR A 1705 1.50 -37.79 40.06
N LEU A 1706 2.05 -37.57 38.87
CA LEU A 1706 3.45 -37.17 38.80
C LEU A 1706 3.66 -35.78 39.37
N HIS A 1707 2.67 -34.89 39.23
CA HIS A 1707 2.75 -33.62 39.97
C HIS A 1707 2.78 -33.86 41.48
N PHE A 1708 1.92 -34.76 41.96
CA PHE A 1708 1.91 -35.08 43.39
C PHE A 1708 3.27 -35.58 43.84
N ASN A 1709 3.84 -36.53 43.09
CA ASN A 1709 5.12 -37.12 43.48
C ASN A 1709 6.24 -36.08 43.40
N ASN A 1710 6.20 -35.20 42.41
CA ASN A 1710 7.18 -34.14 42.31
C ASN A 1710 7.14 -33.24 43.55
N VAL A 1711 5.93 -32.85 43.96
CA VAL A 1711 5.81 -31.98 45.12
C VAL A 1711 6.27 -32.70 46.38
N ILE A 1712 5.91 -33.97 46.53
CA ILE A 1712 6.32 -34.70 47.74
C ILE A 1712 7.84 -34.85 47.77
N GLY A 1713 8.45 -35.14 46.63
CA GLY A 1713 9.91 -35.24 46.60
C GLY A 1713 10.59 -33.93 46.92
N GLN A 1714 10.08 -32.82 46.36
CA GLN A 1714 10.66 -31.51 46.67
C GLN A 1714 10.50 -31.18 48.15
N LEU A 1715 9.36 -31.54 48.74
CA LEU A 1715 9.18 -31.33 50.18
C LEU A 1715 10.15 -32.19 50.98
N LYS A 1716 10.38 -33.42 50.55
CA LYS A 1716 11.31 -34.29 51.25
C LYS A 1716 12.72 -33.73 51.22
N ASN A 1717 13.15 -33.23 50.06
CA ASN A 1717 14.51 -32.70 49.95
C ASN A 1717 14.72 -31.42 50.76
N CYS A 1718 13.64 -30.74 51.16
CA CYS A 1718 13.78 -29.48 51.89
C CYS A 1718 14.49 -29.71 53.22
N SER A 1719 15.48 -28.87 53.51
CA SER A 1719 16.30 -29.04 54.70
C SER A 1719 15.56 -28.63 55.96
N THR A 1720 14.85 -27.51 55.94
CA THR A 1720 14.23 -26.94 57.12
C THR A 1720 12.72 -26.92 56.97
N LYS A 1721 12.02 -26.91 58.11
CA LYS A 1721 10.56 -26.85 58.10
C LYS A 1721 10.07 -25.56 57.48
N GLU A 1722 10.78 -24.45 57.70
CA GLU A 1722 10.39 -23.18 57.09
C GLU A 1722 10.41 -23.26 55.57
N GLU A 1723 11.46 -23.85 55.01
CA GLU A 1723 11.53 -24.01 53.56
C GLU A 1723 10.44 -24.93 53.06
N ALA A 1724 10.14 -26.00 53.80
CA ALA A 1724 9.08 -26.91 53.40
C ALA A 1724 7.74 -26.21 53.36
N ARG A 1725 7.44 -25.39 54.38
CA ARG A 1725 6.18 -24.67 54.37
C ARG A 1725 6.15 -23.58 53.30
N LEU A 1726 7.30 -22.96 53.01
CA LEU A 1726 7.37 -22.02 51.90
C LEU A 1726 6.99 -22.70 50.60
N LEU A 1727 7.56 -23.88 50.34
CA LEU A 1727 7.22 -24.62 49.14
C LEU A 1727 5.76 -25.06 49.15
N TRP A 1728 5.24 -25.44 50.32
CA TRP A 1728 3.86 -25.89 50.41
C TRP A 1728 2.87 -24.76 50.17
N ALA A 1729 3.26 -23.53 50.49
CA ALA A 1729 2.36 -22.40 50.27
C ALA A 1729 2.06 -22.22 48.79
N LYS A 1730 3.09 -22.28 47.94
CA LYS A 1730 2.89 -22.04 46.52
C LYS A 1730 2.07 -23.14 45.85
N VAL A 1731 2.21 -24.38 46.31
CA VAL A 1731 1.54 -25.51 45.67
C VAL A 1731 0.03 -25.39 45.91
N GLN A 1732 -0.73 -25.57 44.84
CA GLN A 1732 -2.18 -25.38 44.88
C GLN A 1732 -2.83 -26.49 45.68
N LYS A 1733 -3.19 -26.21 46.93
CA LYS A 1733 -3.76 -27.21 47.82
C LYS A 1733 -5.28 -27.23 47.70
N PHE A 1734 -5.87 -28.39 48.02
CA PHE A 1734 -7.30 -28.58 47.95
C PHE A 1734 -7.85 -28.97 49.32
N TYR A 1735 -9.02 -28.45 49.67
CA TYR A 1735 -9.64 -28.75 50.94
C TYR A 1735 -11.14 -28.92 50.73
N GLN A 1736 -11.80 -29.55 51.70
CA GLN A 1736 -13.25 -29.60 51.72
C GLN A 1736 -13.74 -29.43 53.15
N LYS A 1737 -14.86 -28.74 53.29
CA LYS A 1737 -15.45 -28.48 54.61
C LYS A 1737 -16.45 -29.58 54.93
N ASN A 1738 -16.13 -30.40 55.93
CA ASN A 1738 -17.02 -31.49 56.33
C ASN A 1738 -18.22 -31.02 57.14
N ASP A 1739 -18.23 -29.77 57.58
CA ASP A 1739 -19.27 -29.25 58.47
C ASP A 1739 -20.00 -28.08 57.84
N THR A 1740 -20.39 -28.22 56.57
CA THR A 1740 -21.09 -27.16 55.86
C THR A 1740 -22.28 -27.74 55.10
N LEU A 1741 -23.26 -26.88 54.87
CA LEU A 1741 -24.37 -27.18 53.99
C LEU A 1741 -24.03 -26.67 52.59
N ASP A 1742 -24.99 -26.76 51.67
CA ASP A 1742 -24.80 -26.33 50.29
C ASP A 1742 -23.62 -27.06 49.65
N ASP A 1743 -23.81 -28.37 49.50
CA ASP A 1743 -22.78 -29.31 49.08
C ASP A 1743 -21.88 -28.80 47.97
N LEU A 1744 -22.45 -28.09 47.00
CA LEU A 1744 -21.66 -27.64 45.86
C LEU A 1744 -20.59 -26.63 46.24
N ASN A 1745 -20.64 -26.06 47.45
CA ASN A 1745 -19.63 -25.13 47.92
C ASN A 1745 -18.74 -25.72 49.01
N SER A 1746 -18.72 -27.05 49.13
CA SER A 1746 -17.92 -27.68 50.17
C SER A 1746 -16.44 -27.63 49.85
N VAL A 1747 -16.07 -27.90 48.60
CA VAL A 1747 -14.68 -28.05 48.20
C VAL A 1747 -14.14 -26.70 47.75
N PHE A 1748 -12.96 -26.34 48.26
CA PHE A 1748 -12.30 -25.11 47.83
C PHE A 1748 -10.81 -25.38 47.67
N ILE A 1749 -10.10 -24.36 47.18
CA ILE A 1749 -8.69 -24.45 46.82
C ILE A 1749 -7.95 -23.32 47.49
N SER A 1750 -6.84 -23.65 48.16
CA SER A 1750 -6.01 -22.68 48.86
C SER A 1750 -4.65 -22.63 48.21
N GLN A 1751 -4.25 -21.44 47.77
CA GLN A 1751 -2.91 -21.23 47.24
C GLN A 1751 -2.40 -19.87 47.71
N SER A 1752 -1.21 -19.87 48.31
CA SER A 1752 -0.61 -18.66 48.86
C SER A 1752 -1.51 -18.00 49.90
N GLY A 1753 -2.37 -18.79 50.54
CA GLY A 1753 -3.32 -18.28 51.51
C GLY A 1753 -4.62 -17.76 50.94
N TYR A 1754 -4.76 -17.74 49.62
CA TYR A 1754 -5.98 -17.28 48.96
C TYR A 1754 -6.89 -18.47 48.66
N LEU A 1755 -8.18 -18.28 48.91
CA LEU A 1755 -9.17 -19.34 48.77
C LEU A 1755 -10.06 -19.08 47.55
N LEU A 1756 -10.33 -20.15 46.81
CA LEU A 1756 -11.17 -20.09 45.62
C LEU A 1756 -12.16 -21.25 45.66
N GLN A 1757 -13.43 -20.96 45.47
CA GLN A 1757 -14.44 -22.02 45.49
C GLN A 1757 -14.34 -22.88 44.25
N TYR A 1758 -14.71 -24.14 44.40
CA TYR A 1758 -14.69 -25.11 43.31
C TYR A 1758 -16.12 -25.29 42.81
N LYS A 1759 -16.43 -24.66 41.67
CA LYS A 1759 -17.71 -24.88 41.01
C LYS A 1759 -17.65 -26.19 40.24
N PHE A 1760 -18.65 -27.03 40.43
CA PHE A 1760 -18.58 -28.43 40.01
C PHE A 1760 -19.05 -28.64 38.58
N GLU A 1761 -18.90 -27.65 37.71
CA GLU A 1761 -19.25 -27.82 36.31
C GLU A 1761 -18.45 -28.96 35.69
N TYR A 1762 -19.12 -29.78 34.88
CA TYR A 1762 -18.46 -30.91 34.25
C TYR A 1762 -17.45 -30.41 33.21
N ILE A 1763 -16.23 -30.95 33.26
CA ILE A 1763 -15.16 -30.54 32.37
C ILE A 1763 -14.75 -31.63 31.39
N GLY A 1764 -15.15 -32.88 31.61
CA GLY A 1764 -14.80 -33.95 30.71
C GLY A 1764 -13.44 -34.55 31.00
N ILE A 1765 -12.68 -34.87 29.96
CA ILE A 1765 -11.32 -35.39 30.12
C ILE A 1765 -10.39 -34.54 29.27
N PRO A 1766 -10.05 -33.33 29.72
CA PRO A 1766 -9.32 -32.40 28.87
C PRO A 1766 -7.84 -32.74 28.78
N GLU A 1767 -7.16 -32.04 27.88
CA GLU A 1767 -5.71 -32.17 27.70
C GLU A 1767 -5.02 -31.52 28.89
N ARG A 1768 -4.59 -32.34 29.85
CA ARG A 1768 -3.93 -31.80 31.04
C ARG A 1768 -2.53 -31.32 30.70
N LEU A 1769 -2.18 -30.14 31.22
CA LEU A 1769 -0.84 -29.59 31.04
C LEU A 1769 0.11 -30.20 32.06
N ILE A 1770 1.34 -30.46 31.64
CA ILE A 1770 2.35 -31.00 32.54
C ILE A 1770 2.68 -29.96 33.60
N TYR A 1771 2.67 -30.38 34.86
CA TYR A 1771 2.89 -29.47 35.97
C TYR A 1771 4.36 -29.10 36.07
N THR A 1772 4.64 -27.80 35.95
CA THR A 1772 5.99 -27.27 35.99
C THR A 1772 6.01 -26.08 36.94
N PRO A 1773 7.15 -25.79 37.56
CA PRO A 1773 7.21 -24.65 38.50
C PRO A 1773 6.86 -23.33 37.87
N LEU A 1774 6.84 -23.23 36.54
CA LEU A 1774 6.36 -22.02 35.89
C LEU A 1774 4.85 -22.01 35.74
N LEU A 1775 4.22 -23.20 35.70
CA LEU A 1775 2.77 -23.24 35.64
C LEU A 1775 2.15 -22.81 36.97
N LEU A 1776 2.65 -23.34 38.08
CA LEU A 1776 2.12 -22.96 39.38
C LEU A 1776 2.32 -21.48 39.68
N ILE A 1777 3.35 -20.85 39.15
CA ILE A 1777 3.47 -19.40 39.28
C ILE A 1777 2.35 -18.70 38.52
N GLY A 1778 1.97 -19.23 37.35
CA GLY A 1778 0.83 -18.69 36.65
C GLY A 1778 -0.47 -18.84 37.44
N PHE A 1779 -0.64 -20.01 38.07
CA PHE A 1779 -1.81 -20.20 38.92
C PHE A 1779 -1.80 -19.23 40.10
N ALA A 1780 -0.63 -19.01 40.71
CA ALA A 1780 -0.53 -18.09 41.83
C ALA A 1780 -0.86 -16.67 41.40
N THR A 1781 -0.35 -16.24 40.25
CA THR A 1781 -0.68 -14.91 39.76
C THR A 1781 -2.17 -14.77 39.47
N LEU A 1782 -2.76 -15.79 38.85
CA LEU A 1782 -4.19 -15.72 38.54
C LEU A 1782 -5.03 -15.67 39.80
N THR A 1783 -4.68 -16.47 40.81
CA THR A 1783 -5.46 -16.44 42.04
C THR A 1783 -5.22 -15.17 42.85
N ASP A 1784 -4.02 -14.59 42.77
CA ASP A 1784 -3.77 -13.30 43.38
C ASP A 1784 -4.61 -12.20 42.75
N SER A 1785 -4.72 -12.22 41.41
CA SER A 1785 -5.58 -11.25 40.73
C SER A 1785 -7.04 -11.48 41.06
N LEU A 1786 -7.47 -12.75 41.11
CA LEU A 1786 -8.88 -13.04 41.34
C LEU A 1786 -9.29 -12.73 42.78
N HIS A 1787 -8.36 -12.82 43.73
CA HIS A 1787 -8.73 -12.52 45.11
C HIS A 1787 -9.16 -11.07 45.27
N GLN A 1788 -8.47 -10.15 44.61
CA GLN A 1788 -8.78 -8.72 44.70
C GLN A 1788 -9.79 -8.29 43.64
N LYS A 1789 -10.44 -9.24 42.97
CA LYS A 1789 -11.45 -9.03 41.94
C LYS A 1789 -10.88 -8.47 40.64
N TYR A 1790 -9.58 -8.20 40.57
CA TYR A 1790 -8.98 -7.78 39.32
C TYR A 1790 -9.02 -8.92 38.31
N GLY A 1791 -9.07 -8.56 37.03
CA GLY A 1791 -9.02 -9.54 35.97
C GLY A 1791 -7.65 -10.17 35.86
N GLY A 1792 -7.50 -11.06 34.90
CA GLY A 1792 -6.22 -11.73 34.74
C GLY A 1792 -5.61 -11.61 33.36
N CYS A 1793 -4.47 -10.93 33.25
CA CYS A 1793 -3.86 -10.66 31.97
C CYS A 1793 -2.52 -11.37 31.86
N PHE A 1794 -2.32 -12.07 30.75
CA PHE A 1794 -1.06 -12.72 30.42
C PHE A 1794 -0.50 -12.09 29.15
N PHE A 1795 0.82 -11.92 29.12
CA PHE A 1795 1.47 -11.45 27.91
C PHE A 1795 2.83 -12.13 27.80
N GLY A 1796 3.18 -12.52 26.57
CA GLY A 1796 4.43 -13.18 26.33
C GLY A 1796 4.51 -13.68 24.90
N PRO A 1797 5.60 -14.37 24.56
CA PRO A 1797 5.76 -14.89 23.21
C PRO A 1797 4.65 -15.89 22.88
N ALA A 1798 4.31 -15.95 21.59
CA ALA A 1798 3.32 -16.90 21.14
C ALA A 1798 3.83 -18.34 21.32
N GLY A 1799 2.92 -19.24 21.66
CA GLY A 1799 3.28 -20.62 21.89
C GLY A 1799 3.74 -20.95 23.29
N THR A 1800 3.63 -20.02 24.23
CA THR A 1800 3.96 -20.28 25.63
C THR A 1800 2.77 -20.78 26.43
N GLY A 1801 1.65 -21.04 25.77
CA GLY A 1801 0.48 -21.60 26.44
C GLY A 1801 -0.20 -20.69 27.43
N LYS A 1802 -0.40 -19.42 27.08
CA LYS A 1802 -1.14 -18.53 27.96
C LYS A 1802 -2.60 -18.97 28.07
N THR A 1803 -3.27 -19.16 26.93
CA THR A 1803 -4.66 -19.59 26.95
C THR A 1803 -4.79 -20.99 27.54
N GLU A 1804 -3.85 -21.88 27.23
CA GLU A 1804 -3.88 -23.22 27.83
C GLU A 1804 -3.65 -23.15 29.33
N THR A 1805 -2.80 -22.23 29.80
CA THR A 1805 -2.63 -22.08 31.24
C THR A 1805 -3.90 -21.58 31.91
N VAL A 1806 -4.59 -20.62 31.28
CA VAL A 1806 -5.86 -20.16 31.82
C VAL A 1806 -6.88 -21.29 31.85
N LYS A 1807 -6.93 -22.10 30.78
CA LYS A 1807 -7.88 -23.21 30.72
C LYS A 1807 -7.55 -24.26 31.78
N ALA A 1808 -6.27 -24.55 32.00
CA ALA A 1808 -5.90 -25.50 33.04
C ALA A 1808 -6.27 -24.97 34.42
N PHE A 1809 -6.07 -23.67 34.64
CA PHE A 1809 -6.50 -23.07 35.91
C PHE A 1809 -8.00 -23.23 36.09
N GLY A 1810 -8.77 -23.00 35.02
CA GLY A 1810 -10.21 -23.20 35.11
C GLY A 1810 -10.58 -24.63 35.40
N GLN A 1811 -9.91 -25.58 34.75
CA GLN A 1811 -10.21 -27.00 34.97
C GLN A 1811 -9.92 -27.41 36.40
N ASN A 1812 -8.81 -26.94 36.96
CA ASN A 1812 -8.50 -27.27 38.36
C ASN A 1812 -9.57 -26.76 39.30
N LEU A 1813 -10.14 -25.60 39.00
CA LEU A 1813 -11.24 -25.04 39.78
C LEU A 1813 -12.60 -25.62 39.40
N GLY A 1814 -12.65 -26.51 38.41
CA GLY A 1814 -13.89 -27.12 38.01
C GLY A 1814 -14.72 -26.33 37.04
N ARG A 1815 -14.17 -25.28 36.45
CA ARG A 1815 -14.87 -24.44 35.49
C ARG A 1815 -14.39 -24.73 34.08
N VAL A 1816 -15.32 -24.61 33.13
CA VAL A 1816 -14.96 -24.59 31.72
C VAL A 1816 -14.87 -23.13 31.29
N VAL A 1817 -13.71 -22.76 30.73
CA VAL A 1817 -13.43 -21.38 30.38
C VAL A 1817 -13.94 -21.10 28.97
N VAL A 1818 -14.80 -20.10 28.84
CA VAL A 1818 -15.33 -19.71 27.54
C VAL A 1818 -14.25 -18.86 26.86
N VAL A 1819 -13.72 -19.36 25.75
CA VAL A 1819 -12.59 -18.73 25.07
C VAL A 1819 -13.13 -17.95 23.87
N PHE A 1820 -12.98 -16.63 23.91
CA PHE A 1820 -13.30 -15.77 22.78
C PHE A 1820 -12.05 -15.68 21.92
N ASN A 1821 -12.11 -16.22 20.71
CA ASN A 1821 -11.00 -16.16 19.78
C ASN A 1821 -11.05 -14.85 19.00
N CYS A 1822 -9.94 -14.12 19.01
CA CYS A 1822 -9.88 -12.79 18.42
C CYS A 1822 -9.18 -12.81 17.07
N ASP A 1823 -9.43 -11.77 16.29
CA ASP A 1823 -8.82 -11.58 14.97
C ASP A 1823 -9.11 -12.75 14.04
N ASP A 1824 -10.29 -13.33 14.17
CA ASP A 1824 -10.79 -14.35 13.26
C ASP A 1824 -12.02 -13.84 12.52
N SER A 1825 -11.96 -12.58 12.10
CA SER A 1825 -13.13 -11.86 11.59
C SER A 1825 -14.27 -11.94 12.59
N PHE A 1826 -13.94 -11.78 13.86
CA PHE A 1826 -14.88 -12.01 14.95
C PHE A 1826 -15.81 -10.81 15.08
N ASP A 1827 -17.11 -11.05 14.89
CA ASP A 1827 -18.09 -9.98 14.96
C ASP A 1827 -18.19 -9.45 16.39
N TYR A 1828 -18.54 -8.17 16.50
CA TYR A 1828 -18.66 -7.55 17.82
C TYR A 1828 -19.99 -7.87 18.51
N GLN A 1829 -21.08 -7.93 17.75
CA GLN A 1829 -22.38 -8.17 18.36
C GLN A 1829 -22.44 -9.54 19.01
N VAL A 1830 -21.92 -10.57 18.32
CA VAL A 1830 -21.89 -11.90 18.92
C VAL A 1830 -21.03 -11.91 20.17
N LEU A 1831 -19.92 -11.14 20.16
CA LEU A 1831 -19.07 -11.06 21.34
C LEU A 1831 -19.80 -10.38 22.49
N SER A 1832 -20.59 -9.35 22.18
CA SER A 1832 -21.37 -8.69 23.23
C SER A 1832 -22.41 -9.64 23.82
N ARG A 1833 -23.05 -10.43 22.97
CA ARG A 1833 -23.98 -11.44 23.45
C ARG A 1833 -23.29 -12.45 24.35
N LEU A 1834 -22.10 -12.91 23.94
CA LEU A 1834 -21.33 -13.83 24.76
C LEU A 1834 -20.95 -13.21 26.09
N LEU A 1835 -20.58 -11.93 26.08
CA LEU A 1835 -20.23 -11.24 27.31
C LEU A 1835 -21.42 -11.16 28.27
N VAL A 1836 -22.60 -10.87 27.73
CA VAL A 1836 -23.80 -10.85 28.57
C VAL A 1836 -24.05 -12.23 29.16
N GLY A 1837 -23.89 -13.27 28.35
CA GLY A 1837 -24.04 -14.62 28.86
C GLY A 1837 -23.05 -14.96 29.94
N ILE A 1838 -21.79 -14.51 29.77
CA ILE A 1838 -20.77 -14.74 30.78
C ILE A 1838 -21.13 -14.05 32.08
N THR A 1839 -21.59 -12.80 31.98
CA THR A 1839 -21.96 -12.06 33.18
C THR A 1839 -23.13 -12.73 33.91
N GLN A 1840 -24.13 -13.18 33.16
CA GLN A 1840 -25.31 -13.72 33.81
C GLN A 1840 -25.07 -15.12 34.37
N ILE A 1841 -24.31 -15.95 33.66
CA ILE A 1841 -24.04 -17.30 34.13
C ILE A 1841 -23.05 -17.27 35.29
N GLY A 1842 -21.94 -16.57 35.11
CA GLY A 1842 -20.85 -16.61 36.05
C GLY A 1842 -19.61 -17.36 35.58
N ALA A 1843 -19.52 -17.67 34.30
CA ALA A 1843 -18.38 -18.40 33.79
C ALA A 1843 -17.17 -17.48 33.64
N TRP A 1844 -16.02 -18.08 33.37
CA TRP A 1844 -14.77 -17.35 33.17
C TRP A 1844 -14.53 -17.16 31.69
N GLY A 1845 -14.42 -15.91 31.26
CA GLY A 1845 -14.19 -15.63 29.85
C GLY A 1845 -12.77 -15.24 29.55
N CYS A 1846 -12.11 -15.96 28.65
CA CYS A 1846 -10.71 -15.70 28.29
C CYS A 1846 -10.65 -15.18 26.87
N PHE A 1847 -10.09 -13.99 26.69
CA PHE A 1847 -9.89 -13.40 25.36
C PHE A 1847 -8.55 -13.89 24.84
N ASP A 1848 -8.58 -14.85 23.92
CA ASP A 1848 -7.36 -15.37 23.32
C ASP A 1848 -6.86 -14.42 22.25
N GLU A 1849 -5.56 -14.11 22.28
CA GLU A 1849 -4.94 -13.24 21.28
C GLU A 1849 -5.66 -11.91 21.19
N PHE A 1850 -5.92 -11.32 22.37
CA PHE A 1850 -6.70 -10.09 22.46
C PHE A 1850 -6.01 -8.89 21.84
N ASN A 1851 -4.69 -8.95 21.66
CA ASN A 1851 -3.94 -7.80 21.16
C ASN A 1851 -4.18 -7.54 19.68
N ARG A 1852 -4.89 -8.42 18.97
CA ARG A 1852 -5.15 -8.26 17.53
C ARG A 1852 -6.64 -8.05 17.33
N LEU A 1853 -7.06 -6.80 17.26
CA LEU A 1853 -8.45 -6.44 17.03
C LEU A 1853 -8.50 -5.11 16.31
N ASP A 1854 -9.62 -4.85 15.63
CA ASP A 1854 -9.84 -3.55 15.02
C ASP A 1854 -9.96 -2.48 16.11
N GLU A 1855 -9.50 -1.27 15.78
CA GLU A 1855 -9.37 -0.23 16.80
C GLU A 1855 -10.73 0.12 17.40
N LYS A 1856 -11.76 0.31 16.56
CA LYS A 1856 -13.09 0.59 17.08
C LYS A 1856 -13.63 -0.60 17.87
N VAL A 1857 -13.44 -1.81 17.33
CA VAL A 1857 -13.88 -3.00 18.04
C VAL A 1857 -13.12 -3.16 19.34
N LEU A 1858 -11.81 -2.90 19.31
CA LEU A 1858 -11.02 -3.00 20.53
C LEU A 1858 -11.50 -2.01 21.58
N SER A 1859 -11.82 -0.78 21.17
CA SER A 1859 -12.32 0.20 22.13
C SER A 1859 -13.66 -0.22 22.70
N ALA A 1860 -14.56 -0.73 21.86
CA ALA A 1860 -15.87 -1.15 22.35
C ALA A 1860 -15.76 -2.31 23.33
N VAL A 1861 -14.97 -3.33 22.97
CA VAL A 1861 -14.84 -4.48 23.84
C VAL A 1861 -14.10 -4.11 25.12
N SER A 1862 -13.14 -3.18 25.07
CA SER A 1862 -12.46 -2.75 26.28
C SER A 1862 -13.42 -1.98 27.18
N ALA A 1863 -14.31 -1.17 26.60
CA ALA A 1863 -15.32 -0.51 27.41
C ALA A 1863 -16.23 -1.52 28.09
N ASN A 1864 -16.65 -2.56 27.36
CA ASN A 1864 -17.50 -3.58 27.95
C ASN A 1864 -16.77 -4.32 29.08
N ILE A 1865 -15.51 -4.69 28.85
CA ILE A 1865 -14.75 -5.40 29.86
C ILE A 1865 -14.53 -4.53 31.08
N GLN A 1866 -14.30 -3.23 30.87
CA GLN A 1866 -14.15 -2.31 32.00
C GLN A 1866 -15.44 -2.21 32.78
N GLN A 1867 -16.58 -2.19 32.08
CA GLN A 1867 -17.87 -2.20 32.77
C GLN A 1867 -18.01 -3.43 33.65
N ILE A 1868 -17.71 -4.60 33.10
CA ILE A 1868 -17.83 -5.84 33.85
C ILE A 1868 -16.91 -5.83 35.06
N GLN A 1869 -15.65 -5.42 34.85
CA GLN A 1869 -14.66 -5.43 35.93
C GLN A 1869 -15.01 -4.42 37.02
N ASN A 1870 -15.51 -3.25 36.63
CA ASN A 1870 -15.94 -2.28 37.63
C ASN A 1870 -17.10 -2.81 38.44
N GLY A 1871 -18.07 -3.46 37.78
CA GLY A 1871 -19.17 -4.06 38.51
C GLY A 1871 -18.70 -5.13 39.48
N LEU A 1872 -17.71 -5.92 39.06
CA LEU A 1872 -17.18 -6.96 39.94
C LEU A 1872 -16.45 -6.36 41.14
N GLN A 1873 -15.61 -5.34 40.89
CA GLN A 1873 -14.82 -4.75 41.96
C GLN A 1873 -15.69 -4.05 42.98
N VAL A 1874 -16.66 -3.25 42.50
CA VAL A 1874 -17.53 -2.54 43.43
C VAL A 1874 -18.42 -3.50 44.19
N GLY A 1875 -18.88 -4.57 43.54
CA GLY A 1875 -19.85 -5.46 44.10
C GLY A 1875 -21.27 -5.15 43.69
N LYS A 1876 -21.48 -4.18 42.81
CA LYS A 1876 -22.82 -3.85 42.34
C LYS A 1876 -23.35 -4.95 41.44
N SER A 1877 -24.67 -5.10 41.42
CA SER A 1877 -25.36 -6.00 40.53
C SER A 1877 -26.08 -5.20 39.45
N HIS A 1878 -26.50 -5.91 38.41
CA HIS A 1878 -27.24 -5.30 37.30
C HIS A 1878 -26.43 -4.19 36.63
N ILE A 1879 -25.31 -4.58 36.03
CA ILE A 1879 -24.49 -3.61 35.30
C ILE A 1879 -25.17 -3.24 33.98
N THR A 1880 -24.72 -2.14 33.41
CA THR A 1880 -25.31 -1.57 32.19
C THR A 1880 -24.37 -1.82 31.02
N LEU A 1881 -24.79 -2.68 30.11
CA LEU A 1881 -24.06 -2.91 28.86
C LEU A 1881 -25.06 -3.42 27.83
N LEU A 1882 -24.66 -3.36 26.57
CA LEU A 1882 -25.53 -3.73 25.45
C LEU A 1882 -26.79 -2.86 25.43
N GLU A 1883 -26.68 -1.64 25.97
CA GLU A 1883 -27.83 -0.76 26.16
C GLU A 1883 -28.92 -1.44 26.96
N GLU A 1884 -28.53 -2.16 28.01
CA GLU A 1884 -29.47 -2.88 28.84
C GLU A 1884 -28.85 -3.11 30.21
N GLU A 1885 -29.70 -3.12 31.24
CA GLU A 1885 -29.28 -3.43 32.59
C GLU A 1885 -29.49 -4.92 32.83
N THR A 1886 -28.40 -5.64 33.11
CA THR A 1886 -28.47 -7.08 33.30
C THR A 1886 -27.82 -7.47 34.62
N PRO A 1887 -28.28 -8.55 35.24
CA PRO A 1887 -27.64 -9.01 36.48
C PRO A 1887 -26.21 -9.44 36.22
N LEU A 1888 -25.37 -9.26 37.24
CA LEU A 1888 -23.95 -9.60 37.17
C LEU A 1888 -23.64 -10.56 38.31
N SER A 1889 -23.47 -11.83 37.98
CA SER A 1889 -23.13 -12.82 39.00
C SER A 1889 -21.72 -12.54 39.53
N PRO A 1890 -21.50 -12.59 40.84
CA PRO A 1890 -20.19 -12.24 41.39
C PRO A 1890 -19.09 -13.25 41.12
N HIS A 1891 -19.40 -14.39 40.50
CA HIS A 1891 -18.40 -15.39 40.17
C HIS A 1891 -17.80 -15.19 38.79
N THR A 1892 -18.22 -14.15 38.06
CA THR A 1892 -17.68 -13.87 36.75
C THR A 1892 -16.21 -13.47 36.85
N ALA A 1893 -15.45 -13.77 35.80
CA ALA A 1893 -14.08 -13.32 35.72
C ALA A 1893 -13.68 -13.19 34.26
N VAL A 1894 -12.77 -12.26 34.00
CA VAL A 1894 -12.29 -11.97 32.65
C VAL A 1894 -10.77 -12.11 32.64
N PHE A 1895 -10.28 -12.87 31.67
CA PHE A 1895 -8.85 -13.01 31.44
C PHE A 1895 -8.55 -12.59 30.01
N ILE A 1896 -7.32 -12.16 29.78
CA ILE A 1896 -6.87 -11.65 28.50
C ILE A 1896 -5.50 -12.24 28.22
N THR A 1897 -5.22 -12.61 26.98
CA THR A 1897 -3.89 -13.04 26.57
C THR A 1897 -3.45 -12.19 25.39
N LEU A 1898 -2.32 -11.50 25.56
CA LEU A 1898 -1.81 -10.58 24.54
C LEU A 1898 -0.57 -11.17 23.88
N ASN A 1899 -0.62 -11.27 22.57
CA ASN A 1899 0.51 -11.75 21.78
C ASN A 1899 1.43 -10.60 21.41
N PRO A 1900 2.71 -10.88 21.15
CA PRO A 1900 3.63 -9.81 20.75
C PRO A 1900 3.35 -9.40 19.30
N GLY A 1901 3.15 -8.10 19.10
CA GLY A 1901 2.87 -7.56 17.78
C GLY A 1901 4.14 -7.23 17.01
N TYR A 1902 3.93 -6.56 15.87
CA TYR A 1902 5.05 -6.14 15.05
C TYR A 1902 5.94 -5.14 15.78
N ASN A 1903 5.36 -4.29 16.62
CA ASN A 1903 6.11 -3.31 17.39
C ASN A 1903 6.87 -3.92 18.55
N GLY A 1904 6.80 -5.23 18.73
CA GLY A 1904 7.46 -5.88 19.86
C GLY A 1904 6.47 -6.31 20.92
N ARG A 1905 6.41 -5.56 22.01
CA ARG A 1905 5.53 -5.89 23.13
C ARG A 1905 4.17 -5.21 22.95
N SER A 1906 3.12 -5.90 23.36
CA SER A 1906 1.76 -5.39 23.31
C SER A 1906 1.19 -5.28 24.72
N GLU A 1907 0.49 -4.19 25.00
CA GLU A 1907 -0.10 -3.94 26.31
C GLU A 1907 -1.59 -3.66 26.18
N LEU A 1908 -2.25 -3.62 27.33
CA LEU A 1908 -3.68 -3.43 27.40
C LEU A 1908 -4.05 -2.00 27.05
N PRO A 1909 -5.30 -1.76 26.68
CA PRO A 1909 -5.78 -0.37 26.55
C PRO A 1909 -5.72 0.35 27.89
N GLU A 1910 -5.70 1.67 27.82
CA GLU A 1910 -5.50 2.47 29.03
C GLU A 1910 -6.61 2.26 30.03
N ASN A 1911 -7.86 2.11 29.57
CA ASN A 1911 -8.99 1.95 30.48
C ASN A 1911 -8.94 0.63 31.24
N LEU A 1912 -8.19 -0.35 30.75
CA LEU A 1912 -8.10 -1.65 31.41
C LEU A 1912 -6.88 -1.78 32.32
N LYS A 1913 -5.86 -0.95 32.13
CA LYS A 1913 -4.63 -1.09 32.91
C LYS A 1913 -4.87 -0.87 34.41
N LYS A 1914 -5.94 -0.17 34.77
CA LYS A 1914 -6.27 0.07 36.17
C LYS A 1914 -7.11 -1.05 36.77
N SER A 1915 -7.43 -2.08 36.00
CA SER A 1915 -8.26 -3.17 36.49
C SER A 1915 -7.73 -4.56 36.12
N PHE A 1916 -6.58 -4.65 35.47
CA PHE A 1916 -5.99 -5.93 35.10
C PHE A 1916 -4.56 -5.99 35.61
N ARG A 1917 -4.18 -7.14 36.17
CA ARG A 1917 -2.84 -7.36 36.67
C ARG A 1917 -2.08 -8.20 35.66
N GLU A 1918 -1.23 -7.54 34.87
CA GLU A 1918 -0.48 -8.22 33.83
C GLU A 1918 0.54 -9.17 34.43
N PHE A 1919 0.86 -10.22 33.68
CA PHE A 1919 1.91 -11.16 34.05
C PHE A 1919 2.61 -11.64 32.80
N SER A 1920 3.93 -11.83 32.90
CA SER A 1920 4.75 -12.22 31.75
C SER A 1920 4.96 -13.72 31.77
N MET A 1921 4.54 -14.38 30.69
CA MET A 1921 4.72 -15.82 30.56
C MET A 1921 6.01 -16.12 29.80
N LYS A 1922 6.65 -17.23 30.16
CA LYS A 1922 7.90 -17.64 29.55
C LYS A 1922 7.83 -19.13 29.23
N SER A 1923 8.72 -19.58 28.35
CA SER A 1923 8.83 -21.00 28.07
C SER A 1923 9.41 -21.72 29.29
N PRO A 1924 8.90 -22.91 29.61
CA PRO A 1924 9.36 -23.59 30.82
C PRO A 1924 10.81 -24.03 30.70
N GLN A 1925 11.43 -24.21 31.88
CA GLN A 1925 12.78 -24.75 31.92
C GLN A 1925 12.81 -26.14 31.30
N SER A 1926 13.86 -26.41 30.51
CA SER A 1926 13.91 -27.65 29.76
C SER A 1926 14.00 -28.86 30.68
N GLY A 1927 14.82 -28.78 31.73
CA GLY A 1927 15.09 -29.95 32.55
C GLY A 1927 13.86 -30.46 33.28
N THR A 1928 13.09 -29.55 33.86
CA THR A 1928 11.96 -29.95 34.69
C THR A 1928 10.94 -30.75 33.88
N ILE A 1929 10.49 -30.19 32.75
CA ILE A 1929 9.49 -30.89 31.97
C ILE A 1929 10.09 -32.02 31.14
N ALA A 1930 11.39 -32.01 30.87
CA ALA A 1930 12.04 -33.19 30.31
C ALA A 1930 11.91 -34.36 31.27
N GLU A 1931 12.24 -34.13 32.55
CA GLU A 1931 12.08 -35.17 33.56
C GLU A 1931 10.63 -35.58 33.68
N MET A 1932 9.70 -34.62 33.64
CA MET A 1932 8.29 -34.94 33.75
C MET A 1932 7.83 -35.84 32.61
N ILE A 1933 8.26 -35.56 31.38
CA ILE A 1933 7.83 -36.38 30.25
C ILE A 1933 8.46 -37.77 30.31
N LEU A 1934 9.75 -37.84 30.63
CA LEU A 1934 10.39 -39.15 30.79
C LEU A 1934 9.70 -39.95 31.89
N GLN A 1935 9.15 -39.26 32.90
CA GLN A 1935 8.38 -39.95 33.94
C GLN A 1935 6.99 -40.32 33.44
N ILE A 1936 6.44 -39.54 32.50
CA ILE A 1936 5.20 -39.94 31.84
C ILE A 1936 5.38 -41.30 31.20
N MET A 1937 6.46 -41.50 30.46
CA MET A 1937 6.76 -42.84 30.00
C MET A 1937 7.39 -43.65 31.13
N GLY A 1938 7.51 -44.96 30.92
CA GLY A 1938 8.04 -45.82 31.96
C GLY A 1938 9.56 -45.82 32.04
N PHE A 1939 10.17 -44.65 31.91
CA PHE A 1939 11.63 -44.56 31.89
C PHE A 1939 12.20 -44.64 33.30
N GLU A 1940 13.22 -45.48 33.47
CA GLU A 1940 13.94 -45.55 34.72
C GLU A 1940 15.07 -44.52 34.74
N ASP A 1941 15.42 -44.07 35.94
CA ASP A 1941 16.42 -43.01 36.12
C ASP A 1941 16.06 -41.78 35.28
N SER A 1942 14.78 -41.41 35.31
CA SER A 1942 14.28 -40.35 34.44
C SER A 1942 14.96 -39.02 34.71
N LYS A 1943 15.31 -38.76 35.98
CA LYS A 1943 16.01 -37.52 36.30
C LYS A 1943 17.37 -37.47 35.62
N SER A 1944 18.15 -38.55 35.75
CA SER A 1944 19.47 -38.58 35.13
C SER A 1944 19.38 -38.52 33.62
N LEU A 1945 18.42 -39.25 33.03
CA LEU A 1945 18.24 -39.22 31.58
C LEU A 1945 17.89 -37.81 31.10
N ALA A 1946 16.97 -37.15 31.81
CA ALA A 1946 16.58 -35.80 31.40
C ALA A 1946 17.74 -34.82 31.53
N SER A 1947 18.51 -34.92 32.62
CA SER A 1947 19.66 -34.04 32.77
C SER A 1947 20.68 -34.28 31.67
N LYS A 1948 20.94 -35.56 31.35
CA LYS A 1948 21.89 -35.87 30.29
C LYS A 1948 21.39 -35.37 28.94
N ILE A 1949 20.09 -35.51 28.65
CA ILE A 1949 19.56 -35.05 27.38
C ILE A 1949 19.71 -33.53 27.26
N VAL A 1950 19.34 -32.81 28.32
CA VAL A 1950 19.42 -31.36 28.29
C VAL A 1950 20.87 -30.91 28.14
N HIS A 1951 21.77 -31.55 28.88
CA HIS A 1951 23.19 -31.21 28.78
C HIS A 1951 23.71 -31.48 27.38
N PHE A 1952 23.31 -32.61 26.77
CA PHE A 1952 23.74 -32.92 25.42
C PHE A 1952 23.22 -31.89 24.43
N LEU A 1953 21.97 -31.46 24.58
CA LEU A 1953 21.40 -30.47 23.67
C LEU A 1953 22.13 -29.13 23.79
N GLU A 1954 22.37 -28.67 25.01
CA GLU A 1954 23.09 -27.42 25.19
C GLU A 1954 24.52 -27.54 24.66
N LEU A 1955 25.15 -28.69 24.88
CA LEU A 1955 26.50 -28.91 24.38
C LEU A 1955 26.54 -28.87 22.86
N LEU A 1956 25.55 -29.48 22.20
CA LEU A 1956 25.46 -29.42 20.75
C LEU A 1956 25.27 -27.98 20.29
N SER A 1957 24.38 -27.24 20.94
CA SER A 1957 24.15 -25.85 20.55
C SER A 1957 25.40 -25.01 20.72
N SER A 1958 26.25 -25.36 21.68
CA SER A 1958 27.46 -24.59 21.92
C SER A 1958 28.61 -25.00 21.00
N LYS A 1959 28.66 -26.26 20.57
CA LYS A 1959 29.79 -26.75 19.79
C LYS A 1959 29.52 -26.80 18.29
N CYS A 1960 28.32 -27.21 17.88
CA CYS A 1960 28.03 -27.35 16.46
C CYS A 1960 28.06 -25.99 15.77
N SER A 1961 28.47 -26.00 14.51
CA SER A 1961 28.53 -24.77 13.73
C SER A 1961 27.14 -24.18 13.57
N SER A 1962 27.06 -22.84 13.58
CA SER A 1962 25.78 -22.17 13.48
C SER A 1962 25.13 -22.45 12.13
N MET A 1963 23.81 -22.60 12.14
CA MET A 1963 23.05 -22.80 10.92
C MET A 1963 21.63 -22.28 11.14
N ASN A 1964 20.94 -22.01 10.03
CA ASN A 1964 19.61 -21.44 10.13
C ASN A 1964 18.59 -22.41 10.71
N HIS A 1965 18.69 -23.69 10.35
CA HIS A 1965 17.72 -24.69 10.79
C HIS A 1965 18.17 -25.43 12.04
N TYR A 1966 19.31 -25.06 12.61
CA TYR A 1966 19.80 -25.69 13.84
C TYR A 1966 19.05 -25.09 15.01
N HIS A 1967 18.11 -25.85 15.56
CA HIS A 1967 17.28 -25.39 16.66
C HIS A 1967 17.27 -26.46 17.73
N PHE A 1968 17.94 -26.20 18.84
CA PHE A 1968 18.06 -27.16 19.95
C PHE A 1968 17.36 -26.64 21.20
N GLY A 1969 16.23 -25.98 21.03
CA GLY A 1969 15.47 -25.45 22.15
C GLY A 1969 14.57 -26.51 22.76
N LEU A 1970 13.53 -26.05 23.45
CA LEU A 1970 12.60 -26.97 24.09
C LEU A 1970 11.81 -27.76 23.05
N ARG A 1971 11.46 -27.13 21.93
CA ARG A 1971 10.67 -27.80 20.91
C ARG A 1971 11.41 -29.02 20.36
N THR A 1972 12.73 -28.88 20.17
CA THR A 1972 13.53 -30.01 19.72
C THR A 1972 13.51 -31.14 20.76
N LEU A 1973 13.59 -30.79 22.04
CA LEU A 1973 13.49 -31.79 23.10
C LEU A 1973 12.16 -32.52 23.06
N LYS A 1974 11.07 -31.78 22.90
CA LYS A 1974 9.76 -32.42 22.87
C LYS A 1974 9.62 -33.30 21.64
N GLY A 1975 10.19 -32.88 20.51
CA GLY A 1975 10.19 -33.73 19.33
C GLY A 1975 10.98 -35.01 19.53
N VAL A 1976 12.13 -34.91 20.20
CA VAL A 1976 12.92 -36.10 20.50
C VAL A 1976 12.12 -37.06 21.37
N LEU A 1977 11.44 -36.54 22.39
CA LEU A 1977 10.67 -37.41 23.26
C LEU A 1977 9.47 -38.02 22.54
N ARG A 1978 8.79 -37.25 21.68
CA ARG A 1978 7.67 -37.81 20.94
C ARG A 1978 8.11 -38.91 19.99
N ASN A 1979 9.27 -38.73 19.34
CA ASN A 1979 9.76 -39.80 18.48
C ASN A 1979 10.26 -40.98 19.30
N CYS A 1980 10.74 -40.73 20.52
CA CYS A 1980 11.12 -41.81 21.41
C CYS A 1980 9.93 -42.61 21.92
N SER A 1981 8.74 -41.99 21.93
CA SER A 1981 7.57 -42.68 22.45
C SER A 1981 7.23 -43.97 21.71
N PRO A 1982 7.09 -44.00 20.38
CA PRO A 1982 6.71 -45.26 19.71
C PRO A 1982 7.84 -46.27 19.62
N LEU A 1983 9.09 -45.85 19.80
CA LEU A 1983 10.22 -46.76 19.76
C LEU A 1983 10.27 -47.69 20.96
N ILE A 1984 9.44 -47.45 21.98
CA ILE A 1984 9.44 -48.27 23.17
C ILE A 1984 9.06 -49.71 22.85
N SER A 1985 8.21 -49.91 21.84
CA SER A 1985 7.80 -51.27 21.47
C SER A 1985 9.00 -52.11 21.02
N GLU A 1986 9.90 -51.51 20.23
CA GLU A 1986 11.04 -52.25 19.70
C GLU A 1986 12.07 -52.49 20.79
N PHE A 1987 12.62 -51.42 21.37
CA PHE A 1987 13.51 -51.57 22.50
C PHE A 1987 12.90 -50.89 23.73
N GLY A 1988 13.27 -51.37 24.91
CA GLY A 1988 12.69 -50.90 26.15
C GLY A 1988 12.94 -49.46 26.50
N GLU A 1989 12.74 -49.11 27.76
CA GLU A 1989 12.75 -47.72 28.23
C GLU A 1989 14.08 -47.31 28.83
N GLY A 1990 15.18 -47.83 28.29
CA GLY A 1990 16.50 -47.51 28.77
C GLY A 1990 17.09 -46.28 28.12
N GLU A 1991 18.42 -46.14 28.27
CA GLU A 1991 19.13 -45.01 27.67
C GLU A 1991 19.28 -45.17 26.17
N LYS A 1992 19.36 -46.42 25.69
CA LYS A 1992 19.61 -46.64 24.28
C LYS A 1992 18.40 -46.24 23.44
N THR A 1993 17.20 -46.28 24.02
CA THR A 1993 16.03 -45.77 23.29
C THR A 1993 16.16 -44.28 23.04
N VAL A 1994 16.60 -43.53 24.05
CA VAL A 1994 16.85 -42.11 23.87
C VAL A 1994 17.96 -41.88 22.85
N VAL A 1995 19.00 -42.70 22.90
CA VAL A 1995 20.09 -42.56 21.93
C VAL A 1995 19.58 -42.77 20.51
N GLU A 1996 18.76 -43.81 20.31
CA GLU A 1996 18.23 -44.08 18.98
C GLU A 1996 17.32 -42.95 18.51
N SER A 1997 16.47 -42.43 19.41
CA SER A 1997 15.61 -41.32 19.01
C SER A 1997 16.42 -40.08 18.65
N LEU A 1998 17.48 -39.80 19.41
CA LEU A 1998 18.35 -38.68 19.10
C LEU A 1998 19.02 -38.87 17.74
N LYS A 1999 19.48 -40.08 17.46
CA LYS A 1999 20.11 -40.35 16.18
C LYS A 1999 19.11 -40.36 15.03
N ARG A 2000 17.82 -40.53 15.33
CA ARG A 2000 16.79 -40.51 14.30
C ARG A 2000 16.15 -39.14 14.12
N VAL A 2001 16.37 -38.20 15.03
CA VAL A 2001 15.80 -36.86 14.94
C VAL A 2001 16.88 -35.81 14.69
N ILE A 2002 17.91 -35.78 15.53
CA ILE A 2002 18.90 -34.71 15.44
C ILE A 2002 19.91 -34.99 14.34
N LEU A 2003 20.37 -36.23 14.23
CA LEU A 2003 21.46 -36.54 13.32
C LEU A 2003 21.17 -36.22 11.86
N PRO A 2004 20.03 -36.61 11.28
CA PRO A 2004 19.81 -36.28 9.87
C PRO A 2004 19.80 -34.80 9.57
N SER A 2005 19.30 -33.98 10.49
CA SER A 2005 19.23 -32.54 10.25
C SER A 2005 20.57 -31.85 10.38
N LEU A 2006 21.61 -32.55 10.84
CA LEU A 2006 22.91 -31.95 11.04
C LEU A 2006 23.74 -31.99 9.75
N GLY A 2007 24.68 -31.05 9.65
CA GLY A 2007 25.56 -30.98 8.50
C GLY A 2007 26.63 -32.05 8.54
N ASP A 2008 27.50 -31.99 7.52
CA ASP A 2008 28.55 -33.00 7.40
C ASP A 2008 29.61 -32.83 8.48
N THR A 2009 30.04 -31.59 8.73
CA THR A 2009 31.11 -31.37 9.70
C THR A 2009 30.62 -31.54 11.12
N ASP A 2010 29.33 -31.34 11.38
CA ASP A 2010 28.78 -31.47 12.72
C ASP A 2010 28.40 -32.90 13.07
N GLU A 2011 28.39 -33.82 12.09
CA GLU A 2011 28.04 -35.20 12.39
C GLU A 2011 29.08 -35.85 13.30
N LEU A 2012 30.37 -35.56 13.07
CA LEU A 2012 31.40 -36.11 13.95
C LEU A 2012 31.28 -35.57 15.36
N VAL A 2013 30.94 -34.28 15.49
CA VAL A 2013 30.66 -33.71 16.80
C VAL A 2013 29.51 -34.44 17.46
N PHE A 2014 28.42 -34.66 16.72
CA PHE A 2014 27.29 -35.39 17.28
C PHE A 2014 27.73 -36.77 17.77
N LYS A 2015 28.48 -37.51 16.95
CA LYS A 2015 28.87 -38.85 17.32
C LYS A 2015 29.74 -38.88 18.57
N ASP A 2016 30.78 -38.03 18.60
CA ASP A 2016 31.72 -38.13 19.73
C ASP A 2016 31.11 -37.57 21.01
N GLU A 2017 30.29 -36.51 20.93
CA GLU A 2017 29.62 -36.04 22.12
C GLU A 2017 28.57 -37.03 22.61
N LEU A 2018 27.89 -37.73 21.70
CA LEU A 2018 26.96 -38.78 22.11
C LEU A 2018 27.71 -39.91 22.82
N SER A 2019 28.89 -40.26 22.31
CA SER A 2019 29.68 -41.30 22.96
C SER A 2019 30.14 -40.86 24.34
N LYS A 2020 30.59 -39.61 24.48
CA LYS A 2020 31.17 -39.16 25.74
C LYS A 2020 30.14 -38.64 26.74
N ILE A 2021 28.88 -38.50 26.34
CA ILE A 2021 27.82 -38.11 27.27
C ILE A 2021 26.99 -39.32 27.68
N PHE A 2022 26.44 -40.05 26.70
CA PHE A 2022 25.73 -41.28 26.96
C PHE A 2022 26.73 -42.42 27.00
N ASP A 2023 26.77 -43.15 28.12
CA ASP A 2023 27.76 -44.20 28.30
C ASP A 2023 27.57 -45.31 27.27
N SER A 2024 26.31 -45.66 26.98
CA SER A 2024 26.00 -46.74 26.07
C SER A 2024 25.60 -46.19 24.71
N ALA A 2025 26.22 -46.73 23.65
CA ALA A 2025 25.88 -46.40 22.28
C ALA A 2025 25.25 -47.63 21.64
N GLY A 2026 24.00 -47.50 21.19
CA GLY A 2026 23.25 -48.64 20.71
C GLY A 2026 23.51 -48.95 19.24
N THR A 2027 22.77 -49.94 18.75
CA THR A 2027 22.79 -50.35 17.36
C THR A 2027 21.37 -50.46 16.84
N PRO A 2028 21.14 -50.18 15.55
CA PRO A 2028 19.79 -50.28 15.00
C PRO A 2028 19.47 -51.69 14.53
N LEU A 2029 18.21 -52.08 14.70
CA LEU A 2029 17.72 -53.36 14.24
C LEU A 2029 16.99 -53.18 12.91
N ASN A 2030 16.47 -54.28 12.38
CA ASN A 2030 15.82 -54.30 11.07
C ASN A 2030 16.75 -53.74 10.00
N SER A 2031 17.98 -54.24 9.99
CA SER A 2031 19.00 -53.73 9.09
C SER A 2031 19.05 -54.50 7.77
N LYS A 2032 19.28 -55.81 7.84
CA LYS A 2032 19.59 -56.58 6.63
C LYS A 2032 18.44 -56.54 5.63
N ALA A 2033 17.20 -56.73 6.11
CA ALA A 2033 16.07 -56.86 5.19
C ALA A 2033 15.85 -55.56 4.42
N ILE A 2034 15.75 -54.44 5.13
CA ILE A 2034 15.45 -53.18 4.44
C ILE A 2034 16.65 -52.69 3.64
N VAL A 2035 17.87 -52.98 4.09
CA VAL A 2035 19.04 -52.59 3.31
C VAL A 2035 19.07 -53.36 1.99
N GLN A 2036 18.79 -54.67 2.04
CA GLN A 2036 18.75 -55.46 0.81
C GLN A 2036 17.61 -54.98 -0.09
N CYS A 2037 16.47 -54.64 0.49
CA CYS A 2037 15.35 -54.17 -0.32
C CYS A 2037 15.67 -52.81 -0.97
N LEU A 2038 16.34 -51.93 -0.24
CA LEU A 2038 16.78 -50.65 -0.80
C LEU A 2038 17.77 -50.87 -1.93
N LYS A 2039 18.72 -51.79 -1.74
CA LYS A 2039 19.68 -52.08 -2.80
C LYS A 2039 18.97 -52.62 -4.03
N ASP A 2040 17.98 -53.49 -3.85
CA ASP A 2040 17.21 -53.99 -4.98
C ASP A 2040 16.48 -52.85 -5.70
N ALA A 2041 15.73 -52.04 -4.95
CA ALA A 2041 14.95 -50.97 -5.55
C ALA A 2041 15.81 -49.88 -6.15
N GLY A 2042 17.07 -49.79 -5.76
CA GLY A 2042 17.96 -48.81 -6.35
C GLY A 2042 18.66 -49.33 -7.59
N GLN A 2043 19.26 -50.51 -7.50
CA GLN A 2043 19.90 -51.10 -8.67
C GLN A 2043 18.90 -51.47 -9.74
N ARG A 2044 17.60 -51.55 -9.41
CA ARG A 2044 16.59 -51.76 -10.43
C ARG A 2044 16.35 -50.49 -11.24
N SER A 2045 16.47 -49.33 -10.60
CA SER A 2045 16.28 -48.06 -11.28
C SER A 2045 17.58 -47.46 -11.80
N GLY A 2046 18.69 -48.15 -11.65
CA GLY A 2046 19.97 -47.67 -12.14
C GLY A 2046 20.79 -46.88 -11.15
N PHE A 2047 20.22 -46.51 -10.01
CA PHE A 2047 20.94 -45.72 -9.01
C PHE A 2047 22.11 -46.52 -8.45
N SER A 2048 23.13 -45.81 -8.01
CA SER A 2048 24.32 -46.41 -7.44
C SER A 2048 24.22 -46.40 -5.92
N MET A 2049 24.31 -47.57 -5.30
CA MET A 2049 24.23 -47.71 -3.85
C MET A 2049 25.58 -47.44 -3.22
N SER A 2050 25.94 -46.16 -3.19
CA SER A 2050 27.13 -45.75 -2.47
C SER A 2050 26.83 -45.67 -0.98
N GLU A 2051 27.88 -45.43 -0.18
CA GLU A 2051 27.68 -45.32 1.25
C GLU A 2051 26.82 -44.11 1.61
N GLU A 2052 27.03 -42.99 0.92
CA GLU A 2052 26.27 -41.78 1.25
C GLU A 2052 24.81 -41.91 0.84
N PHE A 2053 24.55 -42.44 -0.35
CA PHE A 2053 23.17 -42.59 -0.78
C PHE A 2053 22.42 -43.56 0.12
N LEU A 2054 23.06 -44.68 0.47
CA LEU A 2054 22.42 -45.63 1.37
C LEU A 2054 22.18 -45.02 2.74
N LYS A 2055 23.14 -44.22 3.21
CA LYS A 2055 22.97 -43.54 4.50
C LYS A 2055 21.77 -42.61 4.47
N LYS A 2056 21.64 -41.82 3.41
CA LYS A 2056 20.52 -40.89 3.32
C LYS A 2056 19.19 -41.64 3.19
N CYS A 2057 19.17 -42.72 2.40
CA CYS A 2057 17.94 -43.51 2.28
C CYS A 2057 17.55 -44.12 3.62
N MET A 2058 18.52 -44.65 4.36
CA MET A 2058 18.23 -45.24 5.66
C MET A 2058 17.71 -44.20 6.63
N GLN A 2059 18.33 -43.01 6.65
CA GLN A 2059 17.86 -41.94 7.51
C GLN A 2059 16.44 -41.54 7.16
N PHE A 2060 16.14 -41.43 5.87
CA PHE A 2060 14.79 -41.06 5.46
C PHE A 2060 13.78 -42.13 5.86
N TYR A 2061 14.14 -43.40 5.69
CA TYR A 2061 13.24 -44.49 6.05
C TYR A 2061 12.93 -44.46 7.54
N TYR A 2062 13.97 -44.36 8.36
CA TYR A 2062 13.76 -44.34 9.81
C TYR A 2062 12.96 -43.11 10.22
N MET A 2063 13.22 -41.96 9.60
CA MET A 2063 12.49 -40.75 9.96
C MET A 2063 11.02 -40.85 9.58
N GLN A 2064 10.72 -41.39 8.40
CA GLN A 2064 9.33 -41.53 7.99
C GLN A 2064 8.62 -42.63 8.75
N LYS A 2065 9.36 -43.54 9.40
CA LYS A 2065 8.72 -44.56 10.21
C LYS A 2065 7.78 -43.95 11.24
N THR A 2066 8.16 -42.82 11.83
CA THR A 2066 7.36 -42.17 12.86
C THR A 2066 6.84 -40.80 12.45
N GLN A 2067 7.65 -39.97 11.80
CA GLN A 2067 7.22 -38.65 11.41
C GLN A 2067 6.15 -38.73 10.31
N GLN A 2068 5.30 -37.71 10.26
CA GLN A 2068 4.27 -37.60 9.24
C GLN A 2068 4.57 -36.53 8.21
N ALA A 2069 5.18 -35.41 8.61
CA ALA A 2069 5.55 -34.34 7.70
C ALA A 2069 7.06 -34.34 7.55
N LEU A 2070 7.53 -34.45 6.31
CA LEU A 2070 8.95 -34.58 6.00
C LEU A 2070 9.41 -33.36 5.23
N ILE A 2071 10.64 -32.92 5.49
CA ILE A 2071 11.29 -31.90 4.70
C ILE A 2071 12.64 -32.44 4.26
N LEU A 2072 12.96 -32.27 2.98
CA LEU A 2072 14.26 -32.64 2.44
C LEU A 2072 14.92 -31.38 1.89
N VAL A 2073 16.08 -31.04 2.41
CA VAL A 2073 16.78 -29.82 2.03
C VAL A 2073 18.15 -30.17 1.48
N GLY A 2074 18.55 -29.46 0.43
CA GLY A 2074 19.83 -29.68 -0.21
C GLY A 2074 19.87 -28.97 -1.54
N LYS A 2075 21.04 -28.55 -1.99
CA LYS A 2075 21.14 -27.78 -3.22
C LYS A 2075 20.69 -28.64 -4.41
N ALA A 2076 20.37 -27.96 -5.51
CA ALA A 2076 19.79 -28.62 -6.66
C ALA A 2076 20.73 -29.70 -7.20
N GLY A 2077 20.22 -30.92 -7.33
CA GLY A 2077 20.99 -32.02 -7.84
C GLY A 2077 21.58 -32.94 -6.80
N CYS A 2078 21.31 -32.70 -5.51
CA CYS A 2078 21.82 -33.58 -4.47
C CYS A 2078 21.24 -34.98 -4.59
N GLY A 2079 19.95 -35.09 -4.89
CA GLY A 2079 19.34 -36.40 -4.97
C GLY A 2079 18.14 -36.57 -4.06
N LYS A 2080 17.46 -35.47 -3.73
CA LYS A 2080 16.29 -35.56 -2.86
C LYS A 2080 15.22 -36.45 -3.48
N THR A 2081 14.87 -36.18 -4.73
CA THR A 2081 13.86 -37.00 -5.40
C THR A 2081 14.32 -38.44 -5.55
N ALA A 2082 15.58 -38.64 -5.92
CA ALA A 2082 16.10 -40.00 -6.02
C ALA A 2082 16.04 -40.71 -4.69
N THR A 2083 16.43 -40.02 -3.61
CA THR A 2083 16.40 -40.62 -2.28
C THR A 2083 15.00 -41.06 -1.89
N TRP A 2084 14.04 -40.14 -1.96
CA TRP A 2084 12.72 -40.51 -1.46
C TRP A 2084 12.02 -41.48 -2.40
N LYS A 2085 12.25 -41.39 -3.72
CA LYS A 2085 11.66 -42.38 -4.62
C LYS A 2085 12.24 -43.77 -4.36
N THR A 2086 13.55 -43.87 -4.12
CA THR A 2086 14.13 -45.16 -3.82
C THR A 2086 13.57 -45.73 -2.53
N VAL A 2087 13.40 -44.88 -1.51
CA VAL A 2087 12.84 -45.39 -0.26
C VAL A 2087 11.40 -45.82 -0.43
N ILE A 2088 10.63 -45.08 -1.23
CA ILE A 2088 9.23 -45.45 -1.49
C ILE A 2088 9.17 -46.81 -2.16
N ASP A 2089 10.01 -47.01 -3.18
CA ASP A 2089 10.02 -48.29 -3.88
C ASP A 2089 10.45 -49.42 -2.94
N ALA A 2090 11.46 -49.16 -2.11
CA ALA A 2090 11.92 -50.18 -1.18
C ALA A 2090 10.83 -50.58 -0.19
N MET A 2091 10.09 -49.60 0.34
CA MET A 2091 9.01 -49.96 1.26
C MET A 2091 7.87 -50.66 0.54
N ALA A 2092 7.60 -50.30 -0.71
CA ALA A 2092 6.56 -51.00 -1.47
C ALA A 2092 6.94 -52.46 -1.68
N ILE A 2093 8.20 -52.72 -2.01
CA ILE A 2093 8.64 -54.10 -2.20
C ILE A 2093 8.67 -54.85 -0.88
N PHE A 2094 9.05 -54.16 0.20
CA PHE A 2094 9.24 -54.82 1.49
C PHE A 2094 7.91 -55.19 2.13
N ASP A 2095 7.08 -54.19 2.45
CA ASP A 2095 5.81 -54.46 3.12
C ASP A 2095 4.80 -55.09 2.17
N GLY A 2096 4.78 -54.63 0.92
CA GLY A 2096 3.76 -55.01 -0.02
C GLY A 2096 2.66 -53.99 -0.21
N HIS A 2097 2.64 -52.94 0.60
CA HIS A 2097 1.68 -51.86 0.43
C HIS A 2097 1.91 -51.14 -0.89
N ALA A 2098 0.83 -50.78 -1.55
CA ALA A 2098 0.93 -49.96 -2.75
C ALA A 2098 1.26 -48.52 -2.38
N ASN A 2099 1.68 -47.75 -3.38
CA ASN A 2099 2.04 -46.36 -3.17
C ASN A 2099 1.29 -45.46 -4.14
N VAL A 2100 0.81 -44.34 -3.62
CA VAL A 2100 0.17 -43.30 -4.42
C VAL A 2100 0.90 -42.00 -4.16
N VAL A 2101 1.48 -41.42 -5.21
CA VAL A 2101 2.32 -40.24 -5.09
C VAL A 2101 1.67 -39.09 -5.85
N TYR A 2102 1.51 -37.96 -5.17
CA TYR A 2102 0.95 -36.75 -5.77
C TYR A 2102 2.02 -35.66 -5.66
N VAL A 2103 2.76 -35.43 -6.74
CA VAL A 2103 3.84 -34.46 -6.75
C VAL A 2103 3.24 -33.10 -7.11
N ILE A 2104 3.23 -32.18 -6.16
CA ILE A 2104 2.60 -30.87 -6.31
C ILE A 2104 3.67 -29.81 -6.15
N ASP A 2105 3.68 -28.83 -7.04
CA ASP A 2105 4.54 -27.66 -6.90
C ASP A 2105 3.72 -26.55 -6.24
N THR A 2106 4.07 -26.22 -5.00
CA THR A 2106 3.26 -25.28 -4.23
C THR A 2106 3.28 -23.90 -4.87
N LYS A 2107 4.46 -23.37 -5.16
CA LYS A 2107 4.57 -21.97 -5.54
C LYS A 2107 3.99 -21.69 -6.92
N VAL A 2108 3.85 -22.70 -7.78
CA VAL A 2108 3.19 -22.50 -9.06
C VAL A 2108 1.73 -22.15 -8.85
N LEU A 2109 1.08 -22.81 -7.89
CA LEU A 2109 -0.34 -22.65 -7.65
C LEU A 2109 -0.59 -21.62 -6.56
N THR A 2110 -1.58 -20.77 -6.77
CA THR A 2110 -1.96 -19.82 -5.73
C THR A 2110 -2.68 -20.55 -4.60
N LYS A 2111 -2.82 -19.86 -3.46
CA LYS A 2111 -3.44 -20.48 -2.30
C LYS A 2111 -4.87 -20.92 -2.58
N GLU A 2112 -5.59 -20.18 -3.41
CA GLU A 2112 -6.95 -20.57 -3.76
C GLU A 2112 -6.96 -21.90 -4.49
N SER A 2113 -6.01 -22.12 -5.39
CA SER A 2113 -5.96 -23.37 -6.14
C SER A 2113 -5.42 -24.53 -5.31
N LEU A 2114 -4.46 -24.26 -4.42
CA LEU A 2114 -3.84 -25.34 -3.67
C LEU A 2114 -4.75 -25.87 -2.57
N TYR A 2115 -5.35 -24.98 -1.78
CA TYR A 2115 -6.15 -25.37 -0.63
C TYR A 2115 -7.65 -25.32 -0.91
N GLY A 2116 -8.12 -24.28 -1.59
CA GLY A 2116 -9.53 -24.19 -1.89
C GLY A 2116 -10.02 -22.75 -1.99
N SER A 2117 -10.87 -22.48 -2.98
CA SER A 2117 -11.37 -21.15 -3.24
C SER A 2117 -12.87 -21.11 -2.97
N MET A 2118 -13.32 -20.02 -2.36
CA MET A 2118 -14.72 -19.80 -2.06
C MET A 2118 -15.23 -18.62 -2.89
N LEU A 2119 -16.37 -18.81 -3.55
CA LEU A 2119 -17.00 -17.73 -4.31
C LEU A 2119 -17.87 -16.94 -3.33
N LYS A 2120 -17.29 -15.86 -2.79
CA LYS A 2120 -17.99 -15.09 -1.78
C LYS A 2120 -19.23 -14.42 -2.34
N ALA A 2121 -19.24 -14.13 -3.64
CA ALA A 2121 -20.39 -13.52 -4.28
C ALA A 2121 -21.45 -14.51 -4.69
N THR A 2122 -21.18 -15.82 -4.58
CA THR A 2122 -22.15 -16.85 -4.94
C THR A 2122 -22.27 -17.94 -3.88
N LEU A 2123 -21.37 -17.99 -2.90
CA LEU A 2123 -21.47 -18.86 -1.73
C LEU A 2123 -21.30 -20.34 -2.06
N GLU A 2124 -20.34 -20.68 -2.90
CA GLU A 2124 -19.94 -22.07 -3.11
C GLU A 2124 -18.46 -22.22 -2.81
N TRP A 2125 -18.11 -23.29 -2.11
CA TRP A 2125 -16.72 -23.59 -1.80
C TRP A 2125 -16.17 -24.59 -2.82
N ARG A 2126 -15.02 -24.26 -3.40
CA ARG A 2126 -14.35 -25.15 -4.34
C ARG A 2126 -13.25 -25.92 -3.63
N ASP A 2127 -13.02 -27.14 -4.10
CA ASP A 2127 -12.08 -28.04 -3.40
C ASP A 2127 -10.66 -27.52 -3.47
N GLY A 2128 -10.17 -27.19 -4.65
CA GLY A 2128 -8.76 -26.96 -4.82
C GLY A 2128 -8.03 -28.27 -5.09
N LEU A 2129 -6.71 -28.24 -4.94
CA LEU A 2129 -5.93 -29.43 -5.28
C LEU A 2129 -5.64 -30.30 -4.07
N PHE A 2130 -5.10 -29.73 -3.00
CA PHE A 2130 -4.74 -30.54 -1.83
C PHE A 2130 -5.95 -31.17 -1.18
N THR A 2131 -7.02 -30.38 -1.00
CA THR A 2131 -8.21 -30.91 -0.36
C THR A 2131 -8.91 -31.95 -1.24
N SER A 2132 -8.82 -31.80 -2.56
CA SER A 2132 -9.44 -32.79 -3.43
C SER A 2132 -8.77 -34.14 -3.27
N ILE A 2133 -7.44 -34.18 -3.25
CA ILE A 2133 -6.74 -35.45 -3.09
C ILE A 2133 -6.79 -35.95 -1.66
N LEU A 2134 -7.08 -35.08 -0.69
CA LEU A 2134 -7.34 -35.57 0.67
C LEU A 2134 -8.71 -36.22 0.77
N ARG A 2135 -9.72 -35.60 0.15
CA ARG A 2135 -11.06 -36.19 0.14
C ARG A 2135 -11.09 -37.49 -0.63
N ARG A 2136 -10.36 -37.56 -1.75
CA ARG A 2136 -10.27 -38.80 -2.50
C ARG A 2136 -9.68 -39.91 -1.65
N VAL A 2137 -8.91 -39.55 -0.61
CA VAL A 2137 -8.36 -40.55 0.29
C VAL A 2137 -9.38 -40.93 1.36
N ASN A 2138 -9.94 -39.94 2.05
CA ASN A 2138 -10.87 -40.24 3.13
C ASN A 2138 -12.17 -40.83 2.61
N ASP A 2139 -12.78 -40.18 1.61
CA ASP A 2139 -14.12 -40.57 1.19
C ASP A 2139 -14.13 -41.91 0.48
N ASP A 2140 -13.23 -42.11 -0.48
CA ASP A 2140 -13.27 -43.30 -1.31
C ASP A 2140 -12.72 -44.51 -0.55
N ILE A 2141 -13.33 -45.67 -0.80
CA ILE A 2141 -12.85 -46.93 -0.25
C ILE A 2141 -12.69 -48.02 -1.30
N THR A 2142 -13.28 -47.87 -2.48
CA THR A 2142 -13.17 -48.90 -3.52
C THR A 2142 -11.72 -49.06 -3.98
N GLY A 2143 -11.02 -47.94 -4.17
CA GLY A 2143 -9.63 -48.01 -4.56
C GLY A 2143 -8.74 -48.50 -3.43
N THR A 2144 -7.52 -48.86 -3.78
CA THR A 2144 -6.56 -49.32 -2.79
C THR A 2144 -6.06 -48.14 -1.96
N PHE A 2145 -6.83 -47.73 -0.96
CA PHE A 2145 -6.50 -46.57 -0.15
C PHE A 2145 -6.32 -46.89 1.32
N LYS A 2146 -6.71 -48.08 1.77
CA LYS A 2146 -6.45 -48.51 3.15
C LYS A 2146 -5.20 -49.34 3.29
N ASN A 2147 -4.82 -50.09 2.25
CA ASN A 2147 -3.62 -50.92 2.26
C ASN A 2147 -2.45 -50.24 1.55
N SER A 2148 -2.59 -48.97 1.19
CA SER A 2148 -1.57 -48.26 0.44
C SER A 2148 -1.14 -47.01 1.21
N ARG A 2149 0.10 -46.58 0.98
CA ARG A 2149 0.65 -45.41 1.63
C ARG A 2149 0.54 -44.21 0.67
N ILE A 2150 -0.11 -43.16 1.13
CA ILE A 2150 -0.32 -41.96 0.33
C ILE A 2150 0.82 -40.99 0.61
N TRP A 2151 1.41 -40.46 -0.45
CA TRP A 2151 2.48 -39.48 -0.34
C TRP A 2151 2.12 -38.24 -1.14
N VAL A 2152 2.16 -37.08 -0.50
CA VAL A 2152 1.96 -35.80 -1.17
C VAL A 2152 3.28 -35.05 -1.09
N VAL A 2153 3.97 -34.94 -2.21
CA VAL A 2153 5.32 -34.39 -2.26
C VAL A 2153 5.22 -32.98 -2.80
N PHE A 2154 5.27 -31.99 -1.90
CA PHE A 2154 5.35 -30.59 -2.30
C PHE A 2154 6.76 -30.33 -2.80
N ASP A 2155 6.93 -30.41 -4.12
CA ASP A 2155 8.25 -30.38 -4.74
C ASP A 2155 8.60 -28.96 -5.20
N SER A 2156 8.57 -28.03 -4.26
CA SER A 2156 8.87 -26.64 -4.57
C SER A 2156 9.28 -25.92 -3.29
N ASP A 2157 9.80 -24.72 -3.47
CA ASP A 2157 10.21 -23.91 -2.34
C ASP A 2157 8.99 -23.59 -1.45
N LEU A 2158 9.18 -23.69 -0.15
CA LEU A 2158 8.10 -23.47 0.80
C LEU A 2158 8.25 -22.11 1.45
N ASP A 2159 7.12 -21.45 1.69
CA ASP A 2159 7.07 -20.13 2.30
C ASP A 2159 6.08 -20.15 3.45
N PRO A 2160 6.24 -19.27 4.44
CA PRO A 2160 5.36 -19.32 5.61
C PRO A 2160 3.89 -19.15 5.29
N GLU A 2161 3.56 -18.34 4.28
CA GLU A 2161 2.15 -18.10 3.96
C GLU A 2161 1.45 -19.38 3.52
N TYR A 2162 2.16 -20.23 2.76
CA TYR A 2162 1.55 -21.46 2.27
C TYR A 2162 1.39 -22.49 3.37
N VAL A 2163 2.40 -22.63 4.24
CA VAL A 2163 2.34 -23.67 5.26
C VAL A 2163 1.46 -23.28 6.45
N GLU A 2164 1.25 -21.98 6.68
CA GLU A 2164 0.36 -21.57 7.78
C GLU A 2164 -1.08 -21.97 7.53
N ALA A 2165 -1.45 -22.25 6.28
CA ALA A 2165 -2.79 -22.77 5.99
C ALA A 2165 -2.91 -24.26 6.26
N MET A 2166 -1.80 -24.93 6.58
CA MET A 2166 -1.84 -26.34 6.94
C MET A 2166 -1.08 -26.61 8.24
N ASN A 2167 -0.85 -25.59 9.06
CA ASN A 2167 -0.12 -25.79 10.31
C ASN A 2167 -0.85 -26.77 11.22
N SER A 2168 -2.17 -26.83 11.13
CA SER A 2168 -2.93 -27.81 11.91
C SER A 2168 -2.59 -29.23 11.48
N VAL A 2169 -2.30 -29.43 10.18
CA VAL A 2169 -1.85 -30.74 9.73
C VAL A 2169 -0.51 -31.10 10.35
N LEU A 2170 0.39 -30.11 10.44
CA LEU A 2170 1.72 -30.37 10.98
C LEU A 2170 1.68 -30.68 12.47
N ASP A 2171 0.75 -30.06 13.20
CA ASP A 2171 0.68 -30.24 14.65
C ASP A 2171 0.07 -31.59 15.00
N ASP A 2172 -0.10 -31.83 16.30
CA ASP A 2172 -0.67 -33.09 16.78
C ASP A 2172 -2.14 -33.23 16.45
N ASN A 2173 -2.81 -32.15 16.02
CA ASN A 2173 -4.22 -32.26 15.65
C ASN A 2173 -4.41 -33.20 14.47
N LYS A 2174 -3.48 -33.17 13.51
CA LYS A 2174 -3.53 -34.02 12.32
C LYS A 2174 -4.84 -33.84 11.57
N ILE A 2175 -5.30 -32.59 11.48
CA ILE A 2175 -6.50 -32.24 10.73
C ILE A 2175 -6.21 -31.04 9.86
N LEU A 2176 -6.76 -31.04 8.65
CA LEU A 2176 -6.69 -29.89 7.76
C LEU A 2176 -7.92 -29.03 8.00
N THR A 2177 -7.69 -27.80 8.45
CA THR A 2177 -8.76 -26.89 8.85
C THR A 2177 -8.97 -25.89 7.72
N LEU A 2178 -9.96 -26.16 6.87
CA LEU A 2178 -10.28 -25.26 5.78
C LEU A 2178 -10.89 -23.97 6.35
N PRO A 2179 -10.71 -22.84 5.65
CA PRO A 2179 -11.35 -21.60 6.10
C PRO A 2179 -12.86 -21.68 6.10
N ASN A 2180 -13.45 -22.57 5.30
CA ASN A 2180 -14.88 -22.81 5.33
C ASN A 2180 -15.16 -24.14 4.67
N GLY A 2181 -15.80 -25.06 5.39
CA GLY A 2181 -16.15 -26.37 4.91
C GLY A 2181 -15.83 -27.42 5.96
N GLU A 2182 -15.79 -28.67 5.52
CA GLU A 2182 -15.54 -29.76 6.44
C GLU A 2182 -14.08 -29.75 6.88
N ARG A 2183 -13.82 -30.26 8.09
CA ARG A 2183 -12.46 -30.29 8.65
C ARG A 2183 -11.87 -31.69 8.42
N LEU A 2184 -10.91 -31.77 7.50
CA LEU A 2184 -10.56 -33.09 6.96
C LEU A 2184 -9.58 -33.82 7.88
N PRO A 2185 -9.82 -35.08 8.20
CA PRO A 2185 -8.84 -35.85 8.97
C PRO A 2185 -7.84 -36.56 8.07
N ILE A 2186 -6.55 -36.43 8.35
CA ILE A 2186 -5.53 -37.11 7.56
C ILE A 2186 -5.29 -38.51 8.14
N PRO A 2187 -5.39 -39.55 7.33
CA PRO A 2187 -5.16 -40.91 7.84
C PRO A 2187 -3.68 -41.13 8.11
N PRO A 2188 -3.34 -42.19 8.84
CA PRO A 2188 -1.91 -42.48 9.09
C PRO A 2188 -1.12 -42.69 7.82
N ASN A 2189 -1.72 -43.25 6.76
CA ASN A 2189 -1.00 -43.48 5.52
C ASN A 2189 -0.65 -42.17 4.82
N PHE A 2190 -1.46 -41.13 5.02
CA PHE A 2190 -1.24 -39.85 4.35
C PHE A 2190 0.00 -39.17 4.92
N ARG A 2191 1.02 -38.99 4.09
CA ARG A 2191 2.28 -38.40 4.52
C ARG A 2191 2.66 -37.26 3.59
N ILE A 2192 3.00 -36.11 4.17
CA ILE A 2192 3.37 -34.92 3.42
C ILE A 2192 4.89 -34.79 3.42
N LEU A 2193 5.47 -34.67 2.23
CA LEU A 2193 6.90 -34.43 2.07
C LEU A 2193 7.10 -33.04 1.49
N PHE A 2194 8.19 -32.39 1.89
CA PHE A 2194 8.59 -31.10 1.34
C PHE A 2194 9.96 -31.24 0.72
N GLU A 2195 10.06 -31.06 -0.60
CA GLU A 2195 11.34 -31.11 -1.28
C GLU A 2195 11.72 -29.68 -1.64
N THR A 2196 12.77 -29.16 -1.00
CA THR A 2196 13.21 -27.79 -1.19
C THR A 2196 14.73 -27.76 -1.16
N ASP A 2197 15.29 -26.56 -1.35
CA ASP A 2197 16.74 -26.39 -1.32
C ASP A 2197 17.21 -25.38 -0.28
N ASN A 2198 16.31 -24.68 0.41
CA ASN A 2198 16.72 -23.74 1.43
C ASN A 2198 15.56 -23.53 2.40
N LEU A 2199 15.91 -23.13 3.62
CA LEU A 2199 14.93 -22.81 4.65
C LEU A 2199 15.14 -21.40 5.19
N ASP A 2200 15.58 -20.48 4.33
CA ASP A 2200 15.84 -19.11 4.76
C ASP A 2200 14.55 -18.33 5.03
N HIS A 2201 13.39 -18.88 4.68
CA HIS A 2201 12.12 -18.23 4.95
C HIS A 2201 11.15 -19.09 5.77
N THR A 2202 11.48 -20.35 6.02
CA THR A 2202 10.60 -21.22 6.80
C THR A 2202 10.74 -20.92 8.29
N THR A 2203 9.60 -20.79 8.96
CA THR A 2203 9.60 -20.42 10.37
C THR A 2203 10.18 -21.55 11.23
N PRO A 2204 10.75 -21.21 12.39
CA PRO A 2204 11.28 -22.26 13.28
C PRO A 2204 10.24 -23.31 13.67
N ALA A 2205 8.97 -22.92 13.81
CA ALA A 2205 7.95 -23.87 14.20
C ALA A 2205 7.82 -24.99 13.17
N THR A 2206 7.77 -24.64 11.89
CA THR A 2206 7.65 -25.66 10.85
C THR A 2206 8.84 -26.61 10.85
N ILE A 2207 10.05 -26.07 11.04
CA ILE A 2207 11.23 -26.92 11.07
C ILE A 2207 11.18 -27.87 12.25
N THR A 2208 10.77 -27.37 13.42
CA THR A 2208 10.74 -28.22 14.61
C THR A 2208 9.66 -29.30 14.50
N ARG A 2209 8.49 -28.96 13.96
CA ARG A 2209 7.42 -29.94 13.85
C ARG A 2209 7.74 -31.02 12.81
N CYS A 2210 8.35 -30.63 11.69
CA CYS A 2210 8.57 -31.55 10.59
C CYS A 2210 9.91 -32.23 10.70
N GLY A 2211 9.95 -33.52 10.35
CA GLY A 2211 11.20 -34.25 10.32
C GLY A 2211 12.09 -33.71 9.21
N LEU A 2212 13.24 -33.17 9.58
CA LEU A 2212 14.13 -32.48 8.64
C LEU A 2212 15.29 -33.37 8.24
N LEU A 2213 15.51 -33.53 6.95
CA LEU A 2213 16.61 -34.31 6.40
C LEU A 2213 17.42 -33.40 5.50
N TRP A 2214 18.68 -33.19 5.87
CA TRP A 2214 19.54 -32.20 5.23
C TRP A 2214 20.61 -32.91 4.42
N PHE A 2215 20.63 -32.63 3.12
CA PHE A 2215 21.63 -33.20 2.20
C PHE A 2215 22.80 -32.24 2.10
N SER A 2216 23.86 -32.53 2.84
CA SER A 2216 25.03 -31.65 2.85
C SER A 2216 25.97 -31.91 1.68
N THR A 2217 25.78 -33.00 0.94
CA THR A 2217 26.66 -33.32 -0.17
C THR A 2217 25.89 -34.19 -1.16
N ASP A 2218 26.44 -34.30 -2.37
CA ASP A 2218 25.84 -35.12 -3.41
C ASP A 2218 25.85 -36.58 -2.99
N VAL A 2219 24.74 -37.27 -3.25
CA VAL A 2219 24.63 -38.67 -2.82
C VAL A 2219 25.44 -39.60 -3.70
N CYS A 2220 25.85 -39.16 -4.89
CA CYS A 2220 26.62 -40.00 -5.80
C CYS A 2220 27.76 -39.20 -6.41
N SER A 2221 28.82 -39.90 -6.79
CA SER A 2221 29.95 -39.28 -7.43
C SER A 2221 29.65 -39.01 -8.91
N ILE A 2222 30.59 -38.36 -9.58
CA ILE A 2222 30.41 -38.05 -11.00
C ILE A 2222 30.31 -39.33 -11.82
N SER A 2223 31.25 -40.25 -11.60
CA SER A 2223 31.19 -41.53 -12.30
C SER A 2223 30.31 -42.54 -11.59
N SER A 2224 29.16 -42.11 -11.15
CA SER A 2224 27.98 -42.90 -10.86
C SER A 2224 26.75 -42.27 -11.47
N LYS A 2225 26.65 -40.94 -11.44
CA LYS A 2225 25.61 -40.26 -12.19
C LYS A 2225 25.80 -40.47 -13.69
N ILE A 2226 27.05 -40.45 -14.16
CA ILE A 2226 27.29 -40.70 -15.58
C ILE A 2226 26.81 -42.09 -15.95
N ASP A 2227 27.11 -43.10 -15.13
CA ASP A 2227 26.68 -44.46 -15.43
C ASP A 2227 25.16 -44.58 -15.38
N HIS A 2228 24.52 -43.93 -14.40
CA HIS A 2228 23.07 -43.99 -14.32
C HIS A 2228 22.42 -43.37 -15.55
N LEU A 2229 22.93 -42.21 -15.99
CA LEU A 2229 22.39 -41.57 -17.19
C LEU A 2229 22.65 -42.42 -18.43
N LEU A 2230 23.82 -43.05 -18.51
CA LEU A 2230 24.11 -43.92 -19.62
C LEU A 2230 23.13 -45.08 -19.69
N ASN A 2231 22.84 -45.70 -18.54
CA ASN A 2231 21.86 -46.78 -18.54
C ASN A 2231 20.46 -46.27 -18.89
N LYS A 2232 20.10 -45.09 -18.40
CA LYS A 2232 18.78 -44.54 -18.70
C LYS A 2232 18.62 -44.21 -20.18
N SER A 2233 19.72 -43.90 -20.86
CA SER A 2233 19.65 -43.65 -22.30
C SER A 2233 19.71 -44.96 -23.09
N TYR A 2234 20.48 -45.94 -22.61
CA TYR A 2234 20.51 -47.24 -23.26
C TYR A 2234 19.15 -47.91 -23.24
N GLU A 2235 18.45 -47.83 -22.10
CA GLU A 2235 17.13 -48.45 -22.02
C GLU A 2235 16.13 -47.73 -22.92
N ALA A 2236 16.32 -46.44 -23.16
CA ALA A 2236 15.46 -45.72 -24.10
C ALA A 2236 15.74 -46.15 -25.53
N LEU A 2237 17.02 -46.30 -25.89
CA LEU A 2237 17.36 -46.77 -27.23
C LEU A 2237 16.98 -48.24 -27.43
N ASP A 2238 16.82 -49.00 -26.36
CA ASP A 2238 16.60 -50.44 -26.47
C ASP A 2238 15.32 -50.76 -27.22
N ASN A 2239 14.32 -49.88 -27.16
CA ASN A 2239 13.04 -50.16 -27.80
C ASN A 2239 13.05 -49.93 -29.29
N LYS A 2240 14.12 -49.36 -29.85
CA LYS A 2240 14.19 -49.07 -31.28
C LYS A 2240 15.59 -49.42 -31.81
N LEU A 2241 16.07 -50.61 -31.45
CA LEU A 2241 17.37 -51.06 -31.93
C LEU A 2241 17.45 -52.58 -31.83
N SER A 2242 18.35 -53.15 -32.63
CA SER A 2242 18.59 -54.58 -32.58
C SER A 2242 19.44 -54.92 -31.36
N MET A 2243 19.71 -56.22 -31.19
CA MET A 2243 20.38 -56.68 -29.98
C MET A 2243 21.89 -56.52 -30.07
N PHE A 2244 22.53 -57.22 -31.02
CA PHE A 2244 23.99 -57.23 -31.09
C PHE A 2244 24.54 -55.84 -31.39
N GLU A 2245 23.88 -55.11 -32.30
CA GLU A 2245 24.31 -53.75 -32.61
C GLU A 2245 24.28 -52.88 -31.36
N LEU A 2246 23.20 -53.00 -30.57
CA LEU A 2246 23.09 -52.21 -29.36
C LEU A 2246 24.16 -52.59 -28.34
N ASP A 2247 24.41 -53.89 -28.17
CA ASP A 2247 25.42 -54.32 -27.20
C ASP A 2247 26.80 -53.80 -27.60
N LYS A 2248 27.15 -53.94 -28.89
CA LYS A 2248 28.43 -53.43 -29.34
C LYS A 2248 28.53 -51.92 -29.18
N LEU A 2249 27.46 -51.21 -29.54
CA LEU A 2249 27.48 -49.75 -29.45
C LEU A 2249 27.64 -49.28 -28.00
N LYS A 2250 26.89 -49.89 -27.08
CA LYS A 2250 26.99 -49.47 -25.68
C LYS A 2250 28.33 -49.86 -25.10
N ASP A 2251 28.92 -50.98 -25.55
CA ASP A 2251 30.28 -51.30 -25.13
C ASP A 2251 31.26 -50.22 -25.59
N LEU A 2252 31.14 -49.79 -26.84
CA LEU A 2252 32.03 -48.75 -27.34
C LEU A 2252 31.83 -47.44 -26.60
N ILE A 2253 30.58 -47.07 -26.30
CA ILE A 2253 30.33 -45.84 -25.57
C ILE A 2253 30.92 -45.93 -24.16
N SER A 2254 30.77 -47.08 -23.52
CA SER A 2254 31.26 -47.21 -22.14
C SER A 2254 32.79 -47.18 -22.09
N ASP A 2255 33.46 -47.96 -22.94
CA ASP A 2255 34.91 -48.01 -22.87
C ASP A 2255 35.59 -46.85 -23.59
N SER A 2256 34.85 -46.08 -24.39
CA SER A 2256 35.43 -44.98 -25.14
C SER A 2256 35.97 -43.91 -24.20
N PHE A 2257 35.22 -43.57 -23.16
CA PHE A 2257 35.70 -42.64 -22.16
C PHE A 2257 35.85 -43.34 -20.82
N ASP A 2258 36.84 -42.89 -20.05
CA ASP A 2258 37.11 -43.39 -18.72
C ASP A 2258 37.22 -42.22 -17.76
N MET A 2259 36.84 -42.45 -16.51
CA MET A 2259 36.87 -41.38 -15.53
C MET A 2259 38.28 -40.85 -15.28
N ALA A 2260 39.31 -41.64 -15.59
CA ALA A 2260 40.68 -41.19 -15.38
C ALA A 2260 40.98 -39.95 -16.20
N SER A 2261 40.61 -39.97 -17.49
CA SER A 2261 40.83 -38.80 -18.33
C SER A 2261 39.79 -37.72 -18.08
N LEU A 2262 38.54 -38.11 -17.82
CA LEU A 2262 37.46 -37.15 -17.69
C LEU A 2262 37.51 -36.37 -16.39
N THR A 2263 38.13 -36.90 -15.34
CA THR A 2263 38.16 -36.19 -14.07
C THR A 2263 38.94 -34.89 -14.22
N ASN A 2264 40.05 -34.92 -14.97
CA ASN A 2264 40.80 -33.71 -15.24
C ASN A 2264 39.96 -32.71 -16.03
N ILE A 2265 39.18 -33.21 -16.99
CA ILE A 2265 38.30 -32.32 -17.77
C ILE A 2265 37.28 -31.65 -16.86
N PHE A 2266 36.66 -32.44 -15.97
CA PHE A 2266 35.63 -31.88 -15.09
C PHE A 2266 36.23 -30.90 -14.08
N THR A 2267 37.47 -31.13 -13.64
CA THR A 2267 38.11 -30.15 -12.76
C THR A 2267 38.51 -28.90 -13.53
N CYS A 2268 38.91 -29.04 -14.80
CA CYS A 2268 39.31 -27.88 -15.59
C CYS A 2268 38.12 -27.05 -16.01
N SER A 2269 36.95 -27.67 -16.16
CA SER A 2269 35.75 -26.93 -16.52
C SER A 2269 35.40 -25.86 -15.49
N ASN A 2270 35.78 -26.08 -14.23
CA ASN A 2270 35.51 -25.09 -13.20
C ASN A 2270 36.41 -23.87 -13.34
N ASP A 2271 37.59 -24.04 -13.94
CA ASP A 2271 38.47 -22.90 -14.18
C ASP A 2271 37.85 -21.92 -15.17
N LEU A 2272 37.12 -22.42 -16.16
CA LEU A 2272 36.49 -21.57 -17.15
C LEU A 2272 35.42 -20.70 -16.47
N VAL A 2273 35.26 -19.48 -16.99
CA VAL A 2273 34.20 -18.60 -16.53
C VAL A 2273 32.90 -18.99 -17.21
N HIS A 2274 31.86 -19.22 -16.41
CA HIS A 2274 30.58 -19.70 -16.91
C HIS A 2274 29.52 -18.63 -16.69
N ILE A 2275 28.87 -18.22 -17.75
CA ILE A 2275 27.72 -17.33 -17.64
C ILE A 2275 26.50 -18.16 -17.27
N LEU A 2276 25.72 -17.66 -16.32
CA LEU A 2276 24.61 -18.41 -15.74
C LEU A 2276 25.13 -19.74 -15.20
N GLY A 2277 26.01 -19.62 -14.21
CA GLY A 2277 26.83 -20.76 -13.80
C GLY A 2277 26.01 -21.89 -13.19
N VAL A 2278 26.31 -23.11 -13.64
CA VAL A 2278 25.75 -24.33 -13.10
C VAL A 2278 26.88 -25.34 -12.91
N ARG A 2279 26.93 -25.97 -11.74
CA ARG A 2279 28.02 -26.89 -11.45
C ARG A 2279 27.95 -28.13 -12.34
N THR A 2280 29.13 -28.70 -12.64
CA THR A 2280 29.23 -29.75 -13.64
C THR A 2280 28.42 -30.98 -13.28
N PHE A 2281 28.14 -31.20 -11.99
CA PHE A 2281 27.30 -32.32 -11.59
C PHE A 2281 25.92 -32.23 -12.21
N ASN A 2282 25.50 -31.04 -12.63
CA ASN A 2282 24.24 -30.87 -13.33
C ASN A 2282 24.39 -30.80 -14.85
N LYS A 2283 25.59 -30.53 -15.35
CA LYS A 2283 25.85 -30.57 -16.78
C LYS A 2283 26.13 -31.98 -17.28
N LEU A 2284 26.36 -32.93 -16.36
CA LEU A 2284 26.55 -34.32 -16.76
C LEU A 2284 25.34 -34.85 -17.53
N GLU A 2285 24.14 -34.45 -17.14
CA GLU A 2285 22.94 -34.92 -17.83
C GLU A 2285 22.96 -34.51 -19.29
N THR A 2286 23.24 -33.23 -19.54
CA THR A 2286 23.30 -32.74 -20.91
C THR A 2286 24.39 -33.44 -21.69
N ALA A 2287 25.57 -33.60 -21.08
CA ALA A 2287 26.67 -34.25 -21.79
C ALA A 2287 26.30 -35.66 -22.21
N VAL A 2288 25.78 -36.46 -21.27
CA VAL A 2288 25.49 -37.86 -21.58
C VAL A 2288 24.34 -37.97 -22.57
N GLN A 2289 23.27 -37.19 -22.38
CA GLN A 2289 22.13 -37.29 -23.27
C GLN A 2289 22.49 -36.86 -24.69
N LEU A 2290 23.22 -35.75 -24.83
CA LEU A 2290 23.65 -35.31 -26.15
C LEU A 2290 24.58 -36.33 -26.80
N ALA A 2291 25.52 -36.89 -26.03
CA ALA A 2291 26.43 -37.87 -26.60
C ALA A 2291 25.68 -39.08 -27.11
N VAL A 2292 24.77 -39.61 -26.30
CA VAL A 2292 24.05 -40.82 -26.69
C VAL A 2292 23.17 -40.54 -27.90
N HIS A 2293 22.50 -39.40 -27.93
CA HIS A 2293 21.66 -39.08 -29.09
C HIS A 2293 22.49 -38.93 -30.36
N LEU A 2294 23.64 -38.26 -30.26
CA LEU A 2294 24.50 -38.11 -31.43
C LEU A 2294 25.00 -39.46 -31.93
N ILE A 2295 25.36 -40.35 -31.01
CA ILE A 2295 25.80 -41.68 -31.41
C ILE A 2295 24.66 -42.43 -32.09
N SER A 2296 23.45 -42.35 -31.52
CA SER A 2296 22.32 -43.10 -32.07
C SER A 2296 21.87 -42.56 -33.41
N SER A 2297 22.07 -41.26 -33.67
CA SER A 2297 21.57 -40.67 -34.90
C SER A 2297 22.26 -41.23 -36.14
N TYR A 2298 23.41 -41.89 -35.99
CA TYR A 2298 24.17 -42.42 -37.12
C TYR A 2298 24.28 -43.94 -37.06
N ARG A 2299 23.21 -44.62 -36.60
CA ARG A 2299 23.29 -46.07 -36.51
C ARG A 2299 23.26 -46.75 -37.87
N GLN A 2300 22.70 -46.09 -38.90
CA GLN A 2300 22.69 -46.67 -40.23
C GLN A 2300 24.10 -46.79 -40.80
N TRP A 2301 24.97 -45.82 -40.48
CA TRP A 2301 26.32 -45.79 -41.02
C TRP A 2301 27.33 -46.48 -40.12
N PHE A 2302 26.88 -47.39 -39.25
CA PHE A 2302 27.78 -48.12 -38.37
C PHE A 2302 27.96 -49.57 -38.77
N GLN A 2303 26.97 -50.17 -39.44
CA GLN A 2303 27.06 -51.58 -39.80
C GLN A 2303 28.17 -51.85 -40.81
N ASN A 2304 28.32 -50.97 -41.80
CA ASN A 2304 29.37 -51.11 -42.81
C ASN A 2304 30.58 -50.24 -42.50
N LEU A 2305 30.86 -50.04 -41.20
CA LEU A 2305 31.94 -49.18 -40.76
C LEU A 2305 33.00 -49.99 -40.05
N ASP A 2306 34.26 -49.68 -40.33
CA ASP A 2306 35.37 -50.36 -39.69
C ASP A 2306 35.42 -50.01 -38.21
N ASP A 2307 36.01 -50.92 -37.41
CA ASP A 2307 36.02 -50.73 -35.96
C ASP A 2307 36.81 -49.50 -35.56
N LYS A 2308 37.96 -49.25 -36.19
CA LYS A 2308 38.77 -48.10 -35.84
C LYS A 2308 38.05 -46.79 -36.16
N SER A 2309 37.48 -46.70 -37.37
CA SER A 2309 36.73 -45.50 -37.73
C SER A 2309 35.49 -45.35 -36.87
N LEU A 2310 34.86 -46.46 -36.50
CA LEU A 2310 33.70 -46.38 -35.60
C LEU A 2310 34.10 -45.82 -34.24
N LYS A 2311 35.22 -46.30 -33.69
CA LYS A 2311 35.69 -45.77 -32.41
C LYS A 2311 36.04 -44.30 -32.52
N ASP A 2312 36.65 -43.90 -33.64
CA ASP A 2312 36.95 -42.48 -33.83
C ASP A 2312 35.69 -41.65 -33.89
N VAL A 2313 34.66 -42.15 -34.58
CA VAL A 2313 33.39 -41.41 -34.66
C VAL A 2313 32.77 -41.26 -33.27
N ILE A 2314 32.73 -42.36 -32.51
CA ILE A 2314 32.14 -42.28 -31.17
C ILE A 2314 32.91 -41.31 -30.29
N THR A 2315 34.24 -41.37 -30.35
CA THR A 2315 35.06 -40.47 -29.52
C THR A 2315 34.88 -39.02 -29.93
N LEU A 2316 34.81 -38.74 -31.23
CA LEU A 2316 34.62 -37.36 -31.67
C LEU A 2316 33.26 -36.83 -31.24
N LEU A 2317 32.21 -37.64 -31.37
CA LEU A 2317 30.89 -37.18 -30.95
C LEU A 2317 30.83 -36.97 -29.45
N ILE A 2318 31.51 -37.84 -28.69
CA ILE A 2318 31.56 -37.66 -27.24
C ILE A 2318 32.30 -36.38 -26.88
N LYS A 2319 33.40 -36.10 -27.57
CA LYS A 2319 34.13 -34.85 -27.34
C LYS A 2319 33.24 -33.65 -27.66
N ARG A 2320 32.48 -33.71 -28.75
CA ARG A 2320 31.61 -32.61 -29.11
C ARG A 2320 30.54 -32.38 -28.05
N SER A 2321 29.91 -33.46 -27.58
CA SER A 2321 28.89 -33.32 -26.55
C SER A 2321 29.48 -32.79 -25.26
N LEU A 2322 30.67 -33.28 -24.88
CA LEU A 2322 31.32 -32.82 -23.66
C LEU A 2322 31.64 -31.34 -23.74
N LEU A 2323 32.16 -30.89 -24.89
CA LEU A 2323 32.47 -29.48 -25.08
C LEU A 2323 31.22 -28.62 -24.99
N TYR A 2324 30.13 -29.06 -25.63
CA TYR A 2324 28.95 -28.21 -25.68
C TYR A 2324 28.07 -28.33 -24.44
N ALA A 2325 28.36 -29.27 -23.55
CA ALA A 2325 27.68 -29.33 -22.27
C ALA A 2325 28.47 -28.65 -21.16
N LEU A 2326 29.76 -28.96 -21.04
CA LEU A 2326 30.57 -28.36 -19.99
C LEU A 2326 30.85 -26.89 -20.29
N ALA A 2327 31.51 -26.63 -21.41
CA ALA A 2327 31.89 -25.28 -21.79
C ALA A 2327 30.95 -24.68 -22.83
N GLY A 2328 29.73 -25.19 -22.93
CA GLY A 2328 28.78 -24.67 -23.90
C GLY A 2328 28.27 -23.29 -23.57
N ASP A 2329 28.45 -22.84 -22.33
CA ASP A 2329 28.03 -21.52 -21.88
C ASP A 2329 29.23 -20.65 -21.53
N SER A 2330 30.28 -20.73 -22.33
CA SER A 2330 31.48 -19.91 -22.18
C SER A 2330 31.48 -18.83 -23.26
N THR A 2331 32.52 -17.99 -23.23
CA THR A 2331 32.56 -16.82 -24.10
C THR A 2331 32.67 -17.21 -25.57
N GLY A 2332 33.59 -18.11 -25.89
CA GLY A 2332 33.84 -18.48 -27.27
C GLY A 2332 35.31 -18.64 -27.56
N GLU A 2333 36.14 -17.86 -26.87
CA GLU A 2333 37.57 -18.11 -26.86
C GLU A 2333 37.93 -19.11 -25.76
N SER A 2334 37.27 -18.98 -24.60
CA SER A 2334 37.39 -20.01 -23.59
C SER A 2334 36.85 -21.34 -24.08
N GLN A 2335 35.93 -21.32 -25.05
CA GLN A 2335 35.53 -22.57 -25.69
C GLN A 2335 36.69 -23.19 -26.45
N ARG A 2336 37.49 -22.39 -27.15
CA ARG A 2336 38.67 -22.92 -27.82
C ARG A 2336 39.70 -23.42 -26.82
N ALA A 2337 39.87 -22.71 -25.71
CA ALA A 2337 40.76 -23.20 -24.65
C ALA A 2337 40.28 -24.55 -24.13
N PHE A 2338 38.97 -24.70 -23.92
CA PHE A 2338 38.43 -25.98 -23.48
C PHE A 2338 38.58 -27.05 -24.56
N ILE A 2339 38.55 -26.66 -25.84
CA ILE A 2339 38.79 -27.63 -26.90
C ILE A 2339 40.22 -28.14 -26.81
N GLN A 2340 41.17 -27.24 -26.56
CA GLN A 2340 42.56 -27.68 -26.36
C GLN A 2340 42.68 -28.60 -25.16
N THR A 2341 41.98 -28.27 -24.07
CA THR A 2341 41.98 -29.13 -22.89
C THR A 2341 41.41 -30.51 -23.21
N ILE A 2342 40.31 -30.56 -23.95
CA ILE A 2342 39.71 -31.83 -24.33
C ILE A 2342 40.67 -32.65 -25.16
N ASN A 2343 41.27 -32.03 -26.18
CA ASN A 2343 42.23 -32.73 -27.02
C ASN A 2343 43.47 -33.15 -26.26
N THR A 2344 43.78 -32.49 -25.14
CA THR A 2344 44.92 -32.89 -24.33
C THR A 2344 44.58 -34.09 -23.45
N TYR A 2345 43.48 -34.01 -22.70
CA TYR A 2345 43.24 -35.02 -21.66
C TYR A 2345 42.73 -36.35 -22.21
N PHE A 2346 41.98 -36.36 -23.31
CA PHE A 2346 41.73 -37.63 -23.96
C PHE A 2346 43.00 -38.18 -24.60
N GLY A 2347 42.86 -39.35 -25.21
CA GLY A 2347 43.98 -39.99 -25.87
C GLY A 2347 44.43 -39.21 -27.10
N HIS A 2348 45.70 -39.44 -27.44
CA HIS A 2348 46.34 -38.79 -28.57
C HIS A 2348 46.08 -39.49 -29.90
N ASP A 2349 45.45 -40.67 -29.87
CA ASP A 2349 45.20 -41.40 -31.11
C ASP A 2349 43.81 -41.15 -31.68
N SER A 2350 42.83 -40.85 -30.84
CA SER A 2350 41.48 -40.60 -31.32
C SER A 2350 41.43 -39.32 -32.13
N GLN A 2351 40.44 -39.24 -33.01
CA GLN A 2351 40.32 -38.10 -33.91
C GLN A 2351 40.11 -36.83 -33.13
N GLU A 2352 40.97 -35.85 -33.35
CA GLU A 2352 40.94 -34.62 -32.58
C GLU A 2352 39.67 -33.82 -32.88
N LEU A 2353 39.19 -33.11 -31.86
CA LEU A 2353 38.05 -32.22 -32.00
C LEU A 2353 38.56 -30.81 -32.29
N SER A 2354 38.12 -30.23 -33.39
CA SER A 2354 38.43 -28.86 -33.74
C SER A 2354 37.21 -27.98 -33.46
N ASP A 2355 37.39 -26.67 -33.67
CA ASP A 2355 36.31 -25.74 -33.40
C ASP A 2355 35.12 -25.95 -34.33
N TYR A 2356 35.30 -26.66 -35.44
CA TYR A 2356 34.20 -26.87 -36.37
C TYR A 2356 34.14 -28.31 -36.88
N SER A 2357 34.84 -29.24 -36.24
CA SER A 2357 34.82 -30.64 -36.65
C SER A 2357 33.41 -31.21 -36.63
N THR A 2358 32.87 -31.54 -37.79
CA THR A 2358 31.53 -32.11 -37.91
C THR A 2358 31.57 -33.34 -38.80
N ILE A 2359 30.79 -34.35 -38.42
CA ILE A 2359 30.63 -35.55 -39.23
C ILE A 2359 29.62 -35.24 -40.33
N VAL A 2360 30.11 -35.14 -41.57
CA VAL A 2360 29.24 -35.02 -42.73
C VAL A 2360 29.29 -36.34 -43.49
N ILE A 2361 28.12 -36.92 -43.74
CA ILE A 2361 28.00 -38.25 -44.32
C ILE A 2361 27.29 -38.12 -45.66
N ALA A 2362 27.86 -38.74 -46.69
CA ALA A 2362 27.28 -38.76 -48.02
C ALA A 2362 26.79 -40.18 -48.32
N ASN A 2363 25.59 -40.27 -48.89
CA ASN A 2363 24.97 -41.57 -49.13
C ASN A 2363 25.70 -42.39 -50.18
N ASP A 2364 26.60 -41.79 -50.95
CA ASP A 2364 27.36 -42.52 -51.97
C ASP A 2364 28.71 -43.02 -51.49
N LYS A 2365 29.15 -42.62 -50.30
CA LYS A 2365 30.42 -43.05 -49.74
C LYS A 2365 30.21 -43.61 -48.34
N LEU A 2366 31.08 -44.55 -47.96
CA LEU A 2366 30.93 -45.25 -46.70
C LEU A 2366 31.77 -44.65 -45.57
N SER A 2367 32.80 -43.87 -45.90
CA SER A 2367 33.65 -43.27 -44.88
C SER A 2367 32.88 -42.22 -44.08
N PHE A 2368 33.33 -41.99 -42.85
CA PHE A 2368 32.69 -40.98 -42.02
C PHE A 2368 32.88 -39.59 -42.61
N SER A 2369 34.08 -39.30 -43.12
CA SER A 2369 34.38 -38.05 -43.82
C SER A 2369 34.07 -36.83 -42.95
N SER A 2370 34.82 -36.69 -41.86
CA SER A 2370 34.68 -35.54 -40.99
C SER A 2370 35.31 -34.31 -41.64
N PHE A 2371 34.57 -33.20 -41.65
CA PHE A 2371 35.02 -31.97 -42.27
C PHE A 2371 34.68 -30.79 -41.37
N CYS A 2372 35.13 -29.60 -41.77
CA CYS A 2372 34.93 -28.39 -41.00
C CYS A 2372 35.09 -27.18 -41.92
N SER A 2373 34.55 -26.04 -41.47
CA SER A 2373 34.75 -24.73 -42.10
C SER A 2373 34.32 -24.75 -43.56
N GLU A 2374 33.00 -24.90 -43.74
CA GLU A 2374 32.43 -24.88 -45.09
C GLU A 2374 32.47 -23.48 -45.69
N ILE A 2375 32.05 -22.47 -44.94
CA ILE A 2375 31.92 -21.09 -45.40
C ILE A 2375 31.08 -21.06 -46.69
N PRO A 2376 29.77 -21.22 -46.61
CA PRO A 2376 28.93 -21.11 -47.81
C PRO A 2376 28.78 -19.66 -48.24
N SER A 2377 28.10 -19.48 -49.38
CA SER A 2377 27.84 -18.16 -49.93
C SER A 2377 26.37 -18.08 -50.36
N VAL A 2378 25.83 -16.86 -50.34
CA VAL A 2378 24.44 -16.62 -50.68
C VAL A 2378 24.29 -15.17 -51.15
N SER A 2379 23.32 -14.96 -52.05
CA SER A 2379 22.95 -13.63 -52.50
C SER A 2379 21.44 -13.48 -52.46
N LEU A 2380 20.98 -12.27 -52.18
CA LEU A 2380 19.57 -12.00 -52.04
C LEU A 2380 19.21 -10.70 -52.75
N GLU A 2381 17.95 -10.58 -53.12
CA GLU A 2381 17.46 -9.40 -53.81
C GLU A 2381 17.27 -8.24 -52.84
N ALA A 2382 17.00 -7.06 -53.39
CA ALA A 2382 16.80 -5.88 -52.56
C ALA A 2382 15.56 -5.99 -51.71
N HIS A 2383 14.46 -6.47 -52.29
CA HIS A 2383 13.18 -6.48 -51.57
C HIS A 2383 13.16 -7.46 -50.41
N GLU A 2384 14.16 -8.34 -50.31
CA GLU A 2384 14.26 -9.29 -49.22
C GLU A 2384 15.18 -8.80 -48.11
N VAL A 2385 15.54 -7.51 -48.11
CA VAL A 2385 16.58 -7.04 -47.20
C VAL A 2385 16.13 -7.12 -45.75
N MET A 2386 14.84 -6.99 -45.48
CA MET A 2386 14.33 -7.17 -44.12
C MET A 2386 13.04 -7.96 -44.16
N ARG A 2387 13.17 -9.24 -43.82
CA ARG A 2387 12.10 -10.17 -43.48
C ARG A 2387 12.43 -10.73 -42.11
N PRO A 2388 11.44 -11.24 -41.39
CA PRO A 2388 11.73 -11.85 -40.10
C PRO A 2388 12.43 -13.20 -40.21
N ASP A 2389 12.84 -13.59 -41.43
CA ASP A 2389 13.45 -14.88 -41.65
C ASP A 2389 14.66 -14.83 -42.59
N ILE A 2390 15.26 -13.67 -42.78
CA ILE A 2390 16.46 -13.54 -43.60
C ILE A 2390 17.67 -13.51 -42.68
N VAL A 2391 18.65 -14.37 -42.99
CA VAL A 2391 19.86 -14.48 -42.19
C VAL A 2391 21.02 -14.77 -43.12
N ILE A 2392 22.16 -14.13 -42.85
CA ILE A 2392 23.37 -14.33 -43.63
C ILE A 2392 24.16 -15.45 -42.95
N PRO A 2393 24.33 -16.60 -43.59
CA PRO A 2393 25.00 -17.74 -42.93
C PRO A 2393 26.50 -17.50 -42.81
N THR A 2394 26.98 -17.44 -41.57
CA THR A 2394 28.40 -17.39 -41.29
C THR A 2394 28.79 -18.64 -40.51
N ILE A 2395 30.08 -18.78 -40.23
CA ILE A 2395 30.55 -19.94 -39.49
C ILE A 2395 29.93 -19.98 -38.10
N ASP A 2396 29.84 -18.84 -37.43
CA ASP A 2396 29.22 -18.80 -36.11
C ASP A 2396 27.76 -19.19 -36.18
N THR A 2397 27.03 -18.67 -37.18
CA THR A 2397 25.61 -18.97 -37.29
C THR A 2397 25.39 -20.46 -37.56
N ILE A 2398 26.19 -21.05 -38.45
CA ILE A 2398 26.02 -22.47 -38.76
C ILE A 2398 26.35 -23.32 -37.54
N LYS A 2399 27.43 -23.00 -36.83
CA LYS A 2399 27.80 -23.79 -35.66
C LYS A 2399 26.73 -23.70 -34.58
N HIS A 2400 26.21 -22.50 -34.32
CA HIS A 2400 25.17 -22.34 -33.31
C HIS A 2400 23.89 -23.07 -33.72
N GLU A 2401 23.51 -22.98 -34.99
CA GLU A 2401 22.32 -23.68 -35.45
C GLU A 2401 22.49 -25.19 -35.31
N LYS A 2402 23.66 -25.71 -35.67
CA LYS A 2402 23.88 -27.14 -35.58
C LYS A 2402 23.79 -27.63 -34.13
N ILE A 2403 24.44 -26.92 -33.22
CA ILE A 2403 24.40 -27.38 -31.82
C ILE A 2403 23.00 -27.20 -31.24
N PHE A 2404 22.30 -26.13 -31.60
CA PHE A 2404 20.95 -25.93 -31.10
C PHE A 2404 20.02 -27.03 -31.59
N TYR A 2405 20.13 -27.41 -32.87
CA TYR A 2405 19.29 -28.48 -33.38
C TYR A 2405 19.64 -29.82 -32.74
N ASP A 2406 20.93 -30.09 -32.53
CA ASP A 2406 21.32 -31.32 -31.88
C ASP A 2406 20.80 -31.38 -30.45
N LEU A 2407 20.74 -30.24 -29.77
CA LEU A 2407 20.18 -30.21 -28.43
C LEU A 2407 18.66 -30.41 -28.45
N LEU A 2408 17.98 -29.82 -29.44
CA LEU A 2408 16.54 -30.03 -29.55
C LEU A 2408 16.21 -31.49 -29.79
N ASN A 2409 16.92 -32.12 -30.73
CA ASN A 2409 16.64 -33.52 -31.03
C ASN A 2409 17.00 -34.44 -29.87
N SER A 2410 17.79 -33.96 -28.91
CA SER A 2410 18.07 -34.70 -27.68
C SER A 2410 16.91 -34.64 -26.70
N LYS A 2411 15.80 -34.02 -27.07
CA LYS A 2411 14.62 -33.92 -26.22
C LYS A 2411 14.94 -33.27 -24.89
N ARG A 2412 15.74 -32.20 -24.94
CA ARG A 2412 16.09 -31.45 -23.74
C ARG A 2412 15.88 -29.97 -23.99
N GLY A 2413 15.41 -29.27 -22.96
CA GLY A 2413 15.20 -27.84 -23.08
C GLY A 2413 16.51 -27.10 -23.23
N ILE A 2414 16.44 -25.94 -23.89
CA ILE A 2414 17.63 -25.15 -24.17
C ILE A 2414 17.44 -23.76 -23.58
N ILE A 2415 18.54 -23.11 -23.20
CA ILE A 2415 18.52 -21.76 -22.71
C ILE A 2415 19.63 -21.00 -23.42
N LEU A 2416 19.25 -20.06 -24.29
CA LEU A 2416 20.20 -19.24 -25.03
C LEU A 2416 20.44 -17.96 -24.23
N CYS A 2417 21.62 -17.83 -23.66
CA CYS A 2417 21.97 -16.68 -22.83
C CYS A 2417 22.98 -15.83 -23.59
N GLY A 2418 22.65 -14.56 -23.80
CA GLY A 2418 23.53 -13.67 -24.51
C GLY A 2418 23.05 -12.23 -24.45
N PRO A 2419 23.92 -11.30 -24.81
CA PRO A 2419 23.57 -9.88 -24.78
C PRO A 2419 22.49 -9.57 -25.81
N PRO A 2420 21.73 -8.50 -25.62
CA PRO A 2420 20.66 -8.18 -26.57
C PRO A 2420 21.22 -7.93 -27.96
N GLY A 2421 20.47 -8.38 -28.97
CA GLY A 2421 20.90 -8.23 -30.33
C GLY A 2421 21.96 -9.20 -30.78
N SER A 2422 22.34 -10.17 -29.94
CA SER A 2422 23.37 -11.12 -30.33
C SER A 2422 22.85 -12.06 -31.43
N GLY A 2423 21.59 -12.46 -31.34
CA GLY A 2423 21.01 -13.29 -32.37
C GLY A 2423 20.47 -14.62 -31.89
N LYS A 2424 20.04 -14.67 -30.63
CA LYS A 2424 19.45 -15.91 -30.11
C LYS A 2424 18.17 -16.27 -30.84
N THR A 2425 17.26 -15.31 -30.94
CA THR A 2425 15.99 -15.56 -31.62
C THR A 2425 16.22 -15.84 -33.10
N MET A 2426 17.14 -15.12 -33.73
CA MET A 2426 17.41 -15.32 -35.15
C MET A 2426 17.94 -16.74 -35.40
N ILE A 2427 18.87 -17.19 -34.57
CA ILE A 2427 19.43 -18.52 -34.73
C ILE A 2427 18.38 -19.60 -34.49
N MET A 2428 17.57 -19.45 -33.44
CA MET A 2428 16.48 -20.41 -33.26
C MET A 2428 15.59 -20.47 -34.49
N ASN A 2429 15.10 -19.31 -34.94
CA ASN A 2429 14.12 -19.28 -36.01
C ASN A 2429 14.72 -19.78 -37.32
N ASN A 2430 16.03 -19.60 -37.52
CA ASN A 2430 16.64 -20.17 -38.71
C ASN A 2430 16.80 -21.68 -38.59
N ALA A 2431 17.16 -22.16 -37.40
CA ALA A 2431 17.31 -23.60 -37.21
C ALA A 2431 15.99 -24.33 -37.34
N LEU A 2432 14.89 -23.67 -36.96
CA LEU A 2432 13.58 -24.30 -36.98
C LEU A 2432 12.75 -23.95 -38.21
N ARG A 2433 13.17 -22.94 -38.98
CA ARG A 2433 12.51 -22.66 -40.25
C ARG A 2433 12.95 -23.64 -41.33
N ASN A 2434 14.21 -24.08 -41.30
CA ASN A 2434 14.69 -25.06 -42.26
C ASN A 2434 13.99 -26.40 -42.10
N SER A 2435 13.65 -26.78 -40.87
CA SER A 2435 13.06 -28.08 -40.58
C SER A 2435 11.54 -28.04 -40.68
N SER A 2436 10.97 -29.20 -40.98
CA SER A 2436 9.53 -29.37 -41.11
C SER A 2436 8.99 -30.28 -40.01
N LEU A 2437 9.61 -30.25 -38.84
CA LEU A 2437 9.17 -31.04 -37.70
C LEU A 2437 8.75 -30.20 -36.50
N TYR A 2438 9.22 -28.96 -36.38
CA TYR A 2438 8.98 -28.14 -35.21
C TYR A 2438 8.28 -26.85 -35.60
N ASP A 2439 7.31 -26.46 -34.78
CA ASP A 2439 6.59 -25.20 -34.93
C ASP A 2439 6.87 -24.33 -33.72
N VAL A 2440 7.24 -23.08 -33.96
CA VAL A 2440 7.65 -22.19 -32.88
C VAL A 2440 6.45 -21.42 -32.34
N VAL A 2441 6.34 -21.35 -31.02
CA VAL A 2441 5.39 -20.47 -30.34
C VAL A 2441 6.19 -19.50 -29.50
N GLY A 2442 6.17 -18.23 -29.87
CA GLY A 2442 6.97 -17.24 -29.18
C GLY A 2442 6.23 -16.49 -28.10
N ILE A 2443 6.55 -16.80 -26.84
CA ILE A 2443 6.06 -16.05 -25.70
C ILE A 2443 7.15 -15.08 -25.27
N ASN A 2444 6.77 -13.85 -24.93
CA ASN A 2444 7.71 -12.82 -24.53
C ASN A 2444 7.46 -12.46 -23.08
N PHE A 2445 8.33 -12.93 -22.18
CA PHE A 2445 8.17 -12.65 -20.77
C PHE A 2445 8.47 -11.19 -20.47
N SER A 2446 7.79 -10.67 -19.46
CA SER A 2446 7.96 -9.29 -19.02
C SER A 2446 8.26 -9.29 -17.53
N LYS A 2447 8.21 -8.12 -16.90
CA LYS A 2447 8.49 -8.04 -15.47
C LYS A 2447 7.53 -8.90 -14.67
N ASP A 2448 6.35 -9.20 -15.21
CA ASP A 2448 5.42 -10.10 -14.55
C ASP A 2448 4.53 -10.75 -15.61
N THR A 2449 4.83 -12.00 -15.95
CA THR A 2449 3.95 -12.81 -16.79
C THR A 2449 3.42 -13.95 -15.93
N THR A 2450 2.15 -13.87 -15.59
CA THR A 2450 1.52 -14.91 -14.78
C THR A 2450 1.52 -16.23 -15.54
N THR A 2451 1.32 -17.31 -14.79
CA THR A 2451 1.41 -18.65 -15.37
C THR A 2451 0.32 -18.93 -16.39
N GLU A 2452 -0.81 -18.23 -16.34
CA GLU A 2452 -1.84 -18.45 -17.35
C GLU A 2452 -1.55 -17.74 -18.66
N HIS A 2453 -0.58 -16.82 -18.68
CA HIS A 2453 -0.15 -16.26 -19.97
C HIS A 2453 0.41 -17.34 -20.88
N ILE A 2454 1.23 -18.23 -20.31
CA ILE A 2454 1.80 -19.32 -21.11
C ILE A 2454 0.70 -20.23 -21.63
N LEU A 2455 -0.27 -20.57 -20.78
CA LEU A 2455 -1.36 -21.44 -21.21
C LEU A 2455 -2.21 -20.77 -22.29
N SER A 2456 -2.47 -19.47 -22.14
CA SER A 2456 -3.23 -18.76 -23.16
C SER A 2456 -2.48 -18.70 -24.48
N ALA A 2457 -1.16 -18.51 -24.43
CA ALA A 2457 -0.37 -18.55 -25.65
C ALA A 2457 -0.36 -19.93 -26.28
N LEU A 2458 -0.35 -20.99 -25.46
CA LEU A 2458 -0.35 -22.35 -25.96
C LEU A 2458 -1.72 -22.80 -26.46
N HIS A 2459 -2.80 -22.14 -26.03
CA HIS A 2459 -4.14 -22.56 -26.40
C HIS A 2459 -4.35 -22.60 -27.90
N ARG A 2460 -3.62 -21.79 -28.67
CA ARG A 2460 -3.80 -21.78 -30.11
C ARG A 2460 -3.19 -23.01 -30.77
N HIS A 2461 -2.04 -23.49 -30.29
CA HIS A 2461 -1.32 -24.56 -30.94
C HIS A 2461 -1.47 -25.91 -30.25
N THR A 2462 -2.13 -25.97 -29.10
CA THR A 2462 -2.27 -27.21 -28.35
C THR A 2462 -3.72 -27.62 -28.26
N ASN A 2463 -3.93 -28.93 -28.11
CA ASN A 2463 -5.28 -29.50 -28.10
C ASN A 2463 -5.41 -30.49 -26.96
N TYR A 2464 -6.11 -30.11 -25.90
CA TYR A 2464 -6.34 -31.00 -24.77
C TYR A 2464 -7.03 -32.27 -25.24
N VAL A 2465 -6.55 -33.41 -24.75
CA VAL A 2465 -7.14 -34.71 -25.06
C VAL A 2465 -7.29 -35.49 -23.75
N THR A 2466 -8.02 -36.60 -23.82
CA THR A 2466 -8.32 -37.42 -22.65
C THR A 2466 -8.16 -38.90 -22.99
N THR A 2467 -7.68 -39.66 -22.01
CA THR A 2467 -7.55 -41.11 -22.14
C THR A 2467 -7.59 -41.71 -20.73
N SER A 2468 -7.98 -42.98 -20.65
CA SER A 2468 -8.13 -43.63 -19.34
C SER A 2468 -6.80 -43.65 -18.58
N LYS A 2469 -5.75 -44.17 -19.21
CA LYS A 2469 -4.41 -44.05 -18.66
C LYS A 2469 -3.76 -42.72 -19.03
N GLY A 2470 -4.41 -41.95 -19.89
CA GLY A 2470 -3.88 -40.71 -20.43
C GLY A 2470 -4.71 -39.53 -20.02
N LEU A 2471 -5.05 -39.44 -18.72
CA LEU A 2471 -5.75 -38.27 -18.18
C LEU A 2471 -5.15 -37.00 -18.76
N THR A 2472 -5.99 -36.00 -18.99
CA THR A 2472 -5.86 -35.06 -20.10
C THR A 2472 -4.42 -34.72 -20.47
N LEU A 2473 -4.07 -34.94 -21.72
CA LEU A 2473 -2.80 -34.50 -22.28
C LEU A 2473 -2.97 -33.15 -22.96
N LEU A 2474 -1.86 -32.45 -23.15
CA LEU A 2474 -1.84 -31.16 -23.83
C LEU A 2474 -0.80 -31.24 -24.95
N PRO A 2475 -1.09 -31.98 -26.02
CA PRO A 2475 -0.15 -32.08 -27.13
C PRO A 2475 -0.38 -31.06 -28.22
N LYS A 2476 0.50 -31.11 -29.21
CA LYS A 2476 0.39 -30.33 -30.43
C LYS A 2476 -1.01 -30.44 -31.03
N SER A 2477 -1.47 -29.35 -31.65
CA SER A 2477 -2.68 -29.43 -32.46
C SER A 2477 -2.40 -30.08 -33.80
N ASP A 2478 -1.20 -29.85 -34.35
CA ASP A 2478 -0.78 -30.42 -35.62
C ASP A 2478 -0.04 -31.74 -35.36
N ILE A 2479 0.66 -32.24 -36.37
CA ILE A 2479 1.50 -33.42 -36.20
C ILE A 2479 2.96 -33.04 -35.95
N LYS A 2480 3.34 -31.79 -36.22
CA LYS A 2480 4.70 -31.33 -35.93
C LYS A 2480 4.89 -31.09 -34.44
N ASN A 2481 6.11 -31.33 -33.96
CA ASN A 2481 6.46 -31.01 -32.59
C ASN A 2481 6.31 -29.51 -32.36
N LEU A 2482 6.19 -29.13 -31.09
CA LEU A 2482 5.94 -27.74 -30.72
C LEU A 2482 7.07 -27.25 -29.84
N VAL A 2483 7.62 -26.08 -30.16
CA VAL A 2483 8.76 -25.52 -29.45
C VAL A 2483 8.34 -24.19 -28.84
N LEU A 2484 8.39 -24.12 -27.51
CA LEU A 2484 7.96 -22.94 -26.78
C LEU A 2484 9.15 -22.03 -26.54
N PHE A 2485 9.24 -20.93 -27.31
CA PHE A 2485 10.31 -19.96 -27.12
C PHE A 2485 9.87 -18.90 -26.12
N CYS A 2486 10.36 -19.03 -24.89
CA CYS A 2486 10.07 -18.09 -23.82
C CYS A 2486 11.21 -17.08 -23.75
N ASP A 2487 11.06 -15.95 -24.45
CA ASP A 2487 12.10 -14.93 -24.45
C ASP A 2487 12.13 -14.20 -23.11
N GLU A 2488 13.30 -13.70 -22.76
CA GLU A 2488 13.54 -13.02 -21.49
C GLU A 2488 13.07 -13.90 -20.32
N ILE A 2489 13.66 -15.10 -20.25
CA ILE A 2489 13.20 -16.10 -19.30
C ILE A 2489 13.53 -15.74 -17.86
N ASN A 2490 14.55 -14.91 -17.64
CA ASN A 2490 14.94 -14.52 -16.28
C ASN A 2490 14.40 -13.15 -15.87
N LEU A 2491 13.56 -12.55 -16.70
CA LEU A 2491 13.00 -11.23 -16.45
C LEU A 2491 11.87 -11.18 -15.42
N PRO A 2492 10.95 -12.15 -15.37
CA PRO A 2492 9.80 -12.00 -14.46
C PRO A 2492 10.23 -11.78 -13.01
N LYS A 2493 9.49 -10.90 -12.34
CA LYS A 2493 9.80 -10.56 -10.96
C LYS A 2493 9.46 -11.74 -10.05
N LEU A 2494 10.09 -11.75 -8.88
CA LEU A 2494 9.95 -12.83 -7.92
C LEU A 2494 9.15 -12.37 -6.72
N ASP A 2495 8.46 -13.33 -6.10
CA ASP A 2495 7.59 -13.02 -4.96
C ASP A 2495 8.41 -12.44 -3.81
N LYS A 2496 7.69 -11.90 -2.84
CA LYS A 2496 8.34 -11.33 -1.66
C LYS A 2496 9.06 -12.38 -0.82
N TYR A 2497 8.77 -13.66 -1.03
CA TYR A 2497 9.49 -14.75 -0.36
C TYR A 2497 10.63 -15.29 -1.21
N GLY A 2498 10.85 -14.75 -2.40
CA GLY A 2498 11.98 -15.14 -3.22
C GLY A 2498 11.75 -16.36 -4.08
N SER A 2499 10.68 -16.34 -4.89
CA SER A 2499 10.40 -17.45 -5.80
C SER A 2499 9.49 -16.95 -6.90
N GLN A 2500 9.96 -17.02 -8.14
CA GLN A 2500 9.18 -16.61 -9.31
C GLN A 2500 8.44 -17.82 -9.86
N ASN A 2501 7.11 -17.71 -9.94
CA ASN A 2501 6.28 -18.88 -10.19
C ASN A 2501 6.30 -19.33 -11.65
N VAL A 2502 6.55 -18.43 -12.58
CA VAL A 2502 6.57 -18.82 -13.99
C VAL A 2502 7.76 -19.72 -14.29
N VAL A 2503 8.91 -19.43 -13.66
CA VAL A 2503 10.08 -20.29 -13.85
C VAL A 2503 9.85 -21.66 -13.21
N LEU A 2504 9.18 -21.69 -12.06
CA LEU A 2504 8.83 -22.97 -11.46
C LEU A 2504 7.84 -23.74 -12.32
N PHE A 2505 6.92 -23.03 -12.98
CA PHE A 2505 6.03 -23.69 -13.93
C PHE A 2505 6.80 -24.29 -15.10
N LEU A 2506 7.80 -23.56 -15.60
CA LEU A 2506 8.63 -24.08 -16.67
C LEU A 2506 9.41 -25.31 -16.22
N ARG A 2507 9.93 -25.28 -15.00
CA ARG A 2507 10.62 -26.45 -14.46
C ARG A 2507 9.68 -27.64 -14.33
N GLN A 2508 8.45 -27.39 -13.88
CA GLN A 2508 7.44 -28.44 -13.83
C GLN A 2508 7.19 -29.02 -15.21
N LEU A 2509 7.15 -28.15 -16.22
CA LEU A 2509 6.92 -28.63 -17.58
C LEU A 2509 8.11 -29.39 -18.14
N MET A 2510 9.32 -29.13 -17.66
CA MET A 2510 10.49 -29.85 -18.16
C MET A 2510 10.90 -31.04 -17.31
N GLU A 2511 10.61 -31.03 -16.01
CA GLU A 2511 10.97 -32.16 -15.16
C GLU A 2511 9.84 -33.17 -15.05
N LYS A 2512 8.68 -32.73 -14.57
CA LYS A 2512 7.54 -33.62 -14.38
C LYS A 2512 6.78 -33.90 -15.67
N GLN A 2513 7.10 -33.19 -16.74
CA GLN A 2513 6.40 -33.33 -18.03
C GLN A 2513 4.91 -33.12 -17.90
N GLY A 2514 4.50 -32.15 -17.10
CA GLY A 2514 3.08 -31.90 -16.91
C GLY A 2514 2.85 -30.79 -15.90
N PHE A 2515 1.59 -30.59 -15.59
CA PHE A 2515 1.17 -29.57 -14.63
C PHE A 2515 -0.21 -29.93 -14.10
N TRP A 2516 -0.82 -29.02 -13.36
CA TRP A 2516 -2.14 -29.22 -12.77
C TRP A 2516 -3.08 -28.13 -13.25
N LYS A 2517 -4.27 -28.52 -13.70
CA LYS A 2517 -5.29 -27.55 -14.05
C LYS A 2517 -5.83 -26.89 -12.79
N THR A 2518 -5.83 -25.56 -12.78
CA THR A 2518 -6.25 -24.86 -11.57
C THR A 2518 -7.77 -24.91 -11.32
N PRO A 2519 -8.66 -24.98 -12.35
CA PRO A 2519 -10.09 -25.12 -12.01
C PRO A 2519 -10.44 -26.52 -11.54
N GLU A 2520 -9.88 -27.54 -12.20
CA GLU A 2520 -10.36 -28.91 -12.09
C GLU A 2520 -9.42 -29.85 -11.32
N ASN A 2521 -8.18 -29.46 -11.10
CA ASN A 2521 -7.21 -30.26 -10.34
C ASN A 2521 -7.02 -31.64 -10.99
N LYS A 2522 -6.50 -31.61 -12.21
CA LYS A 2522 -6.17 -32.83 -12.94
C LYS A 2522 -4.75 -32.74 -13.46
N TRP A 2523 -4.05 -33.87 -13.46
CA TRP A 2523 -2.68 -33.92 -13.95
C TRP A 2523 -2.69 -33.90 -15.47
N VAL A 2524 -2.14 -32.85 -16.06
CA VAL A 2524 -2.06 -32.69 -17.50
C VAL A 2524 -0.64 -33.02 -17.92
N THR A 2525 -0.48 -34.09 -18.69
CA THR A 2525 0.81 -34.56 -19.17
C THR A 2525 1.07 -33.97 -20.54
N ILE A 2526 2.02 -33.02 -20.62
CA ILE A 2526 2.36 -32.45 -21.91
C ILE A 2526 3.01 -33.52 -22.77
N GLU A 2527 2.71 -33.49 -24.07
CA GLU A 2527 3.22 -34.48 -25.00
C GLU A 2527 3.99 -33.76 -26.09
N ARG A 2528 5.27 -34.12 -26.24
CA ARG A 2528 6.13 -33.65 -27.33
C ARG A 2528 6.01 -32.13 -27.53
N ILE A 2529 6.18 -31.41 -26.42
CA ILE A 2529 6.34 -29.96 -26.41
C ILE A 2529 7.70 -29.67 -25.79
N HIS A 2530 8.53 -28.90 -26.50
CA HIS A 2530 9.87 -28.59 -26.07
C HIS A 2530 9.96 -27.17 -25.55
N ILE A 2531 10.91 -26.93 -24.65
CA ILE A 2531 11.08 -25.63 -24.00
C ILE A 2531 12.43 -25.07 -24.41
N VAL A 2532 12.41 -23.90 -25.05
CA VAL A 2532 13.60 -23.16 -25.42
C VAL A 2532 13.42 -21.75 -24.89
N GLY A 2533 14.30 -21.33 -23.98
CA GLY A 2533 14.22 -19.99 -23.44
C GLY A 2533 15.39 -19.14 -23.89
N ALA A 2534 15.25 -17.83 -23.82
CA ALA A 2534 16.33 -16.91 -24.13
C ALA A 2534 16.41 -15.87 -23.04
N CYS A 2535 17.62 -15.55 -22.61
CA CYS A 2535 17.79 -14.61 -21.51
C CYS A 2535 19.08 -13.83 -21.69
N ASN A 2536 19.03 -12.57 -21.29
CA ASN A 2536 20.24 -11.77 -21.20
C ASN A 2536 21.06 -12.23 -20.00
N PRO A 2537 22.35 -11.89 -19.95
CA PRO A 2537 23.17 -12.27 -18.80
C PRO A 2537 22.57 -11.73 -17.51
N PRO A 2538 22.66 -12.49 -16.42
CA PRO A 2538 22.02 -12.05 -15.16
C PRO A 2538 22.58 -10.76 -14.60
N THR A 2539 23.79 -10.35 -15.01
CA THR A 2539 24.36 -9.11 -14.52
C THR A 2539 23.69 -7.87 -15.10
N ASP A 2540 22.91 -8.01 -16.16
CA ASP A 2540 22.24 -6.86 -16.74
C ASP A 2540 21.17 -6.34 -15.78
N PRO A 2541 20.89 -5.04 -15.82
CA PRO A 2541 19.88 -4.48 -14.91
C PRO A 2541 18.51 -5.08 -15.15
N GLY A 2542 17.78 -5.34 -14.06
CA GLY A 2542 16.45 -5.89 -14.13
C GLY A 2542 16.37 -7.38 -14.34
N ARG A 2543 17.51 -8.07 -14.45
CA ARG A 2543 17.53 -9.51 -14.70
C ARG A 2543 17.59 -10.23 -13.37
N ILE A 2544 16.49 -10.92 -13.02
CA ILE A 2544 16.43 -11.68 -11.77
C ILE A 2544 17.20 -12.98 -11.93
N PRO A 2545 18.07 -13.34 -10.99
CA PRO A 2545 18.75 -14.64 -11.09
C PRO A 2545 17.76 -15.79 -11.05
N MET A 2546 18.06 -16.83 -11.82
CA MET A 2546 17.21 -18.01 -11.91
C MET A 2546 17.73 -19.10 -10.98
N SER A 2547 16.79 -19.80 -10.34
CA SER A 2547 17.16 -20.85 -9.42
C SER A 2547 17.85 -22.00 -10.15
N GLU A 2548 18.85 -22.59 -9.50
CA GLU A 2548 19.57 -23.71 -10.11
C GLU A 2548 18.70 -24.95 -10.20
N ARG A 2549 17.54 -24.96 -9.56
CA ARG A 2549 16.63 -26.09 -9.70
C ARG A 2549 15.99 -26.11 -11.09
N PHE A 2550 15.90 -24.96 -11.75
CA PHE A 2550 15.34 -24.86 -13.08
C PHE A 2550 16.39 -25.07 -14.16
N THR A 2551 17.47 -24.29 -14.11
CA THR A 2551 18.52 -24.39 -15.12
C THR A 2551 19.25 -25.72 -15.08
N ARG A 2552 19.04 -26.52 -14.03
CA ARG A 2552 19.60 -27.86 -13.99
C ARG A 2552 19.10 -28.73 -15.13
N HIS A 2553 17.89 -28.46 -15.63
CA HIS A 2553 17.27 -29.28 -16.66
C HIS A 2553 17.54 -28.78 -18.07
N ALA A 2554 18.12 -27.60 -18.23
CA ALA A 2554 18.28 -26.99 -19.55
C ALA A 2554 19.75 -26.87 -19.91
N ALA A 2555 20.05 -27.14 -21.17
CA ALA A 2555 21.39 -26.94 -21.71
C ALA A 2555 21.55 -25.48 -22.06
N ILE A 2556 22.57 -24.84 -21.49
CA ILE A 2556 22.78 -23.41 -21.65
C ILE A 2556 23.81 -23.18 -22.76
N LEU A 2557 23.48 -22.28 -23.68
CA LEU A 2557 24.35 -21.91 -24.79
C LEU A 2557 24.55 -20.40 -24.77
N TYR A 2558 25.80 -19.96 -24.81
CA TYR A 2558 26.11 -18.54 -24.85
C TYR A 2558 26.36 -18.11 -26.28
N LEU A 2559 25.67 -17.04 -26.69
CA LEU A 2559 25.76 -16.50 -28.05
C LEU A 2559 26.24 -15.06 -27.96
N GLY A 2560 27.53 -14.84 -28.23
CA GLY A 2560 28.08 -13.49 -28.18
C GLY A 2560 27.84 -12.73 -29.46
N TYR A 2561 28.31 -11.48 -29.45
CA TYR A 2561 28.19 -10.65 -30.63
C TYR A 2561 29.09 -11.16 -31.75
N PRO A 2562 28.69 -10.99 -33.00
CA PRO A 2562 29.44 -11.60 -34.11
C PRO A 2562 30.78 -10.95 -34.39
N SER A 2563 31.63 -10.83 -33.36
CA SER A 2563 33.05 -10.53 -33.46
C SER A 2563 33.37 -9.12 -33.94
N GLY A 2564 32.38 -8.34 -34.35
CA GLY A 2564 32.64 -6.98 -34.77
C GLY A 2564 33.24 -6.84 -36.15
N LYS A 2565 33.96 -7.87 -36.59
CA LYS A 2565 34.48 -7.92 -37.95
C LYS A 2565 33.57 -8.70 -38.89
N SER A 2566 32.93 -9.76 -38.39
CA SER A 2566 31.94 -10.46 -39.19
C SER A 2566 30.72 -9.59 -39.48
N LEU A 2567 30.47 -8.57 -38.65
CA LEU A 2567 29.39 -7.64 -38.94
C LEU A 2567 29.60 -6.95 -40.28
N SER A 2568 30.87 -6.67 -40.61
CA SER A 2568 31.18 -6.03 -41.89
C SER A 2568 30.66 -6.84 -43.06
N GLN A 2569 30.96 -8.14 -43.08
CA GLN A 2569 30.48 -8.99 -44.17
C GLN A 2569 28.98 -9.19 -44.08
N ILE A 2570 28.45 -9.37 -42.86
CA ILE A 2570 27.03 -9.66 -42.69
C ILE A 2570 26.19 -8.53 -43.27
N TYR A 2571 26.61 -7.28 -43.08
CA TYR A 2571 25.86 -6.16 -43.59
C TYR A 2571 26.34 -5.66 -44.95
N GLU A 2572 27.54 -6.04 -45.37
CA GLU A 2572 27.92 -5.84 -46.76
C GLU A 2572 27.05 -6.67 -47.68
N ILE A 2573 26.61 -7.85 -47.22
CA ILE A 2573 25.66 -8.62 -48.02
C ILE A 2573 24.35 -7.84 -48.17
N TYR A 2574 23.86 -7.23 -47.08
CA TYR A 2574 22.66 -6.42 -47.17
C TYR A 2574 22.84 -5.23 -48.11
N TYR A 2575 24.00 -4.58 -48.07
CA TYR A 2575 24.23 -3.44 -48.95
C TYR A 2575 24.34 -3.89 -50.41
N LYS A 2576 24.97 -5.03 -50.66
CA LYS A 2576 24.97 -5.59 -52.01
C LYS A 2576 23.55 -5.89 -52.46
N ALA A 2577 22.69 -6.30 -51.55
CA ALA A 2577 21.29 -6.55 -51.89
C ALA A 2577 20.57 -5.26 -52.26
N ILE A 2578 20.71 -4.22 -51.42
CA ILE A 2578 19.94 -2.99 -51.62
C ILE A 2578 20.55 -2.07 -52.66
N PHE A 2579 21.75 -2.35 -53.15
CA PHE A 2579 22.30 -1.56 -54.24
C PHE A 2579 21.96 -2.14 -55.60
N LYS A 2580 21.17 -3.21 -55.66
CA LYS A 2580 20.62 -3.65 -56.93
C LYS A 2580 19.65 -2.64 -57.50
N LEU A 2581 19.09 -1.77 -56.66
CA LEU A 2581 18.27 -0.67 -57.14
C LEU A 2581 19.12 0.46 -57.73
N VAL A 2582 20.35 0.62 -57.23
CA VAL A 2582 21.22 1.71 -57.67
C VAL A 2582 22.55 1.10 -58.13
N PRO A 2583 22.59 0.46 -59.29
CA PRO A 2583 23.82 -0.25 -59.70
C PRO A 2583 25.00 0.67 -59.95
N GLU A 2584 24.77 1.96 -60.23
CA GLU A 2584 25.86 2.84 -60.61
C GLU A 2584 26.93 2.94 -59.53
N PHE A 2585 26.57 2.66 -58.29
CA PHE A 2585 27.50 2.70 -57.15
C PHE A 2585 27.63 1.33 -56.51
N ARG A 2586 27.62 0.28 -57.33
CA ARG A 2586 27.93 -1.06 -56.85
C ARG A 2586 29.24 -1.10 -56.06
N SER A 2587 30.26 -0.43 -56.58
CA SER A 2587 31.59 -0.46 -55.96
C SER A 2587 31.57 0.15 -54.57
N TYR A 2588 30.46 0.77 -54.19
CA TYR A 2588 30.33 1.40 -52.88
C TYR A 2588 29.61 0.53 -51.87
N THR A 2589 29.33 -0.73 -52.21
CA THR A 2589 28.71 -1.63 -51.24
C THR A 2589 29.63 -1.86 -50.04
N GLU A 2590 30.89 -2.17 -50.30
CA GLU A 2590 31.83 -2.46 -49.21
C GLU A 2590 32.09 -1.28 -48.29
N PRO A 2591 32.36 -0.04 -48.79
CA PRO A 2591 32.60 1.07 -47.86
C PRO A 2591 31.46 1.32 -46.90
N PHE A 2592 30.27 1.59 -47.45
CA PHE A 2592 29.09 1.85 -46.62
C PHE A 2592 28.99 0.90 -45.44
N ALA A 2593 28.98 -0.40 -45.73
CA ALA A 2593 28.83 -1.39 -44.68
C ALA A 2593 29.84 -1.17 -43.57
N ARG A 2594 31.12 -1.10 -43.93
CA ARG A 2594 32.15 -0.86 -42.93
C ARG A 2594 31.84 0.40 -42.14
N ALA A 2595 31.54 1.49 -42.85
CA ALA A 2595 31.16 2.73 -42.17
C ALA A 2595 30.05 2.47 -41.17
N SER A 2596 28.97 1.84 -41.64
CA SER A 2596 27.85 1.54 -40.75
C SER A 2596 28.36 0.78 -39.54
N VAL A 2597 29.10 -0.31 -39.77
CA VAL A 2597 29.61 -1.09 -38.66
C VAL A 2597 30.46 -0.22 -37.76
N HIS A 2598 31.38 0.54 -38.36
CA HIS A 2598 32.22 1.43 -37.56
C HIS A 2598 31.36 2.35 -36.72
N LEU A 2599 30.35 2.96 -37.34
CA LEU A 2599 29.46 3.84 -36.61
C LEU A 2599 28.90 3.13 -35.40
N TYR A 2600 28.33 1.94 -35.62
CA TYR A 2600 27.76 1.19 -34.51
C TYR A 2600 28.80 1.00 -33.41
N ASN A 2601 30.00 0.56 -33.78
CA ASN A 2601 31.03 0.32 -32.78
C ASN A 2601 31.24 1.56 -31.94
N GLU A 2602 31.40 2.71 -32.59
CA GLU A 2602 31.66 3.93 -31.84
C GLU A 2602 30.49 4.26 -30.94
N CYS A 2603 29.26 4.15 -31.45
CA CYS A 2603 28.10 4.46 -30.63
C CYS A 2603 27.94 3.47 -29.50
N LYS A 2604 28.55 2.29 -29.61
CA LYS A 2604 28.52 1.35 -28.50
C LYS A 2604 29.50 1.74 -27.40
N ALA A 2605 30.60 2.41 -27.77
CA ALA A 2605 31.63 2.74 -26.80
C ALA A 2605 31.45 4.11 -26.20
N ARG A 2606 31.08 5.10 -27.01
CA ARG A 2606 30.92 6.46 -26.50
C ARG A 2606 29.75 6.54 -25.52
N TYR A 2607 28.59 6.02 -25.92
CA TYR A 2607 27.35 6.22 -25.18
C TYR A 2607 27.01 4.91 -24.47
N SER A 2608 27.49 4.79 -23.24
CA SER A 2608 27.27 3.61 -22.44
C SER A 2608 26.07 3.81 -21.52
N THR A 2609 25.69 2.74 -20.83
CA THR A 2609 24.57 2.83 -19.88
C THR A 2609 24.88 3.76 -18.73
N GLY A 2610 26.15 4.07 -18.49
CA GLY A 2610 26.50 5.00 -17.42
C GLY A 2610 25.93 6.39 -17.63
N LEU A 2611 25.81 6.82 -18.88
CA LEU A 2611 25.21 8.12 -19.15
C LEU A 2611 23.69 8.06 -19.02
N GLN A 2612 23.05 7.23 -19.84
CA GLN A 2612 21.61 7.05 -19.81
C GLN A 2612 21.28 5.58 -19.79
N SER A 2613 20.16 5.23 -19.15
CA SER A 2613 19.79 3.84 -19.00
C SER A 2613 19.26 3.22 -20.28
N HIS A 2614 18.92 4.03 -21.29
CA HIS A 2614 18.37 3.54 -22.54
C HIS A 2614 19.36 3.61 -23.69
N TYR A 2615 20.65 3.76 -23.38
CA TYR A 2615 21.69 3.79 -24.41
C TYR A 2615 22.19 2.39 -24.74
N LEU A 2616 21.26 1.49 -25.08
CA LEU A 2616 21.60 0.11 -25.39
C LEU A 2616 21.64 -0.04 -26.91
N PHE A 2617 22.82 -0.33 -27.45
CA PHE A 2617 23.01 -0.54 -28.87
C PHE A 2617 23.29 -2.02 -29.16
N SER A 2618 23.00 -2.42 -30.39
CA SER A 2618 23.11 -3.81 -30.79
C SER A 2618 23.10 -3.86 -32.31
N PRO A 2619 23.44 -5.00 -32.91
CA PRO A 2619 23.32 -5.12 -34.37
C PRO A 2619 21.91 -4.90 -34.89
N ARG A 2620 20.90 -4.96 -34.01
CA ARG A 2620 19.54 -4.63 -34.42
C ARG A 2620 19.47 -3.20 -34.94
N GLU A 2621 20.26 -2.29 -34.35
CA GLU A 2621 20.34 -0.93 -34.88
C GLU A 2621 20.89 -0.93 -36.29
N LEU A 2622 21.91 -1.75 -36.56
CA LEU A 2622 22.45 -1.83 -37.91
C LEU A 2622 21.42 -2.35 -38.89
N THR A 2623 20.63 -3.34 -38.49
CA THR A 2623 19.57 -3.85 -39.37
C THR A 2623 18.51 -2.80 -39.63
N ARG A 2624 18.14 -2.03 -38.59
CA ARG A 2624 17.20 -0.93 -38.79
C ARG A 2624 17.77 0.09 -39.76
N LEU A 2625 19.05 0.39 -39.64
CA LEU A 2625 19.68 1.35 -40.54
C LEU A 2625 19.68 0.84 -41.98
N VAL A 2626 19.93 -0.46 -42.17
CA VAL A 2626 19.94 -1.02 -43.52
C VAL A 2626 18.54 -0.99 -44.13
N ARG A 2627 17.52 -1.37 -43.34
CA ARG A 2627 16.14 -1.25 -43.82
C ARG A 2627 15.77 0.18 -44.14
N GLY A 2628 16.19 1.14 -43.30
CA GLY A 2628 15.89 2.53 -43.60
C GLY A 2628 16.55 3.01 -44.87
N VAL A 2629 17.82 2.65 -45.07
CA VAL A 2629 18.52 3.03 -46.29
C VAL A 2629 17.82 2.43 -47.51
N TYR A 2630 17.38 1.18 -47.42
CA TYR A 2630 16.70 0.56 -48.54
C TYR A 2630 15.36 1.26 -48.81
N THR A 2631 14.55 1.45 -47.77
CA THR A 2631 13.23 2.03 -47.96
C THR A 2631 13.28 3.50 -48.31
N ALA A 2632 14.42 4.15 -48.16
CA ALA A 2632 14.59 5.48 -48.74
C ALA A 2632 15.12 5.42 -50.16
N ILE A 2633 15.96 4.43 -50.47
CA ILE A 2633 16.41 4.23 -51.85
C ILE A 2633 15.28 3.70 -52.71
N ASN A 2634 14.47 2.78 -52.18
CA ASN A 2634 13.43 2.13 -52.97
C ASN A 2634 12.42 3.15 -53.47
N THR A 2635 11.97 4.05 -52.60
CA THR A 2635 10.94 5.01 -52.94
C THR A 2635 11.51 6.39 -53.27
N GLY A 2636 12.83 6.52 -53.34
CA GLY A 2636 13.45 7.79 -53.64
C GLY A 2636 13.67 8.00 -55.12
N PRO A 2637 14.19 9.17 -55.48
CA PRO A 2637 14.46 9.45 -56.90
C PRO A 2637 15.79 8.86 -57.35
N ARG A 2638 16.21 9.17 -58.57
CA ARG A 2638 17.53 8.76 -59.02
C ARG A 2638 18.59 9.36 -58.10
N GLN A 2639 19.52 8.52 -57.65
CA GLN A 2639 20.44 8.88 -56.59
C GLN A 2639 21.82 9.19 -57.14
N THR A 2640 22.53 10.07 -56.44
CA THR A 2640 23.93 10.35 -56.69
C THR A 2640 24.72 10.08 -55.40
N LEU A 2641 26.04 10.03 -55.54
CA LEU A 2641 26.87 9.62 -54.40
C LEU A 2641 26.68 10.55 -53.21
N ARG A 2642 26.63 11.86 -53.45
CA ARG A 2642 26.34 12.80 -52.37
C ARG A 2642 24.97 12.53 -51.78
N SER A 2643 23.98 12.25 -52.64
CA SER A 2643 22.64 11.95 -52.14
C SER A 2643 22.62 10.69 -51.31
N LEU A 2644 23.34 9.65 -51.75
CA LEU A 2644 23.39 8.42 -50.95
C LEU A 2644 24.09 8.63 -49.62
N ILE A 2645 25.17 9.40 -49.61
CA ILE A 2645 25.87 9.66 -48.36
C ILE A 2645 24.95 10.43 -47.41
N ARG A 2646 24.23 11.43 -47.92
CA ARG A 2646 23.32 12.18 -47.06
C ARG A 2646 22.15 11.33 -46.59
N LEU A 2647 21.66 10.43 -47.44
CA LEU A 2647 20.58 9.53 -47.05
C LEU A 2647 21.03 8.59 -45.95
N TRP A 2648 22.23 8.02 -46.10
CA TRP A 2648 22.78 7.15 -45.07
C TRP A 2648 23.00 7.93 -43.77
N ALA A 2649 23.46 9.18 -43.88
CA ALA A 2649 23.63 10.00 -42.69
C ALA A 2649 22.31 10.31 -42.01
N TYR A 2650 21.26 10.56 -42.80
CA TYR A 2650 19.93 10.79 -42.22
C TYR A 2650 19.44 9.56 -41.48
N GLU A 2651 19.59 8.38 -42.09
CA GLU A 2651 19.16 7.16 -41.42
C GLU A 2651 19.99 6.91 -40.17
N ALA A 2652 21.28 7.19 -40.22
CA ALA A 2652 22.12 7.05 -39.03
C ALA A 2652 21.67 8.00 -37.92
N TRP A 2653 21.32 9.23 -38.28
CA TRP A 2653 20.79 10.16 -37.30
C TRP A 2653 19.52 9.62 -36.67
N ARG A 2654 18.62 9.08 -37.49
CA ARG A 2654 17.34 8.62 -36.97
C ARG A 2654 17.48 7.36 -36.13
N ILE A 2655 18.47 6.51 -36.42
CA ILE A 2655 18.65 5.28 -35.67
C ILE A 2655 19.44 5.49 -34.40
N PHE A 2656 20.63 6.09 -34.50
CA PHE A 2656 21.55 6.15 -33.38
C PHE A 2656 21.38 7.38 -32.51
N ALA A 2657 21.06 8.53 -33.11
CA ALA A 2657 21.10 9.80 -32.39
C ALA A 2657 19.73 10.37 -32.05
N ASP A 2658 18.65 9.62 -32.26
CA ASP A 2658 17.34 10.11 -31.82
C ASP A 2658 17.20 9.98 -30.30
N ARG A 2659 17.71 8.90 -29.72
CA ARG A 2659 17.56 8.65 -28.30
C ARG A 2659 18.51 9.48 -27.45
N LEU A 2660 19.44 10.20 -28.06
CA LEU A 2660 20.46 10.91 -27.30
C LEU A 2660 19.87 12.08 -26.53
N VAL A 2661 20.41 12.31 -25.34
CA VAL A 2661 19.94 13.37 -24.44
C VAL A 2661 21.04 14.41 -24.33
N GLY A 2662 20.66 15.68 -24.43
CA GLY A 2662 21.60 16.76 -24.27
C GLY A 2662 22.33 17.09 -25.56
N VAL A 2663 22.56 18.39 -25.76
CA VAL A 2663 23.21 18.85 -26.98
C VAL A 2663 24.67 18.40 -27.04
N LYS A 2664 25.31 18.14 -25.91
CA LYS A 2664 26.70 17.70 -25.93
C LYS A 2664 26.86 16.38 -26.67
N GLU A 2665 26.04 15.38 -26.33
CA GLU A 2665 26.13 14.09 -27.00
C GLU A 2665 25.66 14.15 -28.45
N LYS A 2666 24.70 15.02 -28.76
CA LYS A 2666 24.31 15.20 -30.16
C LYS A 2666 25.45 15.78 -30.99
N ASN A 2667 26.16 16.77 -30.44
CA ASN A 2667 27.33 17.30 -31.15
C ASN A 2667 28.42 16.25 -31.27
N SER A 2668 28.60 15.43 -30.22
CA SER A 2668 29.58 14.35 -30.29
C SER A 2668 29.23 13.37 -31.40
N PHE A 2669 27.95 13.02 -31.52
CA PHE A 2669 27.55 12.14 -32.61
C PHE A 2669 27.75 12.79 -33.96
N GLU A 2670 27.50 14.10 -34.05
CA GLU A 2670 27.69 14.78 -35.34
C GLU A 2670 29.15 14.74 -35.77
N GLN A 2671 30.07 15.00 -34.83
CA GLN A 2671 31.49 14.93 -35.19
C GLN A 2671 31.91 13.49 -35.47
N LEU A 2672 31.31 12.52 -34.79
CA LEU A 2672 31.58 11.12 -35.12
C LEU A 2672 31.13 10.79 -36.54
N LEU A 2673 29.96 11.30 -36.93
CA LEU A 2673 29.47 11.09 -38.29
C LEU A 2673 30.42 11.71 -39.30
N TYR A 2674 30.89 12.92 -39.02
CA TYR A 2674 31.85 13.56 -39.93
C TYR A 2674 33.12 12.74 -40.05
N GLU A 2675 33.65 12.25 -38.92
CA GLU A 2675 34.86 11.45 -38.96
C GLU A 2675 34.66 10.15 -39.74
N THR A 2676 33.53 9.49 -39.52
CA THR A 2676 33.26 8.24 -40.24
C THR A 2676 33.14 8.48 -41.74
N VAL A 2677 32.43 9.53 -42.14
CA VAL A 2677 32.28 9.82 -43.56
C VAL A 2677 33.63 10.13 -44.17
N ASP A 2678 34.44 10.95 -43.49
CA ASP A 2678 35.73 11.31 -44.04
C ASP A 2678 36.69 10.13 -44.04
N LYS A 2679 36.48 9.14 -43.17
CA LYS A 2679 37.39 8.01 -43.07
C LYS A 2679 37.07 6.92 -44.09
N TYR A 2680 35.79 6.66 -44.33
CA TYR A 2680 35.40 5.55 -45.18
C TYR A 2680 34.78 5.97 -46.52
N LEU A 2681 34.22 7.17 -46.62
CA LEU A 2681 33.62 7.66 -47.86
C LEU A 2681 34.21 9.04 -48.13
N PRO A 2682 35.47 9.10 -48.55
CA PRO A 2682 36.13 10.40 -48.67
C PRO A 2682 35.63 11.23 -49.85
N ASN A 2683 34.35 11.59 -49.81
CA ASN A 2683 33.78 12.42 -50.86
C ASN A 2683 34.17 13.88 -50.64
N GLN A 2684 34.03 14.68 -51.71
CA GLN A 2684 34.46 16.07 -51.70
C GLN A 2684 33.31 17.06 -51.89
N ASP A 2685 32.08 16.59 -52.09
CA ASP A 2685 30.92 17.46 -52.21
C ASP A 2685 29.88 17.01 -51.18
N LEU A 2686 29.86 17.69 -50.04
CA LEU A 2686 28.88 17.41 -49.00
C LEU A 2686 28.52 18.70 -48.30
N GLY A 2687 27.31 18.73 -47.75
CA GLY A 2687 26.86 19.88 -47.01
C GLY A 2687 27.04 19.68 -45.51
N ASN A 2688 26.12 20.23 -44.73
CA ASN A 2688 26.14 20.06 -43.28
C ASN A 2688 25.32 18.83 -42.92
N ILE A 2689 25.90 17.96 -42.08
CA ILE A 2689 25.26 16.71 -41.71
C ILE A 2689 24.52 16.86 -40.38
N SER A 2690 24.33 18.09 -39.91
CA SER A 2690 23.61 18.31 -38.66
C SER A 2690 22.15 17.88 -38.81
N SER A 2691 21.50 17.66 -37.67
CA SER A 2691 20.17 17.07 -37.67
C SER A 2691 19.17 17.94 -38.42
N THR A 2692 19.22 19.25 -38.19
CA THR A 2692 18.30 20.17 -38.86
C THR A 2692 18.79 20.64 -40.22
N SER A 2693 20.05 20.35 -40.57
CA SER A 2693 20.55 20.79 -41.86
C SER A 2693 20.05 19.92 -43.00
N LEU A 2694 19.78 18.64 -42.73
CA LEU A 2694 19.29 17.72 -43.74
C LEU A 2694 17.90 17.23 -43.34
N LEU A 2695 16.96 17.32 -44.27
CA LEU A 2695 15.57 16.97 -44.02
C LEU A 2695 15.07 16.14 -45.20
N PHE A 2696 14.71 14.88 -44.93
CA PHE A 2696 14.18 13.97 -45.93
C PHE A 2696 12.72 13.72 -45.63
N SER A 2697 11.85 13.94 -46.61
CA SER A 2697 10.44 13.73 -46.38
C SER A 2697 9.73 13.54 -47.72
N GLY A 2698 8.72 12.67 -47.70
CA GLY A 2698 7.84 12.47 -48.84
C GLY A 2698 6.52 13.18 -48.74
N LEU A 2699 6.35 14.11 -47.80
CA LEU A 2699 5.11 14.87 -47.71
C LEU A 2699 4.93 15.78 -48.91
N LEU A 2700 6.01 16.42 -49.37
CA LEU A 2700 5.89 17.36 -50.48
C LEU A 2700 5.81 16.63 -51.82
N SER A 2701 6.86 15.88 -52.16
CA SER A 2701 6.92 15.19 -53.43
C SER A 2701 6.25 13.82 -53.32
N LEU A 2702 6.19 13.12 -54.45
CA LEU A 2702 5.79 11.72 -54.44
C LEU A 2702 6.97 10.80 -54.20
N ASP A 2703 8.19 11.31 -54.25
CA ASP A 2703 9.40 10.56 -53.96
C ASP A 2703 9.77 10.75 -52.49
N PHE A 2704 10.97 10.33 -52.11
CA PHE A 2704 11.53 10.53 -50.78
C PHE A 2704 12.88 11.20 -50.97
N LYS A 2705 12.88 12.52 -51.03
CA LYS A 2705 14.07 13.29 -51.37
C LYS A 2705 14.32 14.35 -50.30
N GLU A 2706 15.57 14.81 -50.24
CA GLU A 2706 15.93 15.88 -49.32
C GLU A 2706 15.26 17.18 -49.79
N VAL A 2707 14.37 17.72 -48.96
CA VAL A 2707 13.54 18.84 -49.35
C VAL A 2707 14.10 20.13 -48.78
N ASN A 2708 13.84 21.24 -49.47
CA ASN A 2708 14.24 22.55 -48.99
C ASN A 2708 13.51 22.89 -47.70
N LYS A 2709 14.20 23.58 -46.79
CA LYS A 2709 13.61 23.89 -45.51
C LYS A 2709 12.40 24.81 -45.65
N THR A 2710 12.50 25.83 -46.50
CA THR A 2710 11.43 26.82 -46.61
C THR A 2710 10.15 26.20 -47.16
N ASP A 2711 10.26 25.36 -48.19
CA ASP A 2711 9.09 24.69 -48.74
C ASP A 2711 8.45 23.78 -47.70
N LEU A 2712 9.27 23.05 -46.96
CA LEU A 2712 8.75 22.15 -45.93
C LEU A 2712 8.01 22.94 -44.85
N VAL A 2713 8.59 24.04 -44.39
CA VAL A 2713 7.95 24.83 -43.35
C VAL A 2713 6.64 25.42 -43.85
N ASN A 2714 6.62 25.93 -45.09
CA ASN A 2714 5.40 26.50 -45.63
C ASN A 2714 4.31 25.44 -45.74
N PHE A 2715 4.66 24.25 -46.23
CA PHE A 2715 3.67 23.18 -46.34
C PHE A 2715 3.16 22.76 -44.97
N ILE A 2716 4.07 22.63 -44.00
CA ILE A 2716 3.66 22.24 -42.65
C ILE A 2716 2.72 23.28 -42.06
N GLU A 2717 3.00 24.56 -42.27
CA GLU A 2717 2.13 25.59 -41.73
C GLU A 2717 0.75 25.55 -42.39
N GLU A 2718 0.70 25.42 -43.72
CA GLU A 2718 -0.60 25.43 -44.38
C GLU A 2718 -1.40 24.17 -44.09
N ARG A 2719 -0.72 23.08 -43.71
CA ARG A 2719 -1.46 21.89 -43.27
C ARG A 2719 -1.85 21.96 -41.81
N PHE A 2720 -1.01 22.56 -40.97
CA PHE A 2720 -1.32 22.68 -39.55
C PHE A 2720 -2.50 23.62 -39.32
N LYS A 2721 -2.62 24.68 -40.12
CA LYS A 2721 -3.79 25.54 -40.00
C LYS A 2721 -5.07 24.76 -40.28
N THR A 2722 -5.07 23.95 -41.34
CA THR A 2722 -6.24 23.14 -41.65
C THR A 2722 -6.51 22.11 -40.56
N PHE A 2723 -5.46 21.52 -40.02
CA PHE A 2723 -5.65 20.55 -38.93
C PHE A 2723 -6.27 21.22 -37.71
N CYS A 2724 -5.77 22.39 -37.32
CA CYS A 2724 -6.36 23.09 -36.17
C CYS A 2724 -7.78 23.52 -36.45
N ASP A 2725 -8.10 23.81 -37.72
CA ASP A 2725 -9.46 24.22 -38.04
C ASP A 2725 -10.42 23.04 -37.98
N GLU A 2726 -10.22 22.03 -38.84
CA GLU A 2726 -11.21 20.97 -38.96
C GLU A 2726 -11.14 19.99 -37.79
N GLU A 2727 -9.94 19.71 -37.29
CA GLU A 2727 -9.80 18.85 -36.12
C GLU A 2727 -9.86 19.71 -34.86
N LEU A 2728 -9.49 19.13 -33.72
CA LEU A 2728 -9.63 19.82 -32.44
C LEU A 2728 -8.74 21.06 -32.41
N GLU A 2729 -9.28 22.16 -31.89
CA GLU A 2729 -8.68 23.47 -32.03
C GLU A 2729 -7.73 23.73 -30.86
N VAL A 2730 -6.44 23.82 -31.16
CA VAL A 2730 -5.41 24.24 -30.21
C VAL A 2730 -4.49 25.23 -30.91
N PRO A 2731 -4.57 26.53 -30.59
CA PRO A 2731 -3.68 27.50 -31.24
C PRO A 2731 -2.22 27.19 -30.94
N MET A 2732 -1.46 26.93 -32.00
CA MET A 2732 -0.08 26.48 -31.87
C MET A 2732 0.81 27.20 -32.86
N VAL A 2733 2.10 27.25 -32.54
CA VAL A 2733 3.10 27.97 -33.33
C VAL A 2733 4.08 26.97 -33.90
N ILE A 2734 4.35 27.08 -35.20
CA ILE A 2734 5.25 26.16 -35.88
C ILE A 2734 6.66 26.71 -35.81
N HIS A 2735 7.61 25.84 -35.47
CA HIS A 2735 9.02 26.20 -35.42
C HIS A 2735 9.86 25.05 -35.97
N GLU A 2736 11.18 25.25 -36.00
CA GLU A 2736 12.07 24.31 -36.68
C GLU A 2736 12.05 22.93 -36.03
N SER A 2737 12.11 22.88 -34.70
CA SER A 2737 12.09 21.60 -34.01
C SER A 2737 10.78 20.87 -34.26
N MET A 2738 9.67 21.61 -34.37
CA MET A 2738 8.41 20.98 -34.72
C MET A 2738 8.48 20.31 -36.07
N VAL A 2739 9.08 20.97 -37.06
CA VAL A 2739 9.20 20.38 -38.39
C VAL A 2739 10.06 19.13 -38.34
N ASP A 2740 11.19 19.20 -37.63
CA ASP A 2740 12.08 18.04 -37.53
C ASP A 2740 11.36 16.85 -36.89
N HIS A 2741 10.63 17.10 -35.80
CA HIS A 2741 9.96 15.99 -35.13
C HIS A 2741 8.76 15.51 -35.92
N ILE A 2742 8.13 16.37 -36.71
CA ILE A 2742 7.08 15.91 -37.61
C ILE A 2742 7.66 14.96 -38.64
N LEU A 2743 8.83 15.28 -39.19
CA LEU A 2743 9.48 14.35 -40.11
C LEU A 2743 9.81 13.03 -39.42
N ARG A 2744 10.32 13.08 -38.19
CA ARG A 2744 10.65 11.85 -37.48
C ARG A 2744 9.42 10.98 -37.27
N ILE A 2745 8.33 11.57 -36.80
CA ILE A 2745 7.12 10.79 -36.53
C ILE A 2745 6.52 10.28 -37.83
N ASP A 2746 6.60 11.05 -38.90
CA ASP A 2746 6.12 10.58 -40.19
C ASP A 2746 6.91 9.37 -40.66
N ARG A 2747 8.24 9.43 -40.53
CA ARG A 2747 9.06 8.30 -40.92
C ARG A 2747 8.72 7.07 -40.10
N ALA A 2748 8.51 7.25 -38.79
CA ALA A 2748 8.17 6.10 -37.95
C ALA A 2748 6.81 5.51 -38.32
N LEU A 2749 5.82 6.36 -38.56
CA LEU A 2749 4.48 5.85 -38.87
C LEU A 2749 4.41 5.28 -40.28
N LYS A 2750 5.36 5.60 -41.15
CA LYS A 2750 5.28 5.12 -42.53
C LYS A 2750 5.65 3.64 -42.66
N GLN A 2751 6.52 3.12 -41.80
CA GLN A 2751 6.98 1.75 -41.96
C GLN A 2751 5.96 0.77 -41.39
N VAL A 2752 6.28 -0.52 -41.52
CA VAL A 2752 5.31 -1.59 -41.26
C VAL A 2752 5.01 -1.73 -39.77
N GLN A 2753 6.00 -2.08 -38.95
CA GLN A 2753 5.83 -2.08 -37.51
C GLN A 2753 6.45 -0.81 -36.91
N GLY A 2754 5.88 0.32 -37.29
CA GLY A 2754 6.39 1.59 -36.83
C GLY A 2754 5.76 2.03 -35.53
N HIS A 2755 6.43 1.76 -34.42
CA HIS A 2755 6.01 2.22 -33.11
C HIS A 2755 7.04 3.20 -32.59
N MET A 2756 6.56 4.24 -31.91
CA MET A 2756 7.46 5.28 -31.41
C MET A 2756 7.20 5.51 -29.93
N MET A 2757 8.26 5.85 -29.22
CA MET A 2757 8.20 6.26 -27.81
C MET A 2757 8.77 7.66 -27.70
N LEU A 2758 7.90 8.64 -27.45
CA LEU A 2758 8.27 10.04 -27.37
C LEU A 2758 8.54 10.38 -25.91
N ILE A 2759 9.81 10.57 -25.58
CA ILE A 2759 10.23 10.95 -24.24
C ILE A 2759 10.63 12.41 -24.31
N GLY A 2760 9.81 13.29 -23.74
CA GLY A 2760 10.10 14.70 -23.76
C GLY A 2760 9.87 15.34 -22.42
N ALA A 2761 8.99 16.34 -22.39
CA ALA A 2761 8.54 16.93 -21.14
C ALA A 2761 7.15 17.52 -21.39
N SER A 2762 6.42 17.74 -20.29
CA SER A 2762 5.02 18.12 -20.40
C SER A 2762 4.88 19.48 -21.10
N ARG A 2763 3.85 19.59 -21.93
CA ARG A 2763 3.56 20.79 -22.72
C ARG A 2763 4.62 21.06 -23.79
N THR A 2764 5.24 20.00 -24.31
CA THR A 2764 6.16 20.16 -25.43
C THR A 2764 5.44 20.03 -26.78
N GLY A 2765 4.31 19.36 -26.81
CA GLY A 2765 3.57 19.17 -28.03
C GLY A 2765 3.58 17.77 -28.60
N LYS A 2766 4.09 16.79 -27.85
CA LYS A 2766 4.26 15.44 -28.40
C LYS A 2766 2.93 14.80 -28.79
N THR A 2767 1.91 14.92 -27.94
CA THR A 2767 0.64 14.26 -28.23
C THR A 2767 -0.03 14.90 -29.44
N ILE A 2768 -0.12 16.22 -29.47
CA ILE A 2768 -0.77 16.88 -30.60
C ILE A 2768 0.08 16.76 -31.85
N LEU A 2769 1.41 16.69 -31.72
CA LEU A 2769 2.24 16.45 -32.88
C LEU A 2769 1.99 15.07 -33.46
N THR A 2770 1.84 14.06 -32.60
CA THR A 2770 1.50 12.72 -33.08
C THR A 2770 0.13 12.72 -33.75
N ARG A 2771 -0.84 13.42 -33.16
CA ARG A 2771 -2.16 13.50 -33.78
C ARG A 2771 -2.09 14.17 -35.15
N PHE A 2772 -1.32 15.25 -35.26
CA PHE A 2772 -1.17 15.93 -36.54
C PHE A 2772 -0.52 15.03 -37.59
N VAL A 2773 0.54 14.33 -37.21
CA VAL A 2773 1.23 13.46 -38.16
C VAL A 2773 0.34 12.30 -38.57
N ALA A 2774 -0.45 11.77 -37.64
CA ALA A 2774 -1.41 10.73 -37.99
C ALA A 2774 -2.48 11.25 -38.93
N TRP A 2775 -2.94 12.49 -38.71
CA TRP A 2775 -3.92 13.08 -39.60
C TRP A 2775 -3.34 13.29 -41.00
N LEU A 2776 -2.05 13.62 -41.08
CA LEU A 2776 -1.41 13.77 -42.38
C LEU A 2776 -1.41 12.47 -43.15
N ASN A 2777 -1.14 11.35 -42.47
CA ASN A 2777 -1.04 10.04 -43.09
C ASN A 2777 -2.36 9.28 -43.10
N GLY A 2778 -3.46 9.92 -42.70
CA GLY A 2778 -4.75 9.26 -42.71
C GLY A 2778 -4.88 8.12 -41.73
N LEU A 2779 -4.33 8.27 -40.53
CA LEU A 2779 -4.39 7.24 -39.51
C LEU A 2779 -5.46 7.61 -38.49
N LYS A 2780 -6.32 6.65 -38.15
CA LYS A 2780 -7.35 6.89 -37.15
C LYS A 2780 -6.71 6.92 -35.77
N ILE A 2781 -6.75 8.07 -35.12
CA ILE A 2781 -6.16 8.23 -33.79
C ILE A 2781 -7.13 7.68 -32.76
N VAL A 2782 -6.67 6.72 -31.97
CA VAL A 2782 -7.45 6.18 -30.86
C VAL A 2782 -6.66 6.39 -29.58
N GLN A 2783 -7.29 7.02 -28.59
CA GLN A 2783 -6.68 7.28 -27.31
C GLN A 2783 -7.49 6.59 -26.22
N PRO A 2784 -6.85 5.81 -25.34
CA PRO A 2784 -7.61 5.13 -24.28
C PRO A 2784 -8.30 6.11 -23.36
N LYS A 2785 -9.63 6.06 -23.35
CA LYS A 2785 -10.43 6.90 -22.46
C LYS A 2785 -10.60 6.16 -21.14
N ILE A 2786 -9.55 6.20 -20.32
CA ILE A 2786 -9.57 5.55 -19.03
C ILE A 2786 -9.55 6.61 -17.94
N HIS A 2787 -9.93 6.21 -16.73
CA HIS A 2787 -10.03 7.09 -15.59
C HIS A 2787 -9.61 6.33 -14.34
N ARG A 2788 -9.87 6.94 -13.17
CA ARG A 2788 -9.36 6.37 -11.92
C ARG A 2788 -9.94 4.99 -11.65
N HIS A 2789 -11.23 4.80 -11.91
CA HIS A 2789 -11.91 3.55 -11.63
C HIS A 2789 -11.98 2.63 -12.85
N SER A 2790 -10.97 2.69 -13.70
CA SER A 2790 -10.89 1.85 -14.89
C SER A 2790 -9.95 0.69 -14.61
N ASN A 2791 -10.46 -0.53 -14.72
CA ASN A 2791 -9.67 -1.71 -14.42
C ASN A 2791 -9.14 -2.34 -15.71
N LEU A 2792 -8.50 -3.50 -15.57
CA LEU A 2792 -7.85 -4.14 -16.71
C LEU A 2792 -8.85 -4.57 -17.77
N SER A 2793 -10.09 -4.85 -17.38
CA SER A 2793 -11.10 -5.27 -18.36
C SER A 2793 -11.40 -4.16 -19.36
N ASP A 2794 -11.46 -2.91 -18.89
CA ASP A 2794 -11.71 -1.80 -19.80
C ASP A 2794 -10.59 -1.64 -20.81
N PHE A 2795 -9.33 -1.76 -20.35
CA PHE A 2795 -8.20 -1.69 -21.26
C PHE A 2795 -8.23 -2.85 -22.26
N ASP A 2796 -8.59 -4.04 -21.78
CA ASP A 2796 -8.68 -5.18 -22.69
C ASP A 2796 -9.75 -4.94 -23.75
N MET A 2797 -10.88 -4.37 -23.37
CA MET A 2797 -11.93 -4.07 -24.35
C MET A 2797 -11.47 -3.03 -25.35
N ILE A 2798 -10.75 -2.00 -24.88
CA ILE A 2798 -10.24 -0.96 -25.78
C ILE A 2798 -9.27 -1.57 -26.79
N LEU A 2799 -8.36 -2.41 -26.30
CA LEU A 2799 -7.40 -3.07 -27.19
C LEU A 2799 -8.11 -3.99 -28.17
N LYS A 2800 -9.13 -4.71 -27.70
CA LYS A 2800 -9.89 -5.59 -28.59
C LYS A 2800 -10.56 -4.80 -29.70
N LYS A 2801 -11.17 -3.66 -29.36
CA LYS A 2801 -11.82 -2.85 -30.38
C LYS A 2801 -10.79 -2.29 -31.36
N ALA A 2802 -9.64 -1.84 -30.85
CA ALA A 2802 -8.60 -1.32 -31.74
C ALA A 2802 -8.10 -2.41 -32.69
N ILE A 2803 -7.88 -3.62 -32.18
CA ILE A 2803 -7.42 -4.72 -33.01
C ILE A 2803 -8.47 -5.09 -34.05
N SER A 2804 -9.74 -5.14 -33.64
CA SER A 2804 -10.81 -5.48 -34.57
C SER A 2804 -10.91 -4.45 -35.69
N ASP A 2805 -10.77 -3.16 -35.35
CA ASP A 2805 -10.75 -2.13 -36.39
C ASP A 2805 -9.52 -2.28 -37.28
N CYS A 2806 -8.37 -2.61 -36.70
CA CYS A 2806 -7.13 -2.70 -37.46
C CYS A 2806 -7.19 -3.83 -38.49
N SER A 2807 -7.72 -4.98 -38.08
CA SER A 2807 -7.66 -6.19 -38.93
C SER A 2807 -8.95 -6.43 -39.70
N LEU A 2808 -10.08 -6.54 -38.99
CA LEU A 2808 -11.34 -6.89 -39.63
C LEU A 2808 -11.87 -5.79 -40.53
N LYS A 2809 -11.32 -4.58 -40.47
CA LYS A 2809 -11.79 -3.48 -41.29
C LYS A 2809 -10.69 -2.68 -41.97
N GLU A 2810 -9.41 -2.94 -41.65
CA GLU A 2810 -8.28 -2.20 -42.20
C GLU A 2810 -8.41 -0.70 -41.94
N SER A 2811 -8.42 -0.35 -40.65
CA SER A 2811 -8.62 1.02 -40.23
C SER A 2811 -7.31 1.82 -40.13
N ARG A 2812 -6.17 1.14 -39.96
CA ARG A 2812 -4.88 1.80 -39.80
C ARG A 2812 -4.89 2.76 -38.61
N THR A 2813 -5.14 2.20 -37.44
CA THR A 2813 -5.22 3.01 -36.24
C THR A 2813 -3.84 3.43 -35.77
N CYS A 2814 -3.81 4.38 -34.83
CA CYS A 2814 -2.58 4.89 -34.22
C CYS A 2814 -2.88 5.07 -32.73
N LEU A 2815 -2.60 4.03 -31.95
CA LEU A 2815 -2.93 4.03 -30.52
C LEU A 2815 -1.90 4.87 -29.76
N ILE A 2816 -2.34 5.99 -29.21
CA ILE A 2816 -1.46 6.86 -28.43
C ILE A 2816 -1.62 6.50 -26.96
N ILE A 2817 -0.57 5.93 -26.37
CA ILE A 2817 -0.59 5.49 -24.98
C ILE A 2817 0.25 6.46 -24.17
N ASP A 2818 -0.40 7.24 -23.31
CA ASP A 2818 0.34 8.13 -22.43
C ASP A 2818 0.94 7.32 -21.28
N GLU A 2819 1.86 7.96 -20.55
CA GLU A 2819 2.40 7.34 -19.35
C GLU A 2819 1.31 7.11 -18.30
N SER A 2820 0.40 8.07 -18.17
CA SER A 2820 -0.69 7.95 -17.21
C SER A 2820 -1.86 7.12 -17.71
N ASN A 2821 -1.85 6.72 -18.99
CA ASN A 2821 -2.90 5.85 -19.51
C ASN A 2821 -2.68 4.39 -19.13
N ILE A 2822 -1.68 4.10 -18.29
CA ILE A 2822 -1.51 2.79 -17.69
C ILE A 2822 -1.49 2.97 -16.18
N LEU A 2823 -2.23 2.12 -15.47
CA LEU A 2823 -2.42 2.26 -14.04
C LEU A 2823 -1.68 1.23 -13.22
N GLU A 2824 -1.67 -0.03 -13.64
CA GLU A 2824 -0.93 -1.08 -12.97
C GLU A 2824 -0.03 -1.78 -13.99
N THR A 2825 0.70 -2.79 -13.52
CA THR A 2825 1.62 -3.50 -14.39
C THR A 2825 0.91 -4.38 -15.41
N ALA A 2826 -0.37 -4.67 -15.20
CA ALA A 2826 -1.10 -5.48 -16.18
C ALA A 2826 -1.23 -4.75 -17.52
N PHE A 2827 -1.47 -3.44 -17.48
CA PHE A 2827 -1.55 -2.67 -18.72
C PHE A 2827 -0.23 -2.71 -19.46
N LEU A 2828 0.89 -2.57 -18.74
CA LEU A 2828 2.20 -2.62 -19.36
C LEU A 2828 2.48 -4.00 -19.94
N GLU A 2829 2.03 -5.06 -19.25
CA GLU A 2829 2.21 -6.40 -19.78
C GLU A 2829 1.39 -6.59 -21.06
N ARG A 2830 0.18 -6.02 -21.10
CA ARG A 2830 -0.61 -6.09 -22.32
C ARG A 2830 0.10 -5.37 -23.47
N MET A 2831 0.70 -4.22 -23.18
CA MET A 2831 1.50 -3.53 -24.20
C MET A 2831 2.69 -4.38 -24.64
N ASN A 2832 3.36 -5.04 -23.70
CA ASN A 2832 4.49 -5.89 -24.07
C ASN A 2832 4.04 -7.01 -24.99
N THR A 2833 2.94 -7.67 -24.66
CA THR A 2833 2.45 -8.76 -25.49
C THR A 2833 1.99 -8.27 -26.85
N LEU A 2834 1.38 -7.08 -26.91
CA LEU A 2834 0.94 -6.54 -28.18
C LEU A 2834 2.10 -6.12 -29.06
N LEU A 2835 3.18 -5.64 -28.47
CA LEU A 2835 4.29 -5.11 -29.25
C LEU A 2835 5.29 -6.18 -29.66
N ALA A 2836 5.65 -7.07 -28.73
CA ALA A 2836 6.62 -8.12 -29.04
C ALA A 2836 6.09 -9.04 -30.12
N ASN A 2837 4.90 -9.58 -29.93
CA ASN A 2837 4.16 -10.25 -30.98
C ASN A 2837 3.43 -9.18 -31.79
N ALA A 2838 2.52 -9.59 -32.65
CA ALA A 2838 1.59 -8.66 -33.28
C ALA A 2838 0.16 -8.99 -32.89
N ASP A 2839 -0.01 -9.58 -31.71
CA ASP A 2839 -1.33 -9.93 -31.20
C ASP A 2839 -1.20 -10.19 -29.71
N ILE A 2840 -2.35 -10.14 -29.02
CA ILE A 2840 -2.44 -10.49 -27.62
C ILE A 2840 -3.30 -11.74 -27.50
N PRO A 2841 -2.68 -12.90 -27.29
CA PRO A 2841 -3.47 -14.14 -27.20
C PRO A 2841 -4.48 -14.16 -26.07
N ASP A 2842 -4.23 -13.40 -25.00
CA ASP A 2842 -5.13 -13.44 -23.85
C ASP A 2842 -6.49 -12.84 -24.17
N LEU A 2843 -6.55 -11.84 -25.06
CA LEU A 2843 -7.83 -11.26 -25.44
C LEU A 2843 -8.67 -12.26 -26.22
N PHE A 2844 -8.08 -12.96 -27.17
CA PHE A 2844 -8.80 -13.88 -28.04
C PHE A 2844 -8.42 -15.31 -27.65
N GLN A 2845 -9.18 -15.89 -26.74
CA GLN A 2845 -8.97 -17.27 -26.32
C GLN A 2845 -10.32 -17.88 -25.97
N GLY A 2846 -10.38 -19.21 -26.00
CA GLY A 2846 -11.63 -19.88 -25.71
C GLY A 2846 -12.68 -19.58 -26.75
N GLU A 2847 -13.92 -19.39 -26.30
CA GLU A 2847 -15.02 -19.15 -27.22
C GLU A 2847 -14.83 -17.87 -28.02
N GLU A 2848 -14.24 -16.84 -27.41
CA GLU A 2848 -13.94 -15.61 -28.14
C GLU A 2848 -13.01 -15.89 -29.32
N TYR A 2849 -12.14 -16.89 -29.20
CA TYR A 2849 -11.33 -17.32 -30.33
C TYR A 2849 -12.20 -17.85 -31.45
N ASP A 2850 -13.19 -18.69 -31.10
CA ASP A 2850 -14.04 -19.31 -32.10
C ASP A 2850 -14.77 -18.27 -32.94
N LYS A 2851 -15.25 -17.22 -32.28
CA LYS A 2851 -15.86 -16.11 -33.02
C LYS A 2851 -14.86 -15.45 -33.94
N LEU A 2852 -13.65 -15.17 -33.42
CA LEU A 2852 -12.66 -14.45 -34.21
C LEU A 2852 -12.32 -15.21 -35.49
N LEU A 2853 -12.01 -16.50 -35.36
CA LEU A 2853 -11.72 -17.31 -36.53
C LEU A 2853 -12.88 -17.29 -37.51
N ASN A 2854 -14.11 -17.19 -37.02
CA ASN A 2854 -15.25 -17.03 -37.91
C ASN A 2854 -15.19 -15.69 -38.63
N ASN A 2855 -15.01 -14.61 -37.87
CA ASN A 2855 -14.99 -13.28 -38.48
C ASN A 2855 -13.83 -13.15 -39.44
N LEU A 2856 -12.72 -13.83 -39.16
CA LEU A 2856 -11.62 -13.88 -40.14
C LEU A 2856 -12.06 -14.61 -41.40
N ARG A 2857 -12.70 -15.78 -41.23
CA ARG A 2857 -12.98 -16.64 -42.37
C ARG A 2857 -13.88 -15.93 -43.37
N ASN A 2858 -14.89 -15.21 -42.89
CA ASN A 2858 -15.68 -14.37 -43.78
C ASN A 2858 -14.82 -13.27 -44.40
N LYS A 2859 -14.10 -12.52 -43.56
CA LYS A 2859 -13.42 -11.31 -44.03
C LYS A 2859 -12.35 -11.65 -45.06
N THR A 2860 -11.53 -12.67 -44.77
CA THR A 2860 -10.48 -13.05 -45.73
C THR A 2860 -11.07 -13.49 -47.05
N ARG A 2861 -12.32 -13.96 -47.04
CA ARG A 2861 -12.97 -14.33 -48.30
C ARG A 2861 -13.29 -13.10 -49.14
N SER A 2862 -13.65 -11.99 -48.48
CA SER A 2862 -14.04 -10.79 -49.19
C SER A 2862 -12.89 -10.12 -49.92
N LEU A 2863 -11.64 -10.41 -49.53
CA LEU A 2863 -10.48 -9.82 -50.18
C LEU A 2863 -10.06 -10.58 -51.43
N GLY A 2864 -10.76 -11.65 -51.80
CA GLY A 2864 -10.40 -12.41 -52.97
C GLY A 2864 -9.31 -13.43 -52.77
N LEU A 2865 -8.83 -13.61 -51.53
CA LEU A 2865 -7.84 -14.60 -51.20
C LEU A 2865 -8.50 -15.74 -50.45
N LEU A 2866 -8.13 -16.97 -50.79
CA LEU A 2866 -8.71 -18.16 -50.20
C LEU A 2866 -7.76 -18.71 -49.13
N LEU A 2867 -8.27 -18.85 -47.91
CA LEU A 2867 -7.49 -19.39 -46.80
C LEU A 2867 -8.47 -20.11 -45.88
N ASP A 2868 -8.41 -21.44 -45.86
CA ASP A 2868 -9.31 -22.23 -45.03
C ASP A 2868 -8.67 -22.75 -43.76
N THR A 2869 -7.35 -22.88 -43.73
CA THR A 2869 -6.67 -23.36 -42.53
C THR A 2869 -6.72 -22.30 -41.44
N GLU A 2870 -6.87 -22.75 -40.19
CA GLU A 2870 -6.88 -21.83 -39.07
C GLU A 2870 -5.55 -21.09 -38.94
N GLN A 2871 -4.44 -21.80 -39.13
CA GLN A 2871 -3.13 -21.17 -39.02
C GLN A 2871 -2.95 -20.07 -40.07
N GLU A 2872 -3.41 -20.32 -41.30
CA GLU A 2872 -3.31 -19.30 -42.34
C GLU A 2872 -4.14 -18.07 -41.99
N LEU A 2873 -5.35 -18.28 -41.48
CA LEU A 2873 -6.21 -17.17 -41.10
C LEU A 2873 -5.56 -16.35 -40.00
N TYR A 2874 -5.01 -17.01 -38.98
CA TYR A 2874 -4.40 -16.28 -37.89
C TYR A 2874 -3.11 -15.59 -38.33
N ASP A 2875 -2.37 -16.18 -39.26
CA ASP A 2875 -1.17 -15.52 -39.78
C ASP A 2875 -1.54 -14.27 -40.55
N TRP A 2876 -2.61 -14.32 -41.35
CA TRP A 2876 -3.08 -13.12 -42.02
C TRP A 2876 -3.53 -12.07 -41.00
N PHE A 2877 -4.20 -12.51 -39.93
CA PHE A 2877 -4.64 -11.60 -38.88
C PHE A 2877 -3.45 -10.90 -38.23
N VAL A 2878 -2.42 -11.66 -37.89
CA VAL A 2878 -1.22 -11.11 -37.29
C VAL A 2878 -0.53 -10.15 -38.25
N GLY A 2879 -0.44 -10.51 -39.53
CA GLY A 2879 0.18 -9.61 -40.49
C GLY A 2879 -0.57 -8.31 -40.65
N GLU A 2880 -1.90 -8.37 -40.68
CA GLU A 2880 -2.69 -7.15 -40.78
C GLU A 2880 -2.54 -6.28 -39.55
N ILE A 2881 -2.50 -6.87 -38.35
CA ILE A 2881 -2.25 -6.08 -37.16
C ILE A 2881 -0.88 -5.43 -37.24
N ALA A 2882 0.13 -6.19 -37.66
CA ALA A 2882 1.48 -5.67 -37.73
C ALA A 2882 1.61 -4.51 -38.71
N LYS A 2883 0.94 -4.58 -39.86
CA LYS A 2883 1.07 -3.52 -40.85
C LYS A 2883 -0.03 -2.47 -40.76
N ASN A 2884 -0.94 -2.55 -39.78
CA ASN A 2884 -1.99 -1.57 -39.65
C ASN A 2884 -2.01 -0.84 -38.31
N LEU A 2885 -1.39 -1.39 -37.28
CA LEU A 2885 -1.46 -0.83 -35.93
C LEU A 2885 -0.12 -0.22 -35.56
N HIS A 2886 -0.12 1.07 -35.24
CA HIS A 2886 1.06 1.77 -34.77
C HIS A 2886 0.80 2.25 -33.35
N VAL A 2887 1.76 2.04 -32.46
CA VAL A 2887 1.65 2.45 -31.07
C VAL A 2887 2.64 3.56 -30.81
N VAL A 2888 2.15 4.67 -30.27
CA VAL A 2888 2.97 5.85 -30.00
C VAL A 2888 2.85 6.14 -28.51
N PHE A 2889 3.79 5.62 -27.73
CA PHE A 2889 3.86 5.98 -26.32
C PHE A 2889 4.35 7.41 -26.18
N THR A 2890 3.80 8.12 -25.20
CA THR A 2890 4.25 9.47 -24.87
C THR A 2890 4.45 9.54 -23.37
N ILE A 2891 5.69 9.80 -22.94
CA ILE A 2891 6.00 9.86 -21.51
C ILE A 2891 6.64 11.20 -21.21
N CYS A 2892 6.20 11.83 -20.11
CA CYS A 2892 6.64 13.18 -19.78
C CYS A 2892 7.99 13.18 -19.08
N ASP A 2893 8.08 12.55 -17.91
CA ASP A 2893 9.35 12.46 -17.21
C ASP A 2893 9.84 11.02 -17.18
N PRO A 2894 11.03 10.75 -17.69
CA PRO A 2894 11.52 9.36 -17.74
C PRO A 2894 12.11 8.85 -16.44
N THR A 2895 12.28 9.71 -15.43
CA THR A 2895 12.78 9.27 -14.13
C THR A 2895 11.69 8.73 -13.23
N ASN A 2896 10.42 8.89 -13.60
CA ASN A 2896 9.32 8.33 -12.83
C ASN A 2896 9.35 6.82 -12.89
N ASN A 2897 8.83 6.18 -11.84
CA ASN A 2897 8.87 4.72 -11.77
C ASN A 2897 8.08 4.08 -12.91
N LYS A 2898 6.88 4.60 -13.17
CA LYS A 2898 6.08 4.06 -14.27
C LYS A 2898 6.77 4.24 -15.61
N SER A 2899 7.31 5.43 -15.87
CA SER A 2899 7.98 5.69 -17.13
C SER A 2899 9.30 4.93 -17.23
N SER A 2900 10.01 4.78 -16.13
CA SER A 2900 11.23 3.98 -16.15
C SER A 2900 10.92 2.52 -16.47
N ALA A 2901 9.82 2.00 -15.90
CA ALA A 2901 9.41 0.63 -16.23
C ALA A 2901 9.00 0.53 -17.69
N MET A 2902 8.33 1.55 -18.23
CA MET A 2902 7.97 1.55 -19.64
C MET A 2902 9.21 1.52 -20.54
N ILE A 2903 10.20 2.34 -20.21
CA ILE A 2903 11.40 2.38 -21.05
C ILE A 2903 12.19 1.09 -20.93
N SER A 2904 12.39 0.60 -19.71
CA SER A 2904 13.21 -0.60 -19.51
C SER A 2904 12.52 -1.88 -19.96
N SER A 2905 11.24 -1.82 -20.28
CA SER A 2905 10.53 -3.02 -20.73
C SER A 2905 11.15 -3.52 -22.04
N PRO A 2906 11.35 -4.83 -22.18
CA PRO A 2906 12.10 -5.32 -23.35
C PRO A 2906 11.33 -5.19 -24.65
N ALA A 2907 10.05 -5.54 -24.67
CA ALA A 2907 9.28 -5.48 -25.91
C ALA A 2907 9.18 -4.05 -26.42
N LEU A 2908 8.88 -3.10 -25.54
CA LEU A 2908 8.78 -1.70 -25.97
C LEU A 2908 10.13 -1.17 -26.42
N PHE A 2909 11.18 -1.37 -25.60
CA PHE A 2909 12.47 -0.82 -25.93
C PHE A 2909 13.05 -1.44 -27.20
N ASN A 2910 12.64 -2.66 -27.54
CA ASN A 2910 13.17 -3.33 -28.72
C ASN A 2910 12.34 -3.06 -29.96
N ARG A 2911 11.05 -2.79 -29.82
CA ARG A 2911 10.20 -2.52 -30.96
C ARG A 2911 10.00 -1.03 -31.23
N CYS A 2912 10.00 -0.20 -30.21
CA CYS A 2912 9.70 1.22 -30.37
C CYS A 2912 10.94 2.00 -30.77
N ILE A 2913 10.72 3.07 -31.52
CA ILE A 2913 11.79 3.99 -31.91
C ILE A 2913 11.83 5.09 -30.87
N ILE A 2914 12.82 5.04 -29.98
CA ILE A 2914 12.91 6.02 -28.91
C ILE A 2914 13.27 7.37 -29.52
N ASN A 2915 12.30 8.27 -29.57
CA ASN A 2915 12.50 9.64 -30.03
C ASN A 2915 12.49 10.54 -28.81
N TRP A 2916 13.64 11.14 -28.51
CA TRP A 2916 13.77 11.97 -27.31
C TRP A 2916 13.53 13.43 -27.70
N MET A 2917 12.30 13.89 -27.49
CA MET A 2917 11.98 15.30 -27.73
C MET A 2917 12.81 16.21 -26.83
N GLY A 2918 12.87 15.87 -25.54
CA GLY A 2918 13.54 16.73 -24.58
C GLY A 2918 12.76 18.00 -24.34
N ASP A 2919 13.36 18.89 -23.56
CA ASP A 2919 12.77 20.18 -23.29
C ASP A 2919 13.19 21.20 -24.34
N TRP A 2920 12.42 22.28 -24.43
CA TRP A 2920 12.70 23.32 -25.41
C TRP A 2920 14.04 23.99 -25.13
N ASP A 2921 14.80 24.24 -26.19
CA ASP A 2921 16.03 25.00 -26.08
C ASP A 2921 15.71 26.47 -26.33
N THR A 2922 16.74 27.32 -26.23
CA THR A 2922 16.52 28.75 -26.34
C THR A 2922 16.07 29.15 -27.74
N LYS A 2923 16.49 28.42 -28.78
CA LYS A 2923 16.09 28.77 -30.13
C LYS A 2923 14.59 28.56 -30.34
N THR A 2924 14.07 27.42 -29.88
CA THR A 2924 12.64 27.17 -30.02
C THR A 2924 11.82 28.15 -29.20
N MET A 2925 12.27 28.46 -27.98
CA MET A 2925 11.56 29.43 -27.16
C MET A 2925 11.57 30.80 -27.81
N SER A 2926 12.70 31.19 -28.41
CA SER A 2926 12.75 32.47 -29.10
C SER A 2926 11.82 32.50 -30.30
N GLN A 2927 11.77 31.42 -31.07
CA GLN A 2927 10.86 31.37 -32.21
C GLN A 2927 9.41 31.48 -31.77
N VAL A 2928 9.02 30.70 -30.76
CA VAL A 2928 7.64 30.72 -30.29
C VAL A 2928 7.28 32.09 -29.75
N ALA A 2929 8.17 32.68 -28.94
CA ALA A 2929 7.90 33.99 -28.38
C ALA A 2929 7.78 35.05 -29.47
N ASN A 2930 8.68 35.02 -30.46
CA ASN A 2930 8.60 35.99 -31.55
C ASN A 2930 7.30 35.86 -32.31
N ASN A 2931 6.84 34.63 -32.53
CA ASN A 2931 5.54 34.46 -33.18
C ASN A 2931 4.36 34.76 -32.26
N MET A 2932 4.60 34.90 -30.95
CA MET A 2932 3.52 35.17 -30.01
C MET A 2932 3.48 36.59 -29.50
N VAL A 2933 4.60 37.31 -29.50
CA VAL A 2933 4.60 38.73 -29.13
C VAL A 2933 4.49 39.63 -30.35
N ASP A 2934 4.26 39.06 -31.52
CA ASP A 2934 4.11 39.83 -32.75
C ASP A 2934 2.68 40.28 -32.97
N VAL A 2935 1.78 40.01 -32.04
CA VAL A 2935 0.37 40.38 -32.18
C VAL A 2935 0.02 41.65 -31.43
N ILE A 2936 0.77 42.02 -30.39
CA ILE A 2936 0.43 43.16 -29.56
C ILE A 2936 1.25 44.39 -29.96
N PRO A 2937 0.67 45.59 -29.90
CA PRO A 2937 1.37 46.79 -30.37
C PRO A 2937 2.44 47.23 -29.38
N MET A 2938 3.60 47.61 -29.91
CA MET A 2938 4.69 48.15 -29.11
C MET A 2938 5.28 49.39 -29.76
N GLU A 2939 4.44 50.21 -30.40
CA GLU A 2939 4.90 51.42 -31.07
C GLU A 2939 4.69 52.67 -30.22
N PHE A 2940 4.79 52.53 -28.90
CA PHE A 2940 4.69 53.66 -27.99
C PHE A 2940 5.80 53.72 -26.95
N THR A 2941 6.51 52.62 -26.71
CA THR A 2941 7.51 52.57 -25.65
C THR A 2941 8.78 53.34 -25.99
N ASP A 2942 9.03 53.60 -27.27
CA ASP A 2942 10.23 54.31 -27.72
C ASP A 2942 11.50 53.59 -27.25
N PHE A 2943 11.65 52.37 -27.74
CA PHE A 2943 12.77 51.53 -27.35
C PHE A 2943 14.07 52.03 -27.97
N ILE A 2944 15.16 51.90 -27.22
CA ILE A 2944 16.50 52.19 -27.69
C ILE A 2944 17.34 50.93 -27.54
N VAL A 2945 18.08 50.58 -28.58
CA VAL A 2945 18.85 49.33 -28.59
C VAL A 2945 19.89 49.38 -27.48
N PRO A 2946 19.87 48.43 -26.55
CA PRO A 2946 20.83 48.44 -25.45
C PRO A 2946 22.09 47.64 -25.77
N GLU A 2947 23.14 47.93 -25.01
CA GLU A 2947 24.42 47.26 -25.15
C GLU A 2947 24.48 46.08 -24.19
N VAL A 2948 24.34 44.87 -24.72
CA VAL A 2948 24.32 43.65 -23.92
C VAL A 2948 25.29 42.64 -24.54
N ASN A 2949 25.73 41.70 -23.72
CA ASN A 2949 26.66 40.69 -24.17
C ASN A 2949 26.02 39.76 -25.20
N LYS A 2950 26.85 39.19 -26.07
CA LYS A 2950 26.35 38.28 -27.10
C LYS A 2950 25.73 37.04 -26.49
N GLU A 2951 26.21 36.61 -25.31
CA GLU A 2951 25.63 35.45 -24.67
C GLU A 2951 24.23 35.74 -24.13
N LEU A 2952 23.98 36.97 -23.68
CA LEU A 2952 22.68 37.32 -23.13
C LEU A 2952 21.58 37.24 -24.18
N VAL A 2953 21.86 37.71 -25.40
CA VAL A 2953 20.85 37.71 -26.44
C VAL A 2953 20.62 36.30 -26.95
N PHE A 2954 19.36 35.96 -27.22
CA PHE A 2954 18.96 34.65 -27.71
C PHE A 2954 18.35 34.67 -29.09
N THR A 2955 17.60 35.69 -29.44
CA THR A 2955 17.00 35.82 -30.77
C THR A 2955 17.98 36.52 -31.69
N GLU A 2956 17.50 36.97 -32.85
CA GLU A 2956 18.32 37.80 -33.72
C GLU A 2956 18.72 39.06 -32.97
N PRO A 2957 19.83 39.69 -33.36
CA PRO A 2957 20.38 40.79 -32.55
C PRO A 2957 19.33 41.88 -32.32
N ILE A 2958 19.34 42.41 -31.09
CA ILE A 2958 18.24 43.25 -30.62
C ILE A 2958 18.21 44.53 -31.45
N GLN A 2959 17.06 44.79 -32.08
CA GLN A 2959 16.84 46.04 -32.80
C GLN A 2959 15.48 46.66 -32.49
N THR A 2960 14.61 45.97 -31.76
CA THR A 2960 13.30 46.49 -31.41
C THR A 2960 12.90 45.97 -30.04
N ILE A 2961 11.85 46.56 -29.48
CA ILE A 2961 11.38 46.21 -28.14
C ILE A 2961 10.96 44.75 -28.07
N ARG A 2962 10.45 44.19 -29.17
CA ARG A 2962 9.97 42.81 -29.14
C ARG A 2962 11.09 41.83 -28.81
N ASP A 2963 12.27 42.04 -29.39
CA ASP A 2963 13.41 41.19 -29.08
C ASP A 2963 13.80 41.30 -27.61
N ALA A 2964 13.73 42.52 -27.06
CA ALA A 2964 14.00 42.68 -25.64
C ALA A 2964 12.99 41.91 -24.80
N VAL A 2965 11.72 41.94 -25.19
CA VAL A 2965 10.69 41.24 -24.43
C VAL A 2965 10.96 39.74 -24.45
N VAL A 2966 11.25 39.18 -25.62
CA VAL A 2966 11.46 37.73 -25.69
C VAL A 2966 12.72 37.34 -24.94
N ASN A 2967 13.77 38.18 -24.99
CA ASN A 2967 14.98 37.88 -24.24
C ASN A 2967 14.73 37.90 -22.74
N ILE A 2968 13.96 38.88 -22.27
CA ILE A 2968 13.63 38.94 -20.84
C ILE A 2968 12.87 37.70 -20.43
N LEU A 2969 11.88 37.31 -21.23
CA LEU A 2969 11.06 36.16 -20.86
C LEU A 2969 11.89 34.87 -20.82
N ILE A 2970 12.73 34.67 -21.84
CA ILE A 2970 13.58 33.47 -21.85
C ILE A 2970 14.54 33.46 -20.67
N HIS A 2971 15.16 34.61 -20.40
CA HIS A 2971 16.13 34.68 -19.31
C HIS A 2971 15.46 34.44 -17.97
N PHE A 2972 14.28 35.00 -17.76
CA PHE A 2972 13.60 34.77 -16.49
C PHE A 2972 13.17 33.32 -16.37
N ASP A 2973 12.70 32.70 -17.46
CA ASP A 2973 12.34 31.29 -17.37
C ASP A 2973 13.55 30.44 -17.00
N ARG A 2974 14.70 30.71 -17.63
CA ARG A 2974 15.91 29.97 -17.29
C ARG A 2974 16.31 30.19 -15.85
N ASN A 2975 16.28 31.43 -15.36
CA ASN A 2975 16.65 31.70 -13.98
C ASN A 2975 15.69 31.05 -12.99
N PHE A 2976 14.39 31.10 -13.29
CA PHE A 2976 13.40 30.50 -12.41
C PHE A 2976 13.59 29.00 -12.33
N TYR A 2977 13.79 28.33 -13.46
CA TYR A 2977 14.02 26.90 -13.42
C TYR A 2977 15.37 26.57 -12.79
N GLN A 2978 16.34 27.49 -12.88
CA GLN A 2978 17.62 27.27 -12.23
C GLN A 2978 17.50 27.36 -10.72
N LYS A 2979 16.62 28.23 -10.22
CA LYS A 2979 16.48 28.37 -8.77
C LYS A 2979 15.56 27.29 -8.19
N MET A 2980 14.36 27.15 -8.75
CA MET A 2980 13.41 26.18 -8.21
C MET A 2980 13.85 24.75 -8.50
N LYS A 2981 13.94 24.39 -9.78
CA LYS A 2981 14.32 23.05 -10.17
C LYS A 2981 15.82 22.85 -10.01
N VAL A 2982 16.21 21.63 -9.65
CA VAL A 2982 17.61 21.29 -9.43
C VAL A 2982 18.00 20.18 -10.40
N GLY A 2983 19.30 20.11 -10.68
CA GLY A 2983 19.81 19.08 -11.57
C GLY A 2983 19.22 19.19 -12.97
N VAL A 2984 18.89 18.04 -13.54
CA VAL A 2984 18.27 18.03 -14.87
C VAL A 2984 16.89 18.69 -14.79
N ASN A 2985 16.45 19.21 -15.94
CA ASN A 2985 15.15 19.86 -16.07
C ASN A 2985 14.22 18.97 -16.89
N PRO A 2986 13.49 18.05 -16.27
CA PRO A 2986 12.46 17.30 -16.99
C PRO A 2986 11.17 18.07 -17.21
N ARG A 2987 11.19 19.39 -17.00
CA ARG A 2987 10.02 20.24 -17.18
C ARG A 2987 10.23 21.15 -18.38
N SER A 2988 9.34 21.05 -19.35
CA SER A 2988 9.26 21.88 -20.53
C SER A 2988 8.42 23.12 -20.24
N PRO A 2989 8.68 24.21 -20.93
CA PRO A 2989 7.97 25.45 -20.63
C PRO A 2989 6.48 25.37 -20.89
N GLY A 2990 5.72 25.37 -19.81
CA GLY A 2990 4.29 25.63 -19.85
C GLY A 2990 4.06 26.96 -19.16
N TYR A 2991 4.99 27.30 -18.27
CA TYR A 2991 4.98 28.64 -17.68
C TYR A 2991 5.32 29.69 -18.73
N PHE A 2992 6.23 29.38 -19.63
CA PHE A 2992 6.64 30.34 -20.65
C PHE A 2992 5.50 30.67 -21.59
N ILE A 2993 4.78 29.64 -22.06
CA ILE A 2993 3.67 29.86 -22.99
C ILE A 2993 2.52 30.58 -22.29
N ASP A 2994 2.18 30.15 -21.07
CA ASP A 2994 1.13 30.82 -20.33
C ASP A 2994 1.49 32.26 -20.05
N GLY A 2995 2.75 32.52 -19.72
CA GLY A 2995 3.19 33.89 -19.50
C GLY A 2995 3.11 34.73 -20.76
N LEU A 2996 3.44 34.14 -21.91
CA LEU A 2996 3.32 34.87 -23.16
C LEU A 2996 1.87 35.25 -23.44
N ARG A 2997 0.96 34.29 -23.28
CA ARG A 2997 -0.46 34.57 -23.53
C ARG A 2997 -0.98 35.62 -22.54
N ALA A 2998 -0.59 35.50 -21.27
CA ALA A 2998 -1.02 36.49 -20.28
C ALA A 2998 -0.47 37.87 -20.61
N LEU A 2999 0.78 37.95 -21.05
CA LEU A 2999 1.35 39.23 -21.42
C LEU A 2999 0.62 39.84 -22.61
N VAL A 3000 0.24 39.01 -23.58
CA VAL A 3000 -0.54 39.50 -24.71
C VAL A 3000 -1.85 40.12 -24.23
N LYS A 3001 -2.61 39.36 -23.45
CA LYS A 3001 -3.92 39.85 -23.02
C LYS A 3001 -3.77 41.08 -22.12
N LEU A 3002 -2.73 41.11 -21.29
CA LEU A 3002 -2.56 42.18 -20.34
C LEU A 3002 -2.09 43.46 -21.01
N VAL A 3003 -1.20 43.36 -22.00
CA VAL A 3003 -0.82 44.54 -22.78
C VAL A 3003 -2.04 45.08 -23.51
N THR A 3004 -2.84 44.21 -24.11
CA THR A 3004 -4.05 44.67 -24.78
C THR A 3004 -4.95 45.43 -23.83
N ALA A 3005 -5.24 44.84 -22.66
CA ALA A 3005 -6.16 45.47 -21.72
C ALA A 3005 -5.60 46.79 -21.19
N LYS A 3006 -4.32 46.82 -20.83
CA LYS A 3006 -3.74 48.03 -20.27
C LYS A 3006 -3.66 49.14 -21.30
N TYR A 3007 -3.37 48.80 -22.56
CA TYR A 3007 -3.35 49.83 -23.59
C TYR A 3007 -4.75 50.35 -23.88
N GLN A 3008 -5.76 49.48 -23.82
CA GLN A 3008 -7.14 49.97 -23.94
C GLN A 3008 -7.47 50.93 -22.81
N ASP A 3009 -7.08 50.59 -21.58
CA ASP A 3009 -7.30 51.47 -20.45
C ASP A 3009 -6.60 52.82 -20.64
N LEU A 3010 -5.34 52.78 -21.09
CA LEU A 3010 -4.59 54.01 -21.31
C LEU A 3010 -5.23 54.87 -22.39
N GLN A 3011 -5.71 54.23 -23.47
CA GLN A 3011 -6.40 54.97 -24.52
C GLN A 3011 -7.65 55.65 -23.98
N GLU A 3012 -8.42 54.93 -23.16
CA GLU A 3012 -9.64 55.52 -22.60
C GLU A 3012 -9.32 56.70 -21.69
N ASN A 3013 -8.30 56.56 -20.84
CA ASN A 3013 -7.94 57.65 -19.94
C ASN A 3013 -7.43 58.86 -20.72
N GLN A 3014 -6.61 58.61 -21.75
CA GLN A 3014 -6.12 59.71 -22.58
C GLN A 3014 -7.26 60.42 -23.28
N ARG A 3015 -8.23 59.67 -23.80
CA ARG A 3015 -9.38 60.27 -24.45
C ARG A 3015 -10.18 61.12 -23.48
N PHE A 3016 -10.40 60.62 -22.26
CA PHE A 3016 -11.13 61.39 -21.25
C PHE A 3016 -10.42 62.69 -20.92
N VAL A 3017 -9.10 62.62 -20.70
CA VAL A 3017 -8.36 63.83 -20.37
C VAL A 3017 -8.38 64.82 -21.52
N ASN A 3018 -8.24 64.31 -22.76
CA ASN A 3018 -8.23 65.21 -23.91
C ASN A 3018 -9.59 65.88 -24.11
N VAL A 3019 -10.68 65.14 -23.94
CA VAL A 3019 -11.99 65.77 -24.10
C VAL A 3019 -12.24 66.76 -22.98
N GLY A 3020 -11.75 66.49 -21.77
CA GLY A 3020 -11.87 67.47 -20.70
C GLY A 3020 -11.08 68.74 -21.00
N LEU A 3021 -9.88 68.58 -21.55
CA LEU A 3021 -9.07 69.74 -21.92
C LEU A 3021 -9.73 70.54 -23.03
N GLU A 3022 -10.33 69.86 -24.01
CA GLU A 3022 -11.06 70.56 -25.05
C GLU A 3022 -12.25 71.33 -24.48
N LYS A 3023 -12.98 70.71 -23.55
CA LYS A 3023 -14.11 71.39 -22.92
C LYS A 3023 -13.64 72.63 -22.15
N LEU A 3024 -12.54 72.51 -21.41
CA LEU A 3024 -12.03 73.65 -20.65
C LEU A 3024 -11.55 74.77 -21.59
N ASN A 3025 -10.90 74.40 -22.70
CA ASN A 3025 -10.50 75.41 -23.67
C ASN A 3025 -11.71 76.06 -24.33
N GLU A 3026 -12.81 75.31 -24.46
CA GLU A 3026 -14.04 75.91 -24.95
C GLU A 3026 -14.63 76.88 -23.92
N SER A 3027 -14.50 76.55 -22.64
CA SER A 3027 -15.11 77.36 -21.59
C SER A 3027 -14.53 78.77 -21.56
N LYS A 3297 -15.48 80.71 -15.08
CA LYS A 3297 -14.97 81.61 -16.11
C LYS A 3297 -13.62 82.19 -15.70
N SER A 3298 -13.36 82.22 -14.39
CA SER A 3298 -12.14 82.79 -13.86
C SER A 3298 -11.15 81.76 -13.33
N LEU A 3299 -11.64 80.66 -12.75
CA LEU A 3299 -10.76 79.66 -12.15
C LEU A 3299 -10.49 78.47 -13.05
N THR A 3300 -11.22 78.31 -14.15
CA THR A 3300 -10.97 77.21 -15.06
C THR A 3300 -9.61 77.32 -15.72
N PHE A 3301 -9.07 78.55 -15.80
CA PHE A 3301 -7.69 78.71 -16.26
C PHE A 3301 -6.71 77.95 -15.39
N GLU A 3302 -7.06 77.73 -14.12
CA GLU A 3302 -6.20 76.95 -13.24
C GLU A 3302 -6.45 75.45 -13.41
N LYS A 3303 -7.63 75.05 -13.88
CA LYS A 3303 -7.81 73.66 -14.29
C LYS A 3303 -7.08 73.37 -15.60
N GLU A 3304 -6.83 74.39 -16.41
CA GLU A 3304 -5.88 74.22 -17.51
C GLU A 3304 -4.51 73.79 -16.96
N ARG A 3305 -4.13 74.32 -15.80
CA ARG A 3305 -2.88 73.88 -15.18
C ARG A 3305 -3.01 72.48 -14.59
N TRP A 3306 -4.11 72.21 -13.87
CA TRP A 3306 -4.27 70.89 -13.26
C TRP A 3306 -4.52 69.79 -14.28
N LEU A 3307 -4.75 70.13 -15.55
CA LEU A 3307 -4.80 69.14 -16.61
C LEU A 3307 -3.45 68.96 -17.29
N ASN A 3308 -2.37 69.10 -16.52
CA ASN A 3308 -1.02 68.73 -16.94
C ASN A 3308 -0.84 67.22 -17.05
N THR A 3309 -1.89 66.45 -16.77
CA THR A 3309 -1.80 64.99 -16.83
C THR A 3309 -1.50 64.49 -18.24
N THR A 3310 -1.69 65.32 -19.25
CA THR A 3310 -1.25 64.93 -20.60
C THR A 3310 0.25 64.71 -20.64
N LYS A 3311 1.00 65.41 -19.78
CA LYS A 3311 2.43 65.17 -19.66
C LYS A 3311 2.72 63.90 -18.86
N GLN A 3312 1.88 63.58 -17.87
CA GLN A 3312 2.06 62.36 -17.10
C GLN A 3312 1.78 61.13 -17.95
N PHE A 3313 0.88 61.24 -18.92
CA PHE A 3313 0.56 60.11 -19.79
C PHE A 3313 1.77 59.66 -20.60
N SER A 3314 2.62 60.60 -21.02
CA SER A 3314 3.82 60.25 -21.77
C SER A 3314 4.74 59.37 -20.92
N LYS A 3315 4.86 59.67 -19.62
CA LYS A 3315 5.69 58.85 -18.77
C LYS A 3315 5.04 57.51 -18.47
N THR A 3316 3.72 57.50 -18.23
CA THR A 3316 3.08 56.25 -17.84
C THR A 3316 2.87 55.29 -19.01
N SER A 3317 2.96 55.79 -20.25
CA SER A 3317 2.86 54.88 -21.39
C SER A 3317 4.18 54.18 -21.70
N GLN A 3318 5.30 54.78 -21.29
CA GLN A 3318 6.60 54.13 -21.51
C GLN A 3318 6.75 52.89 -20.65
N GLU A 3319 6.18 52.90 -19.44
CA GLU A 3319 6.32 51.81 -18.50
C GLU A 3319 5.21 50.76 -18.64
N LEU A 3320 4.33 50.90 -19.63
CA LEU A 3320 3.22 49.98 -19.77
C LEU A 3320 3.70 48.56 -20.05
N ILE A 3321 4.66 48.42 -20.97
CA ILE A 3321 5.17 47.10 -21.32
C ILE A 3321 5.90 46.46 -20.15
N GLY A 3322 6.71 47.25 -19.43
CA GLY A 3322 7.40 46.71 -18.28
C GLY A 3322 6.46 46.24 -17.20
N ASN A 3323 5.46 47.07 -16.88
CA ASN A 3323 4.48 46.68 -15.87
C ASN A 3323 3.70 45.44 -16.30
N CYS A 3324 3.33 45.37 -17.58
CA CYS A 3324 2.58 44.22 -18.06
C CYS A 3324 3.44 42.96 -17.99
N ILE A 3325 4.72 43.06 -18.34
CA ILE A 3325 5.61 41.91 -18.25
C ILE A 3325 5.70 41.43 -16.81
N ILE A 3326 5.90 42.37 -15.88
CA ILE A 3326 6.03 41.98 -14.47
C ILE A 3326 4.75 41.33 -13.98
N SER A 3327 3.59 41.90 -14.33
CA SER A 3327 2.33 41.37 -13.83
C SER A 3327 2.03 40.00 -14.43
N SER A 3328 2.28 39.81 -15.73
CA SER A 3328 2.03 38.52 -16.35
C SER A 3328 2.95 37.45 -15.79
N ILE A 3329 4.23 37.79 -15.59
CA ILE A 3329 5.16 36.83 -14.98
C ILE A 3329 4.74 36.51 -13.55
N TYR A 3330 4.26 37.51 -12.82
CA TYR A 3330 3.84 37.27 -11.46
C TYR A 3330 2.62 36.35 -11.42
N GLU A 3331 1.68 36.57 -12.34
CA GLU A 3331 0.49 35.73 -12.41
C GLU A 3331 0.86 34.29 -12.77
N THR A 3332 1.78 34.11 -13.72
CA THR A 3332 2.08 32.77 -14.19
C THR A 3332 2.97 32.01 -13.22
N TYR A 3333 4.16 32.54 -12.93
CA TYR A 3333 5.16 31.78 -12.20
C TYR A 3333 4.89 31.75 -10.70
N PHE A 3334 4.60 32.90 -10.10
CA PHE A 3334 4.65 33.04 -8.64
C PHE A 3334 3.39 32.55 -7.95
N GLY A 3335 2.54 31.79 -8.63
CA GLY A 3335 1.33 31.31 -7.98
C GLY A 3335 1.64 30.36 -6.84
N HIS A 3336 2.69 29.56 -6.97
CA HIS A 3336 3.01 28.49 -6.04
C HIS A 3336 4.28 28.77 -5.24
N LEU A 3337 4.60 30.03 -4.98
CA LEU A 3337 5.83 30.39 -4.30
C LEU A 3337 5.54 30.98 -2.93
N ASN A 3338 6.58 31.04 -2.10
CA ASN A 3338 6.48 31.60 -0.77
C ASN A 3338 6.51 33.13 -0.83
N GLU A 3339 6.36 33.77 0.34
CA GLU A 3339 6.42 35.22 0.38
C GLU A 3339 7.82 35.76 0.14
N ARG A 3340 8.85 34.94 0.37
CA ARG A 3340 10.23 35.37 0.16
C ARG A 3340 10.74 35.00 -1.23
N GLU A 3341 10.34 33.82 -1.73
CA GLU A 3341 10.70 33.44 -3.09
C GLU A 3341 10.09 34.40 -4.10
N ARG A 3342 8.85 34.83 -3.85
CA ARG A 3342 8.24 35.83 -4.74
C ARG A 3342 9.06 37.11 -4.78
N ALA A 3343 9.49 37.59 -3.62
CA ALA A 3343 10.29 38.82 -3.58
C ALA A 3343 11.62 38.63 -4.29
N ASP A 3344 12.28 37.50 -4.07
CA ASP A 3344 13.58 37.28 -4.70
C ASP A 3344 13.45 37.19 -6.22
N MET A 3345 12.47 36.44 -6.71
CA MET A 3345 12.31 36.31 -8.15
C MET A 3345 11.81 37.60 -8.77
N LEU A 3346 11.04 38.40 -8.04
CA LEU A 3346 10.63 39.70 -8.54
C LEU A 3346 11.84 40.63 -8.65
N VAL A 3347 12.76 40.55 -7.70
CA VAL A 3347 14.00 41.32 -7.80
C VAL A 3347 14.81 40.87 -9.01
N ILE A 3348 14.85 39.55 -9.25
CA ILE A 3348 15.56 39.04 -10.42
C ILE A 3348 14.93 39.56 -11.70
N LEU A 3349 13.60 39.55 -11.78
CA LEU A 3349 12.90 40.05 -12.95
C LEU A 3349 13.15 41.54 -13.15
N LYS A 3350 13.18 42.31 -12.06
CA LYS A 3350 13.45 43.73 -12.17
C LYS A 3350 14.87 43.99 -12.67
N ARG A 3351 15.85 43.22 -12.18
CA ARG A 3351 17.20 43.39 -12.68
C ARG A 3351 17.34 42.92 -14.12
N LEU A 3352 16.49 41.99 -14.55
CA LEU A 3352 16.49 41.59 -15.95
C LEU A 3352 15.89 42.68 -16.83
N LEU A 3353 14.82 43.33 -16.37
CA LEU A 3353 14.27 44.45 -17.10
C LEU A 3353 15.28 45.59 -17.19
N GLY A 3354 16.00 45.85 -16.10
CA GLY A 3354 17.03 46.87 -16.11
C GLY A 3354 18.25 46.52 -16.93
N LYS A 3355 18.55 45.23 -17.07
CA LYS A 3355 19.66 44.80 -17.92
C LYS A 3355 19.40 45.18 -19.36
N PHE A 3356 18.18 44.99 -19.85
CA PHE A 3356 17.78 45.46 -21.16
C PHE A 3356 17.25 46.89 -21.02
N ALA A 3357 16.70 47.43 -22.10
CA ALA A 3357 16.30 48.84 -22.13
C ALA A 3357 14.80 49.02 -22.03
N VAL A 3358 14.13 48.22 -21.22
CA VAL A 3358 12.70 48.35 -21.00
C VAL A 3358 12.46 48.94 -19.61
N LYS A 3359 11.57 49.91 -19.53
CA LYS A 3359 11.30 50.62 -18.29
C LYS A 3359 10.05 50.07 -17.62
N TYR A 3360 9.90 50.40 -16.34
CA TYR A 3360 8.78 49.91 -15.55
C TYR A 3360 8.56 50.86 -14.38
N ASP A 3361 7.38 50.77 -13.79
CA ASP A 3361 7.05 51.60 -12.64
C ASP A 3361 7.95 51.21 -11.47
N VAL A 3362 8.76 52.16 -11.00
CA VAL A 3362 9.74 51.86 -9.96
C VAL A 3362 9.05 51.38 -8.69
N ASN A 3363 7.98 52.08 -8.29
CA ASN A 3363 7.19 51.69 -7.13
C ASN A 3363 5.97 50.92 -7.64
N TYR A 3364 6.21 49.67 -8.04
CA TYR A 3364 5.19 48.81 -8.62
C TYR A 3364 4.66 47.86 -7.56
N ARG A 3365 3.35 47.77 -7.45
CA ARG A 3365 2.70 46.81 -6.56
C ARG A 3365 1.65 46.04 -7.35
N PHE A 3366 1.71 44.71 -7.23
CA PHE A 3366 0.83 43.85 -8.01
C PHE A 3366 -0.63 44.08 -7.65
N ILE A 3367 -0.93 44.20 -6.35
CA ILE A 3367 -2.30 44.41 -5.91
C ILE A 3367 -2.85 45.69 -6.51
N ASP A 3368 -2.10 46.78 -6.37
CA ASP A 3368 -2.56 48.06 -6.88
C ASP A 3368 -2.72 48.03 -8.40
N TYR A 3369 -1.81 47.36 -9.10
CA TYR A 3369 -1.84 47.40 -10.56
C TYR A 3369 -3.01 46.59 -11.12
N LEU A 3370 -3.22 45.37 -10.63
CA LEU A 3370 -4.21 44.51 -11.27
C LEU A 3370 -5.60 44.60 -10.66
N VAL A 3371 -5.74 44.28 -9.39
CA VAL A 3371 -7.07 44.24 -8.78
C VAL A 3371 -7.50 45.65 -8.40
N THR A 3372 -8.78 45.95 -8.62
CA THR A 3372 -9.36 47.24 -8.31
C THR A 3372 -9.89 47.25 -6.89
N LEU A 3373 -10.34 48.43 -6.46
CA LEU A 3373 -10.85 48.57 -5.09
C LEU A 3373 -12.13 47.75 -4.89
N ASP A 3374 -13.02 47.77 -5.88
CA ASP A 3374 -14.30 47.07 -5.74
C ASP A 3374 -14.09 45.58 -5.57
N GLU A 3375 -13.24 44.99 -6.40
CA GLU A 3375 -12.98 43.56 -6.30
C GLU A 3375 -12.30 43.20 -4.99
N LYS A 3376 -11.37 44.05 -4.53
CA LYS A 3376 -10.70 43.79 -3.27
C LYS A 3376 -11.67 43.83 -2.10
N MET A 3377 -12.59 44.80 -2.09
CA MET A 3377 -13.60 44.85 -1.04
C MET A 3377 -14.53 43.65 -1.12
N LYS A 3378 -14.87 43.22 -2.34
CA LYS A 3378 -15.70 42.03 -2.50
C LYS A 3378 -15.02 40.80 -1.91
N TRP A 3379 -13.73 40.64 -2.19
CA TRP A 3379 -13.00 39.49 -1.67
C TRP A 3379 -12.90 39.54 -0.15
N LEU A 3380 -12.62 40.72 0.40
CA LEU A 3380 -12.54 40.85 1.86
C LEU A 3380 -13.88 40.55 2.51
N GLU A 3381 -14.97 41.00 1.89
CA GLU A 3381 -16.30 40.70 2.41
C GLU A 3381 -16.60 39.21 2.34
N CYS A 3382 -16.20 38.55 1.25
CA CYS A 3382 -16.51 37.13 1.08
C CYS A 3382 -15.82 36.25 2.11
N GLY A 3383 -14.73 36.73 2.72
CA GLY A 3383 -14.10 35.97 3.78
C GLY A 3383 -12.61 35.79 3.61
N LEU A 3384 -12.01 36.44 2.61
CA LEU A 3384 -10.58 36.36 2.42
C LEU A 3384 -9.85 37.12 3.51
N ASP A 3385 -8.64 36.67 3.83
CA ASP A 3385 -7.85 37.29 4.88
C ASP A 3385 -7.33 38.66 4.42
N LYS A 3386 -6.64 39.34 5.33
CA LYS A 3386 -6.08 40.66 5.07
C LYS A 3386 -4.64 40.61 4.58
N ASN A 3387 -4.07 39.42 4.42
CA ASN A 3387 -2.68 39.30 3.98
C ASN A 3387 -2.52 39.85 2.56
N ASP A 3388 -1.35 40.45 2.32
CA ASP A 3388 -0.99 40.77 0.95
C ASP A 3388 -0.74 39.52 0.13
N TYR A 3389 -0.17 38.49 0.77
CA TYR A 3389 0.05 37.22 0.09
C TYR A 3389 -1.28 36.61 -0.35
N PHE A 3390 -2.29 36.64 0.51
CA PHE A 3390 -3.59 36.09 0.15
C PHE A 3390 -4.29 36.96 -0.88
N LEU A 3391 -4.12 38.27 -0.81
CA LEU A 3391 -4.70 39.14 -1.83
C LEU A 3391 -4.08 38.85 -3.19
N GLU A 3392 -2.76 38.68 -3.24
CA GLU A 3392 -2.11 38.34 -4.50
C GLU A 3392 -2.54 36.97 -5.00
N ASN A 3393 -2.69 36.01 -4.10
CA ASN A 3393 -3.14 34.68 -4.52
C ASN A 3393 -4.55 34.73 -5.09
N MET A 3394 -5.45 35.49 -4.46
CA MET A 3394 -6.79 35.59 -4.98
C MET A 3394 -6.82 36.34 -6.31
N SER A 3395 -5.95 37.34 -6.46
CA SER A 3395 -5.85 38.04 -7.74
C SER A 3395 -5.39 37.09 -8.83
N ILE A 3396 -4.42 36.22 -8.52
CA ILE A 3396 -3.97 35.21 -9.47
C ILE A 3396 -5.11 34.25 -9.82
N VAL A 3397 -5.87 33.83 -8.81
CA VAL A 3397 -6.95 32.87 -9.03
C VAL A 3397 -8.04 33.45 -9.92
N MET A 3398 -8.47 34.68 -9.63
CA MET A 3398 -9.60 35.26 -10.32
C MET A 3398 -9.22 35.89 -11.66
N ASN A 3399 -8.17 36.69 -11.68
CA ASN A 3399 -7.83 37.44 -12.90
C ASN A 3399 -7.45 36.49 -14.04
N SER A 3400 -6.69 35.45 -13.75
CA SER A 3400 -6.19 34.54 -14.77
C SER A 3400 -7.15 33.36 -14.89
N GLN A 3401 -8.06 33.43 -15.85
CA GLN A 3401 -9.05 32.39 -16.08
C GLN A 3401 -8.97 31.87 -17.51
N ASP A 3402 -7.77 31.88 -18.08
CA ASP A 3402 -7.50 31.12 -19.30
C ASP A 3402 -7.11 29.68 -19.00
N ALA A 3403 -6.83 29.35 -17.74
CA ALA A 3403 -6.49 28.01 -17.31
C ALA A 3403 -7.17 27.75 -15.97
N VAL A 3404 -7.45 26.48 -15.71
CA VAL A 3404 -8.15 26.11 -14.47
C VAL A 3404 -7.28 26.49 -13.28
N PRO A 3405 -7.85 27.02 -12.19
CA PRO A 3405 -7.05 27.26 -10.98
C PRO A 3405 -7.09 26.08 -10.02
N PHE A 3406 -5.93 25.79 -9.44
CA PHE A 3406 -5.73 24.70 -8.50
C PHE A 3406 -5.33 25.32 -7.16
N LEU A 3407 -6.31 25.48 -6.28
CA LEU A 3407 -6.10 26.12 -5.00
C LEU A 3407 -5.62 25.08 -3.99
N LEU A 3408 -4.45 25.29 -3.41
CA LEU A 3408 -3.90 24.39 -2.42
C LEU A 3408 -3.88 25.10 -1.07
N ASP A 3409 -4.55 24.51 -0.08
CA ASP A 3409 -4.58 25.09 1.26
C ASP A 3409 -4.90 23.99 2.26
N PRO A 3410 -4.18 23.91 3.38
CA PRO A 3410 -4.52 22.89 4.38
C PRO A 3410 -5.88 23.11 5.00
N SER A 3411 -6.15 24.30 5.52
CA SER A 3411 -7.50 24.65 5.94
C SER A 3411 -8.35 24.89 4.71
N SER A 3412 -9.60 24.43 4.77
CA SER A 3412 -10.51 24.56 3.64
C SER A 3412 -11.20 25.91 3.61
N HIS A 3413 -10.64 26.92 4.26
CA HIS A 3413 -11.31 28.21 4.39
C HIS A 3413 -11.55 28.87 3.04
N MET A 3414 -10.81 28.49 2.00
CA MET A 3414 -11.06 29.09 0.69
C MET A 3414 -12.31 28.51 0.03
N ILE A 3415 -12.66 27.25 0.34
CA ILE A 3415 -13.81 26.63 -0.31
C ILE A 3415 -15.07 27.42 -0.04
N THR A 3416 -15.27 27.86 1.20
CA THR A 3416 -16.41 28.72 1.47
C THR A 3416 -16.26 30.07 0.79
N VAL A 3417 -15.04 30.63 0.77
CA VAL A 3417 -14.85 31.97 0.21
C VAL A 3417 -15.30 32.00 -1.24
N ILE A 3418 -14.81 31.04 -2.04
CA ILE A 3418 -15.23 30.97 -3.43
C ILE A 3418 -16.74 30.84 -3.52
N SER A 3419 -17.34 30.00 -2.66
CA SER A 3419 -18.79 29.88 -2.65
C SER A 3419 -19.44 31.20 -2.32
N ASN A 3420 -18.91 31.93 -1.34
CA ASN A 3420 -19.44 33.23 -1.00
C ASN A 3420 -19.33 34.18 -2.18
N TYR A 3421 -18.33 33.99 -3.05
CA TYR A 3421 -18.21 34.82 -4.24
C TYR A 3421 -19.30 34.50 -5.25
N TYR A 3422 -19.75 33.24 -5.31
CA TYR A 3422 -20.69 32.81 -6.34
C TYR A 3422 -22.06 32.47 -5.78
N GLY A 3423 -22.31 32.75 -4.51
CA GLY A 3423 -23.65 32.62 -3.97
C GLY A 3423 -24.18 31.20 -4.09
N ASN A 3424 -25.36 31.08 -4.69
CA ASN A 3424 -26.01 29.79 -4.85
C ASN A 3424 -25.52 29.02 -6.07
N LYS A 3425 -24.65 29.60 -6.90
CA LYS A 3425 -24.22 28.90 -8.09
C LYS A 3425 -23.13 27.87 -7.81
N THR A 3426 -22.51 27.91 -6.63
CA THR A 3426 -21.40 27.01 -6.34
C THR A 3426 -21.89 25.58 -6.18
N VAL A 3427 -21.17 24.64 -6.78
CA VAL A 3427 -21.44 23.22 -6.64
C VAL A 3427 -20.15 22.56 -6.16
N LEU A 3428 -20.24 21.80 -5.07
CA LEU A 3428 -19.09 21.16 -4.47
C LEU A 3428 -19.07 19.69 -4.88
N LEU A 3429 -17.96 19.25 -5.45
CA LEU A 3429 -17.77 17.86 -5.85
C LEU A 3429 -16.45 17.35 -5.29
N SER A 3430 -16.12 16.12 -5.65
CA SER A 3430 -14.84 15.52 -5.27
C SER A 3430 -14.55 14.39 -6.23
N PHE A 3431 -13.28 13.98 -6.28
CA PHE A 3431 -12.88 12.89 -7.15
C PHE A 3431 -13.09 11.52 -6.51
N LEU A 3432 -13.58 11.47 -5.28
CA LEU A 3432 -13.75 10.21 -4.57
C LEU A 3432 -15.16 9.65 -4.68
N GLU A 3433 -16.17 10.53 -4.68
CA GLU A 3433 -17.55 10.06 -4.72
C GLU A 3433 -17.86 9.39 -6.05
N GLU A 3434 -18.79 8.43 -6.01
CA GLU A 3434 -19.05 7.58 -7.17
C GLU A 3434 -19.82 8.33 -8.24
N GLY A 3435 -20.79 9.16 -7.86
CA GLY A 3435 -21.60 9.86 -8.83
C GLY A 3435 -20.96 11.09 -9.44
N PHE A 3436 -19.73 11.41 -9.04
CA PHE A 3436 -19.07 12.63 -9.49
C PHE A 3436 -19.11 12.75 -11.01
N VAL A 3437 -18.80 11.66 -11.71
CA VAL A 3437 -18.74 11.70 -13.17
C VAL A 3437 -20.05 12.20 -13.75
N LYS A 3438 -21.17 11.76 -13.18
CA LYS A 3438 -22.45 12.27 -13.64
C LYS A 3438 -22.70 13.69 -13.18
N ARG A 3439 -22.37 14.00 -11.92
CA ARG A 3439 -22.74 15.29 -11.36
C ARG A 3439 -22.08 16.43 -12.11
N LEU A 3440 -20.80 16.29 -12.44
CA LEU A 3440 -20.13 17.30 -13.26
C LEU A 3440 -20.84 17.45 -14.59
N GLU A 3441 -21.23 16.34 -15.21
CA GLU A 3441 -21.93 16.40 -16.49
C GLU A 3441 -23.24 17.17 -16.38
N ASN A 3442 -23.80 17.31 -15.18
CA ASN A 3442 -24.93 18.22 -15.01
C ASN A 3442 -24.43 19.66 -14.85
N ALA A 3443 -23.47 19.87 -13.96
CA ALA A 3443 -22.96 21.22 -13.72
C ALA A 3443 -22.33 21.81 -14.97
N ILE A 3444 -21.72 20.96 -15.79
CA ILE A 3444 -21.11 21.43 -17.03
C ILE A 3444 -22.16 21.76 -18.08
N ARG A 3445 -23.39 21.28 -17.93
CA ARG A 3445 -24.43 21.51 -18.93
C ARG A 3445 -25.38 22.63 -18.56
N PHE A 3446 -25.43 23.03 -17.30
CA PHE A 3446 -26.38 24.05 -16.85
C PHE A 3446 -25.68 25.26 -16.22
N GLY A 3447 -24.36 25.32 -16.27
CA GLY A 3447 -23.65 26.51 -15.87
C GLY A 3447 -23.66 26.81 -14.39
N SER A 3448 -22.98 25.98 -13.61
CA SER A 3448 -22.80 26.23 -12.18
C SER A 3448 -21.33 26.07 -11.84
N VAL A 3449 -20.82 26.99 -11.01
CA VAL A 3449 -19.42 26.95 -10.62
C VAL A 3449 -19.15 25.66 -9.85
N VAL A 3450 -18.04 25.00 -10.18
CA VAL A 3450 -17.70 23.71 -9.60
C VAL A 3450 -16.40 23.85 -8.82
N ILE A 3451 -16.41 23.40 -7.58
CA ILE A 3451 -15.20 23.30 -6.77
C ILE A 3451 -15.03 21.84 -6.41
N ILE A 3452 -13.90 21.26 -6.80
CA ILE A 3452 -13.63 19.86 -6.55
C ILE A 3452 -12.75 19.75 -5.31
N GLN A 3453 -13.29 19.15 -4.25
CA GLN A 3453 -12.66 19.24 -2.94
C GLN A 3453 -11.31 18.54 -2.87
N ASP A 3454 -11.01 17.62 -3.78
CA ASP A 3454 -9.73 16.93 -3.77
C ASP A 3454 -9.05 17.08 -5.12
N GLY A 3455 -7.75 17.34 -5.09
CA GLY A 3455 -7.00 17.54 -6.32
C GLY A 3455 -5.79 16.63 -6.42
N GLU A 3456 -5.33 16.11 -5.29
CA GLU A 3456 -4.24 15.16 -5.32
C GLU A 3456 -4.60 13.92 -6.12
N PHE A 3457 -5.87 13.54 -6.11
CA PHE A 3457 -6.40 12.53 -6.99
C PHE A 3457 -6.96 13.19 -8.24
N PHE A 3458 -6.94 12.48 -9.35
CA PHE A 3458 -7.36 13.06 -10.62
C PHE A 3458 -7.66 11.95 -11.61
N ASP A 3459 -8.92 11.84 -12.03
CA ASP A 3459 -9.23 10.88 -13.08
C ASP A 3459 -9.20 11.57 -14.43
N PRO A 3460 -8.41 11.07 -15.39
CA PRO A 3460 -8.16 11.81 -16.62
C PRO A 3460 -9.38 12.04 -17.52
N ILE A 3461 -10.58 11.66 -17.07
CA ILE A 3461 -11.77 11.98 -17.86
C ILE A 3461 -12.00 13.48 -17.92
N ILE A 3462 -11.56 14.21 -16.89
CA ILE A 3462 -11.70 15.66 -16.85
C ILE A 3462 -10.57 16.25 -17.69
N SER A 3463 -9.79 15.39 -18.32
CA SER A 3463 -8.65 15.84 -19.11
C SER A 3463 -9.05 16.84 -20.16
N ARG A 3464 -10.07 16.51 -20.96
CA ARG A 3464 -10.51 17.40 -22.02
C ARG A 3464 -11.07 18.71 -21.48
N LEU A 3465 -11.35 18.77 -20.18
CA LEU A 3465 -11.78 20.01 -19.53
C LEU A 3465 -10.62 20.77 -18.92
N ILE A 3466 -9.54 20.10 -18.54
CA ILE A 3466 -8.39 20.79 -17.97
C ILE A 3466 -7.70 21.63 -19.03
N SER A 3467 -7.49 21.05 -20.21
CA SER A 3467 -7.04 21.80 -21.38
C SER A 3467 -8.26 22.17 -22.21
N ARG A 3468 -8.37 23.44 -22.58
CA ARG A 3468 -9.57 23.92 -23.24
C ARG A 3468 -9.64 23.37 -24.65
N GLU A 3469 -9.95 22.08 -24.76
CA GLU A 3469 -9.94 21.34 -26.02
C GLU A 3469 -11.37 20.87 -26.28
N PHE A 3470 -12.14 21.73 -26.94
CA PHE A 3470 -13.56 21.49 -27.16
C PHE A 3470 -13.83 21.17 -28.62
N ASN A 3471 -15.06 20.72 -28.88
CA ASN A 3471 -15.54 20.45 -30.24
C ASN A 3471 -16.60 21.47 -30.57
N HIS A 3472 -16.22 22.50 -31.33
CA HIS A 3472 -17.17 23.54 -31.67
C HIS A 3472 -18.10 23.10 -32.79
N ALA A 3473 -19.18 23.84 -32.95
CA ALA A 3473 -20.21 23.56 -33.95
C ALA A 3473 -20.80 24.90 -34.39
N GLY A 3474 -21.99 24.86 -34.99
CA GLY A 3474 -22.68 26.06 -35.41
C GLY A 3474 -22.71 27.14 -34.34
N ASN A 3475 -23.37 26.85 -33.22
CA ASN A 3475 -23.30 27.75 -32.06
C ASN A 3475 -23.21 26.99 -30.75
N ARG A 3476 -23.01 25.67 -30.77
CA ARG A 3476 -22.91 24.87 -29.56
C ARG A 3476 -21.48 24.38 -29.39
N VAL A 3477 -20.93 24.61 -28.20
CA VAL A 3477 -19.61 24.12 -27.84
C VAL A 3477 -19.77 22.82 -27.04
N THR A 3478 -19.04 21.80 -27.43
CA THR A 3478 -19.21 20.46 -26.89
C THR A 3478 -17.86 19.91 -26.44
N VAL A 3479 -17.85 19.25 -25.29
CA VAL A 3479 -16.63 18.68 -24.72
C VAL A 3479 -16.89 17.20 -24.43
N GLU A 3480 -15.88 16.37 -24.68
CA GLU A 3480 -15.99 14.94 -24.47
C GLU A 3480 -15.49 14.58 -23.07
N ILE A 3481 -16.37 14.01 -22.26
CA ILE A 3481 -16.02 13.50 -20.94
C ILE A 3481 -16.30 12.01 -20.94
N GLY A 3482 -15.28 11.21 -20.65
CA GLY A 3482 -15.41 9.77 -20.78
C GLY A 3482 -15.71 9.39 -22.21
N ASP A 3483 -16.94 8.97 -22.47
CA ASP A 3483 -17.41 8.75 -23.84
C ASP A 3483 -18.71 9.49 -24.15
N HIS A 3484 -19.06 10.48 -23.33
CA HIS A 3484 -20.24 11.31 -23.57
C HIS A 3484 -19.82 12.71 -23.99
N GLU A 3485 -20.52 13.24 -24.99
CA GLU A 3485 -20.30 14.62 -25.44
C GLU A 3485 -21.34 15.51 -24.76
N VAL A 3486 -20.86 16.45 -23.94
CA VAL A 3486 -21.73 17.32 -23.16
C VAL A 3486 -21.54 18.76 -23.61
N ASP A 3487 -22.63 19.50 -23.67
CA ASP A 3487 -22.58 20.89 -24.09
C ASP A 3487 -22.18 21.78 -22.92
N VAL A 3488 -21.26 22.70 -23.17
CA VAL A 3488 -20.81 23.65 -22.16
C VAL A 3488 -21.72 24.88 -22.21
N SER A 3489 -22.25 25.27 -21.05
CA SER A 3489 -23.16 26.40 -21.00
C SER A 3489 -22.47 27.70 -21.39
N GLY A 3490 -21.24 27.90 -20.91
CA GLY A 3490 -20.55 29.15 -21.03
C GLY A 3490 -20.51 29.96 -19.76
N ASP A 3491 -21.35 29.63 -18.79
CA ASP A 3491 -21.29 30.22 -17.45
C ASP A 3491 -20.62 29.29 -16.45
N PHE A 3492 -19.94 28.26 -16.94
CA PHE A 3492 -19.39 27.20 -16.09
C PHE A 3492 -17.93 27.48 -15.80
N LYS A 3493 -17.58 27.56 -14.52
CA LYS A 3493 -16.21 27.69 -14.06
C LYS A 3493 -15.80 26.43 -13.31
N LEU A 3494 -14.50 26.17 -13.29
CA LEU A 3494 -13.96 25.01 -12.61
C LEU A 3494 -12.79 25.43 -11.74
N PHE A 3495 -12.88 25.15 -10.44
CA PHE A 3495 -11.77 25.31 -9.51
C PHE A 3495 -11.45 23.96 -8.93
N ILE A 3496 -10.22 23.53 -9.03
CA ILE A 3496 -9.78 22.32 -8.35
C ILE A 3496 -9.18 22.72 -7.02
N HIS A 3497 -9.48 21.97 -5.97
CA HIS A 3497 -9.05 22.32 -4.63
C HIS A 3497 -8.38 21.11 -3.99
N SER A 3498 -7.27 21.36 -3.29
CA SER A 3498 -6.55 20.33 -2.59
C SER A 3498 -6.29 20.76 -1.16
N CYS A 3499 -6.16 19.78 -0.27
CA CYS A 3499 -5.94 20.05 1.14
C CYS A 3499 -4.50 19.84 1.58
N ASP A 3500 -3.93 18.68 1.30
CA ASP A 3500 -2.60 18.41 1.80
C ASP A 3500 -1.55 18.84 0.79
N PRO A 3501 -0.68 19.79 1.14
CA PRO A 3501 0.41 20.16 0.21
C PRO A 3501 1.41 19.04 -0.01
N SER A 3502 1.46 18.04 0.88
CA SER A 3502 2.39 16.93 0.70
C SER A 3502 1.99 16.06 -0.48
N GLY A 3503 0.70 15.96 -0.76
CA GLY A 3503 0.24 15.13 -1.86
C GLY A 3503 0.69 15.65 -3.21
N ASP A 3504 0.87 14.73 -4.14
CA ASP A 3504 1.33 15.04 -5.49
C ASP A 3504 0.16 15.02 -6.46
N ILE A 3505 0.37 15.66 -7.61
CA ILE A 3505 -0.64 15.71 -8.65
C ILE A 3505 -0.01 15.21 -9.95
N PRO A 3506 -0.78 14.57 -10.83
CA PRO A 3506 -0.19 14.02 -12.05
C PRO A 3506 0.44 15.12 -12.92
N ILE A 3507 1.51 14.74 -13.61
CA ILE A 3507 2.27 15.71 -14.41
C ILE A 3507 1.39 16.32 -15.50
N PHE A 3508 0.39 15.57 -15.97
CA PHE A 3508 -0.55 16.15 -16.93
C PHE A 3508 -1.34 17.28 -16.30
N LEU A 3509 -1.82 17.09 -15.08
CA LEU A 3509 -2.59 18.14 -14.41
C LEU A 3509 -1.70 19.31 -14.03
N ARG A 3510 -0.55 19.01 -13.41
CA ARG A 3510 0.24 20.06 -12.78
C ARG A 3510 0.70 21.12 -13.77
N SER A 3511 1.06 20.72 -14.99
CA SER A 3511 1.56 21.67 -15.97
C SER A 3511 0.47 22.40 -16.73
N ARG A 3512 -0.76 21.93 -16.70
CA ARG A 3512 -1.87 22.61 -17.36
C ARG A 3512 -2.62 23.56 -16.45
N VAL A 3513 -2.47 23.43 -15.13
CA VAL A 3513 -3.36 24.08 -14.19
C VAL A 3513 -2.59 25.21 -13.51
N ARG A 3514 -3.32 26.25 -13.11
CA ARG A 3514 -2.74 27.42 -12.45
C ARG A 3514 -2.67 27.13 -10.96
N LEU A 3515 -1.51 26.65 -10.50
CA LEU A 3515 -1.37 26.21 -9.12
C LEU A 3515 -1.16 27.43 -8.22
N VAL A 3516 -2.05 27.61 -7.24
CA VAL A 3516 -2.02 28.76 -6.34
C VAL A 3516 -1.95 28.24 -4.92
N HIS A 3517 -0.90 28.64 -4.20
CA HIS A 3517 -0.66 28.18 -2.83
C HIS A 3517 -1.34 29.12 -1.86
N PHE A 3518 -2.28 28.59 -1.08
CA PHE A 3518 -2.96 29.36 -0.04
C PHE A 3518 -2.50 28.98 1.35
N VAL A 3519 -1.32 28.38 1.47
CA VAL A 3519 -0.79 27.95 2.76
C VAL A 3519 -0.22 29.15 3.50
N THR A 3520 -0.15 29.04 4.83
CA THR A 3520 0.48 30.05 5.68
C THR A 3520 1.84 29.50 6.10
N ASN A 3521 2.87 29.84 5.33
CA ASN A 3521 4.19 29.29 5.53
C ASN A 3521 4.88 29.94 6.72
N LYS A 3522 6.09 29.46 7.04
CA LYS A 3522 6.89 30.08 8.08
C LYS A 3522 7.27 31.51 7.73
N GLU A 3523 7.51 31.78 6.44
CA GLU A 3523 7.91 33.11 6.02
C GLU A 3523 6.81 34.14 6.25
N SER A 3524 5.56 33.71 6.41
CA SER A 3524 4.50 34.62 6.79
C SER A 3524 4.81 35.31 8.12
N ILE A 3525 5.58 34.64 8.98
CA ILE A 3525 6.04 35.26 10.22
C ILE A 3525 6.94 36.45 9.91
N GLU A 3526 7.86 36.27 8.95
CA GLU A 3526 8.89 37.27 8.68
C GLU A 3526 8.29 38.66 8.49
N THR A 3527 7.24 38.77 7.68
CA THR A 3527 6.60 40.07 7.51
C THR A 3527 5.72 40.42 8.71
N ARG A 3528 5.01 39.45 9.26
CA ARG A 3528 3.96 39.75 10.22
C ARG A 3528 4.52 40.39 11.48
N ILE A 3529 5.63 39.87 12.00
CA ILE A 3529 6.23 40.45 13.20
C ILE A 3529 6.62 41.90 12.93
N PHE A 3530 7.05 42.19 11.69
CA PHE A 3530 7.31 43.57 11.32
C PHE A 3530 6.08 44.42 11.56
N ASP A 3531 4.93 43.99 11.05
CA ASP A 3531 3.70 44.76 11.23
C ASP A 3531 3.34 44.90 12.69
N ILE A 3532 3.89 44.06 13.56
CA ILE A 3532 3.73 44.25 15.00
C ILE A 3532 4.79 45.21 15.54
N THR A 3533 6.05 44.99 15.16
CA THR A 3533 7.13 45.82 15.68
C THR A 3533 6.89 47.28 15.36
N LEU A 3534 6.65 47.59 14.08
CA LEU A 3534 6.40 48.96 13.68
C LEU A 3534 5.15 49.51 14.33
N THR A 3535 4.21 48.64 14.70
CA THR A 3535 3.02 49.11 15.40
C THR A 3535 3.35 49.59 16.81
N GLU A 3536 4.34 48.95 17.45
CA GLU A 3536 4.65 49.29 18.87
C GLU A 3536 6.02 49.98 19.02
N GLU A 3537 6.69 50.28 17.91
CA GLU A 3537 7.97 50.99 17.97
C GLU A 3537 7.89 52.37 17.36
N ASN A 3538 7.25 52.52 16.19
CA ASN A 3538 7.04 53.81 15.55
C ASN A 3538 5.55 53.90 15.21
N ALA A 3539 4.76 54.34 16.18
CA ALA A 3539 3.30 54.36 16.00
C ALA A 3539 2.90 55.35 14.91
N GLU A 3540 3.48 56.55 14.93
CA GLU A 3540 3.13 57.55 13.93
C GLU A 3540 3.56 57.12 12.53
N MET A 3541 4.75 56.52 12.41
CA MET A 3541 5.22 56.07 11.11
C MET A 3541 4.34 54.94 10.56
N GLN A 3542 3.93 54.01 11.43
CA GLN A 3542 3.01 52.97 11.01
C GLN A 3542 1.67 53.56 10.59
N ARG A 3543 1.20 54.57 11.33
CA ARG A 3543 -0.06 55.22 10.99
C ARG A 3543 0.02 55.87 9.60
N LYS A 3544 1.14 56.54 9.32
CA LYS A 3544 1.29 57.19 8.03
C LYS A 3544 1.49 56.18 6.90
N ARG A 3545 2.10 55.03 7.19
CA ARG A 3545 2.38 54.06 6.14
C ARG A 3545 1.11 53.61 5.44
N GLU A 3546 0.11 53.17 6.21
CA GLU A 3546 -1.11 52.67 5.60
C GLU A 3546 -1.90 53.79 4.94
N ASP A 3547 -2.06 54.92 5.63
CA ASP A 3547 -2.91 55.98 5.10
C ASP A 3547 -2.28 56.67 3.89
N LEU A 3548 -0.97 56.58 3.72
CA LEU A 3548 -0.35 57.13 2.52
C LEU A 3548 -0.91 56.46 1.28
N ILE A 3549 -0.81 55.13 1.20
CA ILE A 3549 -1.32 54.42 0.04
C ILE A 3549 -2.85 54.48 -0.01
N LYS A 3550 -3.50 54.42 1.15
CA LYS A 3550 -4.97 54.49 1.15
C LYS A 3550 -5.45 55.80 0.54
N LEU A 3551 -4.92 56.93 1.03
CA LEU A 3551 -5.29 58.23 0.50
C LEU A 3551 -4.86 58.37 -0.95
N ASN A 3552 -3.72 57.78 -1.32
CA ASN A 3552 -3.27 57.84 -2.71
C ASN A 3552 -4.30 57.20 -3.63
N THR A 3553 -4.75 55.99 -3.30
CA THR A 3553 -5.71 55.29 -4.15
C THR A 3553 -7.05 56.00 -4.18
N GLU A 3554 -7.56 56.38 -3.00
CA GLU A 3554 -8.84 57.07 -2.99
C GLU A 3554 -8.75 58.43 -3.65
N TYR A 3555 -7.55 59.04 -3.71
CA TYR A 3555 -7.36 60.25 -4.47
C TYR A 3555 -7.41 59.98 -5.97
N LYS A 3556 -6.71 58.94 -6.43
CA LYS A 3556 -6.78 58.62 -7.86
C LYS A 3556 -8.20 58.31 -8.30
N LEU A 3557 -9.05 57.84 -7.39
CA LEU A 3557 -10.45 57.63 -7.78
C LEU A 3557 -11.26 58.93 -7.68
N LYS A 3558 -11.12 59.66 -6.58
CA LYS A 3558 -12.04 60.78 -6.35
C LYS A 3558 -11.69 62.01 -7.18
N LEU A 3559 -10.42 62.20 -7.53
CA LEU A 3559 -10.09 63.29 -8.45
C LEU A 3559 -10.69 63.05 -9.82
N LYS A 3560 -10.66 61.81 -10.30
CA LYS A 3560 -11.36 61.49 -11.54
C LYS A 3560 -12.86 61.71 -11.39
N ASN A 3561 -13.42 61.31 -10.24
CA ASN A 3561 -14.84 61.52 -9.99
C ASN A 3561 -15.19 63.01 -10.06
N LEU A 3562 -14.38 63.85 -9.42
CA LEU A 3562 -14.62 65.28 -9.43
C LEU A 3562 -14.39 65.88 -10.81
N GLU A 3563 -13.45 65.33 -11.57
CA GLU A 3563 -13.22 65.82 -12.93
C GLU A 3563 -14.42 65.56 -13.82
N LYS A 3564 -15.00 64.36 -13.75
CA LYS A 3564 -16.20 64.11 -14.55
C LYS A 3564 -17.40 64.88 -14.01
N ARG A 3565 -17.45 65.11 -12.70
CA ARG A 3565 -18.45 66.02 -12.13
C ARG A 3565 -18.34 67.41 -12.77
N LEU A 3566 -17.13 67.95 -12.82
CA LEU A 3566 -16.89 69.25 -13.42
C LEU A 3566 -17.27 69.26 -14.89
N LEU A 3567 -16.93 68.19 -15.62
CA LEU A 3567 -17.25 68.14 -17.04
C LEU A 3567 -18.76 68.13 -17.28
N GLU A 3568 -19.50 67.32 -16.52
CA GLU A 3568 -20.94 67.27 -16.76
C GLU A 3568 -21.59 68.58 -16.31
N GLU A 3569 -21.02 69.23 -15.29
CA GLU A 3569 -21.53 70.53 -14.90
C GLU A 3569 -21.30 71.58 -15.99
N LEU A 3570 -20.14 71.54 -16.63
CA LEU A 3570 -19.91 72.42 -17.78
C LEU A 3570 -20.89 72.10 -18.90
N ASN A 3571 -21.22 70.83 -19.07
CA ASN A 3571 -22.25 70.46 -20.03
C ASN A 3571 -23.60 71.09 -19.66
N ASN A 3572 -23.89 71.14 -18.35
CA ASN A 3572 -25.15 71.73 -17.88
C ASN A 3572 -25.05 73.24 -17.67
N SER A 3573 -23.90 73.86 -17.92
CA SER A 3573 -23.71 75.29 -17.75
C SER A 3573 -23.31 75.96 -19.05
N GLN A 3574 -24.00 75.60 -20.14
CA GLN A 3574 -23.60 76.08 -21.46
C GLN A 3574 -23.77 77.60 -21.58
N GLY A 3575 -24.86 78.16 -21.05
CA GLY A 3575 -25.11 79.58 -21.21
C GLY A 3575 -25.74 80.26 -20.02
N ASN A 3576 -25.81 79.58 -18.88
CA ASN A 3576 -26.42 80.14 -17.69
C ASN A 3576 -25.40 80.92 -16.87
N MET A 3577 -25.92 81.73 -15.95
CA MET A 3577 -25.08 82.55 -15.08
C MET A 3577 -25.30 82.28 -13.60
N LEU A 3578 -26.54 82.05 -13.18
CA LEU A 3578 -26.81 81.77 -11.77
C LEU A 3578 -26.25 80.42 -11.36
N GLU A 3579 -26.19 79.46 -12.29
CA GLU A 3579 -25.67 78.13 -11.99
C GLU A 3579 -24.16 78.11 -11.81
N ASN A 3580 -23.46 79.17 -12.22
CA ASN A 3580 -22.00 79.17 -12.18
C ASN A 3580 -21.43 79.20 -10.76
N ASP A 3581 -22.26 79.51 -9.76
CA ASP A 3581 -21.76 79.55 -8.39
C ASP A 3581 -21.32 78.18 -7.92
N GLU A 3582 -22.10 77.14 -8.22
CA GLU A 3582 -21.70 75.78 -7.88
C GLU A 3582 -20.43 75.39 -8.61
N LEU A 3583 -20.31 75.80 -9.88
CA LEU A 3583 -19.10 75.54 -10.64
C LEU A 3583 -17.89 76.18 -9.97
N MET A 3584 -18.03 77.43 -9.53
CA MET A 3584 -16.91 78.12 -8.89
C MET A 3584 -16.54 77.48 -7.55
N VAL A 3585 -17.55 77.09 -6.75
CA VAL A 3585 -17.23 76.52 -5.45
C VAL A 3585 -16.58 75.15 -5.61
N THR A 3586 -17.01 74.35 -6.59
CA THR A 3586 -16.33 73.07 -6.82
C THR A 3586 -14.96 73.28 -7.45
N LEU A 3587 -14.79 74.35 -8.23
CA LEU A 3587 -13.47 74.68 -8.75
C LEU A 3587 -12.50 74.99 -7.61
N ASN A 3588 -12.96 75.79 -6.64
CA ASN A 3588 -12.15 76.03 -5.45
C ASN A 3588 -11.94 74.76 -4.64
N ASN A 3589 -12.94 73.88 -4.63
CA ASN A 3589 -12.81 72.61 -3.91
C ASN A 3589 -11.67 71.78 -4.46
N LEU A 3590 -11.66 71.55 -5.77
CA LEU A 3590 -10.69 70.62 -6.36
C LEU A 3590 -9.26 71.02 -6.06
N LYS A 3591 -9.02 72.30 -5.81
CA LYS A 3591 -7.69 72.74 -5.39
C LYS A 3591 -7.26 72.03 -4.12
N LYS A 3592 -8.20 71.76 -3.22
CA LYS A 3592 -7.84 71.13 -1.95
C LYS A 3592 -7.26 69.74 -2.16
N GLU A 3593 -7.96 68.90 -2.93
CA GLU A 3593 -7.44 67.57 -3.20
C GLU A 3593 -6.19 67.62 -4.06
N ALA A 3594 -6.05 68.63 -4.92
CA ALA A 3594 -4.78 68.77 -5.64
C ALA A 3594 -3.63 69.03 -4.67
N MET A 3595 -3.83 69.93 -3.70
CA MET A 3595 -2.81 70.18 -2.69
C MET A 3595 -2.53 68.94 -1.85
N ASN A 3596 -3.57 68.19 -1.47
CA ASN A 3596 -3.33 66.98 -0.68
C ASN A 3596 -2.55 65.95 -1.49
N ILE A 3597 -2.86 65.80 -2.78
CA ILE A 3597 -2.11 64.85 -3.62
C ILE A 3597 -0.64 65.27 -3.70
N GLU A 3598 -0.39 66.56 -3.96
CA GLU A 3598 0.99 67.03 -4.05
C GLU A 3598 1.72 66.85 -2.72
N LYS A 3599 1.05 67.18 -1.62
CA LYS A 3599 1.68 67.03 -0.31
C LYS A 3599 1.97 65.58 0.02
N LYS A 3600 1.04 64.68 -0.31
CA LYS A 3600 1.28 63.26 -0.06
C LYS A 3600 2.44 62.75 -0.89
N LEU A 3601 2.54 63.18 -2.16
CA LEU A 3601 3.67 62.77 -2.99
C LEU A 3601 4.99 63.28 -2.41
N SER A 3602 5.02 64.55 -2.00
CA SER A 3602 6.25 65.10 -1.44
C SER A 3602 6.63 64.40 -0.14
N GLU A 3603 5.65 64.11 0.71
CA GLU A 3603 5.95 63.41 1.96
C GLU A 3603 6.40 61.97 1.70
N SER A 3604 5.79 61.29 0.72
CA SER A 3604 6.20 59.94 0.40
C SER A 3604 7.62 59.90 -0.14
N GLU A 3605 8.02 60.95 -0.88
CA GLU A 3605 9.38 61.02 -1.41
C GLU A 3605 10.43 60.92 -0.31
N GLU A 3606 10.10 61.31 0.93
CA GLU A 3606 11.00 61.12 2.05
C GLU A 3606 10.63 59.93 2.92
N PHE A 3607 9.35 59.55 2.94
CA PHE A 3607 8.90 58.45 3.79
C PHE A 3607 9.42 57.12 3.27
N PHE A 3608 9.33 56.89 1.95
CA PHE A 3608 9.79 55.62 1.39
C PHE A 3608 11.26 55.34 1.65
N PRO A 3609 12.20 56.28 1.45
CA PRO A 3609 13.59 55.99 1.84
C PRO A 3609 13.72 55.62 3.31
N GLN A 3610 13.04 56.34 4.19
CA GLN A 3610 13.09 56.00 5.61
C GLN A 3610 12.44 54.65 5.88
N PHE A 3611 11.35 54.32 5.16
CA PHE A 3611 10.71 53.03 5.35
C PHE A 3611 11.64 51.89 4.95
N ASP A 3612 12.31 52.03 3.81
CA ASP A 3612 13.23 50.98 3.38
C ASP A 3612 14.44 50.89 4.29
N ASN A 3613 14.89 52.03 4.83
CA ASN A 3613 15.97 51.99 5.82
C ASN A 3613 15.52 51.25 7.07
N LEU A 3614 14.28 51.48 7.51
CA LEU A 3614 13.75 50.87 8.72
C LEU A 3614 13.41 49.39 8.51
N VAL A 3615 13.22 48.96 7.27
CA VAL A 3615 12.87 47.56 7.02
C VAL A 3615 13.97 46.61 7.48
N GLU A 3616 15.24 46.99 7.25
CA GLU A 3616 16.34 46.03 7.40
C GLU A 3616 16.55 45.63 8.85
N GLU A 3617 16.32 46.54 9.80
CA GLU A 3617 16.48 46.20 11.21
C GLU A 3617 15.52 45.10 11.63
N TYR A 3618 14.24 45.29 11.34
CA TYR A 3618 13.28 44.27 11.73
C TYR A 3618 13.38 43.05 10.81
N SER A 3619 14.02 43.18 9.65
CA SER A 3619 14.40 41.99 8.89
C SER A 3619 15.44 41.18 9.65
N ILE A 3620 16.39 41.85 10.29
CA ILE A 3620 17.34 41.16 11.15
C ILE A 3620 16.61 40.44 12.27
N ILE A 3621 15.61 41.10 12.88
CA ILE A 3621 14.82 40.45 13.92
C ILE A 3621 14.12 39.21 13.35
N GLY A 3622 13.50 39.34 12.18
CA GLY A 3622 12.77 38.23 11.61
C GLY A 3622 13.65 37.08 11.18
N LYS A 3623 14.91 37.36 10.83
CA LYS A 3623 15.82 36.29 10.46
C LYS A 3623 16.01 35.31 11.61
N HIS A 3624 16.13 35.82 12.84
CA HIS A 3624 16.18 34.95 14.00
C HIS A 3624 14.81 34.39 14.35
N SER A 3625 13.75 35.17 14.17
CA SER A 3625 12.42 34.70 14.52
C SER A 3625 12.03 33.47 13.70
N VAL A 3626 12.33 33.48 12.39
CA VAL A 3626 11.97 32.35 11.55
C VAL A 3626 12.75 31.10 11.95
N LYS A 3627 14.03 31.29 12.28
CA LYS A 3627 14.86 30.14 12.73
C LYS A 3627 14.26 29.56 14.02
N ILE A 3628 13.90 30.43 14.97
CA ILE A 3628 13.31 29.97 16.22
C ILE A 3628 12.03 29.19 15.95
N PHE A 3629 11.17 29.70 15.07
CA PHE A 3629 9.93 29.00 14.77
C PHE A 3629 10.19 27.68 14.08
N SER A 3630 11.21 27.63 13.22
CA SER A 3630 11.57 26.36 12.55
C SER A 3630 11.95 25.34 13.64
N MET A 3631 12.83 25.73 14.57
CA MET A 3631 13.23 24.82 15.63
C MET A 3631 12.01 24.35 16.43
N LEU A 3632 11.10 25.26 16.72
CA LEU A 3632 9.88 24.89 17.45
C LEU A 3632 9.05 23.89 16.66
N GLU A 3633 8.92 24.09 15.36
CA GLU A 3633 8.12 23.17 14.55
C GLU A 3633 8.81 21.82 14.41
N LYS A 3634 10.14 21.80 14.44
CA LYS A 3634 10.86 20.51 14.43
C LYS A 3634 10.53 19.79 15.74
N PHE A 3635 10.62 20.50 16.86
CA PHE A 3635 10.24 19.93 18.15
C PHE A 3635 8.84 19.33 18.07
N GLY A 3636 7.89 20.08 17.50
CA GLY A 3636 6.54 19.58 17.36
C GLY A 3636 6.44 18.38 16.43
N GLN A 3637 7.30 18.31 15.42
CA GLN A 3637 7.30 17.16 14.53
C GLN A 3637 7.82 15.91 15.22
N PHE A 3638 8.76 16.07 16.15
CA PHE A 3638 9.30 14.90 16.84
C PHE A 3638 8.24 14.18 17.67
N HIS A 3639 7.46 14.94 18.44
CA HIS A 3639 6.52 14.38 19.40
C HIS A 3639 5.15 15.00 19.21
N TRP A 3640 4.11 14.21 19.47
CA TRP A 3640 2.74 14.66 19.23
C TRP A 3640 2.28 15.75 20.18
N PHE A 3641 3.05 16.05 21.23
CA PHE A 3641 2.63 17.02 22.24
C PHE A 3641 3.28 18.38 22.07
N TYR A 3642 4.40 18.48 21.34
CA TYR A 3642 5.16 19.71 21.23
C TYR A 3642 4.71 20.58 20.07
N GLY A 3643 3.50 20.39 19.57
CA GLY A 3643 3.04 21.17 18.44
C GLY A 3643 3.02 22.65 18.77
N ILE A 3644 3.42 23.47 17.79
CA ILE A 3644 3.48 24.91 17.95
C ILE A 3644 2.80 25.55 16.74
N SER A 3645 2.10 26.65 16.99
CA SER A 3645 1.34 27.34 15.96
C SER A 3645 1.86 28.76 15.78
N ILE A 3646 1.54 29.35 14.64
CA ILE A 3646 1.97 30.71 14.34
C ILE A 3646 1.34 31.70 15.30
N GLY A 3647 0.06 31.49 15.65
CA GLY A 3647 -0.62 32.42 16.53
C GLY A 3647 0.01 32.53 17.90
N GLN A 3648 0.41 31.38 18.48
CA GLN A 3648 1.06 31.40 19.78
C GLN A 3648 2.39 32.14 19.72
N PHE A 3649 3.17 31.90 18.66
CA PHE A 3649 4.44 32.60 18.51
C PHE A 3649 4.23 34.10 18.38
N LEU A 3650 3.23 34.51 17.62
CA LEU A 3650 3.00 35.93 17.43
C LEU A 3650 2.50 36.58 18.71
N SER A 3651 1.69 35.86 19.50
CA SER A 3651 1.28 36.40 20.80
C SER A 3651 2.48 36.53 21.73
N CYS A 3652 3.37 35.54 21.72
CA CYS A 3652 4.58 35.62 22.54
C CYS A 3652 5.43 36.81 22.14
N PHE A 3653 5.56 37.06 20.84
CA PHE A 3653 6.32 38.22 20.39
C PHE A 3653 5.61 39.53 20.73
N LYS A 3654 4.28 39.53 20.67
CA LYS A 3654 3.53 40.76 21.06
C LYS A 3654 3.90 41.10 22.51
N ARG A 3655 4.00 40.09 23.38
CA ARG A 3655 4.29 40.34 24.81
C ARG A 3655 5.71 40.95 24.94
N VAL A 3656 6.61 40.63 24.01
CA VAL A 3656 8.01 41.15 24.10
C VAL A 3656 7.95 42.67 24.31
N PHE A 3657 7.17 43.38 23.49
CA PHE A 3657 7.02 44.85 23.63
C PHE A 3657 6.10 45.15 24.81
N ILE A 3658 4.98 44.44 24.91
CA ILE A 3658 3.98 44.73 25.99
C ILE A 3658 4.38 43.98 27.26
N LYS A 3659 5.55 44.28 27.82
CA LYS A 3659 5.98 43.66 29.09
C LYS A 3659 7.09 44.52 29.71
N LYS A 3660 6.72 45.67 30.28
CA LYS A 3660 7.71 46.60 30.87
C LYS A 3660 8.05 46.12 32.28
N SER A 3661 8.70 44.97 32.39
CA SER A 3661 9.07 44.41 33.73
C SER A 3661 10.27 45.17 34.29
N ARG A 3662 11.47 44.92 33.75
CA ARG A 3662 12.65 45.62 34.23
C ARG A 3662 13.64 45.83 33.08
N GLU A 3663 14.28 47.00 33.08
CA GLU A 3663 15.23 47.34 32.03
C GLU A 3663 16.37 46.32 31.99
N THR A 3664 16.46 45.58 30.89
CA THR A 3664 17.42 44.49 30.78
C THR A 3664 18.80 45.03 30.43
N ARG A 3665 19.71 44.15 30.04
CA ARG A 3665 21.08 44.54 29.74
C ARG A 3665 21.11 45.57 28.62
N ALA A 3666 22.05 46.51 28.72
CA ALA A 3666 22.20 47.56 27.72
C ALA A 3666 22.82 46.99 26.45
N ALA A 3667 21.98 46.63 25.49
CA ALA A 3667 22.42 46.02 24.24
C ALA A 3667 22.60 47.04 23.12
N ARG A 3668 22.99 48.27 23.46
CA ARG A 3668 23.21 49.34 22.49
C ARG A 3668 21.93 49.65 21.73
N THR A 3669 21.87 49.26 20.46
CA THR A 3669 20.72 49.57 19.63
C THR A 3669 19.47 48.88 20.17
N ARG A 3670 18.32 49.53 19.93
CA ARG A 3670 17.05 48.98 20.39
C ARG A 3670 16.73 47.65 19.72
N VAL A 3671 17.24 47.44 18.50
CA VAL A 3671 16.96 46.20 17.79
C VAL A 3671 17.58 45.00 18.53
N ASP A 3672 18.82 45.15 19.00
CA ASP A 3672 19.45 44.05 19.72
C ASP A 3672 18.71 43.74 21.02
N GLU A 3673 18.25 44.78 21.73
CA GLU A 3673 17.53 44.55 22.97
C GLU A 3673 16.19 43.88 22.71
N ILE A 3674 15.51 44.28 21.64
CA ILE A 3674 14.25 43.60 21.29
C ILE A 3674 14.50 42.16 20.91
N LEU A 3675 15.58 41.88 20.18
CA LEU A 3675 15.89 40.50 19.82
C LEU A 3675 16.18 39.66 21.05
N TRP A 3676 16.94 40.21 22.00
CA TRP A 3676 17.21 39.48 23.23
C TRP A 3676 15.93 39.24 24.01
N LEU A 3677 15.06 40.24 24.10
CA LEU A 3677 13.80 40.05 24.79
C LEU A 3677 12.94 39.01 24.11
N LEU A 3678 12.98 38.96 22.77
CA LEU A 3678 12.25 37.93 22.03
C LEU A 3678 12.75 36.55 22.40
N TYR A 3679 14.07 36.37 22.44
CA TYR A 3679 14.61 35.08 22.83
C TYR A 3679 14.20 34.70 24.25
N GLN A 3680 14.27 35.67 25.17
CA GLN A 3680 13.92 35.41 26.56
C GLN A 3680 12.45 35.01 26.67
N GLU A 3681 11.56 35.73 26.00
CA GLU A 3681 10.14 35.45 26.10
C GLU A 3681 9.81 34.10 25.47
N VAL A 3682 10.42 33.79 24.33
CA VAL A 3682 10.16 32.52 23.67
C VAL A 3682 10.59 31.37 24.59
N TYR A 3683 11.77 31.47 25.19
CA TYR A 3683 12.21 30.39 26.07
C TYR A 3683 11.34 30.32 27.32
N CYS A 3684 10.94 31.47 27.86
CA CYS A 3684 10.18 31.46 29.10
C CYS A 3684 8.79 30.89 28.91
N GLN A 3685 8.18 31.10 27.75
CA GLN A 3685 6.83 30.60 27.50
C GLN A 3685 6.80 29.21 26.91
N PHE A 3686 7.55 28.97 25.84
CA PHE A 3686 7.41 27.74 25.06
C PHE A 3686 8.22 26.58 25.60
N SER A 3687 8.98 26.77 26.68
CA SER A 3687 9.67 25.65 27.29
C SER A 3687 8.82 24.90 28.30
N THR A 3688 7.74 25.52 28.80
CA THR A 3688 6.85 24.82 29.72
C THR A 3688 6.19 23.63 29.03
N ALA A 3689 5.83 23.77 27.77
CA ALA A 3689 5.23 22.69 27.01
C ALA A 3689 6.20 21.60 26.64
N LEU A 3690 7.43 21.62 27.14
CA LEU A 3690 8.44 20.63 26.81
C LEU A 3690 8.91 19.92 28.06
N ASP A 3691 9.41 18.70 27.89
CA ASP A 3691 9.96 17.95 29.01
C ASP A 3691 11.41 18.39 29.25
N LYS A 3692 12.05 17.76 30.24
CA LYS A 3692 13.35 18.23 30.71
C LYS A 3692 14.40 18.16 29.61
N LYS A 3693 14.47 17.02 28.90
CA LYS A 3693 15.47 16.86 27.86
C LYS A 3693 15.30 17.89 26.76
N PHE A 3694 14.05 18.10 26.32
CA PHE A 3694 13.81 19.09 25.30
C PHE A 3694 13.92 20.52 25.84
N LYS A 3695 13.71 20.73 27.14
CA LYS A 3695 14.03 22.03 27.72
C LYS A 3695 15.52 22.33 27.58
N MET A 3696 16.36 21.35 27.90
CA MET A 3696 17.81 21.53 27.73
C MET A 3696 18.16 21.75 26.27
N ILE A 3697 17.55 20.98 25.37
CA ILE A 3697 17.85 21.11 23.94
C ILE A 3697 17.48 22.49 23.45
N MET A 3698 16.29 22.98 23.81
CA MET A 3698 15.88 24.32 23.42
C MET A 3698 16.82 25.37 23.97
N ALA A 3699 17.17 25.27 25.25
CA ALA A 3699 18.06 26.27 25.85
C ALA A 3699 19.38 26.33 25.10
N MET A 3700 19.99 25.17 24.86
CA MET A 3700 21.29 25.15 24.19
C MET A 3700 21.17 25.64 22.76
N THR A 3701 20.15 25.20 22.02
CA THR A 3701 20.02 25.58 20.62
C THR A 3701 19.77 27.07 20.47
N MET A 3702 18.89 27.65 21.29
CA MET A 3702 18.62 29.08 21.18
C MET A 3702 19.80 29.90 21.66
N PHE A 3703 20.53 29.44 22.68
CA PHE A 3703 21.76 30.14 23.05
C PHE A 3703 22.75 30.14 21.90
N CYS A 3704 22.87 29.01 21.21
CA CYS A 3704 23.75 28.94 20.05
C CYS A 3704 23.28 29.88 18.94
N LEU A 3705 21.97 29.93 18.70
CA LEU A 3705 21.45 30.79 17.65
C LEU A 3705 21.70 32.27 17.97
N TYR A 3706 21.59 32.65 19.24
CA TYR A 3706 21.82 34.03 19.62
C TYR A 3706 23.30 34.39 19.57
N LYS A 3707 24.16 33.50 20.06
CA LYS A 3707 25.58 33.81 20.13
C LYS A 3707 26.34 33.53 18.83
N PHE A 3708 25.69 32.93 17.84
CA PHE A 3708 26.26 32.87 16.50
C PHE A 3708 26.10 34.18 15.75
N ASP A 3709 25.34 35.12 16.30
CA ASP A 3709 25.18 36.46 15.74
C ASP A 3709 25.77 37.54 16.63
N ILE A 3710 25.55 37.46 17.94
CA ILE A 3710 26.07 38.51 18.83
C ILE A 3710 27.58 38.43 18.93
N GLU A 3711 28.13 37.24 19.10
CA GLU A 3711 29.54 37.06 19.41
C GLU A 3711 30.36 36.83 18.14
N SER A 3712 31.67 36.75 18.34
CA SER A 3712 32.64 36.66 17.24
C SER A 3712 32.85 35.21 16.82
N GLU A 3713 33.65 35.03 15.77
CA GLU A 3713 33.95 33.68 15.28
C GLU A 3713 34.77 32.91 16.30
N GLN A 3714 35.68 33.58 17.01
CA GLN A 3714 36.44 32.92 18.06
C GLN A 3714 35.51 32.34 19.12
N TYR A 3715 34.30 32.87 19.22
CA TYR A 3715 33.29 32.31 20.10
C TYR A 3715 32.49 31.21 19.39
N LYS A 3716 32.18 31.42 18.11
CA LYS A 3716 31.32 30.49 17.38
C LYS A 3716 31.98 29.13 17.18
N GLU A 3717 33.20 29.12 16.65
CA GLU A 3717 33.88 27.83 16.49
C GLU A 3717 34.22 27.22 17.84
N ALA A 3718 34.49 28.05 18.85
CA ALA A 3718 34.75 27.52 20.19
C ALA A 3718 33.55 26.74 20.71
N VAL A 3719 32.36 27.34 20.64
CA VAL A 3719 31.18 26.64 21.15
C VAL A 3719 30.79 25.47 20.24
N LEU A 3720 31.04 25.57 18.94
CA LEU A 3720 30.76 24.44 18.05
C LEU A 3720 31.61 23.24 18.43
N THR A 3721 32.93 23.42 18.53
CA THR A 3721 33.78 22.35 19.00
C THR A 3721 33.45 21.93 20.42
N MET A 3722 32.89 22.85 21.23
CA MET A 3722 32.51 22.52 22.59
C MET A 3722 31.37 21.51 22.60
N ILE A 3723 30.33 21.78 21.82
CA ILE A 3723 29.23 20.83 21.67
C ILE A 3723 29.72 19.54 21.05
N GLY A 3724 30.69 19.64 20.13
CA GLY A 3724 31.30 18.41 19.61
C GLY A 3724 31.97 17.59 20.70
N VAL A 3725 32.61 18.26 21.66
CA VAL A 3725 33.20 17.55 22.80
C VAL A 3725 32.12 16.92 23.67
N LEU A 3726 31.06 17.67 23.96
CA LEU A 3726 29.99 17.13 24.82
C LEU A 3726 29.35 15.91 24.19
N SER A 3727 29.07 15.97 22.89
CA SER A 3727 28.65 14.78 22.17
C SER A 3727 29.82 13.81 22.08
N GLU A 3728 29.52 12.52 22.18
CA GLU A 3728 30.57 11.50 22.11
C GLU A 3728 30.92 11.13 20.68
N SER A 3729 30.40 11.86 19.70
CA SER A 3729 30.70 11.59 18.30
C SER A 3729 32.00 12.25 17.84
N SER A 3730 32.38 13.36 18.45
CA SER A 3730 33.60 14.09 18.08
C SER A 3730 34.40 14.42 19.33
N ASP A 3731 35.67 14.73 19.13
CA ASP A 3731 36.54 15.08 20.24
C ASP A 3731 37.62 16.04 19.75
N GLY A 3732 38.10 16.86 20.67
CA GLY A 3732 39.12 17.84 20.34
C GLY A 3732 39.20 18.90 21.42
N VAL A 3733 40.08 19.85 21.18
CA VAL A 3733 40.27 20.99 22.08
C VAL A 3733 39.70 22.23 21.42
N PRO A 3734 38.88 23.02 22.10
CA PRO A 3734 38.37 24.26 21.52
C PRO A 3734 39.46 25.33 21.45
N LYS A 3735 39.23 26.31 20.57
CA LYS A 3735 40.17 27.42 20.39
C LYS A 3735 39.96 28.44 21.50
N LEU A 3736 40.38 28.06 22.71
CA LEU A 3736 40.20 28.90 23.89
C LEU A 3736 41.08 30.13 23.78
N THR A 3737 40.45 31.29 23.60
CA THR A 3737 41.15 32.58 23.60
C THR A 3737 41.17 33.11 25.03
N VAL A 3738 42.36 33.18 25.62
CA VAL A 3738 42.47 33.53 27.02
C VAL A 3738 42.03 34.98 27.26
N ASP A 3739 41.40 35.21 28.41
CA ASP A 3739 40.95 36.51 28.87
C ASP A 3739 39.98 37.19 27.91
N THR A 3740 39.42 36.45 26.96
CA THR A 3740 38.44 36.98 26.02
C THR A 3740 37.06 36.35 26.19
N ASN A 3741 37.00 35.03 26.36
CA ASN A 3741 35.76 34.29 26.59
C ASN A 3741 35.82 33.64 27.96
N ASN A 3742 35.44 34.40 28.98
CA ASN A 3742 35.53 33.92 30.35
C ASN A 3742 34.48 32.85 30.63
N ASP A 3743 33.20 33.18 30.38
CA ASP A 3743 32.13 32.23 30.65
C ASP A 3743 32.35 30.93 29.90
N LEU A 3744 32.94 30.99 28.70
CA LEU A 3744 33.34 29.77 28.02
C LEU A 3744 34.41 29.02 28.81
N ARG A 3745 35.27 29.74 29.54
CA ARG A 3745 36.26 29.06 30.37
C ARG A 3745 35.61 28.38 31.56
N TYR A 3746 34.59 29.01 32.16
CA TYR A 3746 33.82 28.31 33.19
C TYR A 3746 33.14 27.07 32.62
N LEU A 3747 32.61 27.17 31.40
CA LEU A 3747 31.99 26.00 30.78
C LEU A 3747 33.03 24.91 30.53
N TRP A 3748 34.26 25.29 30.14
CA TRP A 3748 35.32 24.32 29.95
C TRP A 3748 35.69 23.65 31.27
N ASP A 3749 35.76 24.43 32.35
CA ASP A 3749 35.99 23.83 33.66
C ASP A 3749 34.88 22.86 34.01
N TYR A 3750 33.63 23.20 33.68
CA TYR A 3750 32.52 22.30 33.95
C TYR A 3750 32.64 21.00 33.16
N VAL A 3751 32.97 21.10 31.87
CA VAL A 3751 32.93 19.92 31.00
C VAL A 3751 34.12 19.01 31.28
N THR A 3752 35.29 19.57 31.59
CA THR A 3752 36.45 18.73 31.90
C THR A 3752 36.22 17.92 33.16
N THR A 3753 35.59 18.51 34.17
CA THR A 3753 35.26 17.79 35.40
C THR A 3753 34.14 16.78 35.21
N LYS A 3754 33.67 16.59 33.97
CA LYS A 3754 32.67 15.57 33.64
C LYS A 3754 31.39 15.76 34.44
N SER A 3755 31.03 17.01 34.70
CA SER A 3755 29.79 17.36 35.39
C SER A 3755 28.79 17.80 34.31
N TYR A 3756 28.15 16.82 33.67
CA TYR A 3756 27.36 17.09 32.49
C TYR A 3756 26.11 17.91 32.81
N ILE A 3757 25.47 17.64 33.95
CA ILE A 3757 24.23 18.33 34.28
C ILE A 3757 24.47 19.82 34.45
N SER A 3758 25.56 20.20 35.15
CA SER A 3758 25.87 21.62 35.30
C SER A 3758 26.26 22.25 33.97
N ALA A 3759 26.97 21.51 33.12
CA ALA A 3759 27.32 22.03 31.80
C ALA A 3759 26.07 22.33 30.98
N LEU A 3760 25.07 21.44 31.06
CA LEU A 3760 23.84 21.67 30.31
C LEU A 3760 22.96 22.74 30.95
N ASN A 3761 23.03 22.90 32.28
CA ASN A 3761 22.28 23.96 32.94
C ASN A 3761 22.95 25.33 32.80
N TRP A 3762 24.21 25.36 32.36
CA TRP A 3762 24.88 26.63 32.10
C TRP A 3762 24.11 27.45 31.07
N PHE A 3763 23.65 26.80 30.00
CA PHE A 3763 22.92 27.52 28.96
C PHE A 3763 21.62 28.10 29.50
N LYS A 3764 20.91 27.34 30.34
CA LYS A 3764 19.71 27.88 30.97
C LYS A 3764 20.05 29.07 31.86
N ASN A 3765 21.15 28.98 32.61
CA ASN A 3765 21.56 30.08 33.45
C ASN A 3765 21.90 31.32 32.64
N GLU A 3766 22.38 31.15 31.41
CA GLU A 3766 22.74 32.28 30.56
C GLU A 3766 21.54 33.05 30.02
N PHE A 3767 20.32 32.53 30.15
CA PHE A 3767 19.15 33.34 29.80
C PHE A 3767 18.74 34.30 30.90
N PHE A 3768 19.21 34.10 32.13
CA PHE A 3768 18.92 35.01 33.25
C PHE A 3768 17.42 35.23 33.41
N VAL A 3769 16.65 34.16 33.21
CA VAL A 3769 15.21 34.22 33.32
C VAL A 3769 14.76 33.04 34.18
N ASP A 3770 13.80 33.30 35.06
CA ASP A 3770 13.27 32.25 35.92
C ASP A 3770 12.19 31.47 35.17
N GLU A 3771 12.38 30.16 35.08
CA GLU A 3771 11.44 29.31 34.36
C GLU A 3771 10.06 29.41 34.99
N TRP A 3772 9.04 29.60 34.13
CA TRP A 3772 7.67 29.72 34.60
C TRP A 3772 7.21 28.43 35.27
N ASN A 3773 6.71 28.57 36.50
CA ASN A 3773 6.03 27.46 37.16
C ASN A 3773 4.58 27.46 36.68
N ILE A 3774 3.80 26.50 37.16
CA ILE A 3774 2.39 26.45 36.76
C ILE A 3774 1.62 27.65 37.28
N ALA A 3775 2.06 28.25 38.37
CA ALA A 3775 1.41 29.47 38.84
C ALA A 3775 1.47 30.55 37.76
N ASP A 3776 2.66 30.79 37.21
CA ASP A 3776 2.82 31.81 36.18
C ASP A 3776 2.00 31.47 34.94
N VAL A 3777 2.01 30.21 34.53
CA VAL A 3777 1.31 29.83 33.30
C VAL A 3777 -0.20 29.99 33.48
N VAL A 3778 -0.74 29.56 34.61
CA VAL A 3778 -2.19 29.64 34.80
C VAL A 3778 -2.62 31.09 34.97
N ALA A 3779 -1.80 31.91 35.63
CA ALA A 3779 -2.20 33.29 35.86
C ALA A 3779 -2.05 34.15 34.60
N ASN A 3780 -0.93 34.00 33.88
CA ASN A 3780 -0.62 34.90 32.78
C ASN A 3780 -1.43 34.56 31.54
N SER A 3781 -1.48 33.28 31.15
CA SER A 3781 -2.15 32.90 29.91
C SER A 3781 -3.64 33.18 30.00
N GLU A 3782 -4.18 33.81 28.96
CA GLU A 3782 -5.58 34.18 28.92
C GLU A 3782 -6.40 33.11 28.20
N ASN A 3783 -6.34 31.90 28.74
CA ASN A 3783 -7.07 30.77 28.21
C ASN A 3783 -7.72 30.00 29.35
N ASN A 3784 -8.81 29.29 29.03
CA ASN A 3784 -9.55 28.52 30.01
C ASN A 3784 -9.22 27.04 29.98
N TYR A 3785 -8.28 26.61 29.14
CA TYR A 3785 -7.99 25.19 28.97
C TYR A 3785 -6.49 24.96 29.02
N PHE A 3786 -6.07 24.01 29.86
CA PHE A 3786 -4.68 23.61 29.99
C PHE A 3786 -4.60 22.09 30.03
N THR A 3787 -3.58 21.55 29.37
CA THR A 3787 -3.27 20.13 29.41
C THR A 3787 -2.01 19.93 30.23
N MET A 3788 -2.06 19.00 31.17
CA MET A 3788 -0.98 18.75 32.12
C MET A 3788 -0.39 17.38 31.79
N ALA A 3789 0.55 17.35 30.86
CA ALA A 3789 1.13 16.08 30.49
C ALA A 3789 2.30 15.74 31.41
N SER A 3790 2.64 14.46 31.43
CA SER A 3790 3.76 13.95 32.21
C SER A 3790 4.00 12.51 31.79
N GLU A 3791 4.91 11.85 32.49
CA GLU A 3791 5.11 10.43 32.28
C GLU A 3791 4.12 9.68 33.17
N ARG A 3792 4.18 8.35 33.16
CA ARG A 3792 3.29 7.55 33.97
C ARG A 3792 3.79 7.34 35.39
N ASP A 3793 4.95 7.90 35.73
CA ASP A 3793 5.52 7.73 37.06
C ASP A 3793 5.09 8.80 38.05
N VAL A 3794 4.87 10.02 37.59
CA VAL A 3794 4.53 11.14 38.46
C VAL A 3794 3.26 11.80 37.96
N ASP A 3795 2.37 12.12 38.90
CA ASP A 3795 1.13 12.84 38.62
C ASP A 3795 1.15 14.18 39.34
N GLY A 3796 0.78 15.23 38.62
CA GLY A 3796 0.81 16.55 39.20
C GLY A 3796 -0.52 17.01 39.77
N THR A 3797 -1.43 16.06 40.01
CA THR A 3797 -2.74 16.41 40.53
C THR A 3797 -2.63 17.13 41.87
N PHE A 3798 -1.70 16.70 42.72
CA PHE A 3798 -1.52 17.37 44.01
C PHE A 3798 -1.05 18.81 43.82
N LYS A 3799 -0.17 19.04 42.85
CA LYS A 3799 0.29 20.40 42.57
C LYS A 3799 -0.85 21.29 42.12
N LEU A 3800 -1.71 20.78 41.24
CA LEU A 3800 -2.84 21.57 40.77
C LEU A 3800 -3.84 21.82 41.90
N ILE A 3801 -4.03 20.83 42.78
CA ILE A 3801 -4.89 21.02 43.95
C ILE A 3801 -4.34 22.14 44.82
N GLU A 3802 -3.04 22.10 45.10
CA GLU A 3802 -2.42 23.11 45.95
C GLU A 3802 -2.52 24.49 45.33
N LEU A 3803 -2.32 24.57 44.01
CA LEU A 3803 -2.46 25.87 43.33
C LEU A 3803 -3.89 26.39 43.42
N ALA A 3804 -4.86 25.58 43.03
CA ALA A 3804 -6.23 26.09 42.91
C ALA A 3804 -6.84 26.36 44.27
N LYS A 3805 -6.48 25.59 45.29
CA LYS A 3805 -6.88 25.94 46.65
C LYS A 3805 -6.37 27.33 47.03
N ALA A 3806 -5.18 27.68 46.54
CA ALA A 3806 -4.63 29.01 46.70
C ALA A 3806 -4.96 29.93 45.53
N SER A 3807 -5.72 29.45 44.53
CA SER A 3807 -6.13 30.30 43.40
C SER A 3807 -7.65 30.33 43.31
N LYS A 3808 -8.24 31.15 44.16
CA LYS A 3808 -9.54 31.79 44.00
C LYS A 3808 -10.77 30.90 44.16
N GLU A 3809 -10.66 29.57 43.99
CA GLU A 3809 -11.65 28.62 44.54
C GLU A 3809 -11.42 27.17 44.10
N SER A 3810 -11.88 26.22 44.93
CA SER A 3810 -12.56 24.99 44.55
C SER A 3810 -12.09 24.26 43.29
N LEU A 3811 -10.88 23.72 43.26
CA LEU A 3811 -10.57 22.76 42.21
C LEU A 3811 -11.44 21.52 42.38
N LYS A 3812 -11.95 20.99 41.27
CA LYS A 3812 -12.91 19.90 41.30
C LYS A 3812 -12.42 18.77 40.39
N ILE A 3813 -12.00 17.67 41.01
CA ILE A 3813 -11.45 16.54 40.25
C ILE A 3813 -12.59 15.72 39.68
N ILE A 3814 -12.53 15.45 38.38
CA ILE A 3814 -13.56 14.65 37.72
C ILE A 3814 -12.89 13.50 36.97
N PRO A 3815 -12.61 12.39 37.64
CA PRO A 3815 -11.99 11.26 36.94
C PRO A 3815 -12.93 10.65 35.91
N LEU A 3816 -12.35 10.12 34.85
CA LEU A 3816 -13.09 9.47 33.78
C LEU A 3816 -13.11 7.96 34.02
N GLY A 3817 -13.64 7.23 33.05
CA GLY A 3817 -13.78 5.78 33.19
C GLY A 3817 -15.02 5.24 32.52
N SER A 3818 -15.88 4.58 33.29
CA SER A 3818 -17.09 3.99 32.75
C SER A 3818 -18.05 5.06 32.23
N ILE A 3819 -19.16 4.60 31.65
CA ILE A 3819 -20.15 5.53 31.10
C ILE A 3819 -20.74 6.40 32.20
N GLU A 3820 -20.79 5.88 33.43
CA GLU A 3820 -21.21 6.70 34.56
C GLU A 3820 -20.26 7.88 34.75
N ASN A 3821 -18.96 7.61 34.69
CA ASN A 3821 -17.98 8.68 34.82
C ASN A 3821 -18.10 9.67 33.67
N LEU A 3822 -18.34 9.18 32.46
CA LEU A 3822 -18.46 10.06 31.30
C LEU A 3822 -19.65 10.99 31.44
N ASN A 3823 -20.81 10.45 31.82
CA ASN A 3823 -22.00 11.28 31.97
C ASN A 3823 -21.86 12.24 33.15
N TYR A 3824 -21.27 11.78 34.24
CA TYR A 3824 -21.01 12.68 35.37
C TYR A 3824 -20.09 13.81 34.95
N ALA A 3825 -19.07 13.50 34.15
CA ALA A 3825 -18.13 14.52 33.69
C ALA A 3825 -18.83 15.54 32.78
N GLN A 3826 -19.66 15.07 31.85
CA GLN A 3826 -20.31 16.03 30.96
C GLN A 3826 -21.28 16.91 31.72
N GLU A 3827 -22.04 16.35 32.66
CA GLU A 3827 -22.91 17.20 33.48
C GLU A 3827 -22.09 18.18 34.30
N GLU A 3828 -20.98 17.72 34.88
CA GLU A 3828 -20.14 18.58 35.71
C GLU A 3828 -19.57 19.74 34.92
N ILE A 3829 -19.08 19.47 33.70
CA ILE A 3829 -18.52 20.55 32.90
C ILE A 3829 -19.63 21.50 32.43
N SER A 3830 -20.78 20.95 32.04
CA SER A 3830 -21.86 21.81 31.55
C SER A 3830 -22.36 22.75 32.64
N LYS A 3831 -22.32 22.30 33.89
CA LYS A 3831 -22.72 23.18 34.99
C LYS A 3831 -21.58 24.02 35.53
N SER A 3832 -20.32 23.61 35.30
CA SER A 3832 -19.19 24.35 35.83
C SER A 3832 -18.78 25.51 34.93
N LYS A 3833 -19.01 25.40 33.61
CA LYS A 3833 -18.81 26.56 32.76
C LYS A 3833 -19.72 27.71 33.14
N ILE A 3834 -20.84 27.42 33.80
CA ILE A 3834 -21.74 28.46 34.27
C ILE A 3834 -21.41 28.85 35.70
N GLU A 3835 -21.13 27.88 36.57
CA GLU A 3835 -20.79 28.19 37.95
C GLU A 3835 -19.37 28.73 38.10
N GLY A 3836 -18.47 28.41 37.19
CA GLY A 3836 -17.16 29.01 37.16
C GLY A 3836 -16.07 28.29 37.94
N GLY A 3837 -16.39 27.22 38.65
CA GLY A 3837 -15.38 26.50 39.41
C GLY A 3837 -14.40 25.78 38.48
N TRP A 3838 -13.14 25.74 38.91
CA TRP A 3838 -12.12 25.05 38.13
C TRP A 3838 -12.36 23.55 38.16
N ILE A 3839 -12.30 22.93 36.99
CA ILE A 3839 -12.57 21.50 36.85
C ILE A 3839 -11.34 20.82 36.29
N LEU A 3840 -11.15 19.56 36.66
CA LEU A 3840 -9.99 18.78 36.26
C LEU A 3840 -10.48 17.45 35.69
N LEU A 3841 -9.83 16.98 34.63
CA LEU A 3841 -10.21 15.75 33.95
C LEU A 3841 -9.03 14.78 34.02
N GLN A 3842 -8.98 13.96 35.06
CA GLN A 3842 -7.89 13.01 35.22
C GLN A 3842 -7.86 11.99 34.10
N ASN A 3843 -6.67 11.75 33.56
CA ASN A 3843 -6.40 10.64 32.66
C ASN A 3843 -7.37 10.63 31.47
N ILE A 3844 -7.21 11.66 30.64
CA ILE A 3844 -8.00 11.77 29.41
C ILE A 3844 -7.79 10.56 28.50
N GLN A 3845 -6.59 9.97 28.52
CA GLN A 3845 -6.22 9.01 27.50
C GLN A 3845 -7.18 7.83 27.44
N MET A 3846 -7.55 7.28 28.61
CA MET A 3846 -8.41 6.10 28.62
C MET A 3846 -9.75 6.36 27.94
N SER A 3847 -10.22 7.60 27.95
CA SER A 3847 -11.46 7.97 27.29
C SER A 3847 -11.22 8.62 25.94
N LEU A 3848 -10.17 8.21 25.23
CA LEU A 3848 -9.79 8.85 23.97
C LEU A 3848 -10.96 8.93 23.00
N SER A 3849 -11.64 7.80 22.78
CA SER A 3849 -12.75 7.77 21.84
C SER A 3849 -13.83 8.77 22.23
N TRP A 3850 -14.07 8.93 23.53
CA TRP A 3850 -15.01 9.94 23.99
C TRP A 3850 -14.52 11.34 23.67
N VAL A 3851 -13.24 11.62 23.93
CA VAL A 3851 -12.70 12.96 23.72
C VAL A 3851 -12.72 13.31 22.24
N LYS A 3852 -12.45 12.33 21.37
CA LYS A 3852 -12.51 12.56 19.94
C LYS A 3852 -13.91 12.93 19.47
N THR A 3853 -14.95 12.57 20.24
CA THR A 3853 -16.32 12.81 19.83
C THR A 3853 -16.99 13.93 20.63
N TYR A 3854 -16.86 13.90 21.96
CA TYR A 3854 -17.57 14.87 22.79
C TYR A 3854 -16.70 16.10 23.09
N LEU A 3855 -15.55 15.89 23.74
CA LEU A 3855 -14.76 17.02 24.21
C LEU A 3855 -14.18 17.83 23.08
N HIS A 3856 -13.78 17.18 21.97
CA HIS A 3856 -13.17 17.88 20.85
C HIS A 3856 -14.09 18.96 20.30
N LYS A 3857 -15.24 18.56 19.77
CA LYS A 3857 -16.17 19.51 19.19
C LYS A 3857 -16.69 20.49 20.23
N HIS A 3858 -16.85 20.04 21.49
CA HIS A 3858 -17.29 20.93 22.54
C HIS A 3858 -16.31 22.09 22.72
N VAL A 3859 -15.05 21.79 23.00
CA VAL A 3859 -14.08 22.85 23.25
C VAL A 3859 -13.84 23.67 21.98
N GLU A 3860 -13.99 23.06 20.81
CA GLU A 3860 -13.83 23.82 19.58
C GLU A 3860 -14.99 24.77 19.35
N GLU A 3861 -16.17 24.46 19.91
CA GLU A 3861 -17.35 25.28 19.68
C GLU A 3861 -17.69 26.22 20.83
N THR A 3862 -17.18 25.96 22.03
CA THR A 3862 -17.56 26.78 23.19
C THR A 3862 -16.66 28.00 23.35
N LYS A 3863 -16.54 28.78 22.27
CA LYS A 3863 -15.81 30.04 22.37
C LYS A 3863 -16.53 31.06 23.24
N ALA A 3864 -17.79 30.82 23.59
CA ALA A 3864 -18.52 31.65 24.54
C ALA A 3864 -18.25 31.25 25.99
N ALA A 3865 -17.43 30.22 26.22
CA ALA A 3865 -17.03 29.89 27.59
C ALA A 3865 -16.23 31.03 28.20
N GLU A 3866 -15.39 31.69 27.40
CA GLU A 3866 -14.73 32.91 27.86
C GLU A 3866 -15.76 33.99 28.17
N GLU A 3867 -16.89 33.99 27.47
CA GLU A 3867 -18.01 34.86 27.81
C GLU A 3867 -18.84 34.30 28.97
N HIS A 3868 -18.66 33.03 29.31
CA HIS A 3868 -19.25 32.45 30.51
C HIS A 3868 -18.43 32.91 31.72
N GLU A 3869 -18.72 32.32 32.89
CA GLU A 3869 -17.97 32.69 34.08
C GLU A 3869 -16.51 32.30 33.94
N LYS A 3870 -15.65 32.99 34.68
CA LYS A 3870 -14.21 32.76 34.58
C LYS A 3870 -13.84 31.42 35.21
N PHE A 3871 -13.95 30.35 34.43
CA PHE A 3871 -13.60 29.01 34.87
C PHE A 3871 -12.41 28.50 34.07
N LYS A 3872 -11.72 27.51 34.64
CA LYS A 3872 -10.57 26.91 33.97
C LYS A 3872 -10.76 25.40 33.94
N MET A 3873 -10.68 24.83 32.75
CA MET A 3873 -10.82 23.39 32.55
C MET A 3873 -9.46 22.78 32.28
N PHE A 3874 -9.04 21.86 33.14
CA PHE A 3874 -7.72 21.26 33.07
C PHE A 3874 -7.82 19.84 32.53
N MET A 3875 -6.73 19.39 31.91
CA MET A 3875 -6.62 18.05 31.36
C MET A 3875 -5.30 17.44 31.80
N THR A 3876 -5.33 16.18 32.23
CA THR A 3876 -4.13 15.45 32.58
C THR A 3876 -3.95 14.30 31.61
N CYS A 3877 -2.77 14.24 30.99
CA CYS A 3877 -2.49 13.21 30.00
C CYS A 3877 -1.17 12.53 30.33
N HIS A 3878 -0.67 11.70 29.41
CA HIS A 3878 0.62 11.06 29.58
C HIS A 3878 1.40 11.19 28.28
N LEU A 3879 2.67 11.56 28.39
CA LEU A 3879 3.48 11.76 27.20
C LEU A 3879 3.62 10.47 26.41
N THR A 3880 3.76 9.34 27.10
CA THR A 3880 3.87 8.05 26.45
C THR A 3880 2.53 7.46 26.05
N GLY A 3881 1.43 8.15 26.37
CA GLY A 3881 0.10 7.65 26.07
C GLY A 3881 -0.26 7.79 24.60
N ASP A 3882 -1.55 7.58 24.33
CA ASP A 3882 -2.04 7.63 22.96
C ASP A 3882 -2.07 9.07 22.46
N LYS A 3883 -2.04 9.21 21.14
CA LYS A 3883 -1.93 10.52 20.51
C LYS A 3883 -3.26 11.25 20.58
N LEU A 3884 -3.28 12.38 21.28
CA LEU A 3884 -4.46 13.22 21.33
C LEU A 3884 -4.69 13.89 19.99
N PRO A 3885 -5.94 14.24 19.66
CA PRO A 3885 -6.19 14.94 18.39
C PRO A 3885 -5.45 16.27 18.33
N ALA A 3886 -4.94 16.58 17.14
CA ALA A 3886 -4.16 17.81 16.97
C ALA A 3886 -4.99 19.08 17.20
N PRO A 3887 -6.18 19.25 16.62
CA PRO A 3887 -6.91 20.52 16.86
C PRO A 3887 -7.27 20.73 18.33
N LEU A 3888 -7.64 19.66 19.05
CA LEU A 3888 -7.95 19.80 20.46
C LEU A 3888 -6.74 20.30 21.23
N LEU A 3889 -5.57 19.72 20.97
CA LEU A 3889 -4.36 20.12 21.66
C LEU A 3889 -3.96 21.55 21.30
N GLN A 3890 -4.15 21.92 20.02
CA GLN A 3890 -3.78 23.26 19.58
C GLN A 3890 -4.67 24.32 20.23
N ARG A 3891 -5.96 24.02 20.38
CA ARG A 3891 -6.88 25.00 20.96
C ARG A 3891 -6.49 25.33 22.40
N THR A 3892 -6.09 24.32 23.17
CA THR A 3892 -5.78 24.48 24.58
C THR A 3892 -4.30 24.79 24.79
N ASP A 3893 -4.01 25.40 25.93
CA ASP A 3893 -2.62 25.54 26.35
C ASP A 3893 -2.10 24.18 26.82
N ARG A 3894 -0.79 24.00 26.76
CA ARG A 3894 -0.17 22.74 27.12
C ARG A 3894 1.04 23.00 28.01
N PHE A 3895 1.33 22.05 28.89
CA PHE A 3895 2.66 22.04 29.50
C PHE A 3895 2.92 20.67 30.09
N VAL A 3896 4.18 20.41 30.39
CA VAL A 3896 4.66 19.12 30.88
C VAL A 3896 5.10 19.28 32.32
N TYR A 3897 4.55 18.44 33.20
CA TYR A 3897 4.89 18.45 34.62
C TYR A 3897 6.08 17.54 34.85
N GLU A 3898 7.24 18.14 35.12
CA GLU A 3898 8.49 17.39 35.37
C GLU A 3898 8.94 17.67 36.80
N ASP A 3899 8.51 16.83 37.74
CA ASP A 3899 8.91 16.99 39.13
C ASP A 3899 8.96 15.60 39.76
N ILE A 3900 10.15 15.00 39.79
CA ILE A 3900 10.36 13.69 40.38
C ILE A 3900 10.73 13.90 41.86
N PRO A 3901 9.92 13.41 42.80
CA PRO A 3901 10.26 13.58 44.21
C PRO A 3901 11.44 12.71 44.60
N GLY A 3902 12.14 13.15 45.65
CA GLY A 3902 13.22 12.35 46.18
C GLY A 3902 12.73 11.07 46.83
N ILE A 3903 13.66 10.15 47.07
CA ILE A 3903 13.31 8.87 47.67
C ILE A 3903 12.66 9.09 49.03
N LEU A 3904 13.28 9.93 49.86
CA LEU A 3904 12.74 10.19 51.18
C LEU A 3904 11.38 10.87 51.09
N ASP A 3905 11.20 11.77 50.13
CA ASP A 3905 9.91 12.42 49.94
C ASP A 3905 8.83 11.40 49.59
N THR A 3906 9.15 10.45 48.70
CA THR A 3906 8.18 9.42 48.35
C THR A 3906 7.86 8.53 49.54
N VAL A 3907 8.88 8.16 50.33
CA VAL A 3907 8.64 7.35 51.52
C VAL A 3907 7.70 8.09 52.47
N LYS A 3908 7.98 9.37 52.71
CA LYS A 3908 7.15 10.15 53.62
C LYS A 3908 5.71 10.27 53.11
N ASP A 3909 5.54 10.52 51.81
CA ASP A 3909 4.20 10.65 51.26
C ASP A 3909 3.42 9.35 51.38
N LEU A 3910 4.04 8.22 51.00
CA LEU A 3910 3.35 6.94 51.09
C LEU A 3910 3.01 6.59 52.54
N TRP A 3911 3.97 6.79 53.45
CA TRP A 3911 3.74 6.46 54.85
C TRP A 3911 2.65 7.32 55.45
N GLY A 3912 2.59 8.60 55.06
CA GLY A 3912 1.52 9.46 55.52
C GLY A 3912 0.16 9.03 54.97
N SER A 3913 0.12 8.65 53.70
CA SER A 3913 -1.15 8.26 53.10
C SER A 3913 -1.68 6.93 53.61
N GLN A 3914 -0.79 6.04 54.07
CA GLN A 3914 -1.25 4.70 54.45
C GLN A 3914 -2.19 4.72 55.66
N PHE A 3915 -1.90 5.53 56.68
CA PHE A 3915 -2.76 5.56 57.84
C PHE A 3915 -3.93 6.54 57.71
N PHE A 3916 -4.00 7.30 56.61
CA PHE A 3916 -5.16 8.16 56.40
C PHE A 3916 -6.44 7.34 56.25
N THR A 3917 -6.35 6.15 55.66
CA THR A 3917 -7.49 5.26 55.55
C THR A 3917 -7.74 4.47 56.82
N GLY A 3918 -6.88 4.61 57.82
CA GLY A 3918 -7.07 3.93 59.09
C GLY A 3918 -6.32 2.61 59.16
N LYS A 3919 -6.03 2.20 60.40
CA LYS A 3919 -5.33 0.95 60.63
C LYS A 3919 -6.24 -0.23 60.30
N ILE A 3920 -5.60 -1.37 59.99
CA ILE A 3920 -6.31 -2.60 59.66
C ILE A 3920 -6.00 -3.71 60.64
N SER A 3921 -4.74 -3.84 61.06
CA SER A 3921 -4.33 -4.92 61.94
C SER A 3921 -3.35 -4.35 62.97
N GLY A 3922 -2.67 -5.24 63.68
CA GLY A 3922 -1.82 -4.88 64.80
C GLY A 3922 -0.51 -4.19 64.44
N VAL A 3923 0.48 -4.34 65.31
CA VAL A 3923 1.73 -3.60 65.16
C VAL A 3923 2.53 -4.13 63.98
N TRP A 3924 2.60 -5.45 63.82
CA TRP A 3924 3.42 -6.02 62.76
C TRP A 3924 2.90 -5.62 61.39
N SER A 3925 1.59 -5.45 61.24
CA SER A 3925 1.06 -4.95 59.98
C SER A 3925 1.57 -3.55 59.69
N VAL A 3926 1.64 -2.69 60.71
CA VAL A 3926 2.17 -1.35 60.54
C VAL A 3926 3.64 -1.40 60.14
N TYR A 3927 4.41 -2.25 60.82
CA TYR A 3927 5.84 -2.35 60.50
C TYR A 3927 6.06 -2.85 59.08
N CYS A 3928 5.29 -3.85 58.67
CA CYS A 3928 5.41 -4.36 57.31
C CYS A 3928 4.96 -3.35 56.28
N THR A 3929 3.93 -2.55 56.59
CA THR A 3929 3.52 -1.50 55.67
C THR A 3929 4.61 -0.44 55.53
N PHE A 3930 5.30 -0.12 56.64
CA PHE A 3930 6.42 0.81 56.55
C PHE A 3930 7.53 0.25 55.66
N LEU A 3931 7.89 -1.01 55.86
CA LEU A 3931 8.92 -1.62 55.02
C LEU A 3931 8.48 -1.67 53.56
N LEU A 3932 7.20 -1.95 53.31
CA LEU A 3932 6.70 -1.98 51.94
C LEU A 3932 6.75 -0.60 51.31
N SER A 3933 6.46 0.45 52.09
CA SER A 3933 6.58 1.81 51.57
C SER A 3933 8.01 2.11 51.17
N TRP A 3934 8.96 1.73 52.02
CA TRP A 3934 10.37 1.93 51.70
C TRP A 3934 10.76 1.19 50.42
N PHE A 3935 10.33 -0.06 50.31
CA PHE A 3935 10.67 -0.87 49.14
C PHE A 3935 10.03 -0.29 47.87
N HIS A 3936 8.78 0.16 47.96
CA HIS A 3936 8.12 0.74 46.80
C HIS A 3936 8.82 2.01 46.36
N ALA A 3937 9.22 2.85 47.32
CA ALA A 3937 9.94 4.06 46.95
C ALA A 3937 11.26 3.73 46.27
N LEU A 3938 12.00 2.76 46.82
CA LEU A 3938 13.27 2.39 46.21
C LEU A 3938 13.09 1.85 44.80
N ILE A 3939 12.08 0.99 44.60
CA ILE A 3939 11.89 0.39 43.29
C ILE A 3939 11.43 1.43 42.27
N THR A 3940 10.54 2.35 42.70
CA THR A 3940 10.11 3.40 41.79
C THR A 3940 11.26 4.32 41.42
N ALA A 3941 12.12 4.65 42.40
CA ALA A 3941 13.26 5.50 42.10
C ALA A 3941 14.23 4.83 41.15
N ARG A 3942 14.48 3.53 41.35
CA ARG A 3942 15.38 2.82 40.43
C ARG A 3942 14.76 2.65 39.05
N THR A 3943 13.43 2.67 38.96
CA THR A 3943 12.77 2.51 37.67
C THR A 3943 13.20 3.59 36.68
N ARG A 3944 13.34 4.84 37.15
CA ARG A 3944 13.57 5.95 36.24
C ARG A 3944 14.90 5.81 35.50
N LEU A 3945 15.94 5.34 36.18
CA LEU A 3945 17.23 5.15 35.55
C LEU A 3945 17.16 4.00 34.54
N VAL A 3946 17.81 4.20 33.40
CA VAL A 3946 17.78 3.23 32.30
C VAL A 3946 18.92 3.56 31.34
N PRO A 3947 19.67 2.57 30.84
CA PRO A 3947 19.58 1.12 31.10
C PRO A 3947 20.31 0.74 32.37
N HIS A 3948 20.75 1.74 33.13
CA HIS A 3948 21.38 1.50 34.42
C HIS A 3948 20.30 1.29 35.47
N GLY A 3949 20.44 0.23 36.25
CA GLY A 3949 19.37 -0.17 37.14
C GLY A 3949 18.50 -1.21 36.46
N PHE A 3950 17.40 -0.76 35.85
CA PHE A 3950 16.53 -1.61 35.06
C PHE A 3950 16.81 -1.43 33.58
N SER A 3951 16.91 -2.54 32.86
CA SER A 3951 17.18 -2.47 31.42
C SER A 3951 16.04 -1.83 30.65
N LYS A 3952 14.87 -1.67 31.26
CA LYS A 3952 13.74 -1.00 30.62
C LYS A 3952 13.08 -0.05 31.62
N LYS A 3953 11.89 0.44 31.27
CA LYS A 3953 11.11 1.30 32.15
C LYS A 3953 9.83 0.58 32.51
N TYR A 3954 9.73 0.12 33.76
CA TYR A 3954 8.57 -0.59 34.26
C TYR A 3954 7.85 0.32 35.25
N TYR A 3955 6.72 0.89 34.82
CA TYR A 3955 5.97 1.79 35.69
C TYR A 3955 5.29 0.99 36.79
N PHE A 3956 5.81 1.09 38.01
CA PHE A 3956 5.22 0.43 39.17
C PHE A 3956 4.23 1.40 39.81
N ASN A 3957 2.96 1.28 39.43
CA ASN A 3957 1.93 2.19 39.93
C ASN A 3957 1.51 1.78 41.33
N ASP A 3958 0.42 2.37 41.82
CA ASP A 3958 -0.04 2.08 43.17
C ASP A 3958 -0.79 0.76 43.28
N CYS A 3959 -1.21 0.18 42.16
CA CYS A 3959 -1.88 -1.12 42.21
C CYS A 3959 -0.95 -2.18 42.76
N ASP A 3960 0.32 -2.16 42.37
CA ASP A 3960 1.29 -3.09 42.92
C ASP A 3960 1.42 -2.92 44.43
N PHE A 3961 1.48 -1.67 44.89
CA PHE A 3961 1.56 -1.43 46.32
C PHE A 3961 0.33 -1.95 47.04
N GLN A 3962 -0.84 -1.74 46.46
CA GLN A 3962 -2.07 -2.22 47.10
C GLN A 3962 -2.08 -3.73 47.19
N PHE A 3963 -1.68 -4.41 46.11
CA PHE A 3963 -1.66 -5.88 46.13
C PHE A 3963 -0.64 -6.40 47.14
N ALA A 3964 0.54 -5.78 47.19
CA ALA A 3964 1.55 -6.21 48.15
C ALA A 3964 1.08 -5.98 49.58
N SER A 3965 0.40 -4.85 49.82
CA SER A 3965 -0.13 -4.60 51.15
C SER A 3965 -1.19 -5.62 51.53
N VAL A 3966 -2.07 -5.97 50.58
CA VAL A 3966 -3.09 -6.98 50.86
C VAL A 3966 -2.44 -8.32 51.19
N TYR A 3967 -1.40 -8.69 50.43
CA TYR A 3967 -0.70 -9.94 50.72
C TYR A 3967 -0.04 -9.90 52.09
N LEU A 3968 0.54 -8.74 52.45
CA LEU A 3968 1.18 -8.64 53.76
C LEU A 3968 0.16 -8.76 54.89
N GLU A 3969 -1.00 -8.10 54.74
CA GLU A 3969 -2.04 -8.25 55.75
C GLU A 3969 -2.50 -9.70 55.85
N ASN A 3970 -2.67 -10.38 54.71
CA ASN A 3970 -3.11 -11.76 54.73
C ASN A 3970 -2.08 -12.66 55.43
N VAL A 3971 -0.81 -12.49 55.09
CA VAL A 3971 0.22 -13.36 55.64
C VAL A 3971 0.44 -13.07 57.12
N LEU A 3972 0.23 -11.82 57.56
CA LEU A 3972 0.36 -11.53 58.97
C LEU A 3972 -0.90 -11.87 59.75
N ALA A 3973 -2.03 -12.08 59.06
CA ALA A 3973 -3.25 -12.51 59.75
C ALA A 3973 -3.28 -14.01 59.93
N THR A 3974 -3.07 -14.77 58.84
CA THR A 3974 -3.11 -16.22 58.95
C THR A 3974 -1.97 -16.74 59.82
N ASN A 3975 -0.78 -16.19 59.68
CA ASN A 3975 0.37 -16.62 60.47
C ASN A 3975 0.29 -15.99 61.85
N SER A 3976 1.36 -16.18 62.64
CA SER A 3976 1.39 -15.68 64.00
C SER A 3976 2.22 -14.41 64.08
N THR A 3977 2.44 -13.94 65.31
CA THR A 3977 3.16 -12.69 65.53
C THR A 3977 4.63 -12.80 65.14
N ASN A 3978 5.20 -14.00 65.18
CA ASN A 3978 6.61 -14.18 64.87
C ASN A 3978 6.87 -13.90 63.39
N ASN A 3979 8.15 -13.61 63.09
CA ASN A 3979 8.57 -13.09 61.80
C ASN A 3979 8.87 -14.18 60.78
N ILE A 3980 8.79 -15.45 61.17
CA ILE A 3980 9.22 -16.60 60.38
C ILE A 3980 8.87 -16.51 58.89
N PRO A 3981 7.65 -16.08 58.49
CA PRO A 3981 7.32 -16.15 57.06
C PRO A 3981 7.98 -15.10 56.19
N TRP A 3982 8.99 -14.37 56.68
CA TRP A 3982 9.68 -13.43 55.79
C TRP A 3982 10.13 -14.11 54.51
N ALA A 3983 10.58 -15.36 54.60
CA ALA A 3983 11.11 -16.05 53.43
C ALA A 3983 10.07 -16.16 52.33
N GLN A 3984 8.78 -16.20 52.67
CA GLN A 3984 7.74 -16.24 51.66
C GLN A 3984 7.11 -14.88 51.40
N VAL A 3985 7.41 -13.88 52.23
CA VAL A 3985 7.01 -12.51 51.92
C VAL A 3985 7.81 -11.99 50.73
N ARG A 3986 9.09 -12.36 50.66
CA ARG A 3986 9.92 -11.92 49.54
C ARG A 3986 9.51 -12.60 48.25
N ASP A 3987 9.51 -13.93 48.23
CA ASP A 3987 9.30 -14.69 47.00
C ASP A 3987 7.95 -14.41 46.35
N HIS A 3988 6.97 -13.97 47.13
CA HIS A 3988 5.70 -13.56 46.51
C HIS A 3988 5.79 -12.14 45.99
N ILE A 3989 6.39 -11.24 46.77
CA ILE A 3989 6.47 -9.84 46.35
C ILE A 3989 7.46 -9.68 45.20
N ALA A 3990 8.58 -10.39 45.25
CA ALA A 3990 9.61 -10.23 44.24
C ALA A 3990 9.29 -10.94 42.92
N THR A 3991 8.26 -11.78 42.89
CA THR A 3991 7.98 -12.57 41.69
C THR A 3991 6.58 -12.38 41.14
N ILE A 3992 5.58 -12.24 42.00
CA ILE A 3992 4.18 -12.28 41.59
C ILE A 3992 3.58 -10.89 41.46
N VAL A 3993 3.78 -10.02 42.44
CA VAL A 3993 3.15 -8.72 42.43
C VAL A 3993 4.04 -7.65 41.79
N TYR A 3994 5.34 -7.65 42.10
CA TYR A 3994 6.25 -6.68 41.52
C TYR A 3994 7.09 -7.25 40.40
N GLY A 3995 7.11 -8.58 40.22
CA GLY A 3995 7.91 -9.18 39.19
C GLY A 3995 7.09 -9.75 38.06
N GLY A 3996 5.77 -9.55 38.13
CA GLY A 3996 4.91 -10.04 37.07
C GLY A 3996 5.15 -9.33 35.75
N LYS A 3997 5.25 -8.01 35.79
CA LYS A 3997 5.47 -7.24 34.56
C LYS A 3997 6.83 -7.51 33.96
N ILE A 3998 7.81 -7.88 34.80
CA ILE A 3998 9.18 -8.08 34.33
C ILE A 3998 9.24 -9.24 33.35
N ASP A 3999 9.96 -9.05 32.25
CA ASP A 3999 10.12 -10.09 31.25
C ASP A 3999 11.57 -10.44 30.94
N GLU A 4000 12.54 -9.78 31.56
CA GLU A 4000 13.94 -10.14 31.45
C GLU A 4000 14.46 -10.66 32.78
N GLU A 4001 15.37 -11.62 32.71
CA GLU A 4001 15.88 -12.25 33.93
C GLU A 4001 16.71 -11.29 34.77
N LYS A 4002 17.44 -10.38 34.13
CA LYS A 4002 18.28 -9.45 34.89
C LYS A 4002 17.45 -8.54 35.77
N ASP A 4003 16.35 -7.99 35.24
CA ASP A 4003 15.49 -7.13 36.04
C ASP A 4003 14.80 -7.91 37.15
N LEU A 4004 14.42 -9.15 36.88
CA LEU A 4004 13.87 -10.00 37.93
C LEU A 4004 14.88 -10.22 39.04
N GLU A 4005 16.14 -10.43 38.68
CA GLU A 4005 17.20 -10.55 39.69
C GLU A 4005 17.33 -9.27 40.49
N VAL A 4006 17.22 -8.12 39.82
CA VAL A 4006 17.30 -6.83 40.51
C VAL A 4006 16.18 -6.73 41.55
N VAL A 4007 14.95 -7.03 41.15
CA VAL A 4007 13.82 -6.95 42.08
C VAL A 4007 14.00 -7.95 43.21
N ALA A 4008 14.47 -9.16 42.90
CA ALA A 4008 14.63 -10.19 43.92
C ALA A 4008 15.68 -9.78 44.95
N LYS A 4009 16.81 -9.25 44.50
CA LYS A 4009 17.83 -8.82 45.45
C LYS A 4009 17.39 -7.61 46.25
N LEU A 4010 16.61 -6.71 45.64
CA LEU A 4010 16.05 -5.59 46.40
C LEU A 4010 15.13 -6.10 47.50
N CYS A 4011 14.25 -7.04 47.18
CA CYS A 4011 13.36 -7.61 48.18
C CYS A 4011 14.14 -8.33 49.27
N ALA A 4012 15.18 -9.05 48.89
CA ALA A 4012 16.01 -9.74 49.89
C ALA A 4012 16.67 -8.74 50.83
N HIS A 4013 17.15 -7.63 50.29
CA HIS A 4013 17.76 -6.60 51.13
C HIS A 4013 16.73 -5.96 52.07
N VAL A 4014 15.54 -5.67 51.55
CA VAL A 4014 14.58 -4.89 52.34
C VAL A 4014 13.91 -5.74 53.41
N PHE A 4015 13.53 -6.97 53.09
CA PHE A 4015 12.67 -7.72 53.99
C PHE A 4015 13.45 -8.58 54.99
N CYS A 4016 14.55 -9.20 54.56
CA CYS A 4016 15.36 -9.98 55.48
C CYS A 4016 16.01 -9.05 56.50
N GLY A 4017 15.57 -9.13 57.76
CA GLY A 4017 16.15 -8.31 58.81
C GLY A 4017 16.03 -9.00 60.14
N SER A 4018 17.01 -8.74 61.01
CA SER A 4018 17.08 -9.37 62.33
C SER A 4018 17.30 -8.26 63.38
N ASP A 4019 16.20 -7.71 63.88
CA ASP A 4019 16.14 -6.75 64.98
C ASP A 4019 16.77 -5.41 64.65
N ASN A 4020 17.38 -5.25 63.48
CA ASN A 4020 17.97 -3.97 63.09
C ASN A 4020 18.17 -4.00 61.58
N LEU A 4021 17.47 -3.13 60.87
CA LEU A 4021 17.45 -3.14 59.42
C LEU A 4021 17.99 -1.81 58.91
N GLN A 4022 18.98 -1.87 58.02
CA GLN A 4022 19.59 -0.69 57.43
C GLN A 4022 19.26 -0.70 55.94
N ILE A 4023 18.09 -0.15 55.59
CA ILE A 4023 17.66 -0.13 54.19
C ILE A 4023 18.61 0.73 53.36
N VAL A 4024 18.91 1.93 53.85
CA VAL A 4024 19.89 2.80 53.20
C VAL A 4024 20.95 3.10 54.25
N PRO A 4025 22.19 3.41 53.85
CA PRO A 4025 23.28 3.50 54.85
C PRO A 4025 23.09 4.57 55.90
N GLY A 4026 21.98 5.31 55.87
CA GLY A 4026 21.79 6.38 56.81
C GLY A 4026 20.73 6.14 57.87
N VAL A 4027 19.92 5.09 57.73
CA VAL A 4027 18.81 4.84 58.63
C VAL A 4027 18.87 3.40 59.12
N ARG A 4028 18.47 3.19 60.37
CA ARG A 4028 18.32 1.85 60.95
C ARG A 4028 16.92 1.74 61.53
N ILE A 4029 16.22 0.67 61.19
CA ILE A 4029 14.84 0.46 61.61
C ILE A 4029 14.84 -0.64 62.67
N PRO A 4030 14.55 -0.33 63.93
CA PRO A 4030 14.39 -1.38 64.93
C PRO A 4030 13.02 -2.04 64.83
N GLN A 4031 12.98 -3.32 65.19
CA GLN A 4031 11.75 -4.09 65.12
C GLN A 4031 10.79 -3.66 66.23
N PRO A 4032 9.50 -4.00 66.10
CA PRO A 4032 8.51 -3.55 67.08
C PRO A 4032 8.83 -3.91 68.53
N LEU A 4033 8.09 -3.31 69.45
CA LEU A 4033 8.34 -3.44 70.88
C LEU A 4033 7.80 -4.76 71.39
N LEU A 4034 7.78 -4.92 72.71
CA LEU A 4034 7.19 -6.10 73.35
C LEU A 4034 5.77 -5.85 73.83
N GLN A 4035 5.46 -4.63 74.31
CA GLN A 4035 4.09 -4.31 74.66
C GLN A 4035 3.21 -4.13 73.44
N GLN A 4036 3.81 -3.92 72.26
CA GLN A 4036 3.09 -3.80 71.00
C GLN A 4036 2.07 -2.66 71.05
N SER A 4037 2.59 -1.44 71.24
CA SER A 4037 1.79 -0.23 71.16
C SER A 4037 1.84 0.28 69.74
N GLU A 4038 0.73 0.13 69.00
CA GLU A 4038 0.74 0.40 67.57
C GLU A 4038 0.87 1.90 67.27
N GLU A 4039 0.15 2.74 68.00
CA GLU A 4039 0.23 4.18 67.76
C GLU A 4039 1.62 4.71 68.06
N GLU A 4040 2.23 4.24 69.15
CA GLU A 4040 3.60 4.63 69.46
C GLU A 4040 4.56 4.14 68.38
N GLU A 4041 4.32 2.94 67.85
CA GLU A 4041 5.16 2.44 66.76
C GLU A 4041 5.03 3.30 65.51
N ARG A 4042 3.81 3.70 65.16
CA ARG A 4042 3.63 4.57 64.01
C ARG A 4042 4.32 5.91 64.22
N ALA A 4043 4.20 6.47 65.44
CA ALA A 4043 4.89 7.72 65.75
C ALA A 4043 6.39 7.56 65.67
N ARG A 4044 6.92 6.43 66.15
CA ARG A 4044 8.35 6.18 66.09
C ARG A 4044 8.84 6.06 64.65
N LEU A 4045 8.07 5.39 63.80
CA LEU A 4045 8.45 5.29 62.40
C LEU A 4045 8.42 6.67 61.72
N THR A 4046 7.41 7.48 62.04
CA THR A 4046 7.38 8.84 61.51
C THR A 4046 8.60 9.63 61.99
N ALA A 4047 8.98 9.45 63.25
CA ALA A 4047 10.13 10.15 63.80
C ALA A 4047 11.43 9.71 63.11
N ILE A 4048 11.58 8.41 62.88
CA ILE A 4048 12.79 7.92 62.22
C ILE A 4048 12.81 8.33 60.74
N LEU A 4049 11.65 8.59 60.15
CA LEU A 4049 11.63 9.18 58.82
C LEU A 4049 12.05 10.64 58.86
N SER A 4050 11.52 11.40 59.81
CA SER A 4050 11.81 12.83 59.88
C SER A 4050 13.25 13.11 60.30
N ASN A 4051 13.86 12.24 61.10
CA ASN A 4051 15.22 12.48 61.57
C ASN A 4051 16.22 12.47 60.42
N THR A 4052 16.08 11.52 59.50
CA THR A 4052 17.05 11.36 58.45
C THR A 4052 16.82 12.35 57.31
N ILE A 4053 17.89 12.66 56.58
CA ILE A 4053 17.83 13.53 55.41
C ILE A 4053 18.52 12.81 54.27
N GLU A 4054 18.12 13.14 53.06
CA GLU A 4054 18.63 12.46 51.88
C GLU A 4054 19.97 13.05 51.45
N PRO A 4055 21.03 12.26 51.39
CA PRO A 4055 22.29 12.78 50.83
C PRO A 4055 22.15 13.09 49.36
N ALA A 4056 22.98 14.02 48.88
CA ALA A 4056 22.93 14.44 47.49
C ALA A 4056 23.25 13.30 46.55
N ASP A 4057 24.03 12.32 47.00
CA ASP A 4057 24.39 11.16 46.20
C ASP A 4057 23.53 9.96 46.53
N SER A 4058 22.24 10.19 46.81
CA SER A 4058 21.35 9.09 47.19
C SER A 4058 21.20 8.06 46.10
N LEU A 4059 21.16 8.49 44.84
CA LEU A 4059 20.96 7.55 43.74
C LEU A 4059 22.11 6.55 43.62
N SER A 4060 23.25 6.83 44.26
CA SER A 4060 24.35 5.87 44.32
C SER A 4060 24.50 5.20 45.68
N SER A 4061 24.11 5.86 46.76
CA SER A 4061 24.25 5.31 48.10
C SER A 4061 22.98 4.62 48.57
N TRP A 4062 21.84 5.34 48.53
CA TRP A 4062 20.58 4.73 48.92
C TRP A 4062 20.21 3.57 48.01
N LEU A 4063 20.39 3.75 46.71
CA LEU A 4063 20.29 2.63 45.80
C LEU A 4063 21.62 1.90 45.71
N GLN A 4064 21.58 0.66 45.23
CA GLN A 4064 22.75 -0.20 45.26
C GLN A 4064 23.64 -0.08 44.03
N LEU A 4065 23.21 0.64 43.00
CA LEU A 4065 24.06 0.76 41.82
C LEU A 4065 25.17 1.79 42.06
N PRO A 4066 26.33 1.61 41.45
CA PRO A 4066 27.49 2.45 41.77
C PRO A 4066 27.39 3.83 41.16
N ARG A 4067 28.33 4.70 41.58
CA ARG A 4067 28.36 6.07 41.09
C ARG A 4067 28.79 6.16 39.65
N GLU A 4068 29.72 5.30 39.22
CA GLU A 4068 30.15 5.29 37.83
C GLU A 4068 28.97 5.00 36.89
N SER A 4069 28.02 4.19 37.35
CA SER A 4069 26.81 3.96 36.57
C SER A 4069 26.03 5.26 36.36
N ILE A 4070 25.88 6.05 37.43
CA ILE A 4070 25.19 7.34 37.32
C ILE A 4070 25.93 8.27 36.37
N LEU A 4071 27.26 8.28 36.48
CA LEU A 4071 28.05 9.14 35.60
C LEU A 4071 27.88 8.72 34.14
N ASN A 4072 27.86 7.42 33.87
CA ASN A 4072 27.63 6.94 32.51
C ASN A 4072 26.25 7.35 32.01
N TYR A 4073 25.23 7.24 32.87
CA TYR A 4073 23.88 7.64 32.47
C TYR A 4073 23.82 9.13 32.13
N GLU A 4074 24.44 9.96 32.97
CA GLU A 4074 24.44 11.40 32.70
C GLU A 4074 25.22 11.73 31.44
N ARG A 4075 26.33 11.02 31.20
CA ARG A 4075 27.07 11.23 29.97
C ARG A 4075 26.22 10.83 28.76
N LEU A 4076 25.46 9.75 28.87
CA LEU A 4076 24.60 9.34 27.77
C LEU A 4076 23.54 10.39 27.47
N GLN A 4077 22.90 10.93 28.52
CA GLN A 4077 21.86 11.93 28.27
C GLN A 4077 22.44 13.22 27.73
N ALA A 4078 23.62 13.62 28.21
CA ALA A 4078 24.29 14.79 27.64
C ALA A 4078 24.67 14.56 26.18
N LYS A 4079 25.11 13.35 25.86
CA LYS A 4079 25.41 13.02 24.47
C LYS A 4079 24.17 13.14 23.60
N GLU A 4080 23.02 12.65 24.10
CA GLU A 4080 21.79 12.76 23.33
C GLU A 4080 21.42 14.22 23.10
N VAL A 4081 21.53 15.04 24.15
CA VAL A 4081 21.19 16.46 24.02
C VAL A 4081 22.10 17.13 23.00
N ALA A 4082 23.41 16.88 23.09
CA ALA A 4082 24.35 17.51 22.19
C ALA A 4082 24.14 17.06 20.75
N SER A 4083 23.88 15.77 20.54
CA SER A 4083 23.64 15.29 19.19
C SER A 4083 22.39 15.92 18.59
N SER A 4084 21.31 15.99 19.38
CA SER A 4084 20.07 16.57 18.86
C SER A 4084 20.26 18.05 18.54
N THR A 4085 20.94 18.79 19.41
CA THR A 4085 21.12 20.22 19.15
C THR A 4085 22.06 20.47 17.98
N GLU A 4086 23.09 19.63 17.79
CA GLU A 4086 23.94 19.75 16.62
C GLU A 4086 23.16 19.47 15.34
N GLN A 4087 22.31 18.44 15.37
CA GLN A 4087 21.51 18.12 14.20
C GLN A 4087 20.57 19.27 13.86
N LEU A 4088 19.96 19.86 14.90
CA LEU A 4088 19.09 21.04 14.67
C LEU A 4088 19.94 22.18 14.08
N LEU A 4089 21.16 22.35 14.60
CA LEU A 4089 22.05 23.44 14.12
C LEU A 4089 22.42 23.17 12.65
N GLN A 4090 22.59 21.91 12.26
CA GLN A 4090 22.86 21.58 10.84
C GLN A 4090 21.70 22.09 9.99
N GLU A 4091 20.46 21.83 10.43
CA GLU A 4091 19.26 22.29 9.68
C GLU A 4091 19.17 23.83 9.71
N MET A 4092 19.49 24.43 10.86
CA MET A 4092 19.39 25.91 11.00
C MET A 4092 20.80 26.50 11.25
PG ATP B . 15.69 -31.04 -7.89
O1G ATP B . 14.47 -31.90 -7.79
O2G ATP B . 16.05 -30.66 -9.32
O3G ATP B . 15.62 -29.78 -7.03
PB ATP B . 17.31 -33.14 -6.55
O1B ATP B . 16.17 -33.57 -5.72
O2B ATP B . 18.62 -32.90 -5.83
O3B ATP B . 16.95 -31.83 -7.34
PA ATP B . 16.88 -35.46 -8.29
O1A ATP B . 15.59 -35.13 -8.90
O2A ATP B . 16.85 -36.49 -7.17
O3A ATP B . 17.58 -34.18 -7.72
O5' ATP B . 17.92 -35.97 -9.36
C5' ATP B . 19.34 -36.03 -9.07
C4' ATP B . 20.00 -36.80 -10.18
O4' ATP B . 21.24 -37.35 -9.70
C3' ATP B . 19.20 -38.00 -10.67
O3' ATP B . 18.30 -37.63 -11.71
C2' ATP B . 20.31 -38.91 -11.21
O2' ATP B . 20.69 -38.55 -12.52
C1' ATP B . 21.45 -38.64 -10.22
N9 ATP B . 21.51 -39.58 -9.11
C8 ATP B . 20.81 -39.51 -7.93
N7 ATP B . 21.07 -40.49 -7.10
C5 ATP B . 22.01 -41.26 -7.78
C6 ATP B . 22.68 -42.44 -7.45
N6 ATP B . 22.52 -43.10 -6.29
N1 ATP B . 23.55 -42.95 -8.34
C2 ATP B . 23.71 -42.30 -9.51
N3 ATP B . 23.12 -41.18 -9.93
C4 ATP B . 22.28 -40.70 -9.01
PB ADP C . 17.98 -11.48 -29.85
O1B ADP C . 18.34 -12.85 -30.37
O2B ADP C . 18.95 -10.93 -28.84
O3B ADP C . 16.54 -11.30 -29.48
PA ADP C . 17.35 -10.76 -32.48
O1A ADP C . 15.96 -10.21 -32.32
O2A ADP C . 17.52 -12.20 -32.88
O3A ADP C . 18.16 -10.51 -31.12
O5' ADP C . 18.13 -9.85 -33.55
C5' ADP C . 19.55 -9.86 -33.65
C4' ADP C . 19.90 -8.94 -34.81
O4' ADP C . 21.25 -9.16 -35.23
C3' ADP C . 19.00 -9.25 -35.98
O3' ADP C . 18.11 -8.15 -36.20
C2' ADP C . 19.93 -9.38 -37.16
O2' ADP C . 19.58 -8.40 -38.15
C1' ADP C . 21.32 -9.13 -36.66
N9 ADP C . 22.25 -10.19 -37.10
C8 ADP C . 23.22 -10.72 -36.34
N7 ADP C . 23.90 -11.68 -37.00
C5 ADP C . 23.37 -11.77 -38.24
C6 ADP C . 23.63 -12.58 -39.44
N6 ADP C . 24.61 -13.50 -39.46
N1 ADP C . 22.85 -12.36 -40.52
C2 ADP C . 21.87 -11.45 -40.51
N3 ADP C . 21.58 -10.68 -39.46
C4 ADP C . 22.29 -10.78 -38.30
PB ADP D . 1.75 17.16 -24.24
O1B ADP D . 2.71 18.11 -24.89
O2B ADP D . 1.86 17.08 -22.74
O3B ADP D . 1.66 15.82 -24.92
PA ADP D . -0.18 18.24 -25.97
O1A ADP D . -1.60 17.76 -26.14
O2A ADP D . 0.87 17.82 -26.95
O3A ADP D . 0.30 17.79 -24.50
O5' ADP D . -0.23 19.84 -25.90
C5' ADP D . 0.98 20.57 -25.76
C4' ADP D . 0.68 21.91 -25.12
O4' ADP D . 1.85 22.73 -25.18
C3' ADP D . -0.43 22.63 -25.85
O3' ADP D . -1.53 22.82 -24.96
C2' ADP D . 0.13 23.96 -26.26
O2' ADP D . -0.58 25.01 -25.60
C1' ADP D . 1.58 23.98 -25.81
N9 ADP D . 2.45 24.06 -27.01
C8 ADP D . 3.29 23.11 -27.42
N7 ADP D . 3.94 23.48 -28.54
C5 ADP D . 3.51 24.71 -28.87
C6 ADP D . 3.78 25.68 -29.94
N6 ADP D . 4.68 25.40 -30.92
N1 ADP D . 3.12 26.85 -29.91
C2 ADP D . 2.23 27.13 -28.94
N3 ADP D . 1.92 26.30 -27.94
C4 ADP D . 2.52 25.09 -27.85
MG MG E . 13.91 -33.49 -6.83
#